data_5A9E
#
_entry.id   5A9E
#
_cell.length_a   1.000
_cell.length_b   1.000
_cell.length_c   1.000
_cell.angle_alpha   90.00
_cell.angle_beta   90.00
_cell.angle_gamma   90.00
#
_symmetry.space_group_name_H-M   'P 1'
#
_entity_poly.entity_id   1
_entity_poly.type   'polypeptide(L)'
_entity_poly.pdbx_seq_one_letter_code
;SAREEQVTSEQAKFWLGLGGGRVSPPGPECIEKPATERRIDKGEEVGETTVQRDAKMAPEETATPKTVGTSCYHCGTAIG
CNCATASAPPPPYVGSGLYPSLAGVGEQQGQGGDTPPGAEQSRAEPGHAGQAPGPALTDWARVREELASTGPPVVAMPVV
IKTEGPAWTPLEPKLITRLADTVRTKGLRSPITMAEVEALMSSPLLPHDVTNLMRVILGPAPYALWMDAWGVQLQTVIAA
ATRDPRHPANGQGRGERTNLNRLKGLADGMVGNPQGQAALLRPGELVAITASALQAFREVARLAEPAGPWADIMQGPSES
FVDFANRLIKAVEGSDLPPSARAPVIIDCFRQKSQPDIQQLIRTAPSTLTTPGEIIKYVLDRQKTAPLTDQGIAAAMSSA
IQPLIMAVVNRERDGQTGSGGRARGLCYTCGSPGHYQAQCPKKRKSGNSRERCQLCNGMGHNAKQCRKRDGNQGQRPGKG
LSSGPWPGPEQPAVS
;
_entity_poly.pdbx_strand_id   A,B,C,D,E,F,G,H,I,J,K,L,M,N,O,P,Q,R
#
# COMPACT_ATOMS: atom_id res chain seq x y z
N ALA A 129 -31.69 -33.13 -11.64
CA ALA A 129 -32.00 -31.74 -12.07
C ALA A 129 -31.08 -30.66 -11.55
N GLY A 130 -31.24 -29.39 -12.05
CA GLY A 130 -30.34 -28.30 -11.70
C GLY A 130 -28.83 -28.48 -12.09
N GLN A 131 -27.96 -27.49 -11.85
CA GLN A 131 -28.21 -26.18 -11.35
C GLN A 131 -27.71 -25.19 -12.42
N ALA A 132 -26.41 -25.19 -12.69
CA ALA A 132 -25.88 -24.34 -13.75
C ALA A 132 -24.36 -24.60 -14.06
N PRO A 133 -23.96 -25.57 -14.92
CA PRO A 133 -22.60 -25.82 -15.21
C PRO A 133 -22.01 -24.70 -16.12
N GLY A 134 -20.77 -24.24 -15.96
CA GLY A 134 -19.80 -24.47 -14.92
C GLY A 134 -20.22 -24.26 -13.46
N PRO A 135 -20.65 -23.00 -13.10
CA PRO A 135 -20.75 -21.75 -13.87
C PRO A 135 -19.35 -21.27 -14.33
N ALA A 136 -19.12 -20.33 -15.28
CA ALA A 136 -20.01 -19.51 -16.11
C ALA A 136 -19.32 -19.06 -17.38
N LEU A 137 -19.98 -18.29 -18.21
CA LEU A 137 -19.44 -17.86 -19.47
C LEU A 137 -18.69 -16.49 -19.32
N THR A 138 -18.97 -15.42 -20.09
CA THR A 138 -17.89 -14.54 -20.58
C THR A 138 -17.09 -13.88 -19.49
N ASP A 139 -17.62 -13.17 -18.46
CA ASP A 139 -18.45 -11.99 -18.34
C ASP A 139 -18.72 -10.95 -19.46
N TRP A 140 -20.06 -10.68 -19.68
CA TRP A 140 -20.55 -9.38 -20.01
C TRP A 140 -21.49 -8.88 -18.98
N ALA A 141 -21.00 -8.13 -17.95
CA ALA A 141 -21.82 -7.30 -17.14
C ALA A 141 -20.86 -6.37 -16.45
N ARG A 142 -19.95 -7.05 -15.72
CA ARG A 142 -18.81 -6.44 -15.08
C ARG A 142 -17.93 -5.78 -16.19
N VAL A 143 -17.67 -6.49 -17.35
CA VAL A 143 -16.98 -5.98 -18.51
C VAL A 143 -17.66 -4.69 -18.98
N ARG A 144 -18.96 -4.68 -19.10
CA ARG A 144 -19.67 -3.48 -19.47
C ARG A 144 -19.25 -2.26 -18.54
N GLU A 145 -19.54 -2.41 -17.27
CA GLU A 145 -19.19 -1.47 -16.14
C GLU A 145 -17.80 -0.90 -16.15
N GLU A 146 -16.92 -1.88 -16.36
CA GLU A 146 -15.47 -1.76 -16.47
C GLU A 146 -15.17 -0.76 -17.54
N LEU A 147 -15.40 -1.09 -18.83
CA LEU A 147 -15.28 -0.22 -19.99
C LEU A 147 -15.71 1.22 -19.85
N ALA A 148 -16.87 1.47 -19.17
CA ALA A 148 -17.49 2.78 -18.98
C ALA A 148 -16.56 3.59 -18.18
N SER A 149 -16.24 3.10 -16.95
CA SER A 149 -15.16 3.62 -16.13
C SER A 149 -13.74 3.40 -16.74
N THR A 150 -13.59 3.28 -18.07
CA THR A 150 -12.30 3.07 -18.66
C THR A 150 -12.14 3.80 -19.99
N GLY A 151 -12.29 5.10 -19.80
CA GLY A 151 -12.40 6.00 -20.97
C GLY A 151 -13.78 6.40 -21.29
N PRO A 152 -14.54 6.99 -20.30
CA PRO A 152 -15.96 7.33 -20.41
C PRO A 152 -16.60 7.88 -21.68
N PRO A 153 -16.08 8.75 -22.50
CA PRO A 153 -16.72 9.31 -23.66
C PRO A 153 -17.59 8.41 -24.48
N VAL A 154 -16.97 7.39 -25.14
CA VAL A 154 -17.74 6.42 -25.87
C VAL A 154 -17.04 5.05 -25.51
N VAL A 155 -17.63 4.23 -24.71
CA VAL A 155 -17.13 2.88 -24.24
C VAL A 155 -18.28 2.03 -23.74
N ALA A 156 -17.99 0.75 -23.54
CA ALA A 156 -19.00 -0.07 -22.91
C ALA A 156 -20.20 -0.60 -23.64
N MET A 157 -20.14 -0.94 -24.89
CA MET A 157 -21.35 -1.37 -25.65
C MET A 157 -21.66 -2.91 -25.65
N PRO A 158 -21.08 -3.95 -24.99
CA PRO A 158 -21.45 -5.34 -25.21
C PRO A 158 -22.88 -5.55 -24.74
N VAL A 159 -23.55 -6.63 -25.04
CA VAL A 159 -24.87 -6.97 -24.58
C VAL A 159 -24.81 -7.69 -23.25
N VAL A 160 -25.69 -7.35 -22.31
CA VAL A 160 -25.62 -7.85 -20.96
C VAL A 160 -27.06 -8.27 -20.59
N ILE A 161 -27.18 -9.47 -20.04
CA ILE A 161 -28.47 -10.13 -20.02
C ILE A 161 -28.70 -10.61 -18.59
N LYS A 162 -27.66 -11.19 -17.97
CA LYS A 162 -27.63 -11.72 -16.64
C LYS A 162 -28.68 -12.78 -16.17
N THR A 163 -29.49 -13.51 -17.00
CA THR A 163 -29.61 -14.95 -17.04
C THR A 163 -29.59 -15.67 -15.64
N GLU A 164 -30.45 -15.28 -14.70
CA GLU A 164 -31.67 -15.98 -14.58
C GLU A 164 -32.37 -15.49 -13.34
N GLY A 165 -31.80 -14.57 -12.50
CA GLY A 165 -30.80 -15.04 -11.48
C GLY A 165 -31.37 -14.92 -10.15
N PRO A 166 -31.02 -14.17 -9.10
CA PRO A 166 -32.07 -13.63 -8.25
C PRO A 166 -33.07 -12.83 -9.11
N ALA A 167 -34.37 -13.18 -9.09
CA ALA A 167 -35.38 -12.49 -9.82
C ALA A 167 -36.07 -11.64 -8.80
N TRP A 168 -35.29 -11.16 -7.88
CA TRP A 168 -35.65 -10.73 -6.53
C TRP A 168 -34.35 -10.30 -6.05
N THR A 169 -33.94 -9.19 -6.66
CA THR A 169 -32.52 -8.85 -6.79
C THR A 169 -32.04 -8.13 -5.54
N PRO A 170 -30.81 -8.34 -5.04
CA PRO A 170 -30.49 -7.71 -3.73
C PRO A 170 -29.45 -6.74 -3.86
N LEU A 171 -29.38 -6.11 -5.05
CA LEU A 171 -28.59 -4.98 -5.46
C LEU A 171 -27.10 -4.96 -5.04
N GLU A 172 -26.44 -3.76 -5.12
CA GLU A 172 -25.08 -3.69 -4.73
C GLU A 172 -24.82 -2.26 -4.18
N PRO A 173 -24.31 -1.92 -3.06
CA PRO A 173 -24.15 -0.56 -2.59
C PRO A 173 -23.29 0.32 -3.44
N LYS A 174 -22.11 -0.10 -3.93
CA LYS A 174 -21.20 0.68 -4.72
C LYS A 174 -21.73 1.26 -5.97
N LEU A 175 -22.51 0.51 -6.68
CA LEU A 175 -23.20 0.85 -7.85
C LEU A 175 -24.19 1.91 -7.61
N ILE A 176 -24.84 1.95 -6.41
CA ILE A 176 -25.76 3.02 -6.08
C ILE A 176 -25.05 4.27 -5.73
N THR A 177 -23.90 4.17 -4.99
CA THR A 177 -23.15 5.30 -4.54
C THR A 177 -22.57 6.14 -5.59
N ARG A 178 -21.95 5.48 -6.58
CA ARG A 178 -21.43 6.19 -7.73
C ARG A 178 -22.49 6.88 -8.60
N LEU A 179 -23.68 6.30 -8.56
CA LEU A 179 -24.89 6.93 -9.12
C LEU A 179 -25.25 8.10 -8.29
N ALA A 180 -25.10 7.94 -7.01
CA ALA A 180 -25.35 8.99 -6.10
C ALA A 180 -24.43 10.14 -6.34
N ASP A 181 -23.14 9.82 -6.45
CA ASP A 181 -22.12 10.76 -6.87
C ASP A 181 -22.50 11.48 -8.16
N THR A 182 -22.89 10.80 -9.24
CA THR A 182 -23.40 11.50 -10.39
C THR A 182 -24.63 12.38 -10.06
N VAL A 183 -25.60 11.95 -9.30
CA VAL A 183 -26.82 12.74 -8.98
C VAL A 183 -26.65 13.95 -8.18
N ARG A 184 -25.69 13.77 -7.28
CA ARG A 184 -25.13 14.86 -6.52
C ARG A 184 -24.47 15.85 -7.48
N THR A 185 -23.25 15.42 -8.04
CA THR A 185 -22.39 16.16 -8.91
C THR A 185 -23.19 16.75 -10.02
N LYS A 186 -23.40 15.96 -11.16
CA LYS A 186 -24.07 16.35 -12.37
C LYS A 186 -25.53 16.59 -12.09
N GLY A 187 -26.17 15.81 -11.23
CA GLY A 187 -27.49 15.40 -11.47
C GLY A 187 -27.73 14.57 -12.65
N LEU A 188 -28.95 14.71 -13.13
CA LEU A 188 -29.86 13.68 -13.41
C LEU A 188 -30.39 14.10 -14.80
N ARG A 189 -30.38 15.41 -15.09
CA ARG A 189 -29.90 16.08 -16.31
C ARG A 189 -28.61 15.56 -16.87
N SER A 190 -28.75 14.37 -17.44
CA SER A 190 -27.84 13.69 -18.27
C SER A 190 -28.60 12.42 -18.66
N PRO A 191 -29.14 12.24 -19.89
CA PRO A 191 -28.92 11.00 -20.77
C PRO A 191 -27.66 10.10 -20.69
N ILE A 192 -26.75 10.24 -19.65
CA ILE A 192 -25.85 9.23 -19.16
C ILE A 192 -26.24 8.90 -17.77
N THR A 193 -26.51 9.88 -16.85
CA THR A 193 -27.03 9.59 -15.57
C THR A 193 -28.35 8.77 -15.70
N MET A 194 -29.32 9.24 -16.47
CA MET A 194 -30.61 8.61 -16.75
C MET A 194 -30.37 7.23 -17.26
N ALA A 195 -29.39 7.12 -18.16
CA ALA A 195 -29.03 5.83 -18.70
C ALA A 195 -28.58 4.85 -17.59
N GLU A 196 -27.66 5.28 -16.67
CA GLU A 196 -27.14 4.45 -15.63
C GLU A 196 -28.21 4.10 -14.64
N VAL A 197 -29.15 4.97 -14.43
CA VAL A 197 -30.35 4.68 -13.53
C VAL A 197 -31.25 3.65 -14.25
N GLU A 198 -31.63 3.81 -15.51
CA GLU A 198 -32.27 2.80 -16.33
C GLU A 198 -31.70 1.42 -16.15
N ALA A 199 -30.38 1.35 -16.39
CA ALA A 199 -29.47 0.18 -16.30
C ALA A 199 -29.61 -0.48 -14.91
N LEU A 200 -29.60 0.29 -13.83
CA LEU A 200 -29.78 -0.20 -12.50
C LEU A 200 -31.23 -0.73 -12.22
N MET A 201 -32.15 -0.41 -13.11
CA MET A 201 -33.58 -0.75 -13.04
C MET A 201 -33.79 -1.65 -14.15
N SER A 202 -32.87 -2.52 -14.37
CA SER A 202 -32.95 -3.62 -15.27
C SER A 202 -33.30 -4.86 -14.44
N SER A 203 -32.97 -4.73 -13.19
CA SER A 203 -33.13 -5.67 -12.14
C SER A 203 -34.64 -5.87 -11.82
N PRO A 204 -35.02 -7.05 -11.40
CA PRO A 204 -36.26 -7.33 -10.72
C PRO A 204 -36.06 -7.13 -9.24
N LEU A 205 -36.64 -6.05 -8.63
CA LEU A 205 -36.51 -5.80 -7.26
C LEU A 205 -37.85 -5.30 -6.59
N LEU A 206 -37.78 -5.24 -5.25
CA LEU A 206 -38.87 -4.90 -4.44
C LEU A 206 -39.26 -3.42 -4.34
N PRO A 207 -40.57 -3.11 -4.30
CA PRO A 207 -41.06 -1.72 -4.27
C PRO A 207 -40.43 -0.92 -3.19
N HIS A 208 -40.20 -1.55 -2.06
CA HIS A 208 -39.66 -0.87 -0.90
C HIS A 208 -38.31 -0.16 -1.22
N ASP A 209 -37.54 -0.94 -1.96
CA ASP A 209 -36.21 -0.61 -2.43
C ASP A 209 -36.30 0.45 -3.47
N VAL A 210 -37.29 0.34 -4.43
CA VAL A 210 -37.62 1.34 -5.49
C VAL A 210 -37.86 2.66 -4.84
N THR A 211 -38.80 2.68 -3.87
CA THR A 211 -38.97 3.78 -2.87
C THR A 211 -37.71 4.36 -2.23
N ASN A 212 -36.80 3.59 -1.57
CA ASN A 212 -35.60 4.09 -0.95
C ASN A 212 -34.70 4.68 -2.01
N LEU A 213 -34.50 4.01 -3.14
CA LEU A 213 -33.64 4.47 -4.17
C LEU A 213 -34.17 5.86 -4.63
N MET A 214 -35.45 5.97 -4.96
CA MET A 214 -36.04 7.17 -5.41
C MET A 214 -36.00 8.26 -4.41
N ARG A 215 -36.24 8.03 -3.11
CA ARG A 215 -36.08 8.97 -2.03
C ARG A 215 -34.75 9.60 -1.89
N VAL A 216 -33.70 8.75 -2.18
CA VAL A 216 -32.30 9.21 -2.09
C VAL A 216 -31.85 10.00 -3.36
N ILE A 217 -32.20 9.51 -4.54
CA ILE A 217 -31.82 10.16 -5.76
C ILE A 217 -32.61 11.38 -6.11
N LEU A 218 -33.95 11.27 -5.96
CA LEU A 218 -34.87 12.35 -6.26
C LEU A 218 -34.85 13.47 -5.27
N GLY A 219 -34.58 13.14 -4.03
CA GLY A 219 -34.55 14.10 -2.96
C GLY A 219 -36.01 14.26 -2.56
N PRO A 220 -36.25 14.65 -1.43
CA PRO A 220 -37.65 14.75 -0.87
C PRO A 220 -38.83 15.28 -1.67
N ALA A 221 -38.75 16.43 -2.16
CA ALA A 221 -39.71 17.07 -3.02
C ALA A 221 -40.01 16.35 -4.30
N PRO A 222 -39.14 16.12 -5.29
CA PRO A 222 -39.48 15.43 -6.46
C PRO A 222 -39.91 13.98 -6.15
N TYR A 223 -39.26 13.37 -5.14
CA TYR A 223 -39.65 12.11 -4.68
C TYR A 223 -41.13 11.97 -4.37
N ALA A 224 -41.67 13.02 -3.77
CA ALA A 224 -43.10 13.12 -3.53
C ALA A 224 -43.88 13.14 -4.83
N LEU A 225 -43.53 13.95 -5.82
CA LEU A 225 -44.14 13.98 -7.13
C LEU A 225 -44.10 12.62 -7.79
N TRP A 226 -42.86 12.05 -7.78
CA TRP A 226 -42.70 10.73 -8.26
C TRP A 226 -43.67 9.72 -7.69
N MET A 227 -43.69 9.74 -6.35
CA MET A 227 -44.59 8.86 -5.53
C MET A 227 -46.06 8.93 -5.99
N ASP A 228 -46.58 10.11 -6.19
CA ASP A 228 -47.85 10.37 -6.83
C ASP A 228 -47.80 9.78 -8.27
N ALA A 229 -46.83 10.16 -9.14
CA ALA A 229 -46.75 9.75 -10.50
C ALA A 229 -46.74 8.29 -10.69
N TRP A 230 -46.04 7.61 -9.86
CA TRP A 230 -45.93 6.19 -9.71
C TRP A 230 -47.30 5.54 -9.35
N GLY A 231 -48.08 6.25 -8.50
CA GLY A 231 -49.42 5.75 -8.16
C GLY A 231 -50.34 5.80 -9.32
N VAL A 232 -50.28 6.87 -10.13
CA VAL A 232 -50.99 6.92 -11.37
C VAL A 232 -50.54 5.78 -12.28
N GLN A 233 -49.22 5.62 -12.54
CA GLN A 233 -48.61 4.59 -13.30
C GLN A 233 -49.07 3.23 -12.87
N LEU A 234 -49.16 3.04 -11.58
CA LEU A 234 -49.61 1.82 -10.96
C LEU A 234 -51.12 1.55 -11.21
N GLN A 235 -51.94 2.66 -11.24
CA GLN A 235 -53.37 2.66 -11.46
C GLN A 235 -53.67 2.04 -12.82
N THR A 236 -52.87 2.36 -13.84
CA THR A 236 -53.04 1.85 -15.25
C THR A 236 -52.74 0.35 -15.27
N VAL A 237 -52.02 -0.21 -14.31
CA VAL A 237 -51.78 -1.67 -14.18
C VAL A 237 -52.95 -2.38 -13.64
N ILE A 238 -53.77 -1.75 -12.81
CA ILE A 238 -55.04 -2.30 -12.35
C ILE A 238 -56.03 -2.41 -13.53
N ALA A 239 -55.75 -1.74 -14.66
CA ALA A 239 -56.54 -1.90 -15.84
C ALA A 239 -56.08 -3.24 -16.52
N ALA A 240 -54.77 -3.33 -16.88
CA ALA A 240 -54.21 -4.55 -17.44
C ALA A 240 -54.31 -5.77 -16.45
N ALA A 241 -54.54 -5.60 -15.14
CA ALA A 241 -54.83 -6.63 -14.15
C ALA A 241 -56.23 -7.13 -14.18
N THR A 242 -57.16 -6.16 -14.44
CA THR A 242 -58.53 -6.51 -14.58
C THR A 242 -58.67 -7.09 -15.97
N ARG A 243 -58.25 -6.43 -17.09
CA ARG A 243 -58.29 -7.00 -18.38
C ARG A 243 -57.80 -8.41 -18.66
N ASP A 244 -56.63 -8.75 -17.99
CA ASP A 244 -55.98 -9.97 -18.18
C ASP A 244 -55.52 -10.61 -16.87
N PRO A 245 -55.42 -11.90 -16.75
CA PRO A 245 -54.86 -12.39 -15.51
C PRO A 245 -53.81 -13.45 -15.84
N ARG A 246 -53.61 -13.76 -17.15
CA ARG A 246 -52.63 -14.65 -17.65
C ARG A 246 -51.27 -14.08 -17.32
N HIS A 247 -51.02 -12.78 -17.45
CA HIS A 247 -49.75 -12.21 -17.32
C HIS A 247 -48.86 -12.39 -16.07
N PRO A 248 -47.53 -12.49 -16.13
CA PRO A 248 -46.60 -12.87 -15.00
C PRO A 248 -46.86 -12.13 -13.70
N ALA A 249 -47.34 -10.91 -13.71
CA ALA A 249 -47.75 -10.18 -12.58
C ALA A 249 -49.17 -10.45 -12.08
N ASN A 250 -49.70 -11.63 -12.26
CA ASN A 250 -50.99 -11.96 -11.89
C ASN A 250 -51.23 -13.52 -11.78
N GLY A 251 -52.36 -14.01 -11.32
CA GLY A 251 -52.69 -15.39 -11.21
C GLY A 251 -54.16 -15.50 -11.65
N GLN A 252 -54.49 -16.71 -12.02
CA GLN A 252 -55.74 -17.00 -12.67
C GLN A 252 -57.08 -16.80 -11.94
N GLY A 253 -57.41 -17.52 -10.90
CA GLY A 253 -58.63 -17.46 -10.12
C GLY A 253 -58.75 -16.20 -9.29
N ARG A 254 -59.82 -15.91 -8.52
CA ARG A 254 -59.93 -14.58 -7.88
C ARG A 254 -58.82 -14.29 -6.86
N GLY A 255 -58.49 -15.26 -5.96
CA GLY A 255 -57.44 -14.99 -4.94
C GLY A 255 -56.08 -15.05 -5.54
N GLU A 256 -55.96 -15.91 -6.62
CA GLU A 256 -54.78 -16.13 -7.40
C GLU A 256 -54.32 -14.86 -7.98
N ARG A 257 -55.26 -14.03 -8.32
CA ARG A 257 -55.01 -12.65 -8.81
C ARG A 257 -54.15 -11.79 -7.90
N THR A 258 -53.44 -10.88 -8.52
CA THR A 258 -52.61 -10.03 -7.73
C THR A 258 -53.35 -8.82 -7.32
N ASN A 259 -53.71 -8.65 -6.03
CA ASN A 259 -54.44 -7.47 -5.64
C ASN A 259 -53.64 -6.21 -5.56
N LEU A 260 -54.35 -5.03 -5.68
CA LEU A 260 -53.84 -3.71 -5.54
C LEU A 260 -53.00 -3.55 -4.33
N ASN A 261 -53.54 -3.99 -3.14
CA ASN A 261 -52.75 -3.87 -1.88
C ASN A 261 -51.54 -4.63 -1.89
N ARG A 262 -51.49 -5.78 -2.44
CA ARG A 262 -50.32 -6.59 -2.75
C ARG A 262 -49.41 -5.86 -3.69
N LEU A 263 -49.85 -5.41 -4.88
CA LEU A 263 -49.04 -4.63 -5.82
C LEU A 263 -48.46 -3.42 -5.14
N LYS A 264 -49.17 -2.84 -4.17
CA LYS A 264 -48.65 -1.67 -3.53
C LYS A 264 -47.85 -2.08 -2.28
N GLY A 265 -47.80 -3.36 -1.85
CA GLY A 265 -47.06 -3.76 -0.63
C GLY A 265 -47.81 -3.39 0.60
N LEU A 266 -49.07 -3.05 0.36
CA LEU A 266 -50.07 -2.46 1.23
C LEU A 266 -50.97 -3.52 1.76
N ALA A 267 -50.79 -4.79 1.35
CA ALA A 267 -51.55 -5.89 1.87
C ALA A 267 -50.86 -6.36 3.10
N ASP A 268 -51.52 -7.17 3.97
CA ASP A 268 -50.90 -7.80 5.08
C ASP A 268 -49.73 -8.65 4.80
N GLY A 269 -48.69 -8.58 5.70
CA GLY A 269 -47.43 -9.22 5.65
C GLY A 269 -46.45 -8.60 4.69
N MET A 270 -46.91 -7.58 3.94
CA MET A 270 -46.09 -6.80 3.08
C MET A 270 -45.81 -5.44 3.77
N VAL A 271 -46.83 -4.85 4.48
CA VAL A 271 -46.78 -3.51 5.18
C VAL A 271 -45.76 -3.58 6.31
N GLY A 272 -44.71 -2.77 6.13
CA GLY A 272 -43.63 -2.77 7.12
C GLY A 272 -42.83 -4.11 7.06
N ASN A 273 -42.85 -4.75 5.87
CA ASN A 273 -42.31 -6.10 5.69
C ASN A 273 -41.86 -6.29 4.32
N PRO A 274 -40.67 -5.77 3.91
CA PRO A 274 -40.11 -6.09 2.59
C PRO A 274 -39.86 -7.59 2.39
N GLN A 275 -39.46 -8.38 3.38
CA GLN A 275 -39.23 -9.80 3.18
C GLN A 275 -40.59 -10.42 2.88
N GLY A 276 -41.54 -10.05 3.70
CA GLY A 276 -42.95 -10.48 3.59
C GLY A 276 -43.56 -10.05 2.25
N GLN A 277 -43.23 -8.81 1.74
CA GLN A 277 -43.49 -8.32 0.41
C GLN A 277 -42.83 -9.30 -0.60
N ALA A 278 -41.53 -9.76 -0.42
CA ALA A 278 -40.74 -10.70 -1.23
C ALA A 278 -41.43 -12.05 -1.16
N ALA A 279 -42.09 -12.37 -0.06
CA ALA A 279 -42.69 -13.66 0.05
C ALA A 279 -44.07 -13.66 -0.60
N LEU A 280 -44.70 -12.49 -0.77
CA LEU A 280 -46.00 -12.28 -1.24
C LEU A 280 -45.90 -11.85 -2.71
N LEU A 281 -44.96 -11.00 -3.18
CA LEU A 281 -44.80 -10.80 -4.54
C LEU A 281 -44.11 -11.89 -5.28
N ARG A 282 -44.38 -12.11 -6.61
CA ARG A 282 -43.77 -13.09 -7.47
C ARG A 282 -42.95 -12.26 -8.53
N PRO A 283 -41.96 -12.76 -9.28
CA PRO A 283 -41.11 -11.97 -10.18
C PRO A 283 -41.71 -10.98 -11.20
N GLY A 284 -42.74 -11.40 -11.95
CA GLY A 284 -43.43 -10.54 -12.90
C GLY A 284 -43.95 -9.23 -12.37
N GLU A 285 -44.40 -9.25 -11.11
CA GLU A 285 -44.99 -8.07 -10.45
C GLU A 285 -43.90 -7.02 -10.25
N LEU A 286 -42.71 -7.45 -9.84
CA LEU A 286 -41.52 -6.70 -9.64
C LEU A 286 -41.08 -5.97 -10.90
N VAL A 287 -41.10 -6.62 -12.07
CA VAL A 287 -40.79 -6.05 -13.37
C VAL A 287 -41.79 -5.00 -13.69
N ALA A 288 -43.07 -5.32 -13.39
CA ALA A 288 -44.19 -4.38 -13.61
C ALA A 288 -43.93 -3.13 -12.79
N ILE A 289 -43.71 -3.30 -11.48
CA ILE A 289 -43.43 -2.23 -10.53
C ILE A 289 -42.35 -1.33 -11.10
N THR A 290 -41.27 -1.99 -11.61
CA THR A 290 -40.07 -1.38 -12.13
C THR A 290 -40.38 -0.60 -13.33
N ALA A 291 -41.24 -1.10 -14.20
CA ALA A 291 -41.63 -0.41 -15.39
C ALA A 291 -42.41 0.84 -14.96
N SER A 292 -43.44 0.71 -14.08
CA SER A 292 -44.24 1.81 -13.62
C SER A 292 -43.38 2.95 -12.99
N ALA A 293 -42.43 2.58 -12.12
CA ALA A 293 -41.39 3.37 -11.52
C ALA A 293 -40.54 4.08 -12.53
N LEU A 294 -40.07 3.35 -13.44
CA LEU A 294 -39.15 3.75 -14.46
C LEU A 294 -39.80 4.73 -15.37
N GLN A 295 -41.08 4.48 -15.75
CA GLN A 295 -41.90 5.45 -16.41
C GLN A 295 -42.06 6.65 -15.55
N ALA A 296 -42.64 6.57 -14.40
CA ALA A 296 -42.80 7.62 -13.42
C ALA A 296 -41.57 8.41 -13.17
N PHE A 297 -40.44 7.80 -13.32
CA PHE A 297 -39.17 8.50 -13.25
C PHE A 297 -38.87 9.45 -14.40
N ARG A 298 -39.08 8.94 -15.58
CA ARG A 298 -38.94 9.61 -16.84
C ARG A 298 -39.95 10.73 -16.90
N GLU A 299 -41.16 10.57 -16.46
CA GLU A 299 -42.14 11.61 -16.42
C GLU A 299 -41.76 12.84 -15.50
N VAL A 300 -40.81 12.60 -14.56
CA VAL A 300 -40.30 13.55 -13.63
C VAL A 300 -38.94 14.10 -14.01
N ALA A 301 -38.09 13.37 -14.67
CA ALA A 301 -36.76 13.91 -14.95
C ALA A 301 -36.65 14.91 -16.11
N ARG A 302 -37.71 15.53 -16.59
CA ARG A 302 -37.66 16.57 -17.62
C ARG A 302 -36.79 17.72 -17.22
N LEU A 303 -36.73 18.01 -15.88
CA LEU A 303 -35.85 18.91 -15.16
C LEU A 303 -35.70 20.35 -15.61
N ALA A 304 -34.80 21.13 -14.94
CA ALA A 304 -34.59 22.48 -15.20
C ALA A 304 -34.03 22.88 -16.59
N GLU A 305 -33.90 24.21 -16.80
CA GLU A 305 -32.82 24.62 -17.77
C GLU A 305 -31.51 25.24 -17.17
N PRO A 306 -31.32 25.84 -16.00
CA PRO A 306 -30.05 26.38 -15.62
C PRO A 306 -29.02 25.34 -15.38
N ALA A 307 -27.77 25.65 -15.67
CA ALA A 307 -26.67 24.85 -15.38
C ALA A 307 -25.66 25.78 -14.75
N GLY A 308 -24.85 25.38 -13.76
CA GLY A 308 -24.93 23.99 -13.18
C GLY A 308 -24.27 24.07 -11.89
N PRO A 309 -23.47 23.09 -11.54
CA PRO A 309 -22.80 23.08 -10.26
C PRO A 309 -21.89 24.32 -10.25
N TRP A 310 -21.29 24.60 -11.39
CA TRP A 310 -20.61 25.83 -11.82
C TRP A 310 -20.99 27.15 -11.15
N ALA A 311 -22.23 27.35 -10.73
CA ALA A 311 -22.67 28.64 -10.30
C ALA A 311 -22.08 29.16 -9.01
N ASP A 312 -21.47 28.21 -8.25
CA ASP A 312 -20.89 28.45 -6.96
C ASP A 312 -19.36 28.46 -7.02
N ILE A 313 -18.82 28.26 -8.29
CA ILE A 313 -17.40 28.46 -8.48
C ILE A 313 -17.06 29.94 -8.42
N MET A 314 -16.31 30.42 -7.42
CA MET A 314 -15.98 31.74 -7.36
C MET A 314 -14.58 31.79 -6.78
N GLN A 315 -13.70 32.64 -7.33
CA GLN A 315 -12.41 32.78 -6.76
C GLN A 315 -12.26 33.46 -5.38
N GLY A 316 -11.84 32.72 -4.43
CA GLY A 316 -11.53 33.34 -3.13
C GLY A 316 -10.03 33.56 -3.18
N PRO A 317 -9.48 34.15 -2.10
CA PRO A 317 -8.03 34.34 -1.83
C PRO A 317 -7.47 33.08 -1.37
N SER A 318 -8.30 32.07 -1.32
CA SER A 318 -8.01 30.72 -0.91
C SER A 318 -7.32 29.98 -2.12
N GLU A 319 -7.24 30.58 -3.26
CA GLU A 319 -6.90 29.82 -4.44
C GLU A 319 -6.39 30.84 -5.40
N SER A 320 -5.50 30.37 -6.26
CA SER A 320 -4.88 31.22 -7.28
C SER A 320 -5.81 31.28 -8.54
N PHE A 321 -5.44 32.10 -9.50
CA PHE A 321 -6.18 32.20 -10.74
C PHE A 321 -6.11 30.91 -11.46
N VAL A 322 -4.89 30.36 -11.42
CA VAL A 322 -4.66 29.09 -12.02
C VAL A 322 -5.51 28.02 -11.34
N ASP A 323 -5.60 27.98 -10.04
CA ASP A 323 -6.40 26.97 -9.43
C ASP A 323 -7.93 27.10 -9.80
N PHE A 324 -8.35 28.35 -9.67
CA PHE A 324 -9.68 28.84 -10.02
C PHE A 324 -10.09 28.53 -11.44
N ALA A 325 -9.20 28.85 -12.32
CA ALA A 325 -9.30 28.53 -13.72
C ALA A 325 -9.35 27.07 -13.92
N ASN A 326 -8.46 26.31 -13.26
CA ASN A 326 -8.46 24.88 -13.45
C ASN A 326 -9.75 24.22 -13.00
N ARG A 327 -10.30 24.67 -11.81
CA ARG A 327 -11.58 24.35 -11.20
C ARG A 327 -12.65 24.71 -12.22
N LEU A 328 -12.51 25.81 -12.94
CA LEU A 328 -13.42 26.27 -13.97
C LEU A 328 -13.20 25.34 -15.17
N ILE A 329 -11.96 24.95 -15.55
CA ILE A 329 -11.76 24.06 -16.68
C ILE A 329 -12.48 22.72 -16.36
N LYS A 330 -12.41 22.24 -15.08
CA LYS A 330 -13.11 20.98 -14.66
C LYS A 330 -14.54 21.11 -14.93
N ALA A 331 -15.10 22.28 -14.54
CA ALA A 331 -16.54 22.58 -14.80
C ALA A 331 -16.96 22.66 -16.23
N VAL A 332 -16.05 23.16 -17.09
CA VAL A 332 -16.08 23.29 -18.57
C VAL A 332 -15.99 21.90 -19.11
N GLU A 333 -15.16 20.97 -18.58
CA GLU A 333 -15.11 19.55 -18.90
C GLU A 333 -16.47 18.94 -18.71
N GLY A 334 -17.12 19.44 -17.65
CA GLY A 334 -18.50 19.13 -17.31
C GLY A 334 -19.54 19.87 -18.08
N SER A 335 -19.12 20.79 -19.01
CA SER A 335 -20.12 21.44 -19.92
C SER A 335 -20.12 20.57 -21.14
N ASP A 336 -21.15 19.77 -21.36
CA ASP A 336 -21.47 18.92 -22.49
C ASP A 336 -22.02 19.69 -23.72
N LEU A 337 -22.90 20.74 -23.44
CA LEU A 337 -23.39 21.75 -24.30
C LEU A 337 -22.41 22.23 -25.45
N PRO A 338 -22.98 22.56 -26.60
CA PRO A 338 -22.24 23.09 -27.77
C PRO A 338 -20.88 23.58 -27.56
N PRO A 339 -19.79 23.02 -28.13
CA PRO A 339 -18.47 23.55 -27.86
C PRO A 339 -18.34 25.05 -28.02
N SER A 340 -19.05 25.61 -29.02
CA SER A 340 -19.20 26.94 -29.50
C SER A 340 -19.76 27.91 -28.51
N ALA A 341 -20.36 27.44 -27.40
CA ALA A 341 -20.86 28.43 -26.42
C ALA A 341 -19.89 28.52 -25.28
N ARG A 342 -18.98 27.60 -25.27
CA ARG A 342 -18.18 27.58 -24.11
C ARG A 342 -17.23 28.78 -23.92
N ALA A 343 -16.35 29.19 -24.85
CA ALA A 343 -15.47 30.30 -24.69
C ALA A 343 -16.20 31.55 -24.39
N PRO A 344 -17.33 32.08 -25.02
CA PRO A 344 -17.97 33.33 -24.55
C PRO A 344 -18.48 33.17 -23.16
N VAL A 345 -19.04 32.00 -22.86
CA VAL A 345 -19.50 31.83 -21.49
C VAL A 345 -18.31 31.87 -20.50
N ILE A 346 -17.17 31.19 -20.81
CA ILE A 346 -16.01 31.11 -19.96
C ILE A 346 -15.48 32.47 -19.73
N ILE A 347 -15.29 33.29 -20.75
CA ILE A 347 -14.70 34.66 -20.71
C ILE A 347 -15.60 35.48 -19.84
N ASP A 348 -16.93 35.42 -20.07
CA ASP A 348 -17.82 36.04 -19.14
C ASP A 348 -17.74 35.60 -17.69
N CYS A 349 -17.81 34.34 -17.37
CA CYS A 349 -17.69 33.89 -16.02
C CYS A 349 -16.36 34.15 -15.27
N PHE A 350 -15.30 33.97 -15.98
CA PHE A 350 -13.91 34.26 -15.59
C PHE A 350 -13.91 35.73 -15.24
N ARG A 351 -14.52 36.62 -16.05
CA ARG A 351 -14.56 38.08 -15.91
C ARG A 351 -15.27 38.44 -14.61
N GLN A 352 -16.20 37.58 -14.17
CA GLN A 352 -17.21 37.91 -13.21
C GLN A 352 -17.01 37.14 -11.90
N LYS A 353 -16.36 36.00 -11.91
CA LYS A 353 -16.24 35.13 -10.78
C LYS A 353 -14.80 34.96 -10.30
N SER A 354 -13.89 35.70 -10.92
CA SER A 354 -12.50 35.86 -10.56
C SER A 354 -12.35 36.80 -9.46
N GLN A 355 -11.14 36.87 -8.88
CA GLN A 355 -10.96 37.85 -7.86
C GLN A 355 -11.17 39.27 -8.26
N PRO A 356 -11.79 40.22 -7.55
CA PRO A 356 -12.10 41.57 -8.08
C PRO A 356 -11.01 42.29 -8.74
N ASP A 357 -9.75 42.35 -8.24
CA ASP A 357 -8.74 43.16 -8.87
C ASP A 357 -8.32 42.54 -10.22
N ILE A 358 -8.53 41.21 -10.29
CA ILE A 358 -8.36 40.38 -11.46
C ILE A 358 -9.47 40.69 -12.29
N GLN A 359 -10.70 40.89 -11.82
CA GLN A 359 -11.75 41.25 -12.70
C GLN A 359 -11.50 42.51 -13.52
N GLN A 360 -10.98 43.46 -12.80
CA GLN A 360 -10.53 44.77 -13.29
C GLN A 360 -9.35 44.61 -14.20
N LEU A 361 -8.43 43.72 -13.96
CA LEU A 361 -7.39 43.31 -14.79
C LEU A 361 -7.94 42.76 -16.01
N ILE A 362 -8.90 41.96 -15.97
CA ILE A 362 -9.64 41.46 -17.18
C ILE A 362 -10.37 42.58 -17.87
N ARG A 363 -10.82 43.55 -17.08
CA ARG A 363 -11.46 44.78 -17.62
C ARG A 363 -10.42 45.56 -18.43
N THR A 364 -9.14 45.43 -18.09
CA THR A 364 -8.04 45.96 -18.93
C THR A 364 -7.56 45.11 -20.05
N ALA A 365 -7.99 43.85 -20.13
CA ALA A 365 -7.51 42.98 -21.10
C ALA A 365 -7.90 43.32 -22.53
N PRO A 366 -7.07 42.97 -23.51
CA PRO A 366 -7.38 43.17 -24.90
C PRO A 366 -8.66 42.51 -25.44
N SER A 367 -9.51 43.22 -26.23
CA SER A 367 -10.70 42.68 -26.81
C SER A 367 -10.36 41.55 -27.83
N THR A 368 -9.14 41.71 -28.37
CA THR A 368 -8.56 40.88 -29.35
C THR A 368 -8.37 39.47 -28.85
N LEU A 369 -8.20 39.26 -27.49
CA LEU A 369 -8.19 38.01 -26.88
C LEU A 369 -9.49 37.22 -27.11
N THR A 370 -9.39 35.91 -27.51
CA THR A 370 -10.55 35.22 -28.06
C THR A 370 -10.75 33.97 -27.30
N THR A 371 -9.82 33.69 -26.39
CA THR A 371 -10.00 32.40 -25.67
C THR A 371 -9.49 32.60 -24.23
N PRO A 372 -9.95 31.74 -23.36
CA PRO A 372 -9.34 31.71 -22.01
C PRO A 372 -7.84 31.55 -21.95
N GLY A 373 -7.23 30.68 -22.79
CA GLY A 373 -5.84 30.43 -22.86
C GLY A 373 -5.12 31.71 -23.16
N GLU A 374 -5.65 32.53 -24.15
CA GLU A 374 -5.07 33.80 -24.40
C GLU A 374 -5.11 34.67 -23.16
N ILE A 375 -6.24 34.55 -22.43
CA ILE A 375 -6.56 35.35 -21.31
C ILE A 375 -5.59 34.96 -20.21
N ILE A 376 -5.28 33.62 -19.99
CA ILE A 376 -4.39 33.02 -19.03
C ILE A 376 -2.99 33.57 -19.29
N LYS A 377 -2.56 33.58 -20.58
CA LYS A 377 -1.34 34.08 -21.08
C LYS A 377 -1.15 35.47 -20.64
N TYR A 378 -2.17 36.34 -20.86
CA TYR A 378 -2.17 37.64 -20.34
C TYR A 378 -1.92 37.77 -18.88
N VAL A 379 -2.54 36.95 -17.99
CA VAL A 379 -2.25 36.95 -16.57
C VAL A 379 -0.80 36.47 -16.37
N LEU A 380 -0.29 35.37 -17.03
CA LEU A 380 0.94 34.60 -16.96
C LEU A 380 2.14 35.51 -17.20
N ASP A 381 1.94 36.56 -18.02
CA ASP A 381 2.84 37.58 -18.33
C ASP A 381 3.23 38.53 -17.14
N ARG A 382 2.42 38.60 -16.06
CA ARG A 382 2.49 39.75 -15.14
C ARG A 382 3.04 39.25 -13.81
N GLN A 383 3.15 37.94 -13.48
CA GLN A 383 3.67 37.59 -12.23
C GLN A 383 4.66 36.43 -12.29
N ALA B 129 -34.46 -24.98 10.12
CA ALA B 129 -35.66 -25.16 9.26
C ALA B 129 -35.12 -25.11 7.83
N GLY B 130 -35.53 -24.06 7.04
CA GLY B 130 -34.95 -23.91 5.67
C GLY B 130 -35.05 -25.10 4.70
N GLN B 131 -34.24 -25.24 3.62
CA GLN B 131 -33.10 -24.35 3.40
C GLN B 131 -33.30 -22.85 3.19
N ALA B 132 -32.45 -21.98 3.81
CA ALA B 132 -32.55 -20.50 3.75
C ALA B 132 -32.56 -19.83 2.39
N PRO B 133 -33.17 -18.66 2.23
CA PRO B 133 -33.26 -17.97 0.92
C PRO B 133 -32.41 -16.72 0.83
N GLY B 134 -31.04 -16.74 0.69
CA GLY B 134 -30.07 -17.85 0.57
C GLY B 134 -29.40 -18.31 1.79
N PRO B 135 -29.06 -17.61 2.84
CA PRO B 135 -29.27 -16.21 3.14
C PRO B 135 -28.63 -15.30 2.00
N ALA B 136 -29.18 -14.12 1.68
CA ALA B 136 -30.33 -13.33 2.08
C ALA B 136 -30.41 -11.96 1.50
N LEU B 137 -31.69 -11.54 1.28
CA LEU B 137 -32.04 -10.34 0.47
C LEU B 137 -31.63 -8.96 1.08
N THR B 138 -31.22 -7.96 0.33
CA THR B 138 -30.33 -7.03 1.00
C THR B 138 -30.10 -6.00 -0.08
N ASP B 139 -29.17 -5.13 -0.05
CA ASP B 139 -28.81 -4.23 0.96
C ASP B 139 -29.74 -2.98 0.97
N TRP B 140 -29.66 -2.37 2.17
CA TRP B 140 -29.81 -0.94 2.43
C TRP B 140 -29.03 -0.50 3.60
N ALA B 141 -28.53 -1.53 4.36
CA ALA B 141 -27.62 -1.26 5.46
C ALA B 141 -26.40 -0.54 5.16
N ARG B 142 -25.53 -1.25 4.40
CA ARG B 142 -24.31 -0.70 3.87
C ARG B 142 -24.61 0.47 3.07
N VAL B 143 -25.67 0.50 2.18
CA VAL B 143 -26.00 1.63 1.41
C VAL B 143 -26.24 2.90 2.20
N ARG B 144 -27.11 2.77 3.29
CA ARG B 144 -27.31 3.77 4.32
C ARG B 144 -26.11 4.26 4.90
N GLU B 145 -25.41 3.37 5.57
CA GLU B 145 -24.16 3.72 6.23
C GLU B 145 -23.13 4.46 5.38
N GLU B 146 -22.92 3.95 4.23
CA GLU B 146 -22.06 4.39 3.16
C GLU B 146 -22.40 5.88 2.89
N LEU B 147 -23.55 6.18 2.29
CA LEU B 147 -24.04 7.57 2.08
C LEU B 147 -23.81 8.61 3.17
N ALA B 148 -24.05 8.17 4.47
CA ALA B 148 -23.77 9.03 5.58
C ALA B 148 -22.24 9.37 5.72
N SER B 149 -21.43 8.29 5.83
CA SER B 149 -20.01 8.45 5.72
C SER B 149 -19.45 8.85 4.35
N THR B 150 -20.26 9.48 3.51
CA THR B 150 -19.83 9.90 2.22
C THR B 150 -20.54 11.22 2.05
N GLY B 151 -20.05 12.24 2.83
CA GLY B 151 -20.76 13.47 2.83
C GLY B 151 -22.01 13.48 3.74
N PRO B 152 -21.86 13.57 5.03
CA PRO B 152 -22.97 13.82 6.03
C PRO B 152 -24.06 14.86 5.65
N PRO B 153 -23.88 16.09 5.17
CA PRO B 153 -24.99 17.00 4.86
C PRO B 153 -25.67 16.66 3.60
N VAL B 154 -25.13 15.73 2.78
CA VAL B 154 -25.75 15.17 1.58
C VAL B 154 -26.50 13.94 1.98
N VAL B 155 -27.45 14.22 2.92
CA VAL B 155 -28.38 13.31 3.63
C VAL B 155 -28.62 11.95 3.02
N ALA B 156 -28.41 10.88 3.84
CA ALA B 156 -28.83 9.58 3.38
C ALA B 156 -30.32 9.36 3.57
N MET B 157 -31.08 9.06 2.46
CA MET B 157 -32.50 8.87 2.54
C MET B 157 -33.04 7.47 2.30
N PRO B 158 -32.41 6.29 2.42
CA PRO B 158 -33.11 5.02 2.16
C PRO B 158 -33.75 4.59 3.50
N VAL B 159 -34.13 3.31 3.58
CA VAL B 159 -34.73 2.78 4.78
C VAL B 159 -34.17 1.40 4.91
N VAL B 160 -33.92 1.05 6.15
CA VAL B 160 -33.36 -0.17 6.64
C VAL B 160 -34.25 -0.60 7.80
N ILE B 161 -34.45 -1.90 8.00
CA ILE B 161 -35.65 -2.31 8.79
C ILE B 161 -35.17 -3.25 9.92
N LYS B 162 -34.24 -4.23 9.63
CA LYS B 162 -33.63 -5.19 10.45
C LYS B 162 -34.53 -6.27 11.01
N THR B 163 -34.05 -7.49 10.94
CA THR B 163 -34.28 -8.44 12.09
C THR B 163 -33.01 -9.19 12.27
N GLU B 164 -32.71 -9.77 13.45
CA GLU B 164 -33.14 -11.15 13.79
C GLU B 164 -32.51 -11.66 15.06
N GLY B 165 -31.27 -11.45 15.42
CA GLY B 165 -30.14 -12.23 14.87
C GLY B 165 -29.77 -13.33 15.87
N PRO B 166 -29.15 -13.01 17.00
CA PRO B 166 -29.41 -13.56 18.33
C PRO B 166 -30.47 -12.63 18.94
N ALA B 167 -30.77 -12.77 20.27
CA ALA B 167 -31.82 -12.05 20.97
C ALA B 167 -31.79 -10.50 20.83
N TRP B 168 -30.57 -10.09 20.62
CA TRP B 168 -30.05 -8.79 20.86
C TRP B 168 -29.12 -8.49 19.64
N THR B 169 -28.04 -7.69 19.84
CA THR B 169 -27.21 -7.05 18.78
C THR B 169 -25.72 -6.89 19.23
N PRO B 170 -24.72 -7.40 18.64
CA PRO B 170 -23.30 -7.11 18.96
C PRO B 170 -22.81 -5.96 18.16
N LEU B 171 -21.70 -5.41 18.59
CA LEU B 171 -21.14 -4.22 18.03
C LEU B 171 -19.67 -4.25 17.72
N GLU B 172 -19.28 -3.34 16.81
CA GLU B 172 -17.92 -3.24 16.31
C GLU B 172 -17.54 -1.85 16.67
N PRO B 173 -16.27 -1.49 16.73
CA PRO B 173 -15.88 -0.19 17.20
C PRO B 173 -16.03 0.95 16.27
N LYS B 174 -16.11 0.70 14.99
CA LYS B 174 -15.96 1.86 14.05
C LYS B 174 -17.03 2.96 14.24
N LEU B 175 -18.23 2.45 14.44
CA LEU B 175 -19.28 3.32 14.78
C LEU B 175 -19.16 4.01 16.13
N ILE B 176 -18.52 3.27 17.08
CA ILE B 176 -18.30 3.76 18.51
C ILE B 176 -17.24 4.78 18.59
N THR B 177 -16.18 4.48 17.81
CA THR B 177 -15.08 5.40 17.67
C THR B 177 -15.53 6.75 17.01
N ARG B 178 -16.19 6.65 15.83
CA ARG B 178 -16.67 7.74 15.06
C ARG B 178 -17.69 8.46 15.82
N LEU B 179 -18.45 7.78 16.66
CA LEU B 179 -19.30 8.44 17.60
C LEU B 179 -18.58 9.19 18.67
N ALA B 180 -17.48 8.66 19.22
CA ALA B 180 -16.62 9.31 20.17
C ALA B 180 -16.03 10.59 19.61
N ASP B 181 -15.52 10.53 18.40
CA ASP B 181 -15.10 11.67 17.54
C ASP B 181 -16.23 12.73 17.42
N THR B 182 -17.47 12.32 17.15
CA THR B 182 -18.59 13.22 17.23
C THR B 182 -18.86 13.83 18.57
N VAL B 183 -18.78 12.96 19.61
CA VAL B 183 -19.10 13.25 21.03
C VAL B 183 -18.12 14.24 21.60
N ARG B 184 -16.87 14.14 21.13
CA ARG B 184 -15.80 15.06 21.47
C ARG B 184 -16.16 16.40 20.83
N THR B 185 -16.04 16.43 19.52
CA THR B 185 -16.33 17.61 18.68
C THR B 185 -17.63 18.32 19.01
N LYS B 186 -18.82 17.90 18.48
CA LYS B 186 -20.05 18.65 18.69
C LYS B 186 -20.70 18.20 19.96
N GLY B 187 -20.44 16.87 20.22
CA GLY B 187 -21.37 15.94 20.84
C GLY B 187 -22.73 16.25 20.36
N LEU B 188 -23.55 16.26 21.42
CA LEU B 188 -24.97 15.94 21.43
C LEU B 188 -25.60 17.32 21.62
N ARG B 189 -24.94 18.31 21.00
CA ARG B 189 -25.54 19.55 20.53
C ARG B 189 -25.84 19.53 18.99
N SER B 190 -25.35 18.42 18.32
CA SER B 190 -25.81 18.02 17.00
C SER B 190 -26.86 16.95 17.19
N PRO B 191 -28.15 17.18 16.99
CA PRO B 191 -29.10 16.48 16.07
C PRO B 191 -28.63 15.87 14.79
N ILE B 192 -27.35 15.52 14.61
CA ILE B 192 -26.86 14.38 13.82
C ILE B 192 -26.22 13.51 14.86
N THR B 193 -25.49 14.04 15.87
CA THR B 193 -24.96 13.14 16.98
C THR B 193 -26.10 12.43 17.71
N MET B 194 -27.15 13.19 18.09
CA MET B 194 -28.34 12.67 18.72
C MET B 194 -28.97 11.61 17.83
N ALA B 195 -28.99 11.88 16.52
CA ALA B 195 -29.49 11.01 15.45
C ALA B 195 -28.73 9.73 15.27
N GLU B 196 -27.40 9.78 15.21
CA GLU B 196 -26.58 8.64 15.06
C GLU B 196 -26.69 7.75 16.28
N VAL B 197 -26.95 8.41 17.44
CA VAL B 197 -27.23 7.59 18.65
C VAL B 197 -28.58 6.95 18.63
N GLU B 198 -29.68 7.71 18.31
CA GLU B 198 -31.06 7.29 18.17
C GLU B 198 -31.08 6.00 17.34
N ALA B 199 -30.54 6.02 16.16
CA ALA B 199 -30.35 4.91 15.21
C ALA B 199 -29.59 3.72 15.81
N LEU B 200 -28.45 3.92 16.48
CA LEU B 200 -27.76 2.85 17.17
C LEU B 200 -28.54 2.36 18.36
N MET B 201 -29.52 3.08 18.78
CA MET B 201 -30.25 2.65 19.93
C MET B 201 -31.65 2.34 19.39
N SER B 202 -31.66 1.79 18.15
CA SER B 202 -32.91 1.20 17.59
C SER B 202 -32.90 -0.27 17.90
N SER B 203 -31.63 -0.65 18.20
CA SER B 203 -31.10 -1.98 18.56
C SER B 203 -31.58 -2.66 19.86
N PRO B 204 -31.67 -3.95 19.98
CA PRO B 204 -32.06 -4.60 21.19
C PRO B 204 -30.83 -4.93 21.97
N LEU B 205 -30.75 -4.18 23.08
CA LEU B 205 -29.43 -4.10 23.71
C LEU B 205 -29.49 -4.71 25.10
N LEU B 206 -28.35 -5.33 25.60
CA LEU B 206 -28.21 -5.90 26.89
C LEU B 206 -27.78 -4.79 27.89
N PRO B 207 -28.43 -4.67 29.02
CA PRO B 207 -28.06 -3.58 29.97
C PRO B 207 -26.65 -3.31 30.34
N HIS B 208 -25.76 -4.26 30.54
CA HIS B 208 -24.40 -4.01 30.92
C HIS B 208 -23.70 -3.11 29.91
N ASP B 209 -23.98 -3.43 28.65
CA ASP B 209 -23.46 -2.87 27.47
C ASP B 209 -23.95 -1.47 27.38
N VAL B 210 -25.24 -1.33 27.61
CA VAL B 210 -25.87 -0.05 27.64
C VAL B 210 -25.16 0.82 28.68
N THR B 211 -25.13 0.31 29.92
CA THR B 211 -24.50 0.90 31.08
C THR B 211 -23.09 1.42 30.69
N ASN B 212 -22.30 0.54 30.06
CA ASN B 212 -20.96 0.88 29.66
C ASN B 212 -20.86 1.96 28.61
N LEU B 213 -21.75 1.87 27.57
CA LEU B 213 -21.89 2.77 26.51
C LEU B 213 -22.11 4.15 27.05
N MET B 214 -23.11 4.23 27.95
CA MET B 214 -23.40 5.47 28.64
C MET B 214 -22.32 5.99 29.55
N ARG B 215 -21.66 5.13 30.33
CA ARG B 215 -20.50 5.38 31.06
C ARG B 215 -19.31 5.94 30.23
N VAL B 216 -19.26 5.49 28.94
CA VAL B 216 -18.22 6.04 28.09
C VAL B 216 -18.51 7.33 27.51
N ILE B 217 -19.72 7.44 26.99
CA ILE B 217 -20.03 8.68 26.25
C ILE B 217 -20.30 9.80 27.20
N LEU B 218 -21.02 9.58 28.28
CA LEU B 218 -21.32 10.59 29.18
C LEU B 218 -20.27 11.10 30.05
N GLY B 219 -19.39 10.17 30.44
CA GLY B 219 -18.38 10.59 31.42
C GLY B 219 -18.90 10.61 32.84
N PRO B 220 -18.11 10.37 33.84
CA PRO B 220 -18.66 10.19 35.20
C PRO B 220 -19.73 11.15 35.66
N ALA B 221 -19.54 12.47 35.65
CA ALA B 221 -20.57 13.45 36.06
C ALA B 221 -21.88 13.29 35.28
N PRO B 222 -22.05 13.46 33.95
CA PRO B 222 -23.37 13.26 33.28
C PRO B 222 -23.80 11.83 33.34
N TYR B 223 -22.88 10.81 33.25
CA TYR B 223 -23.17 9.47 33.48
C TYR B 223 -23.93 9.26 34.71
N ALA B 224 -23.65 9.99 35.78
CA ALA B 224 -24.41 9.95 36.96
C ALA B 224 -25.85 10.40 36.88
N LEU B 225 -25.93 11.55 36.25
CA LEU B 225 -27.14 12.24 35.91
C LEU B 225 -28.03 11.28 35.14
N TRP B 226 -27.45 10.67 34.06
CA TRP B 226 -28.13 9.61 33.36
C TRP B 226 -28.59 8.47 34.21
N MET B 227 -27.67 7.94 35.00
CA MET B 227 -27.93 6.91 35.96
C MET B 227 -29.12 7.15 36.79
N ASP B 228 -29.19 8.32 37.38
CA ASP B 228 -30.35 8.78 38.12
C ASP B 228 -31.59 8.82 37.20
N ALA B 229 -31.51 9.51 36.03
CA ALA B 229 -32.56 9.56 35.00
C ALA B 229 -33.09 8.25 34.46
N TRP B 230 -32.18 7.30 34.16
CA TRP B 230 -32.45 5.95 33.81
C TRP B 230 -33.19 5.21 34.90
N GLY B 231 -32.80 5.51 36.20
CA GLY B 231 -33.39 4.81 37.32
C GLY B 231 -34.87 5.11 37.50
N VAL B 232 -35.14 6.40 37.25
CA VAL B 232 -36.53 6.90 37.12
C VAL B 232 -37.19 6.16 36.00
N GLN B 233 -36.53 6.11 34.80
CA GLN B 233 -37.07 5.37 33.68
C GLN B 233 -37.39 3.94 34.04
N LEU B 234 -36.50 3.29 34.82
CA LEU B 234 -36.62 1.97 35.31
C LEU B 234 -37.80 1.87 36.24
N GLN B 235 -38.04 2.88 37.03
CA GLN B 235 -39.25 3.03 37.85
C GLN B 235 -40.49 3.04 37.08
N THR B 236 -40.46 3.72 35.96
CA THR B 236 -41.60 3.77 35.04
C THR B 236 -41.90 2.49 34.30
N VAL B 237 -40.94 1.54 34.31
CA VAL B 237 -41.19 0.26 33.87
C VAL B 237 -41.92 -0.68 34.88
N ILE B 238 -41.66 -0.43 36.17
CA ILE B 238 -42.36 -1.03 37.25
C ILE B 238 -43.79 -0.60 37.35
N ALA B 239 -44.06 0.45 36.64
CA ALA B 239 -45.38 0.99 36.56
C ALA B 239 -46.18 0.14 35.58
N ALA B 240 -45.71 0.12 34.31
CA ALA B 240 -46.18 -0.78 33.27
C ALA B 240 -46.07 -2.24 33.68
N ALA B 241 -45.23 -2.63 34.70
CA ALA B 241 -45.18 -3.99 35.26
C ALA B 241 -46.27 -4.25 36.26
N THR B 242 -46.63 -3.26 37.05
CA THR B 242 -47.61 -3.32 38.10
C THR B 242 -48.99 -3.25 37.38
N ARG B 243 -49.18 -2.24 36.53
CA ARG B 243 -50.37 -2.22 35.70
C ARG B 243 -50.73 -3.44 34.99
N ASP B 244 -49.70 -4.04 34.35
CA ASP B 244 -49.92 -5.15 33.48
C ASP B 244 -48.75 -6.14 33.59
N PRO B 245 -48.95 -7.45 33.21
CA PRO B 245 -47.95 -8.42 33.05
C PRO B 245 -48.04 -8.91 31.58
N ARG B 246 -48.97 -8.46 30.64
CA ARG B 246 -49.10 -8.97 29.30
C ARG B 246 -48.04 -8.55 28.23
N HIS B 247 -47.26 -7.51 28.55
CA HIS B 247 -46.16 -7.05 27.81
C HIS B 247 -45.09 -8.10 27.38
N PRO B 248 -44.35 -7.96 26.27
CA PRO B 248 -43.21 -8.76 25.85
C PRO B 248 -42.11 -8.78 26.88
N ALA B 249 -41.95 -7.74 27.74
CA ALA B 249 -40.93 -7.59 28.69
C ALA B 249 -41.44 -8.14 30.04
N ASN B 250 -42.43 -9.08 30.04
CA ASN B 250 -42.99 -9.60 31.25
C ASN B 250 -43.62 -10.94 31.01
N GLY B 251 -43.74 -11.77 32.11
CA GLY B 251 -44.40 -13.10 32.02
C GLY B 251 -45.78 -12.95 32.55
N GLN B 252 -46.64 -13.83 32.03
CA GLN B 252 -48.08 -13.93 32.28
C GLN B 252 -48.44 -14.51 33.60
N GLY B 253 -47.77 -15.66 33.98
CA GLY B 253 -47.95 -16.26 35.31
C GLY B 253 -47.04 -15.57 36.28
N ARG B 254 -47.30 -15.71 37.61
CA ARG B 254 -46.53 -14.97 38.51
C ARG B 254 -45.06 -15.42 38.54
N GLY B 255 -44.76 -16.72 38.44
CA GLY B 255 -43.42 -17.26 38.32
C GLY B 255 -42.68 -16.85 37.12
N GLU B 256 -43.41 -16.46 36.07
CA GLU B 256 -42.92 -16.05 34.80
C GLU B 256 -42.43 -14.59 34.78
N ARG B 257 -42.70 -13.91 35.89
CA ARG B 257 -42.50 -12.49 35.95
C ARG B 257 -41.12 -12.00 35.73
N THR B 258 -41.03 -10.72 35.32
CA THR B 258 -39.76 -10.07 35.05
C THR B 258 -39.59 -9.18 36.25
N ASN B 259 -39.13 -9.72 37.38
CA ASN B 259 -38.96 -8.91 38.63
C ASN B 259 -38.06 -7.73 38.61
N LEU B 260 -38.28 -6.87 39.67
CA LEU B 260 -37.43 -5.71 39.89
C LEU B 260 -35.96 -5.94 39.89
N ASN B 261 -35.44 -6.93 40.64
CA ASN B 261 -34.03 -7.12 40.67
C ASN B 261 -33.45 -7.48 39.32
N ARG B 262 -34.18 -8.30 38.60
CA ARG B 262 -33.96 -8.71 37.27
C ARG B 262 -33.98 -7.51 36.41
N LEU B 263 -34.98 -6.67 36.46
CA LEU B 263 -35.05 -5.37 35.76
C LEU B 263 -33.84 -4.49 36.10
N LYS B 264 -33.27 -4.75 37.24
CA LYS B 264 -32.16 -3.94 37.69
C LYS B 264 -30.86 -4.55 37.34
N GLY B 265 -30.77 -5.82 36.75
CA GLY B 265 -29.50 -6.46 36.35
C GLY B 265 -28.90 -7.12 37.48
N LEU B 266 -29.59 -7.17 38.60
CA LEU B 266 -29.08 -7.49 39.85
C LEU B 266 -29.77 -8.65 40.50
N ALA B 267 -30.55 -9.44 39.68
CA ALA B 267 -31.12 -10.72 40.10
C ALA B 267 -30.08 -11.72 40.12
N ASP B 268 -30.41 -12.90 40.71
CA ASP B 268 -29.49 -13.88 41.01
C ASP B 268 -28.94 -14.33 39.62
N GLY B 269 -27.61 -14.41 39.38
CA GLY B 269 -27.00 -14.67 38.08
C GLY B 269 -26.91 -13.52 37.20
N MET B 270 -27.47 -12.32 37.60
CA MET B 270 -27.29 -11.18 36.77
C MET B 270 -26.19 -10.38 37.25
N VAL B 271 -26.07 -10.36 38.62
CA VAL B 271 -25.05 -9.68 39.41
C VAL B 271 -23.66 -9.94 38.95
N GLY B 272 -23.04 -8.85 38.34
CA GLY B 272 -21.69 -8.81 37.83
C GLY B 272 -21.56 -9.54 36.55
N ASN B 273 -22.64 -10.08 35.95
CA ASN B 273 -22.61 -11.17 34.97
C ASN B 273 -23.55 -10.93 33.83
N PRO B 274 -23.14 -10.18 32.82
CA PRO B 274 -23.89 -9.89 31.61
C PRO B 274 -24.24 -11.13 30.77
N GLN B 275 -23.37 -12.15 30.70
CA GLN B 275 -23.79 -13.45 30.12
C GLN B 275 -24.97 -14.06 30.91
N GLY B 276 -24.93 -13.98 32.22
CA GLY B 276 -26.13 -14.40 33.02
C GLY B 276 -27.32 -13.48 32.74
N GLN B 277 -27.18 -12.13 32.60
CA GLN B 277 -28.23 -11.27 32.28
C GLN B 277 -28.85 -11.63 30.95
N ALA B 278 -27.97 -11.91 29.98
CA ALA B 278 -28.29 -12.37 28.64
C ALA B 278 -29.01 -13.76 28.81
N ALA B 279 -28.82 -14.56 29.84
CA ALA B 279 -29.38 -15.96 29.89
C ALA B 279 -30.71 -15.93 30.55
N LEU B 280 -30.94 -14.89 31.34
CA LEU B 280 -32.16 -14.66 32.11
C LEU B 280 -33.12 -13.70 31.34
N LEU B 281 -32.66 -12.62 30.63
CA LEU B 281 -33.49 -11.67 29.89
C LEU B 281 -34.25 -12.26 28.73
N ARG B 282 -35.20 -11.49 28.27
CA ARG B 282 -35.94 -11.74 27.05
C ARG B 282 -35.83 -10.55 26.15
N PRO B 283 -35.98 -10.76 24.82
CA PRO B 283 -35.89 -9.69 23.88
C PRO B 283 -36.79 -8.47 24.16
N GLY B 284 -38.06 -8.70 24.55
CA GLY B 284 -38.98 -7.66 24.92
C GLY B 284 -38.51 -6.80 25.96
N GLU B 285 -37.76 -7.38 26.87
CA GLU B 285 -37.04 -6.63 27.91
C GLU B 285 -35.83 -5.84 27.45
N LEU B 286 -35.02 -6.30 26.43
CA LEU B 286 -34.04 -5.51 25.78
C LEU B 286 -34.61 -4.25 25.12
N VAL B 287 -35.79 -4.26 24.54
CA VAL B 287 -36.50 -3.15 23.99
C VAL B 287 -36.92 -2.18 25.03
N ALA B 288 -37.44 -2.79 26.15
CA ALA B 288 -37.86 -2.04 27.25
C ALA B 288 -36.72 -1.19 27.82
N ILE B 289 -35.64 -2.00 28.15
CA ILE B 289 -34.35 -1.46 28.47
C ILE B 289 -33.87 -0.35 27.56
N THR B 290 -33.88 -0.53 26.26
CA THR B 290 -33.32 0.38 25.30
C THR B 290 -34.04 1.69 25.25
N ALA B 291 -35.32 1.59 25.44
CA ALA B 291 -36.22 2.74 25.62
C ALA B 291 -35.87 3.41 26.94
N SER B 292 -35.73 2.70 28.07
CA SER B 292 -35.46 3.36 29.32
C SER B 292 -34.21 4.18 29.39
N ALA B 293 -33.17 3.53 28.86
CA ALA B 293 -31.92 4.12 28.53
C ALA B 293 -31.91 5.31 27.65
N LEU B 294 -32.57 5.14 26.49
CA LEU B 294 -32.74 6.17 25.44
C LEU B 294 -33.54 7.40 25.90
N GLN B 295 -34.58 7.16 26.60
CA GLN B 295 -35.39 8.19 27.20
C GLN B 295 -34.59 8.98 28.10
N ALA B 296 -34.06 8.33 29.19
CA ALA B 296 -33.16 9.03 30.18
C ALA B 296 -32.03 9.87 29.51
N PHE B 297 -31.63 9.48 28.34
CA PHE B 297 -30.63 10.15 27.54
C PHE B 297 -31.13 11.40 26.96
N ARG B 298 -32.30 11.35 26.34
CA ARG B 298 -32.94 12.44 25.66
C ARG B 298 -33.25 13.54 26.60
N GLU B 299 -33.71 13.22 27.82
CA GLU B 299 -34.01 14.26 28.82
C GLU B 299 -32.79 15.07 29.26
N VAL B 300 -31.67 14.42 28.99
CA VAL B 300 -30.36 14.85 29.53
C VAL B 300 -29.52 15.46 28.44
N ALA B 301 -29.81 15.09 27.20
CA ALA B 301 -29.17 15.65 25.99
C ALA B 301 -29.75 17.11 25.78
N ARG B 302 -30.35 17.63 26.81
CA ARG B 302 -30.70 19.01 26.98
C ARG B 302 -29.41 19.92 27.01
N LEU B 303 -28.34 19.55 27.71
CA LEU B 303 -27.04 20.25 27.73
C LEU B 303 -26.73 21.77 27.48
N ALA B 304 -25.46 22.08 26.94
CA ALA B 304 -24.92 23.34 26.74
C ALA B 304 -25.39 24.20 25.56
N GLU B 305 -25.94 25.40 25.86
CA GLU B 305 -25.81 26.53 24.89
C GLU B 305 -24.44 26.92 24.35
N PRO B 306 -23.42 27.11 25.12
CA PRO B 306 -22.15 27.43 24.56
C PRO B 306 -21.55 26.51 23.52
N ALA B 307 -20.62 26.96 22.72
CA ALA B 307 -19.98 26.23 21.69
C ALA B 307 -18.67 27.02 21.58
N GLY B 308 -17.57 26.36 21.29
CA GLY B 308 -17.44 24.90 21.05
C GLY B 308 -16.04 24.77 20.98
N PRO B 309 -15.54 23.75 20.33
CA PRO B 309 -14.08 23.49 20.40
C PRO B 309 -13.14 24.63 20.00
N TRP B 310 -13.70 25.34 19.02
CA TRP B 310 -13.41 26.68 18.50
C TRP B 310 -12.83 27.57 19.52
N ALA B 311 -13.25 27.49 20.78
CA ALA B 311 -12.87 28.39 21.85
C ALA B 311 -11.43 28.28 22.29
N ASP B 312 -10.73 27.18 21.91
CA ASP B 312 -9.37 26.94 22.24
C ASP B 312 -8.47 27.27 21.15
N ILE B 313 -9.05 27.60 20.03
CA ILE B 313 -8.32 27.97 18.85
C ILE B 313 -7.64 29.33 19.07
N MET B 314 -6.31 29.40 18.95
CA MET B 314 -5.59 30.65 19.07
C MET B 314 -4.31 30.41 18.27
N GLN B 315 -3.83 31.38 17.33
CA GLN B 315 -2.66 31.12 16.51
C GLN B 315 -1.34 31.03 17.28
N GLY B 316 -0.59 29.94 17.11
CA GLY B 316 0.77 29.77 17.63
C GLY B 316 1.77 30.40 16.66
N PRO B 317 3.04 30.56 16.98
CA PRO B 317 4.00 31.04 15.96
C PRO B 317 4.37 29.75 15.31
N SER B 318 3.86 28.59 15.74
CA SER B 318 4.03 27.27 15.18
C SER B 318 3.36 27.13 13.79
N GLU B 319 2.25 27.89 13.62
CA GLU B 319 1.44 27.89 12.47
C GLU B 319 1.29 29.24 11.87
N SER B 320 0.99 29.19 10.54
CA SER B 320 0.83 30.38 9.71
C SER B 320 -0.64 30.91 9.93
N PHE B 321 -0.80 32.16 9.45
CA PHE B 321 -2.03 32.89 9.44
C PHE B 321 -3.00 32.08 8.58
N VAL B 322 -2.51 31.59 7.45
CA VAL B 322 -3.31 30.65 6.63
C VAL B 322 -3.70 29.29 7.30
N ASP B 323 -2.82 28.65 8.03
CA ASP B 323 -3.04 27.43 8.76
C ASP B 323 -4.09 27.65 9.84
N PHE B 324 -3.98 28.72 10.57
CA PHE B 324 -4.94 29.28 11.46
C PHE B 324 -6.31 29.59 10.73
N ALA B 325 -6.25 30.28 9.61
CA ALA B 325 -7.40 30.56 8.80
C ALA B 325 -8.05 29.28 8.28
N ASN B 326 -7.41 28.27 7.74
CA ASN B 326 -8.00 26.98 7.39
C ASN B 326 -8.52 26.24 8.68
N ARG B 327 -7.71 26.23 9.75
CA ARG B 327 -8.24 25.65 10.98
C ARG B 327 -9.51 26.36 11.49
N LEU B 328 -9.62 27.67 11.41
CA LEU B 328 -10.74 28.47 11.86
C LEU B 328 -11.83 28.16 10.86
N ILE B 329 -11.54 28.03 9.52
CA ILE B 329 -12.54 27.57 8.56
C ILE B 329 -13.05 26.19 8.98
N LYS B 330 -12.25 25.20 9.45
CA LYS B 330 -12.84 23.97 10.07
C LYS B 330 -13.79 24.28 11.19
N ALA B 331 -13.48 25.18 12.13
CA ALA B 331 -14.33 25.62 13.27
C ALA B 331 -15.66 26.24 12.81
N VAL B 332 -15.60 26.97 11.67
CA VAL B 332 -16.68 27.59 10.99
C VAL B 332 -17.59 26.59 10.32
N GLU B 333 -16.93 25.58 9.68
CA GLU B 333 -17.57 24.45 9.04
C GLU B 333 -18.31 23.68 10.07
N GLY B 334 -17.74 23.60 11.27
CA GLY B 334 -18.41 23.04 12.45
C GLY B 334 -19.29 23.97 13.16
N SER B 335 -19.44 25.20 12.74
CA SER B 335 -20.44 26.18 13.28
C SER B 335 -21.57 26.31 12.37
N ASP B 336 -22.56 25.50 12.53
CA ASP B 336 -23.75 25.32 11.80
C ASP B 336 -24.83 26.35 12.05
N LEU B 337 -24.84 27.05 13.20
CA LEU B 337 -25.75 28.16 13.45
C LEU B 337 -25.70 29.21 12.35
N PRO B 338 -26.73 30.03 12.06
CA PRO B 338 -26.74 31.02 10.96
C PRO B 338 -25.42 31.56 10.41
N PRO B 339 -25.14 31.50 9.09
CA PRO B 339 -24.01 32.02 8.28
C PRO B 339 -23.72 33.44 8.52
N SER B 340 -24.80 34.18 8.67
CA SER B 340 -24.93 35.60 9.03
C SER B 340 -24.27 35.92 10.41
N ALA B 341 -24.03 34.87 11.27
CA ALA B 341 -23.38 35.07 12.48
C ALA B 341 -21.93 34.60 12.43
N ARG B 342 -21.65 33.86 11.40
CA ARG B 342 -20.41 33.23 11.27
C ARG B 342 -19.35 34.20 10.95
N ALA B 343 -19.54 34.98 9.93
CA ALA B 343 -18.52 35.98 9.60
C ALA B 343 -18.17 36.90 10.79
N PRO B 344 -19.07 37.52 11.62
CA PRO B 344 -18.69 38.36 12.80
C PRO B 344 -17.85 37.57 13.75
N VAL B 345 -18.21 36.35 14.03
CA VAL B 345 -17.48 35.48 14.90
C VAL B 345 -16.07 35.18 14.31
N ILE B 346 -16.07 34.96 12.99
CA ILE B 346 -14.86 34.64 12.36
C ILE B 346 -13.84 35.76 12.55
N ILE B 347 -14.30 36.91 12.21
CA ILE B 347 -13.51 38.12 12.25
C ILE B 347 -13.11 38.44 13.65
N ASP B 348 -13.93 38.30 14.64
CA ASP B 348 -13.57 38.31 16.01
C ASP B 348 -12.55 37.31 16.39
N CYS B 349 -12.64 36.05 16.00
CA CYS B 349 -11.62 35.06 16.29
C CYS B 349 -10.32 35.50 15.64
N PHE B 350 -10.28 36.10 14.44
CA PHE B 350 -9.12 36.82 13.95
C PHE B 350 -8.67 37.90 14.88
N ARG B 351 -9.55 38.84 15.32
CA ARG B 351 -9.21 40.03 16.10
C ARG B 351 -8.59 39.69 17.40
N GLN B 352 -8.98 38.53 18.01
CA GLN B 352 -8.56 38.35 19.39
C GLN B 352 -7.66 37.13 19.45
N LYS B 353 -7.73 36.21 18.41
CA LYS B 353 -7.04 34.89 18.54
C LYS B 353 -6.09 34.66 17.47
N SER B 354 -5.91 35.64 16.56
CA SER B 354 -4.77 35.60 15.63
C SER B 354 -3.50 35.95 16.34
N GLN B 355 -2.29 35.74 15.79
CA GLN B 355 -1.15 36.24 16.56
C GLN B 355 -1.17 37.79 16.82
N PRO B 356 -0.69 38.29 17.99
CA PRO B 356 -0.78 39.67 18.42
C PRO B 356 -0.41 40.75 17.47
N ASP B 357 0.64 40.54 16.72
CA ASP B 357 1.10 41.49 15.77
C ASP B 357 0.11 41.55 14.57
N ILE B 358 -0.48 40.41 14.29
CA ILE B 358 -1.53 40.22 13.29
C ILE B 358 -2.77 40.88 13.87
N GLN B 359 -3.03 40.82 15.15
CA GLN B 359 -4.14 41.57 15.71
C GLN B 359 -4.00 43.07 15.45
N GLN B 360 -2.74 43.50 15.55
CA GLN B 360 -2.37 44.86 15.44
C GLN B 360 -2.56 45.23 13.97
N LEU B 361 -2.21 44.30 13.08
CA LEU B 361 -2.51 44.42 11.70
C LEU B 361 -3.91 44.61 11.36
N ILE B 362 -4.85 43.83 11.93
CA ILE B 362 -6.28 43.90 11.82
C ILE B 362 -6.80 45.25 12.34
N ARG B 363 -6.16 45.84 13.36
CA ARG B 363 -6.52 47.15 13.81
C ARG B 363 -6.28 48.27 12.75
N THR B 364 -5.32 48.00 11.87
CA THR B 364 -4.93 48.94 10.81
C THR B 364 -5.82 48.68 9.67
N ALA B 365 -6.53 47.55 9.65
CA ALA B 365 -7.40 47.24 8.56
C ALA B 365 -8.68 48.06 8.62
N PRO B 366 -9.26 48.46 7.48
CA PRO B 366 -10.44 49.37 7.53
C PRO B 366 -11.69 48.59 7.73
N SER B 367 -12.75 49.12 8.33
CA SER B 367 -14.00 48.41 8.50
C SER B 367 -14.70 48.13 7.21
N THR B 368 -14.22 48.69 6.11
CA THR B 368 -14.57 48.48 4.75
C THR B 368 -14.35 47.03 4.34
N LEU B 369 -13.23 46.42 4.80
CA LEU B 369 -13.10 44.97 4.61
C LEU B 369 -14.16 44.32 5.48
N THR B 370 -15.01 43.47 4.86
CA THR B 370 -16.25 43.01 5.59
C THR B 370 -16.41 41.51 5.61
N THR B 371 -15.42 40.78 5.01
CA THR B 371 -15.42 39.35 5.02
C THR B 371 -14.10 38.99 5.46
N PRO B 372 -13.89 37.79 6.00
CA PRO B 372 -12.59 37.19 6.16
C PRO B 372 -11.80 37.14 4.84
N GLY B 373 -12.43 36.83 3.76
CA GLY B 373 -11.72 36.83 2.48
C GLY B 373 -11.04 38.15 2.11
N GLU B 374 -11.80 39.23 2.23
CA GLU B 374 -11.32 40.57 2.04
C GLU B 374 -10.16 40.90 2.96
N ILE B 375 -10.29 40.45 4.28
CA ILE B 375 -9.23 40.60 5.24
C ILE B 375 -8.03 39.74 4.89
N ILE B 376 -8.26 38.47 4.49
CA ILE B 376 -7.21 37.47 4.13
C ILE B 376 -6.35 38.04 2.99
N LYS B 377 -7.04 38.58 1.99
CA LYS B 377 -6.45 39.31 0.87
C LYS B 377 -5.63 40.50 1.43
N TYR B 378 -6.07 41.33 2.33
CA TYR B 378 -5.26 42.41 2.91
C TYR B 378 -3.97 41.81 3.45
N VAL B 379 -3.99 40.67 4.12
CA VAL B 379 -2.78 40.07 4.71
C VAL B 379 -1.81 39.64 3.67
N LEU B 380 -2.38 38.98 2.66
CA LEU B 380 -1.77 38.39 1.52
C LEU B 380 -1.07 39.53 0.77
N ASP B 381 -1.64 40.73 0.82
CA ASP B 381 -1.11 41.93 0.22
C ASP B 381 0.32 42.33 0.79
N ARG B 382 0.71 41.87 1.96
CA ARG B 382 1.67 42.49 2.82
C ARG B 382 2.93 41.62 2.93
N GLN B 383 2.90 40.38 2.48
CA GLN B 383 4.05 39.57 2.38
C GLN B 383 4.04 38.76 1.11
N ALA C 129 -23.70 -31.16 25.92
CA ALA C 129 -24.10 -30.08 25.06
C ALA C 129 -22.97 -28.99 24.94
N GLY C 130 -23.14 -27.75 25.48
CA GLY C 130 -22.23 -26.70 25.17
C GLY C 130 -22.09 -26.25 23.77
N GLN C 131 -20.99 -25.63 23.32
CA GLN C 131 -19.87 -25.26 24.20
C GLN C 131 -19.64 -23.82 24.20
N ALA C 132 -19.99 -23.07 23.11
CA ALA C 132 -19.82 -21.68 23.10
C ALA C 132 -20.63 -20.78 22.13
N PRO C 133 -21.87 -20.85 22.02
CA PRO C 133 -22.55 -20.09 20.96
C PRO C 133 -22.46 -18.62 21.17
N GLY C 134 -22.45 -17.68 20.17
CA GLY C 134 -22.54 -17.95 18.71
C GLY C 134 -21.35 -18.62 18.13
N PRO C 135 -20.09 -18.28 18.22
CA PRO C 135 -19.56 -17.08 18.81
C PRO C 135 -20.08 -15.84 18.11
N ALA C 136 -20.16 -14.61 18.72
CA ALA C 136 -19.71 -14.24 20.05
C ALA C 136 -20.54 -13.08 20.49
N LEU C 137 -20.30 -12.61 21.72
CA LEU C 137 -21.03 -11.47 22.37
C LEU C 137 -20.44 -10.10 21.92
N THR C 138 -20.28 -9.16 22.85
CA THR C 138 -20.52 -7.85 22.43
C THR C 138 -19.61 -7.26 21.40
N ASP C 139 -18.27 -7.41 21.35
CA ASP C 139 -17.20 -7.10 22.26
C ASP C 139 -17.36 -5.99 23.36
N TRP C 140 -16.85 -6.27 24.56
CA TRP C 140 -16.25 -5.18 25.30
C TRP C 140 -14.90 -5.65 25.76
N ALA C 141 -13.86 -5.34 25.02
CA ALA C 141 -12.53 -5.39 25.53
C ALA C 141 -11.66 -4.92 24.43
N ARG C 142 -11.74 -5.55 23.23
CA ARG C 142 -10.95 -5.17 22.10
C ARG C 142 -11.24 -3.74 21.75
N VAL C 143 -12.59 -3.39 21.73
CA VAL C 143 -13.12 -2.09 21.54
C VAL C 143 -12.55 -1.17 22.54
N ARG C 144 -12.59 -1.55 23.82
CA ARG C 144 -12.02 -0.82 24.96
C ARG C 144 -10.57 -0.43 24.67
N GLU C 145 -9.74 -1.39 24.50
CA GLU C 145 -8.36 -1.33 24.07
C GLU C 145 -8.09 -0.44 22.88
N GLU C 146 -8.87 -0.54 21.84
CA GLU C 146 -8.91 0.39 20.70
C GLU C 146 -9.14 1.82 21.17
N LEU C 147 -10.35 2.11 21.64
CA LEU C 147 -10.60 3.47 22.22
C LEU C 147 -9.53 4.05 23.02
N ALA C 148 -8.87 3.22 23.91
CA ALA C 148 -7.77 3.71 24.68
C ALA C 148 -6.58 4.09 23.86
N SER C 149 -6.10 3.13 23.09
CA SER C 149 -5.00 3.30 22.18
C SER C 149 -5.38 4.14 20.94
N THR C 150 -6.42 5.00 21.01
CA THR C 150 -6.87 5.84 19.89
C THR C 150 -7.17 7.18 20.44
N GLY C 151 -7.83 7.24 21.60
CA GLY C 151 -7.94 8.47 22.37
C GLY C 151 -7.38 8.13 23.79
N PRO C 152 -6.05 8.37 24.00
CA PRO C 152 -5.44 8.15 25.27
C PRO C 152 -5.77 9.06 26.43
N PRO C 153 -5.92 10.36 26.38
CA PRO C 153 -6.18 11.10 27.58
C PRO C 153 -7.69 11.18 27.81
N VAL C 154 -8.48 11.03 26.74
CA VAL C 154 -9.88 10.83 26.69
C VAL C 154 -10.16 9.44 26.72
N VAL C 155 -9.59 8.85 27.83
CA VAL C 155 -9.74 7.51 28.44
C VAL C 155 -11.00 6.68 28.21
N ALA C 156 -10.86 5.31 27.95
CA ALA C 156 -12.02 4.48 27.69
C ALA C 156 -12.61 4.05 29.01
N MET C 157 -14.03 4.17 29.12
CA MET C 157 -14.78 3.78 30.38
C MET C 157 -15.74 2.55 30.27
N PRO C 158 -15.69 1.46 29.38
CA PRO C 158 -16.64 0.39 29.51
C PRO C 158 -16.16 -0.64 30.47
N VAL C 159 -16.99 -1.40 31.11
CA VAL C 159 -16.56 -2.46 31.96
C VAL C 159 -16.26 -3.59 31.10
N VAL C 160 -15.27 -4.38 31.47
CA VAL C 160 -14.76 -5.45 30.65
C VAL C 160 -14.58 -6.63 31.58
N ILE C 161 -14.81 -7.84 31.08
CA ILE C 161 -14.95 -9.02 31.94
C ILE C 161 -14.22 -10.18 31.31
N LYS C 162 -14.62 -10.82 30.19
CA LYS C 162 -14.03 -12.06 29.64
C LYS C 162 -13.75 -13.15 30.59
N THR C 163 -14.75 -13.76 31.22
CA THR C 163 -14.85 -15.24 31.36
C THR C 163 -14.91 -15.94 29.98
N GLU C 164 -13.93 -16.79 29.72
CA GLU C 164 -14.03 -18.11 30.25
C GLU C 164 -12.70 -18.91 30.28
N GLY C 165 -11.55 -18.57 29.61
CA GLY C 165 -11.38 -18.71 28.16
C GLY C 165 -10.47 -19.86 28.01
N PRO C 166 -9.24 -19.76 27.85
CA PRO C 166 -8.27 -20.72 28.25
C PRO C 166 -8.31 -20.96 29.75
N ALA C 167 -7.66 -21.98 30.29
CA ALA C 167 -7.57 -22.16 31.73
C ALA C 167 -6.77 -21.03 32.39
N TRP C 168 -5.94 -20.29 31.60
CA TRP C 168 -4.84 -19.47 32.00
C TRP C 168 -4.35 -18.98 30.67
N THR C 169 -3.93 -17.70 30.58
CA THR C 169 -3.81 -16.97 29.31
C THR C 169 -2.39 -17.06 28.81
N PRO C 170 -2.07 -17.46 27.58
CA PRO C 170 -0.64 -17.54 27.20
C PRO C 170 -0.26 -16.38 26.30
N LEU C 171 -0.28 -15.11 26.86
CA LEU C 171 0.20 -13.90 26.27
C LEU C 171 -0.09 -13.41 24.86
N GLU C 172 0.09 -12.13 24.58
CA GLU C 172 -0.07 -11.55 23.28
C GLU C 172 1.08 -10.57 22.99
N PRO C 173 1.85 -10.89 22.00
CA PRO C 173 3.15 -10.17 21.72
C PRO C 173 2.96 -8.75 21.38
N LYS C 174 2.02 -8.32 20.52
CA LYS C 174 1.87 -6.89 20.22
C LYS C 174 1.62 -6.03 21.47
N LEU C 175 0.75 -6.55 22.25
CA LEU C 175 0.38 -5.94 23.44
C LEU C 175 1.51 -5.87 24.48
N ILE C 176 2.44 -6.82 24.45
CA ILE C 176 3.62 -6.77 25.29
C ILE C 176 4.58 -5.76 24.77
N THR C 177 4.71 -5.64 23.47
CA THR C 177 5.62 -4.66 22.85
C THR C 177 5.14 -3.25 23.20
N ARG C 178 3.89 -2.92 22.99
CA ARG C 178 3.40 -1.59 23.27
C ARG C 178 3.52 -1.18 24.72
N LEU C 179 3.41 -2.17 25.68
CA LEU C 179 3.77 -1.98 27.08
C LEU C 179 5.19 -1.81 27.27
N ALA C 180 6.01 -2.47 26.47
CA ALA C 180 7.43 -2.31 26.52
C ALA C 180 7.82 -0.92 26.15
N ASP C 181 7.29 -0.38 25.03
CA ASP C 181 7.47 0.98 24.63
C ASP C 181 7.09 1.95 25.75
N THR C 182 5.93 1.83 26.39
CA THR C 182 5.55 2.65 27.60
C THR C 182 6.59 2.42 28.67
N VAL C 183 7.02 1.24 28.96
CA VAL C 183 8.02 0.88 30.01
C VAL C 183 9.36 1.55 29.64
N ARG C 184 9.77 1.66 28.37
CA ARG C 184 10.91 2.35 27.95
C ARG C 184 10.72 3.80 28.26
N THR C 185 9.89 4.47 27.53
CA THR C 185 9.60 5.87 27.68
C THR C 185 9.29 6.29 29.13
N LYS C 186 8.06 6.21 29.60
CA LYS C 186 7.64 6.64 30.89
C LYS C 186 8.13 5.70 31.94
N GLY C 187 7.97 4.32 31.71
CA GLY C 187 7.58 3.37 32.77
C GLY C 187 6.65 3.91 33.88
N LEU C 188 7.04 3.78 35.14
CA LEU C 188 5.99 3.41 36.14
C LEU C 188 5.68 4.69 36.89
N ARG C 189 6.29 5.75 36.39
CA ARG C 189 5.85 7.12 36.32
C ARG C 189 4.55 7.46 35.70
N SER C 190 4.17 6.70 34.69
CA SER C 190 2.79 6.59 34.30
C SER C 190 2.17 5.34 35.02
N PRO C 191 1.26 5.49 35.99
CA PRO C 191 -0.04 4.73 35.98
C PRO C 191 -0.81 4.64 34.64
N ILE C 192 -0.09 4.41 33.50
CA ILE C 192 -0.60 3.77 32.34
C ILE C 192 0.10 2.50 32.12
N THR C 193 1.43 2.55 32.37
CA THR C 193 2.23 1.31 32.32
C THR C 193 1.71 0.25 33.29
N MET C 194 1.48 0.61 34.57
CA MET C 194 0.71 -0.19 35.46
C MET C 194 -0.60 -0.59 35.06
N ALA C 195 -1.42 0.30 34.47
CA ALA C 195 -2.75 -0.01 34.01
C ALA C 195 -2.73 -1.15 33.02
N GLU C 196 -1.85 -1.00 31.99
CA GLU C 196 -1.64 -1.95 30.96
C GLU C 196 -1.07 -3.19 31.51
N VAL C 197 -0.29 -3.09 32.62
CA VAL C 197 0.28 -4.32 33.18
C VAL C 197 -0.78 -5.10 33.94
N GLU C 198 -1.60 -4.43 34.87
CA GLU C 198 -2.79 -4.81 35.57
C GLU C 198 -3.74 -5.56 34.65
N ALA C 199 -4.15 -4.98 33.49
CA ALA C 199 -5.01 -5.57 32.45
C ALA C 199 -4.36 -6.87 31.94
N LEU C 200 -3.08 -6.82 31.66
CA LEU C 200 -2.42 -7.97 31.18
C LEU C 200 -2.26 -9.06 32.26
N MET C 201 -2.39 -8.81 33.59
CA MET C 201 -2.21 -9.73 34.69
C MET C 201 -3.57 -9.84 35.43
N SER C 202 -4.67 -9.91 34.59
CA SER C 202 -6.01 -9.86 35.05
C SER C 202 -6.67 -11.21 34.79
N SER C 203 -5.86 -12.28 34.66
CA SER C 203 -6.27 -13.60 34.24
C SER C 203 -5.05 -14.40 34.81
N PRO C 204 -5.11 -15.71 34.93
CA PRO C 204 -4.11 -16.55 35.43
C PRO C 204 -3.08 -16.83 34.32
N LEU C 205 -1.82 -16.79 34.65
CA LEU C 205 -0.65 -17.02 33.79
C LEU C 205 0.37 -17.84 34.52
N LEU C 206 1.30 -18.54 33.82
CA LEU C 206 2.43 -19.30 34.34
C LEU C 206 3.54 -18.59 35.08
N PRO C 207 4.16 -19.20 36.14
CA PRO C 207 5.34 -18.70 36.72
C PRO C 207 6.47 -18.38 35.77
N HIS C 208 6.68 -19.23 34.77
CA HIS C 208 7.59 -18.95 33.75
C HIS C 208 7.25 -17.69 32.99
N ASP C 209 5.95 -17.38 32.64
CA ASP C 209 5.53 -16.17 31.96
C ASP C 209 5.73 -15.00 32.80
N VAL C 210 5.32 -15.13 34.09
CA VAL C 210 5.51 -14.07 35.07
C VAL C 210 6.89 -13.71 35.22
N THR C 211 7.80 -14.64 35.51
CA THR C 211 9.22 -14.54 35.52
C THR C 211 9.73 -13.88 34.33
N ASN C 212 9.33 -14.32 33.14
CA ASN C 212 9.79 -13.73 31.86
C ASN C 212 9.39 -12.30 31.68
N LEU C 213 8.08 -11.96 32.00
CA LEU C 213 7.59 -10.58 32.01
C LEU C 213 8.38 -9.75 32.91
N MET C 214 8.59 -10.15 34.20
CA MET C 214 9.35 -9.38 35.14
C MET C 214 10.81 -9.19 34.86
N ARG C 215 11.56 -10.26 34.50
CA ARG C 215 12.90 -10.07 34.11
C ARG C 215 13.11 -9.12 32.91
N VAL C 216 12.16 -9.06 32.00
CA VAL C 216 12.22 -8.20 30.83
C VAL C 216 11.79 -6.84 31.20
N ILE C 217 10.70 -6.58 31.95
CA ILE C 217 10.43 -5.19 32.15
C ILE C 217 11.25 -4.61 33.20
N LEU C 218 11.47 -5.30 34.36
CA LEU C 218 12.26 -4.72 35.40
C LEU C 218 13.68 -4.65 35.06
N GLY C 219 14.22 -5.66 34.29
CA GLY C 219 15.62 -5.68 34.05
C GLY C 219 16.32 -6.01 35.36
N PRO C 220 17.56 -6.39 35.35
CA PRO C 220 18.32 -6.99 36.45
C PRO C 220 18.17 -6.36 37.82
N ALA C 221 18.47 -5.05 38.01
CA ALA C 221 18.38 -4.46 39.37
C ALA C 221 16.98 -4.52 39.95
N PRO C 222 15.94 -3.88 39.34
CA PRO C 222 14.59 -3.92 39.90
C PRO C 222 14.08 -5.33 39.85
N TYR C 223 14.35 -6.23 38.90
CA TYR C 223 13.96 -7.63 38.94
C TYR C 223 14.35 -8.35 40.18
N ALA C 224 15.54 -8.18 40.68
CA ALA C 224 16.06 -8.83 41.86
C ALA C 224 15.28 -8.48 43.04
N LEU C 225 15.08 -7.18 43.16
CA LEU C 225 14.18 -6.63 44.12
C LEU C 225 12.81 -7.18 44.10
N TRP C 226 12.13 -7.14 42.91
CA TRP C 226 10.93 -7.90 42.81
C TRP C 226 11.01 -9.39 43.16
N MET C 227 11.99 -10.21 42.70
CA MET C 227 12.10 -11.59 43.20
C MET C 227 11.96 -11.71 44.65
N ASP C 228 12.71 -10.84 45.32
CA ASP C 228 12.66 -10.76 46.75
C ASP C 228 11.27 -10.47 47.27
N ALA C 229 10.69 -9.40 46.78
CA ALA C 229 9.32 -8.96 47.14
C ALA C 229 8.25 -10.05 46.90
N TRP C 230 8.42 -10.72 45.70
CA TRP C 230 7.59 -11.83 45.28
C TRP C 230 7.68 -13.01 46.22
N GLY C 231 8.88 -13.27 46.75
CA GLY C 231 9.26 -14.33 47.65
C GLY C 231 8.53 -14.10 48.94
N VAL C 232 8.47 -12.85 49.38
CA VAL C 232 7.68 -12.44 50.53
C VAL C 232 6.26 -12.86 50.28
N GLN C 233 5.69 -12.50 49.10
CA GLN C 233 4.38 -12.86 48.68
C GLN C 233 4.17 -14.36 48.69
N LEU C 234 5.16 -15.15 48.22
CA LEU C 234 5.04 -16.58 48.24
C LEU C 234 4.97 -17.07 49.72
N GLN C 235 5.68 -16.43 50.63
CA GLN C 235 5.68 -16.73 52.09
C GLN C 235 4.28 -16.54 52.63
N THR C 236 3.58 -15.47 52.18
CA THR C 236 2.27 -15.18 52.67
C THR C 236 1.23 -16.13 52.25
N VAL C 237 1.52 -16.95 51.23
CA VAL C 237 0.62 -17.98 50.79
C VAL C 237 0.82 -19.14 51.73
N ILE C 238 2.06 -19.49 52.25
CA ILE C 238 2.32 -20.58 53.19
C ILE C 238 1.69 -20.28 54.61
N ALA C 239 1.30 -19.06 54.83
CA ALA C 239 0.50 -18.74 55.98
C ALA C 239 -0.99 -19.11 55.76
N ALA C 240 -1.58 -18.54 54.72
CA ALA C 240 -2.94 -18.71 54.22
C ALA C 240 -3.21 -20.20 53.88
N ALA C 241 -2.10 -20.93 53.62
CA ALA C 241 -1.97 -22.31 53.44
C ALA C 241 -1.98 -23.07 54.67
N THR C 242 -1.36 -22.51 55.67
CA THR C 242 -1.32 -23.16 56.96
C THR C 242 -2.65 -23.02 57.66
N ARG C 243 -3.13 -21.78 57.74
CA ARG C 243 -4.47 -21.45 58.21
C ARG C 243 -5.64 -22.25 57.59
N ASP C 244 -5.59 -22.43 56.26
CA ASP C 244 -6.64 -23.22 55.50
C ASP C 244 -5.82 -24.11 54.59
N PRO C 245 -5.68 -25.37 54.96
CA PRO C 245 -5.11 -26.39 54.04
C PRO C 245 -5.90 -26.78 52.89
N ARG C 246 -7.19 -26.34 52.71
CA ARG C 246 -8.04 -26.76 51.60
C ARG C 246 -8.68 -25.59 50.87
N HIS C 247 -8.12 -24.39 51.01
CA HIS C 247 -8.42 -23.15 50.22
C HIS C 247 -8.21 -23.33 48.72
N PRO C 248 -8.90 -22.62 47.87
CA PRO C 248 -9.04 -22.70 46.39
C PRO C 248 -7.87 -23.44 45.67
N ALA C 249 -6.61 -22.96 45.78
CA ALA C 249 -5.35 -23.57 45.16
C ALA C 249 -5.19 -24.97 45.67
N ASN C 250 -5.31 -25.22 47.01
CA ASN C 250 -5.22 -26.56 47.57
C ASN C 250 -6.19 -27.62 47.02
N GLY C 251 -5.97 -28.86 47.45
CA GLY C 251 -6.88 -29.97 47.14
C GLY C 251 -6.92 -30.73 48.41
N GLN C 252 -7.75 -31.80 48.42
CA GLN C 252 -7.95 -32.68 49.60
C GLN C 252 -6.67 -32.94 50.52
N GLY C 253 -5.81 -33.89 50.15
CA GLY C 253 -4.66 -34.23 50.90
C GLY C 253 -3.52 -33.36 50.68
N ARG C 254 -2.36 -33.79 51.20
CA ARG C 254 -1.17 -32.95 51.19
C ARG C 254 -0.62 -32.80 49.86
N GLY C 255 -0.67 -33.82 48.95
CA GLY C 255 -0.06 -33.68 47.69
C GLY C 255 -0.91 -32.87 46.75
N GLU C 256 -2.22 -32.67 47.10
CA GLU C 256 -3.07 -31.84 46.33
C GLU C 256 -2.95 -30.41 46.84
N ARG C 257 -2.20 -30.23 47.98
CA ARG C 257 -1.84 -28.90 48.42
C ARG C 257 -0.76 -28.33 47.52
N THR C 258 -0.71 -27.01 47.56
CA THR C 258 0.28 -26.30 46.78
C THR C 258 1.58 -26.07 47.48
N ASN C 259 2.44 -27.09 47.55
CA ASN C 259 3.70 -26.96 48.17
C ASN C 259 4.64 -25.82 47.60
N LEU C 260 5.60 -25.39 48.43
CA LEU C 260 6.61 -24.37 48.16
C LEU C 260 7.23 -24.64 46.82
N ASN C 261 7.71 -25.82 46.55
CA ASN C 261 8.29 -26.18 45.28
C ASN C 261 7.31 -26.00 44.13
N ARG C 262 6.03 -26.32 44.36
CA ARG C 262 5.04 -25.95 43.34
C ARG C 262 5.03 -24.47 43.15
N LEU C 263 4.84 -23.67 44.28
CA LEU C 263 4.85 -22.21 44.27
C LEU C 263 6.08 -21.59 43.61
N LYS C 264 7.26 -22.33 43.69
CA LYS C 264 8.47 -21.88 43.10
C LYS C 264 8.64 -22.47 41.71
N GLY C 265 7.76 -23.39 41.26
CA GLY C 265 7.85 -24.06 40.00
C GLY C 265 9.00 -24.99 39.99
N LEU C 266 9.46 -25.41 41.13
CA LEU C 266 10.54 -26.27 41.46
C LEU C 266 10.08 -27.64 42.00
N ALA C 267 8.80 -27.89 41.93
CA ALA C 267 8.19 -29.17 42.17
C ALA C 267 8.40 -30.02 41.02
N ASP C 268 8.71 -31.32 41.27
CA ASP C 268 8.95 -32.32 40.24
C ASP C 268 8.06 -32.20 39.01
N GLY C 269 8.65 -31.91 37.87
CA GLY C 269 8.04 -31.75 36.56
C GLY C 269 7.83 -30.32 36.14
N MET C 270 7.70 -29.42 37.07
CA MET C 270 7.63 -27.99 36.78
C MET C 270 8.97 -27.33 36.46
N VAL C 271 9.95 -27.97 37.08
CA VAL C 271 11.35 -27.67 37.16
C VAL C 271 12.06 -27.43 35.85
N GLY C 272 12.23 -26.13 35.49
CA GLY C 272 12.77 -25.76 34.21
C GLY C 272 11.92 -26.18 33.01
N ASN C 273 10.58 -26.37 33.25
CA ASN C 273 9.72 -27.01 32.36
C ASN C 273 8.39 -26.27 32.31
N PRO C 274 8.16 -25.18 31.63
CA PRO C 274 6.89 -24.50 31.61
C PRO C 274 5.68 -25.35 31.14
N GLN C 275 5.81 -26.33 30.32
CA GLN C 275 4.81 -27.30 29.88
C GLN C 275 4.39 -28.11 31.10
N GLY C 276 5.46 -28.40 31.88
CA GLY C 276 5.32 -29.19 33.17
C GLY C 276 4.51 -28.41 34.17
N GLN C 277 4.78 -27.11 34.23
CA GLN C 277 4.01 -26.18 35.05
C GLN C 277 2.56 -26.06 34.63
N ALA C 278 2.33 -25.94 33.26
CA ALA C 278 1.00 -26.01 32.62
C ALA C 278 0.35 -27.35 32.84
N ALA C 279 1.15 -28.45 33.02
CA ALA C 279 0.56 -29.74 33.20
C ALA C 279 0.24 -29.98 34.65
N LEU C 280 0.97 -29.28 35.52
CA LEU C 280 0.91 -29.48 36.98
C LEU C 280 0.08 -28.48 37.66
N LEU C 281 0.00 -27.14 37.33
CA LEU C 281 -0.78 -26.11 38.02
C LEU C 281 -2.21 -26.04 37.60
N ARG C 282 -3.08 -25.78 38.58
CA ARG C 282 -4.50 -25.47 38.44
C ARG C 282 -4.55 -23.96 38.33
N PRO C 283 -5.60 -23.43 37.81
CA PRO C 283 -5.95 -22.00 37.82
C PRO C 283 -5.97 -21.31 39.15
N GLY C 284 -6.59 -21.89 40.22
CA GLY C 284 -6.66 -21.30 41.56
C GLY C 284 -5.29 -20.90 42.09
N GLU C 285 -4.34 -21.76 41.75
CA GLU C 285 -2.90 -21.55 42.08
C GLU C 285 -2.23 -20.47 41.32
N LEU C 286 -2.46 -20.41 39.96
CA LEU C 286 -1.97 -19.34 39.12
C LEU C 286 -2.46 -17.95 39.48
N VAL C 287 -3.75 -17.88 39.88
CA VAL C 287 -4.28 -16.58 40.28
C VAL C 287 -3.64 -16.10 41.58
N ALA C 288 -3.45 -16.96 42.59
CA ALA C 288 -2.55 -16.60 43.77
C ALA C 288 -1.19 -16.21 43.28
N ILE C 289 -0.58 -17.05 42.48
CA ILE C 289 0.71 -16.64 41.82
C ILE C 289 0.71 -15.23 41.14
N THR C 290 -0.30 -15.02 40.27
CA THR C 290 -0.40 -13.72 39.55
C THR C 290 -0.60 -12.53 40.47
N ALA C 291 -1.44 -12.74 41.51
CA ALA C 291 -1.65 -11.64 42.43
C ALA C 291 -0.46 -11.26 43.12
N SER C 292 0.21 -12.29 43.68
CA SER C 292 1.43 -12.11 44.44
C SER C 292 2.48 -11.36 43.62
N ALA C 293 2.65 -11.77 42.37
CA ALA C 293 3.47 -11.15 41.45
C ALA C 293 3.17 -9.69 41.24
N LEU C 294 1.89 -9.40 40.95
CA LEU C 294 1.42 -8.04 40.74
C LEU C 294 1.59 -7.23 42.02
N GLN C 295 1.33 -7.83 43.14
CA GLN C 295 1.47 -7.17 44.45
C GLN C 295 2.90 -6.71 44.65
N ALA C 296 3.92 -7.57 44.73
CA ALA C 296 5.30 -7.23 44.79
C ALA C 296 5.73 -6.26 43.81
N PHE C 297 5.09 -6.22 42.59
CA PHE C 297 5.42 -5.15 41.63
C PHE C 297 4.93 -3.83 42.09
N ARG C 298 3.63 -3.68 42.62
CA ARG C 298 3.01 -2.41 42.96
C ARG C 298 3.97 -1.79 44.01
N GLU C 299 4.41 -2.58 44.94
CA GLU C 299 5.38 -2.36 45.96
C GLU C 299 6.74 -1.86 45.52
N VAL C 300 7.08 -2.15 44.29
CA VAL C 300 8.40 -1.95 43.72
C VAL C 300 8.41 -0.79 42.80
N ALA C 301 7.26 -0.54 42.19
CA ALA C 301 7.19 0.50 41.19
C ALA C 301 7.12 1.91 41.68
N ARG C 302 7.40 2.11 42.96
CA ARG C 302 7.52 3.40 43.64
C ARG C 302 8.70 4.27 43.26
N LEU C 303 9.85 3.65 43.07
CA LEU C 303 11.14 4.40 43.07
C LEU C 303 11.38 5.22 41.79
N ALA C 304 11.79 6.42 41.99
CA ALA C 304 12.10 7.52 41.04
C ALA C 304 11.08 8.65 41.10
N GLU C 305 11.40 9.69 41.85
CA GLU C 305 10.91 11.06 41.75
C GLU C 305 11.32 11.73 40.43
N PRO C 306 12.59 11.73 39.89
CA PRO C 306 12.98 12.43 38.72
C PRO C 306 12.18 12.35 37.41
N ALA C 307 12.07 13.44 36.63
CA ALA C 307 11.24 13.54 35.48
C ALA C 307 11.95 14.29 34.37
N GLY C 308 12.22 13.80 33.12
CA GLY C 308 11.86 12.44 32.63
C GLY C 308 12.86 12.06 31.60
N PRO C 309 12.62 11.52 30.39
CA PRO C 309 13.75 11.14 29.47
C PRO C 309 14.47 12.31 28.98
N TRP C 310 13.66 13.39 28.89
CA TRP C 310 13.95 14.79 28.62
C TRP C 310 15.32 15.33 29.00
N ALA C 311 15.90 14.76 30.13
CA ALA C 311 17.12 15.10 30.67
C ALA C 311 18.25 14.69 29.73
N ASP C 312 18.00 13.84 28.79
CA ASP C 312 18.96 13.42 27.80
C ASP C 312 18.73 14.09 26.44
N ILE C 313 17.70 14.95 26.21
CA ILE C 313 17.51 15.63 24.94
C ILE C 313 18.05 17.06 25.09
N MET C 314 18.94 17.36 24.12
CA MET C 314 19.58 18.66 23.97
C MET C 314 19.62 18.95 22.50
N GLN C 315 19.89 20.16 22.13
CA GLN C 315 20.05 20.52 20.73
C GLN C 315 21.41 20.19 20.25
N GLY C 316 21.44 19.75 19.02
CA GLY C 316 22.73 19.60 18.31
C GLY C 316 22.80 20.66 17.24
N PRO C 317 23.87 20.67 16.41
CA PRO C 317 23.85 21.55 15.15
C PRO C 317 23.35 20.77 14.03
N SER C 318 23.15 19.51 14.29
CA SER C 318 22.65 18.49 13.48
C SER C 318 21.14 18.76 13.08
N GLU C 319 20.36 19.53 13.89
CA GLU C 319 18.94 19.81 13.71
C GLU C 319 18.72 21.18 14.38
N SER C 320 17.67 21.93 13.91
CA SER C 320 17.55 23.32 14.32
C SER C 320 16.71 23.60 15.53
N PHE C 321 16.38 24.89 15.76
CA PHE C 321 15.55 25.41 16.84
C PHE C 321 14.17 24.73 16.69
N VAL C 322 13.60 24.71 15.44
CA VAL C 322 12.24 24.18 15.18
C VAL C 322 12.16 22.79 15.59
N ASP C 323 13.16 22.03 15.30
CA ASP C 323 13.29 20.63 15.73
C ASP C 323 13.51 20.48 17.22
N PHE C 324 14.27 21.31 17.89
CA PHE C 324 14.46 21.46 19.35
C PHE C 324 13.18 21.76 20.04
N ALA C 325 12.39 22.71 19.53
CA ALA C 325 11.02 23.09 19.95
C ALA C 325 10.21 21.85 19.82
N ASN C 326 10.22 21.06 18.73
CA ASN C 326 9.47 19.85 18.49
C ASN C 326 9.73 18.86 19.56
N ARG C 327 11.06 18.63 19.86
CA ARG C 327 11.47 17.80 20.96
C ARG C 327 10.94 18.37 22.23
N LEU C 328 10.92 19.68 22.40
CA LEU C 328 10.54 20.31 23.60
C LEU C 328 9.02 20.17 23.87
N ILE C 329 8.24 20.37 22.82
CA ILE C 329 6.79 20.14 22.80
C ILE C 329 6.44 18.69 23.14
N LYS C 330 7.24 17.76 22.62
CA LYS C 330 7.12 16.40 23.00
C LYS C 330 7.35 16.14 24.49
N ALA C 331 8.45 16.71 25.02
CA ALA C 331 8.74 16.62 26.47
C ALA C 331 7.61 17.24 27.30
N VAL C 332 7.04 18.33 26.83
CA VAL C 332 5.98 19.04 27.49
C VAL C 332 4.68 18.24 27.49
N GLU C 333 4.30 17.68 26.28
CA GLU C 333 3.19 16.82 26.15
C GLU C 333 3.40 15.56 27.03
N GLY C 334 4.68 15.09 27.21
CA GLY C 334 5.01 13.99 28.01
C GLY C 334 5.20 14.37 29.45
N SER C 335 5.01 15.70 29.82
CA SER C 335 5.15 16.03 31.21
C SER C 335 3.92 15.69 31.98
N ASP C 336 4.02 15.28 33.26
CA ASP C 336 2.83 15.06 34.03
C ASP C 336 2.63 16.23 34.99
N LEU C 337 3.65 17.07 34.92
CA LEU C 337 3.93 18.27 35.64
C LEU C 337 2.64 19.12 35.69
N PRO C 338 2.27 19.81 36.70
CA PRO C 338 1.22 20.73 36.59
C PRO C 338 1.47 21.75 35.56
N PRO C 339 0.51 22.22 34.84
CA PRO C 339 0.76 23.10 33.73
C PRO C 339 1.61 24.30 34.08
N SER C 340 1.47 24.83 35.24
CA SER C 340 2.18 25.90 35.85
C SER C 340 3.64 25.60 36.08
N ALA C 341 4.13 24.36 36.02
CA ALA C 341 5.57 24.24 36.26
C ALA C 341 6.24 24.07 34.82
N ARG C 342 5.47 23.85 33.76
CA ARG C 342 5.95 23.64 32.45
C ARG C 342 6.70 24.95 31.94
N ALA C 343 6.23 26.22 31.97
CA ALA C 343 6.95 27.37 31.51
C ALA C 343 8.30 27.51 32.24
N PRO C 344 8.49 27.39 33.59
CA PRO C 344 9.84 27.49 34.14
C PRO C 344 10.83 26.45 33.59
N VAL C 345 10.36 25.23 33.52
CA VAL C 345 11.13 24.18 32.99
C VAL C 345 11.49 24.35 31.58
N ILE C 346 10.53 24.79 30.72
CA ILE C 346 10.68 24.96 29.27
C ILE C 346 11.68 26.00 28.96
N ILE C 347 11.51 27.14 29.67
CA ILE C 347 12.44 28.26 29.51
C ILE C 347 13.83 27.88 29.92
N ASP C 348 13.94 27.14 31.07
CA ASP C 348 15.16 26.51 31.57
C ASP C 348 15.78 25.59 30.44
N CYS C 349 14.93 24.78 29.81
CA CYS C 349 15.38 23.95 28.72
C CYS C 349 15.91 24.71 27.55
N PHE C 350 15.23 25.81 27.17
CA PHE C 350 15.78 26.80 26.23
C PHE C 350 17.12 27.47 26.57
N ARG C 351 17.30 28.04 27.80
CA ARG C 351 18.49 28.76 28.30
C ARG C 351 19.68 27.85 28.39
N GLN C 352 19.37 26.53 28.71
CA GLN C 352 20.38 25.65 29.16
C GLN C 352 20.60 24.51 28.09
N LYS C 353 19.69 24.10 27.23
CA LYS C 353 19.91 22.91 26.48
C LYS C 353 19.87 23.18 24.97
N SER C 354 19.71 24.47 24.62
CA SER C 354 19.78 24.84 23.12
C SER C 354 21.23 25.03 22.66
N GLN C 355 21.47 25.30 21.36
CA GLN C 355 22.80 25.44 20.92
C GLN C 355 23.39 26.62 21.58
N PRO C 356 24.66 26.55 22.03
CA PRO C 356 25.25 27.55 22.91
C PRO C 356 25.21 28.93 22.42
N ASP C 357 25.48 29.10 21.16
CA ASP C 357 25.55 30.32 20.46
C ASP C 357 24.12 30.86 20.33
N ILE C 358 23.14 29.96 20.28
CA ILE C 358 21.81 30.29 20.47
C ILE C 358 21.37 30.64 21.88
N GLN C 359 21.92 29.95 22.91
CA GLN C 359 21.69 30.28 24.28
C GLN C 359 22.12 31.73 24.50
N GLN C 360 23.18 32.14 23.77
CA GLN C 360 23.76 33.44 23.81
C GLN C 360 22.89 34.45 23.13
N LEU C 361 22.27 34.05 21.96
CA LEU C 361 21.34 34.80 21.22
C LEU C 361 20.16 35.06 22.11
N ILE C 362 19.77 34.01 22.83
CA ILE C 362 18.70 33.99 23.84
C ILE C 362 18.97 34.91 25.05
N ARG C 363 20.23 35.10 25.50
CA ARG C 363 20.76 35.88 26.57
C ARG C 363 20.42 37.28 26.32
N THR C 364 20.21 37.71 25.03
CA THR C 364 19.82 39.06 24.64
C THR C 364 18.36 39.36 24.57
N ALA C 365 17.57 38.27 24.61
CA ALA C 365 16.20 38.33 24.59
C ALA C 365 15.54 39.03 25.74
N PRO C 366 14.51 39.88 25.58
CA PRO C 366 14.00 40.66 26.69
C PRO C 366 13.53 39.90 27.88
N SER C 367 13.81 40.40 29.12
CA SER C 367 13.37 39.80 30.36
C SER C 367 11.91 39.76 30.50
N THR C 368 11.15 40.57 29.78
CA THR C 368 9.66 40.66 29.77
C THR C 368 9.04 39.39 29.23
N LEU C 369 9.65 38.84 28.20
CA LEU C 369 9.37 37.56 27.50
C LEU C 369 9.09 36.42 28.39
N THR C 370 7.95 35.70 28.10
CA THR C 370 7.30 34.84 29.13
C THR C 370 7.04 33.47 28.63
N THR C 371 6.82 33.26 27.38
CA THR C 371 6.60 31.90 26.80
C THR C 371 7.56 31.55 25.72
N PRO C 372 7.65 30.24 25.37
CA PRO C 372 8.42 29.77 24.26
C PRO C 372 8.03 30.48 22.99
N GLY C 373 6.75 30.75 22.75
CA GLY C 373 6.21 31.39 21.53
C GLY C 373 6.85 32.74 21.31
N GLU C 374 6.95 33.58 22.36
CA GLU C 374 7.72 34.85 22.20
C GLU C 374 9.18 34.62 21.91
N ILE C 375 9.80 33.61 22.41
CA ILE C 375 11.14 33.24 22.08
C ILE C 375 11.31 32.76 20.72
N ILE C 376 10.36 31.96 20.23
CA ILE C 376 10.30 31.43 18.90
C ILE C 376 10.21 32.68 17.96
N LYS C 377 9.30 33.64 18.30
CA LYS C 377 9.21 34.85 17.53
C LYS C 377 10.48 35.66 17.40
N TYR C 378 11.18 35.75 18.54
CA TYR C 378 12.54 36.41 18.58
C TYR C 378 13.58 35.83 17.71
N VAL C 379 13.64 34.46 17.70
CA VAL C 379 14.48 33.71 16.79
C VAL C 379 14.02 33.99 15.37
N LEU C 380 12.73 33.94 15.05
CA LEU C 380 12.13 34.16 13.72
C LEU C 380 12.50 35.58 13.22
N ASP C 381 12.60 36.58 14.05
CA ASP C 381 12.90 37.96 13.79
C ASP C 381 14.30 37.97 13.31
N ARG C 382 15.14 36.94 13.52
CA ARG C 382 16.57 37.04 13.28
C ARG C 382 16.86 36.08 12.13
N GLN C 383 15.84 35.27 11.83
CA GLN C 383 15.90 34.41 10.67
C GLN C 383 15.64 35.19 9.35
N ALA D 129 -2.80 -41.50 22.21
CA ALA D 129 -3.00 -40.28 23.01
C ALA D 129 -2.70 -39.08 22.06
N GLY D 130 -2.13 -37.94 22.35
CA GLY D 130 -1.97 -36.82 21.45
C GLY D 130 -3.17 -36.02 21.11
N GLN D 131 -2.99 -34.99 20.18
CA GLN D 131 -1.80 -34.49 19.54
C GLN D 131 -1.27 -33.28 20.32
N ALA D 132 -2.05 -32.22 20.52
CA ALA D 132 -1.57 -31.13 21.27
C ALA D 132 -2.74 -30.20 21.89
N PRO D 133 -2.73 -29.71 23.15
CA PRO D 133 -3.76 -28.88 23.67
C PRO D 133 -3.45 -27.38 23.55
N GLY D 134 -4.14 -26.56 22.81
CA GLY D 134 -5.35 -26.77 22.02
C GLY D 134 -5.36 -27.26 20.60
N PRO D 135 -4.33 -27.20 19.77
CA PRO D 135 -3.02 -26.52 20.01
C PRO D 135 -3.14 -24.95 20.09
N ALA D 136 -2.43 -24.20 20.90
CA ALA D 136 -1.39 -24.53 21.87
C ALA D 136 -1.02 -23.31 22.61
N LEU D 137 -0.37 -23.47 23.82
CA LEU D 137 0.16 -22.36 24.58
C LEU D 137 1.31 -21.58 23.95
N THR D 138 1.45 -20.28 24.31
CA THR D 138 2.17 -19.32 23.42
C THR D 138 2.85 -18.33 24.39
N ASP D 139 3.68 -17.38 23.87
CA ASP D 139 4.83 -17.74 23.09
C ASP D 139 5.96 -16.75 23.40
N TRP D 140 6.69 -16.92 24.55
CA TRP D 140 7.97 -16.28 24.60
C TRP D 140 9.01 -16.37 23.51
N ALA D 141 9.12 -17.43 22.68
CA ALA D 141 9.96 -17.39 21.48
C ALA D 141 9.53 -16.22 20.59
N ARG D 142 8.21 -16.04 20.24
CA ARG D 142 7.71 -14.94 19.44
C ARG D 142 7.95 -13.61 20.10
N VAL D 143 7.62 -13.50 21.39
CA VAL D 143 7.91 -12.33 22.14
C VAL D 143 9.33 -12.00 22.15
N ARG D 144 10.28 -12.93 22.43
CA ARG D 144 11.73 -12.76 22.36
C ARG D 144 12.14 -12.09 21.05
N GLU D 145 11.86 -12.79 19.94
CA GLU D 145 12.11 -12.46 18.54
C GLU D 145 11.58 -11.04 18.19
N GLU D 146 10.34 -10.75 18.65
CA GLU D 146 9.69 -9.43 18.52
C GLU D 146 10.73 -8.48 19.13
N LEU D 147 10.84 -8.41 20.47
CA LEU D 147 11.67 -7.49 21.21
C LEU D 147 13.01 -7.21 20.61
N ALA D 148 13.78 -8.15 20.11
CA ALA D 148 15.07 -8.07 19.48
C ALA D 148 15.00 -7.19 18.24
N SER D 149 14.06 -7.58 17.39
CA SER D 149 13.65 -6.76 16.23
C SER D 149 12.90 -5.54 16.57
N THR D 150 12.97 -5.05 17.81
CA THR D 150 12.21 -3.86 18.25
C THR D 150 13.12 -2.99 19.00
N GLY D 151 13.84 -2.08 18.34
CA GLY D 151 14.87 -1.21 18.97
C GLY D 151 16.01 -2.01 19.61
N PRO D 152 16.73 -2.72 18.77
CA PRO D 152 17.76 -3.60 19.24
C PRO D 152 18.70 -3.12 20.35
N PRO D 153 19.25 -1.92 20.54
CA PRO D 153 20.32 -1.72 21.57
C PRO D 153 20.28 -2.45 23.00
N VAL D 154 19.16 -2.28 23.79
CA VAL D 154 18.97 -3.11 24.98
C VAL D 154 17.48 -3.57 25.02
N VAL D 155 17.34 -4.89 24.66
CA VAL D 155 16.02 -5.63 24.65
C VAL D 155 16.31 -7.09 24.91
N ALA D 156 15.20 -7.81 24.98
CA ALA D 156 15.00 -9.20 24.90
C ALA D 156 15.51 -10.07 25.96
N MET D 157 14.79 -10.17 27.14
CA MET D 157 15.16 -11.06 28.19
C MET D 157 14.15 -12.17 28.42
N PRO D 158 13.08 -12.64 27.75
CA PRO D 158 12.40 -13.83 28.22
C PRO D 158 13.02 -15.16 27.91
N VAL D 159 13.00 -16.11 28.83
CA VAL D 159 13.40 -17.48 28.64
C VAL D 159 12.46 -18.09 27.65
N VAL D 160 13.05 -18.94 26.75
CA VAL D 160 12.37 -19.60 25.63
C VAL D 160 12.79 -21.03 25.52
N ILE D 161 11.86 -21.96 25.63
CA ILE D 161 12.23 -23.35 25.98
C ILE D 161 12.12 -24.15 24.74
N LYS D 162 10.91 -24.17 24.16
CA LYS D 162 10.39 -24.87 23.01
C LYS D 162 11.07 -26.19 22.65
N THR D 163 10.76 -27.28 23.34
CA THR D 163 10.58 -28.50 22.56
C THR D 163 9.13 -28.62 22.27
N GLU D 164 8.78 -29.25 21.07
CA GLU D 164 8.73 -30.60 20.86
C GLU D 164 9.36 -31.10 19.61
N GLY D 165 9.28 -30.42 18.45
CA GLY D 165 8.06 -30.30 17.62
C GLY D 165 8.11 -31.19 16.39
N PRO D 166 8.82 -30.75 15.32
CA PRO D 166 9.57 -31.66 14.38
C PRO D 166 10.59 -32.45 15.18
N ALA D 167 11.21 -33.51 14.64
CA ALA D 167 12.25 -34.26 15.31
C ALA D 167 13.56 -33.50 15.40
N TRP D 168 13.70 -32.64 14.42
CA TRP D 168 14.87 -31.84 14.19
C TRP D 168 14.35 -30.70 13.33
N THR D 169 15.13 -29.64 13.19
CA THR D 169 14.44 -28.40 12.72
C THR D 169 14.70 -27.95 11.26
N PRO D 170 13.67 -27.64 10.38
CA PRO D 170 13.87 -26.98 9.13
C PRO D 170 13.87 -25.45 9.36
N LEU D 171 15.00 -24.73 9.30
CA LEU D 171 14.96 -23.33 9.58
C LEU D 171 14.09 -22.41 8.80
N GLU D 172 14.12 -21.13 9.09
CA GLU D 172 13.41 -20.08 8.47
C GLU D 172 14.43 -19.14 7.77
N PRO D 173 14.36 -18.95 6.45
CA PRO D 173 15.21 -18.02 5.70
C PRO D 173 15.39 -16.67 6.32
N LYS D 174 14.34 -16.00 6.92
CA LYS D 174 14.47 -14.66 7.38
C LYS D 174 15.59 -14.50 8.39
N LEU D 175 15.74 -15.38 9.29
CA LEU D 175 16.75 -15.27 10.32
C LEU D 175 18.07 -15.29 9.71
N ILE D 176 18.24 -16.01 8.60
CA ILE D 176 19.43 -16.18 7.87
C ILE D 176 19.72 -14.95 7.13
N THR D 177 18.75 -14.32 6.50
CA THR D 177 19.03 -13.11 5.81
C THR D 177 19.53 -12.06 6.70
N ARG D 178 18.80 -11.80 7.84
CA ARG D 178 19.34 -10.85 8.79
C ARG D 178 20.60 -11.09 9.47
N LEU D 179 20.93 -12.39 9.58
CA LEU D 179 22.24 -12.75 9.94
C LEU D 179 23.30 -12.47 8.94
N ALA D 180 22.97 -12.69 7.66
CA ALA D 180 23.77 -12.41 6.48
C ALA D 180 23.94 -10.90 6.51
N ASP D 181 22.95 -10.07 6.67
CA ASP D 181 23.09 -8.65 6.91
C ASP D 181 24.05 -8.25 8.04
N THR D 182 23.90 -8.81 9.22
CA THR D 182 24.90 -8.65 10.28
C THR D 182 26.28 -9.13 9.91
N VAL D 183 26.44 -10.28 9.20
CA VAL D 183 27.72 -10.89 8.79
C VAL D 183 28.44 -9.98 7.84
N ARG D 184 27.61 -9.27 6.97
CA ARG D 184 28.04 -8.26 6.06
C ARG D 184 28.57 -7.11 6.88
N THR D 185 27.62 -6.39 7.42
CA THR D 185 27.80 -5.13 8.18
C THR D 185 28.88 -5.16 9.29
N LYS D 186 28.47 -5.69 10.48
CA LYS D 186 29.23 -5.89 11.71
C LYS D 186 30.38 -6.86 11.38
N GLY D 187 30.06 -7.94 10.67
CA GLY D 187 30.66 -9.23 10.87
C GLY D 187 30.41 -9.84 12.22
N LEU D 188 31.17 -10.84 12.60
CA LEU D 188 30.62 -12.04 13.09
C LEU D 188 31.02 -12.37 14.50
N ARG D 189 32.26 -12.06 14.90
CA ARG D 189 32.63 -11.55 16.25
C ARG D 189 32.13 -10.19 16.66
N SER D 190 30.82 -10.10 16.92
CA SER D 190 30.15 -9.23 17.81
C SER D 190 29.43 -10.24 18.76
N PRO D 191 29.52 -10.28 20.07
CA PRO D 191 28.44 -10.34 21.05
C PRO D 191 26.93 -10.16 20.79
N ILE D 192 26.56 -9.74 19.59
CA ILE D 192 25.19 -9.84 19.12
C ILE D 192 25.17 -10.80 17.96
N THR D 193 26.14 -10.67 17.00
CA THR D 193 26.23 -11.66 15.88
C THR D 193 26.49 -13.05 16.35
N MET D 194 27.44 -13.21 17.27
CA MET D 194 27.58 -14.46 17.97
C MET D 194 26.32 -14.97 18.71
N ALA D 195 25.57 -14.06 19.36
CA ALA D 195 24.40 -14.34 20.07
C ALA D 195 23.30 -14.87 19.11
N GLU D 196 23.07 -14.18 17.94
CA GLU D 196 22.14 -14.72 16.95
C GLU D 196 22.62 -16.00 16.27
N VAL D 197 23.93 -16.24 16.18
CA VAL D 197 24.44 -17.50 15.67
C VAL D 197 24.19 -18.67 16.59
N GLU D 198 24.54 -18.56 17.91
CA GLU D 198 24.22 -19.49 18.99
C GLU D 198 22.79 -19.94 18.90
N ALA D 199 21.91 -18.90 18.89
CA ALA D 199 20.43 -19.09 18.83
C ALA D 199 20.10 -19.96 17.58
N LEU D 200 20.70 -19.63 16.47
CA LEU D 200 20.38 -20.43 15.24
C LEU D 200 20.90 -21.83 15.30
N MET D 201 21.84 -22.09 16.22
CA MET D 201 22.41 -23.38 16.45
C MET D 201 22.01 -23.85 17.83
N SER D 202 20.76 -23.62 18.17
CA SER D 202 20.16 -24.09 19.42
C SER D 202 19.26 -25.32 19.27
N SER D 203 19.14 -25.88 18.09
CA SER D 203 18.28 -27.00 17.82
C SER D 203 18.99 -27.81 16.73
N PRO D 204 18.87 -29.17 16.71
CA PRO D 204 19.30 -30.04 15.61
C PRO D 204 18.95 -29.75 14.16
N LEU D 205 19.92 -29.95 13.23
CA LEU D 205 19.88 -29.61 11.84
C LEU D 205 20.66 -30.59 11.09
N LEU D 206 20.59 -30.73 9.79
CA LEU D 206 21.42 -31.69 9.09
C LEU D 206 22.85 -31.16 8.89
N PRO D 207 23.84 -32.11 8.77
CA PRO D 207 25.15 -31.80 8.31
C PRO D 207 25.13 -31.01 7.06
N HIS D 208 24.21 -31.28 6.17
CA HIS D 208 24.02 -30.65 4.91
C HIS D 208 23.70 -29.19 5.18
N ASP D 209 22.90 -28.85 6.16
CA ASP D 209 22.51 -27.54 6.39
C ASP D 209 23.68 -26.81 6.91
N VAL D 210 24.28 -27.47 7.94
CA VAL D 210 25.35 -26.92 8.71
C VAL D 210 26.37 -26.48 7.75
N THR D 211 26.77 -27.40 6.88
CA THR D 211 27.62 -27.20 5.69
C THR D 211 27.35 -26.00 4.85
N ASN D 212 26.09 -25.89 4.33
CA ASN D 212 25.75 -24.80 3.53
C ASN D 212 25.78 -23.51 4.22
N LEU D 213 25.26 -23.49 5.48
CA LEU D 213 25.30 -22.33 6.29
C LEU D 213 26.69 -21.85 6.58
N MET D 214 27.54 -22.73 7.06
CA MET D 214 28.93 -22.38 7.41
C MET D 214 29.70 -21.92 6.22
N ARG D 215 29.53 -22.67 5.10
CA ARG D 215 30.07 -22.21 3.87
C ARG D 215 29.60 -20.80 3.42
N VAL D 216 28.42 -20.36 3.79
CA VAL D 216 27.90 -19.04 3.39
C VAL D 216 28.36 -17.98 4.32
N ILE D 217 28.22 -18.26 5.63
CA ILE D 217 28.68 -17.20 6.59
C ILE D 217 30.12 -17.03 6.78
N LEU D 218 30.93 -18.07 6.85
CA LEU D 218 32.34 -18.03 6.93
C LEU D 218 33.06 -17.65 5.61
N GLY D 219 32.50 -18.07 4.47
CA GLY D 219 33.11 -17.90 3.17
C GLY D 219 34.08 -18.98 2.92
N PRO D 220 34.42 -19.36 1.77
CA PRO D 220 35.26 -20.49 1.56
C PRO D 220 36.49 -20.66 2.39
N ALA D 221 37.45 -19.72 2.43
CA ALA D 221 38.65 -19.85 3.28
C ALA D 221 38.29 -20.05 4.74
N PRO D 222 37.59 -19.16 5.43
CA PRO D 222 37.29 -19.38 6.83
C PRO D 222 36.40 -20.56 6.99
N TYR D 223 35.47 -20.86 6.09
CA TYR D 223 34.75 -22.14 6.12
C TYR D 223 35.65 -23.43 6.15
N ALA D 224 36.68 -23.38 5.30
CA ALA D 224 37.70 -24.46 5.21
C ALA D 224 38.45 -24.71 6.45
N LEU D 225 38.87 -23.63 6.99
CA LEU D 225 39.36 -23.57 8.39
C LEU D 225 38.42 -24.14 9.42
N TRP D 226 37.16 -23.66 9.33
CA TRP D 226 36.08 -24.17 10.10
C TRP D 226 35.88 -25.65 10.10
N MET D 227 35.85 -26.31 8.89
CA MET D 227 35.83 -27.71 8.62
C MET D 227 36.90 -28.35 9.40
N ASP D 228 38.16 -27.84 9.31
CA ASP D 228 39.28 -28.36 9.99
C ASP D 228 39.01 -28.49 11.50
N ALA D 229 38.63 -27.32 12.02
CA ALA D 229 38.28 -27.29 13.46
C ALA D 229 37.19 -28.28 13.90
N TRP D 230 36.19 -28.29 13.04
CA TRP D 230 34.96 -29.14 13.19
C TRP D 230 35.37 -30.56 13.20
N GLY D 231 36.38 -31.01 12.45
CA GLY D 231 36.91 -32.32 12.29
C GLY D 231 37.54 -32.73 13.51
N VAL D 232 38.28 -31.77 14.15
CA VAL D 232 38.87 -32.01 15.51
C VAL D 232 37.72 -32.34 16.46
N GLN D 233 36.65 -31.57 16.48
CA GLN D 233 35.44 -31.78 17.23
C GLN D 233 34.81 -33.06 17.02
N LEU D 234 34.70 -33.50 15.71
CA LEU D 234 34.13 -34.74 15.33
C LEU D 234 34.97 -35.89 15.92
N GLN D 235 36.28 -35.79 15.91
CA GLN D 235 37.17 -36.71 16.52
C GLN D 235 36.94 -36.81 18.01
N THR D 236 36.70 -35.66 18.60
CA THR D 236 36.41 -35.70 20.01
C THR D 236 35.11 -36.31 20.44
N VAL D 237 34.13 -36.50 19.53
CA VAL D 237 32.94 -37.24 19.77
C VAL D 237 33.19 -38.74 19.63
N ILE D 238 34.08 -39.20 18.75
CA ILE D 238 34.52 -40.58 18.55
C ILE D 238 35.32 -41.10 19.78
N ALA D 239 35.70 -40.18 20.65
CA ALA D 239 36.26 -40.49 21.94
C ALA D 239 35.10 -40.78 22.83
N ALA D 240 34.11 -39.83 23.04
CA ALA D 240 32.91 -40.04 23.81
C ALA D 240 32.07 -41.20 23.27
N ALA D 241 32.22 -41.56 22.02
CA ALA D 241 31.62 -42.73 21.37
C ALA D 241 32.40 -43.93 21.74
N THR D 242 33.74 -43.86 21.86
CA THR D 242 34.49 -45.09 22.25
C THR D 242 34.34 -45.35 23.71
N ARG D 243 34.57 -44.32 24.52
CA ARG D 243 34.26 -44.28 25.96
C ARG D 243 32.92 -44.76 26.46
N ASP D 244 31.82 -44.42 25.78
CA ASP D 244 30.51 -44.85 25.94
C ASP D 244 29.91 -45.25 24.60
N PRO D 245 30.01 -46.53 24.24
CA PRO D 245 29.44 -47.10 23.10
C PRO D 245 27.93 -47.09 23.22
N ARG D 246 27.34 -46.72 24.35
CA ARG D 246 25.90 -46.82 24.52
C ARG D 246 25.39 -45.55 24.94
N HIS D 247 25.98 -44.41 24.57
CA HIS D 247 25.51 -43.07 24.80
C HIS D 247 24.23 -42.80 24.08
N PRO D 248 23.31 -41.96 24.61
CA PRO D 248 21.91 -41.69 24.06
C PRO D 248 21.85 -41.44 22.58
N ALA D 249 22.78 -40.71 21.93
CA ALA D 249 22.81 -40.49 20.51
C ALA D 249 23.36 -41.74 19.78
N ASN D 250 24.19 -42.51 20.52
CA ASN D 250 24.90 -43.72 20.10
C ASN D 250 23.97 -44.99 20.01
N GLY D 251 24.56 -46.00 19.44
CA GLY D 251 23.87 -47.21 19.33
C GLY D 251 23.45 -48.00 20.46
N GLN D 252 22.34 -48.71 20.27
CA GLN D 252 21.75 -49.55 21.28
C GLN D 252 21.52 -50.96 20.76
N GLY D 253 22.05 -51.29 19.54
CA GLY D 253 22.02 -52.61 18.95
C GLY D 253 23.48 -52.98 19.06
N ARG D 254 24.18 -53.01 17.92
CA ARG D 254 25.65 -53.21 17.94
C ARG D 254 26.52 -52.32 17.05
N GLY D 255 26.62 -52.55 15.70
CA GLY D 255 27.43 -51.81 14.82
C GLY D 255 26.72 -50.55 14.33
N GLU D 256 25.49 -50.23 14.80
CA GLU D 256 24.62 -49.08 14.49
C GLU D 256 25.00 -47.95 15.40
N ARG D 257 26.23 -48.04 15.96
CA ARG D 257 26.95 -46.97 16.69
C ARG D 257 27.02 -45.72 15.86
N THR D 258 27.45 -44.61 16.53
CA THR D 258 27.79 -43.30 15.99
C THR D 258 29.10 -43.35 15.38
N ASN D 259 29.14 -43.57 14.05
CA ASN D 259 30.40 -43.71 13.32
C ASN D 259 30.77 -42.45 12.52
N LEU D 260 32.12 -42.38 12.16
CA LEU D 260 32.58 -41.34 11.34
C LEU D 260 31.80 -41.18 10.04
N ASN D 261 31.50 -42.25 9.26
CA ASN D 261 30.69 -42.05 8.19
C ASN D 261 29.33 -41.47 8.48
N ARG D 262 28.60 -41.81 9.53
CA ARG D 262 27.31 -41.20 9.97
C ARG D 262 27.38 -39.81 10.20
N LEU D 263 28.30 -39.43 11.12
CA LEU D 263 28.71 -38.08 11.45
C LEU D 263 29.17 -37.25 10.26
N LYS D 264 29.63 -37.92 9.26
CA LYS D 264 30.02 -37.25 8.04
C LYS D 264 28.96 -37.19 7.01
N GLY D 265 27.82 -37.83 7.19
CA GLY D 265 26.80 -37.97 6.14
C GLY D 265 27.11 -38.83 5.03
N LEU D 266 28.13 -39.62 5.23
CA LEU D 266 28.58 -40.60 4.29
C LEU D 266 28.24 -42.05 4.70
N ALA D 267 27.41 -42.26 5.77
CA ALA D 267 27.03 -43.60 6.12
C ALA D 267 26.11 -44.03 4.88
N ASP D 268 25.89 -45.32 4.62
CA ASP D 268 24.98 -45.81 3.56
C ASP D 268 23.55 -45.29 3.61
N GLY D 269 23.10 -44.59 2.54
CA GLY D 269 21.79 -43.96 2.54
C GLY D 269 21.75 -42.55 2.98
N MET D 270 22.87 -42.03 3.58
CA MET D 270 23.10 -40.63 3.89
C MET D 270 23.94 -40.00 2.87
N VAL D 271 24.68 -40.86 2.11
CA VAL D 271 25.57 -40.56 0.99
C VAL D 271 24.76 -39.72 -0.07
N GLY D 272 25.14 -38.42 -0.26
CA GLY D 272 24.55 -37.42 -1.17
C GLY D 272 23.05 -37.33 -0.99
N ASN D 273 22.64 -37.58 0.30
CA ASN D 273 21.19 -37.69 0.57
C ASN D 273 20.95 -36.96 1.88
N PRO D 274 20.73 -35.62 1.93
CA PRO D 274 20.30 -34.96 3.10
C PRO D 274 18.99 -35.59 3.69
N GLN D 275 18.09 -36.06 2.81
CA GLN D 275 16.88 -36.68 3.44
C GLN D 275 17.21 -37.94 4.23
N GLY D 276 18.09 -38.69 3.55
CA GLY D 276 18.70 -39.94 4.07
C GLY D 276 19.54 -39.69 5.34
N GLN D 277 20.26 -38.57 5.34
CA GLN D 277 20.89 -38.11 6.62
C GLN D 277 19.89 -37.74 7.73
N ALA D 278 18.81 -37.01 7.40
CA ALA D 278 17.69 -36.75 8.28
C ALA D 278 16.93 -38.00 8.70
N ALA D 279 16.87 -39.05 7.88
CA ALA D 279 16.12 -40.28 8.22
C ALA D 279 17.07 -41.29 9.01
N LEU D 280 18.36 -41.28 8.85
CA LEU D 280 19.21 -42.26 9.50
C LEU D 280 19.91 -41.81 10.81
N LEU D 281 20.34 -40.54 10.78
CA LEU D 281 20.89 -39.94 12.01
C LEU D 281 19.75 -39.75 13.03
N ARG D 282 20.15 -39.97 14.31
CA ARG D 282 19.22 -39.84 15.39
C ARG D 282 19.27 -38.33 15.87
N PRO D 283 18.14 -37.69 16.43
CA PRO D 283 18.19 -36.35 17.01
C PRO D 283 19.35 -36.16 17.98
N GLY D 284 19.65 -37.08 18.86
CA GLY D 284 20.83 -36.94 19.81
C GLY D 284 22.15 -36.67 19.14
N GLU D 285 22.28 -37.32 18.05
CA GLU D 285 23.48 -37.11 17.18
C GLU D 285 23.45 -35.77 16.47
N LEU D 286 22.28 -35.24 16.01
CA LEU D 286 22.19 -33.94 15.50
C LEU D 286 22.53 -32.80 16.42
N VAL D 287 22.09 -32.96 17.68
CA VAL D 287 22.48 -32.08 18.76
C VAL D 287 23.96 -32.10 19.11
N ALA D 288 24.52 -33.31 19.14
CA ALA D 288 25.92 -33.59 19.33
C ALA D 288 26.65 -32.83 18.19
N ILE D 289 26.27 -33.11 16.95
CA ILE D 289 26.72 -32.42 15.74
C ILE D 289 26.69 -30.91 15.86
N THR D 290 25.47 -30.39 16.34
CA THR D 290 25.29 -28.97 16.54
C THR D 290 26.19 -28.35 17.56
N ALA D 291 26.49 -29.07 18.64
CA ALA D 291 27.52 -28.63 19.57
C ALA D 291 28.92 -28.63 18.97
N SER D 292 29.34 -29.68 18.29
CA SER D 292 30.65 -29.74 17.63
C SER D 292 30.81 -28.59 16.64
N ALA D 293 29.79 -28.35 15.84
CA ALA D 293 29.75 -27.28 14.93
C ALA D 293 29.91 -25.96 15.56
N LEU D 294 29.18 -25.72 16.60
CA LEU D 294 29.23 -24.53 17.38
C LEU D 294 30.57 -24.32 18.04
N GLN D 295 31.15 -25.39 18.53
CA GLN D 295 32.45 -25.37 19.07
C GLN D 295 33.40 -24.91 18.02
N ALA D 296 33.57 -25.65 16.92
CA ALA D 296 34.36 -25.24 15.81
C ALA D 296 34.15 -23.74 15.28
N PHE D 297 32.96 -23.13 15.45
CA PHE D 297 32.65 -21.75 15.20
C PHE D 297 33.32 -20.90 16.28
N ARG D 298 33.21 -21.25 17.60
CA ARG D 298 33.78 -20.56 18.68
C ARG D 298 35.26 -20.52 18.57
N GLU D 299 35.85 -21.66 18.19
CA GLU D 299 37.20 -21.96 17.88
C GLU D 299 37.74 -21.20 16.77
N VAL D 300 36.91 -20.68 15.85
CA VAL D 300 37.29 -19.97 14.66
C VAL D 300 36.98 -18.50 14.85
N ALA D 301 35.96 -18.16 15.63
CA ALA D 301 35.46 -16.82 15.66
C ALA D 301 36.34 -15.98 16.59
N ARG D 302 37.56 -16.45 16.91
CA ARG D 302 38.59 -15.85 17.68
C ARG D 302 39.45 -14.95 16.81
N LEU D 303 39.15 -14.71 15.51
CA LEU D 303 40.01 -13.91 14.63
C LEU D 303 39.32 -12.91 13.85
N ALA D 304 39.99 -11.77 13.75
CA ALA D 304 39.62 -10.58 13.01
C ALA D 304 39.48 -9.33 13.90
N GLU D 305 40.55 -8.53 14.01
CA GLU D 305 40.51 -7.12 14.31
C GLU D 305 39.66 -6.10 13.49
N PRO D 306 39.81 -6.00 12.13
CA PRO D 306 39.31 -4.95 11.30
C PRO D 306 38.09 -4.17 11.71
N ALA D 307 38.15 -2.88 11.60
CA ALA D 307 37.00 -1.99 11.77
C ALA D 307 37.10 -0.88 10.77
N GLY D 308 36.74 -1.02 9.51
CA GLY D 308 36.22 -2.25 8.88
C GLY D 308 35.50 -1.63 7.74
N PRO D 309 34.17 -1.70 7.66
CA PRO D 309 33.35 -0.83 6.71
C PRO D 309 33.83 0.55 6.57
N TRP D 310 34.05 1.14 7.76
CA TRP D 310 34.68 2.39 8.04
C TRP D 310 35.73 2.88 7.14
N ALA D 311 36.56 1.97 6.59
CA ALA D 311 37.64 2.18 5.68
C ALA D 311 37.19 2.59 4.39
N ASP D 312 35.92 2.42 4.06
CA ASP D 312 35.35 2.82 2.80
C ASP D 312 34.53 3.98 2.94
N ILE D 313 34.42 4.60 4.10
CA ILE D 313 33.74 5.86 4.17
C ILE D 313 34.69 6.99 3.84
N MET D 314 34.46 7.60 2.72
CA MET D 314 35.19 8.71 2.18
C MET D 314 34.08 9.61 1.77
N GLN D 315 34.47 10.84 1.42
CA GLN D 315 33.59 11.80 0.84
C GLN D 315 33.95 12.03 -0.48
N GLY D 316 33.17 11.63 -1.49
CA GLY D 316 33.33 11.90 -2.92
C GLY D 316 32.49 13.17 -3.02
N PRO D 317 32.56 13.81 -4.25
CA PRO D 317 31.85 15.02 -4.64
C PRO D 317 30.46 14.65 -4.98
N SER D 318 30.15 13.37 -4.82
CA SER D 318 28.88 12.79 -5.02
C SER D 318 27.99 12.94 -3.87
N GLU D 319 28.50 13.40 -2.73
CA GLU D 319 27.81 13.46 -1.44
C GLU D 319 28.19 14.78 -0.84
N SER D 320 27.41 15.35 0.05
CA SER D 320 27.77 16.48 0.87
C SER D 320 28.44 15.88 2.14
N PHE D 321 29.02 16.81 2.94
CA PHE D 321 29.55 16.53 4.21
C PHE D 321 28.44 15.98 5.06
N VAL D 322 27.25 16.58 5.01
CA VAL D 322 26.15 16.25 5.88
C VAL D 322 25.66 14.82 5.65
N ASP D 323 25.58 14.35 4.39
CA ASP D 323 25.34 12.93 4.06
C ASP D 323 26.47 11.98 4.47
N PHE D 324 27.70 12.39 4.14
CA PHE D 324 28.87 11.72 4.61
C PHE D 324 29.07 11.60 6.10
N ALA D 325 28.86 12.69 6.83
CA ALA D 325 28.94 12.80 8.26
C ALA D 325 27.87 11.95 8.83
N ASN D 326 26.65 11.98 8.32
CA ASN D 326 25.62 11.08 8.81
C ASN D 326 25.92 9.62 8.62
N ARG D 327 26.39 9.22 7.43
CA ARG D 327 26.84 7.89 7.12
C ARG D 327 27.91 7.45 8.02
N LEU D 328 28.76 8.36 8.30
CA LEU D 328 29.88 8.15 9.22
C LEU D 328 29.45 8.01 10.68
N ILE D 329 28.54 8.91 11.06
CA ILE D 329 27.99 8.83 12.41
C ILE D 329 27.27 7.52 12.63
N LYS D 330 26.54 6.99 11.65
CA LYS D 330 25.90 5.65 11.79
C LYS D 330 26.94 4.62 11.98
N ALA D 331 28.00 4.67 11.14
CA ALA D 331 29.07 3.74 11.30
C ALA D 331 29.81 3.77 12.65
N VAL D 332 29.97 4.95 13.25
CA VAL D 332 30.42 5.31 14.62
C VAL D 332 29.45 4.88 15.72
N GLU D 333 28.14 5.00 15.55
CA GLU D 333 27.11 4.39 16.44
C GLU D 333 27.27 2.92 16.51
N GLY D 334 27.59 2.32 15.40
CA GLY D 334 27.83 0.89 15.34
C GLY D 334 29.19 0.49 15.75
N SER D 335 30.06 1.45 16.17
CA SER D 335 31.39 1.18 16.70
C SER D 335 31.32 0.62 18.08
N ASP D 336 32.40 -0.08 18.46
CA ASP D 336 32.46 -0.70 19.73
C ASP D 336 33.35 0.05 20.70
N LEU D 337 34.15 1.04 20.07
CA LEU D 337 35.04 1.91 20.75
C LEU D 337 34.38 2.62 21.96
N PRO D 338 34.97 3.07 23.06
CA PRO D 338 34.29 3.97 23.98
C PRO D 338 33.98 5.25 23.34
N PRO D 339 32.93 6.00 23.65
CA PRO D 339 32.60 7.22 22.95
C PRO D 339 33.76 8.14 22.82
N SER D 340 34.57 8.20 23.88
CA SER D 340 35.77 9.05 24.04
C SER D 340 36.89 8.75 23.07
N ALA D 341 36.88 7.60 22.39
CA ALA D 341 37.81 7.37 21.40
C ALA D 341 37.21 7.53 20.01
N ARG D 342 35.88 7.61 19.97
CA ARG D 342 35.10 7.82 18.78
C ARG D 342 35.29 9.13 18.15
N ALA D 343 35.09 10.25 18.93
CA ALA D 343 35.44 11.56 18.38
C ALA D 343 36.85 11.73 17.90
N PRO D 344 37.99 11.45 18.46
CA PRO D 344 39.37 11.55 17.80
C PRO D 344 39.37 10.76 16.50
N VAL D 345 38.79 9.58 16.51
CA VAL D 345 38.77 8.77 15.25
C VAL D 345 37.89 9.44 14.17
N ILE D 346 36.72 9.98 14.42
CA ILE D 346 35.90 10.75 13.48
C ILE D 346 36.61 11.93 13.06
N ILE D 347 37.22 12.67 14.03
CA ILE D 347 37.97 13.96 13.78
C ILE D 347 39.10 13.74 12.83
N ASP D 348 39.90 12.70 12.96
CA ASP D 348 40.84 12.22 11.99
C ASP D 348 40.21 11.84 10.67
N CYS D 349 39.06 11.07 10.63
CA CYS D 349 38.32 10.80 9.46
C CYS D 349 37.68 11.96 8.67
N PHE D 350 37.15 12.95 9.39
CA PHE D 350 36.83 14.20 8.98
C PHE D 350 38.04 14.96 8.34
N ARG D 351 39.21 15.01 9.03
CA ARG D 351 40.38 15.56 8.48
C ARG D 351 40.95 14.91 7.29
N GLN D 352 40.79 13.62 7.15
CA GLN D 352 41.53 12.78 6.23
C GLN D 352 40.66 12.24 5.09
N LYS D 353 39.33 12.10 5.24
CA LYS D 353 38.51 11.35 4.35
C LYS D 353 37.35 12.20 3.90
N SER D 354 37.30 13.53 4.30
CA SER D 354 36.49 14.50 3.59
C SER D 354 36.99 14.72 2.13
N GLN D 355 36.23 15.54 1.34
CA GLN D 355 36.60 16.08 0.08
C GLN D 355 37.82 16.93 0.22
N PRO D 356 38.85 16.91 -0.69
CA PRO D 356 40.12 17.56 -0.36
C PRO D 356 40.03 19.03 0.09
N ASP D 357 39.17 19.76 -0.57
CA ASP D 357 38.97 21.12 -0.34
C ASP D 357 38.29 21.42 0.97
N ILE D 358 37.48 20.42 1.40
CA ILE D 358 36.79 20.36 2.68
C ILE D 358 37.79 20.04 3.73
N GLN D 359 38.74 19.19 3.50
CA GLN D 359 39.91 19.01 4.27
C GLN D 359 40.74 20.28 4.36
N GLN D 360 40.86 21.12 3.30
CA GLN D 360 41.62 22.39 3.38
C GLN D 360 40.89 23.33 4.25
N LEU D 361 39.49 23.30 4.19
CA LEU D 361 38.59 24.06 5.03
C LEU D 361 38.88 23.61 6.50
N ILE D 362 39.00 22.28 6.74
CA ILE D 362 39.32 21.71 8.06
C ILE D 362 40.73 22.17 8.44
N ARG D 363 41.65 22.27 7.53
CA ARG D 363 42.95 22.70 7.75
C ARG D 363 43.08 24.11 8.34
N THR D 364 42.10 24.92 8.02
CA THR D 364 42.09 26.33 8.57
C THR D 364 41.51 26.36 9.98
N ALA D 365 40.90 25.29 10.44
CA ALA D 365 40.12 25.14 11.58
C ALA D 365 40.81 25.35 12.94
N PRO D 366 40.24 26.15 13.91
CA PRO D 366 40.81 26.33 15.19
C PRO D 366 41.15 25.03 15.95
N SER D 367 42.23 25.13 16.69
CA SER D 367 42.60 24.01 17.64
C SER D 367 41.54 23.89 18.76
N THR D 368 40.89 24.99 19.02
CA THR D 368 39.78 25.04 19.91
C THR D 368 38.60 24.30 19.40
N LEU D 369 38.56 23.90 18.09
CA LEU D 369 37.46 23.09 17.69
C LEU D 369 37.66 21.69 18.27
N THR D 370 36.66 21.05 18.89
CA THR D 370 37.03 19.91 19.73
C THR D 370 35.96 18.83 19.67
N THR D 371 34.92 19.03 18.83
CA THR D 371 33.98 18.00 18.50
C THR D 371 33.59 17.95 17.09
N PRO D 372 33.06 16.86 16.55
CA PRO D 372 32.54 16.85 15.20
C PRO D 372 31.49 17.90 15.04
N GLY D 373 30.59 18.08 16.06
CA GLY D 373 29.53 19.12 16.02
C GLY D 373 30.09 20.54 15.80
N GLU D 374 31.17 20.88 16.47
CA GLU D 374 31.91 22.12 16.44
C GLU D 374 32.51 22.32 15.05
N ILE D 375 32.94 21.17 14.45
CA ILE D 375 33.44 21.07 13.08
C ILE D 375 32.32 21.26 12.04
N ILE D 376 31.20 20.62 12.29
CA ILE D 376 29.99 20.74 11.49
C ILE D 376 29.49 22.14 11.42
N LYS D 377 29.45 22.78 12.60
CA LYS D 377 29.15 24.20 12.75
C LYS D 377 30.10 25.02 11.95
N TYR D 378 31.35 24.75 12.09
CA TYR D 378 32.42 25.43 11.36
C TYR D 378 32.20 25.40 9.82
N VAL D 379 31.83 24.23 9.24
CA VAL D 379 31.53 24.17 7.80
C VAL D 379 30.24 25.00 7.47
N LEU D 380 29.26 24.81 8.32
CA LEU D 380 27.92 25.45 8.24
C LEU D 380 28.05 26.94 8.11
N ASP D 381 29.06 27.50 8.77
CA ASP D 381 29.39 28.89 8.79
C ASP D 381 29.80 29.45 7.40
N ARG D 382 30.17 28.61 6.40
CA ARG D 382 31.01 29.06 5.33
C ARG D 382 30.19 29.04 4.13
N GLN D 383 29.01 28.40 4.10
CA GLN D 383 28.06 28.38 2.98
C GLN D 383 26.61 28.60 3.45
N ALA E 129 5.93 -45.46 -1.24
CA ALA E 129 5.11 -44.50 -1.98
C ALA E 129 4.59 -43.39 -1.10
N GLY E 130 4.13 -42.34 -1.77
CA GLY E 130 3.56 -41.13 -1.09
C GLY E 130 2.43 -41.39 -0.13
N GLN E 131 2.16 -40.36 0.75
CA GLN E 131 2.80 -39.01 0.87
C GLN E 131 3.83 -39.17 1.96
N ALA E 132 4.85 -38.28 1.96
CA ALA E 132 5.95 -38.39 2.87
C ALA E 132 5.94 -37.15 3.83
N PRO E 133 6.22 -37.24 5.14
CA PRO E 133 6.23 -36.07 6.06
C PRO E 133 7.49 -35.27 5.96
N GLY E 134 7.48 -33.98 6.37
CA GLY E 134 6.37 -33.18 6.90
C GLY E 134 5.37 -32.88 5.83
N PRO E 135 5.71 -32.18 4.72
CA PRO E 135 6.92 -31.47 4.42
C PRO E 135 7.18 -30.19 5.30
N ALA E 136 8.35 -29.49 5.16
CA ALA E 136 9.48 -29.53 4.32
C ALA E 136 10.78 -29.02 5.04
N LEU E 137 11.85 -28.95 4.25
CA LEU E 137 13.14 -28.57 4.83
C LEU E 137 13.24 -27.10 4.88
N THR E 138 14.48 -26.63 4.66
CA THR E 138 15.07 -25.47 5.29
C THR E 138 14.70 -24.14 4.64
N ASP E 139 14.13 -24.14 3.41
CA ASP E 139 14.65 -24.49 2.17
C ASP E 139 15.83 -23.67 1.72
N TRP E 140 16.92 -24.31 1.42
CA TRP E 140 18.09 -23.80 0.72
C TRP E 140 17.87 -23.23 -0.62
N ALA E 141 17.11 -23.83 -1.54
CA ALA E 141 16.69 -23.11 -2.70
C ALA E 141 15.96 -21.83 -2.38
N ARG E 142 15.05 -21.85 -1.43
CA ARG E 142 14.37 -20.63 -1.02
C ARG E 142 15.40 -19.65 -0.48
N VAL E 143 16.30 -20.15 0.50
CA VAL E 143 17.39 -19.34 0.96
C VAL E 143 18.29 -18.83 -0.12
N ARG E 144 18.77 -19.70 -1.01
CA ARG E 144 19.65 -19.47 -2.20
C ARG E 144 19.08 -18.36 -2.99
N GLU E 145 17.87 -18.55 -3.49
CA GLU E 145 17.11 -17.64 -4.32
C GLU E 145 17.05 -16.26 -3.68
N GLU E 146 16.79 -16.23 -2.37
CA GLU E 146 16.92 -15.01 -1.59
C GLU E 146 18.32 -14.37 -1.65
N LEU E 147 19.40 -14.90 -1.00
CA LEU E 147 20.76 -14.39 -1.01
C LEU E 147 21.35 -13.81 -2.33
N ALA E 148 21.05 -14.48 -3.44
CA ALA E 148 21.32 -14.04 -4.74
C ALA E 148 20.54 -12.75 -5.08
N SER E 149 19.18 -12.83 -5.04
CA SER E 149 18.38 -11.61 -5.26
C SER E 149 18.46 -10.53 -4.06
N THR E 150 19.56 -10.52 -3.27
CA THR E 150 19.67 -9.88 -1.98
C THR E 150 21.12 -9.60 -1.81
N GLY E 151 21.67 -8.72 -2.66
CA GLY E 151 23.10 -8.45 -2.65
C GLY E 151 23.84 -9.47 -3.53
N PRO E 152 23.62 -9.51 -4.80
CA PRO E 152 24.16 -10.65 -5.61
C PRO E 152 25.73 -10.75 -5.69
N PRO E 153 26.65 -9.76 -5.61
CA PRO E 153 28.06 -10.03 -5.72
C PRO E 153 28.60 -10.42 -4.43
N VAL E 154 27.71 -10.58 -3.44
CA VAL E 154 28.01 -11.13 -2.10
C VAL E 154 27.92 -12.66 -2.20
N VAL E 155 27.30 -13.16 -3.28
CA VAL E 155 27.19 -14.61 -3.58
C VAL E 155 26.49 -15.58 -2.54
N ALA E 156 25.42 -16.23 -3.08
CA ALA E 156 24.68 -17.32 -2.43
C ALA E 156 25.50 -18.54 -2.55
N MET E 157 26.06 -19.03 -1.38
CA MET E 157 26.74 -20.27 -1.32
C MET E 157 26.03 -21.53 -0.72
N PRO E 158 24.72 -21.68 -0.51
CA PRO E 158 24.24 -22.89 0.16
C PRO E 158 23.87 -23.94 -0.96
N VAL E 159 24.20 -25.21 -0.78
CA VAL E 159 23.84 -26.19 -1.78
C VAL E 159 22.32 -26.33 -1.94
N VAL E 160 21.83 -26.64 -3.15
CA VAL E 160 20.46 -26.80 -3.49
C VAL E 160 20.32 -27.97 -4.36
N ILE E 161 19.54 -29.01 -3.87
CA ILE E 161 19.86 -30.39 -4.27
C ILE E 161 18.59 -31.05 -4.78
N LYS E 162 17.45 -30.35 -4.97
CA LYS E 162 16.10 -30.67 -5.42
C LYS E 162 15.99 -32.06 -6.06
N THR E 163 15.21 -32.96 -5.43
CA THR E 163 14.33 -33.88 -5.94
C THR E 163 12.85 -33.63 -5.57
N GLU E 164 11.92 -33.68 -6.60
CA GLU E 164 11.01 -34.84 -6.94
C GLU E 164 10.34 -34.75 -8.30
N GLY E 165 9.66 -33.65 -8.68
CA GLY E 165 8.29 -33.42 -8.35
C GLY E 165 7.31 -34.20 -9.23
N PRO E 166 6.85 -33.74 -10.41
CA PRO E 166 6.58 -34.64 -11.55
C PRO E 166 7.80 -35.16 -12.23
N ALA E 167 7.55 -35.93 -13.38
CA ALA E 167 8.56 -36.50 -14.22
C ALA E 167 9.54 -35.44 -14.81
N TRP E 168 9.01 -34.23 -14.96
CA TRP E 168 9.43 -33.08 -15.63
C TRP E 168 9.32 -32.05 -14.51
N THR E 169 9.54 -30.75 -14.73
CA THR E 169 9.74 -29.72 -13.72
C THR E 169 8.92 -28.55 -13.99
N PRO E 170 8.19 -27.94 -13.16
CA PRO E 170 7.39 -26.72 -13.57
C PRO E 170 8.31 -25.55 -13.84
N LEU E 171 7.71 -24.44 -14.36
CA LEU E 171 8.50 -23.17 -14.62
C LEU E 171 8.01 -21.84 -13.86
N GLU E 172 8.87 -20.85 -13.65
CA GLU E 172 8.56 -19.53 -13.10
C GLU E 172 8.89 -18.41 -14.04
N PRO E 173 7.96 -17.63 -14.50
CA PRO E 173 8.14 -16.49 -15.43
C PRO E 173 9.09 -15.38 -14.97
N LYS E 174 9.11 -15.17 -13.64
CA LYS E 174 9.91 -14.22 -12.95
C LYS E 174 11.40 -14.52 -13.27
N LEU E 175 11.75 -15.84 -13.22
CA LEU E 175 13.14 -16.24 -13.50
C LEU E 175 13.53 -15.98 -14.85
N ILE E 176 12.52 -16.03 -15.76
CA ILE E 176 12.74 -15.79 -17.15
C ILE E 176 12.96 -14.31 -17.49
N THR E 177 12.19 -13.42 -16.86
CA THR E 177 12.30 -12.03 -17.13
C THR E 177 13.61 -11.48 -16.65
N ARG E 178 13.97 -11.80 -15.39
CA ARG E 178 15.21 -11.41 -14.83
C ARG E 178 16.36 -12.02 -15.61
N LEU E 179 16.21 -13.19 -16.25
CA LEU E 179 17.19 -13.80 -17.20
C LEU E 179 17.27 -13.00 -18.50
N ALA E 180 16.11 -12.51 -19.06
CA ALA E 180 15.89 -11.63 -20.22
C ALA E 180 16.62 -10.36 -19.97
N ASP E 181 16.44 -9.74 -18.83
CA ASP E 181 17.18 -8.63 -18.45
C ASP E 181 18.66 -8.77 -18.50
N THR E 182 19.13 -9.88 -17.88
CA THR E 182 20.57 -10.20 -17.91
C THR E 182 21.04 -10.37 -19.31
N VAL E 183 20.25 -11.10 -20.17
CA VAL E 183 20.53 -11.41 -21.59
C VAL E 183 20.55 -10.15 -22.40
N ARG E 184 19.70 -9.17 -22.06
CA ARG E 184 19.78 -7.85 -22.55
C ARG E 184 21.08 -7.15 -22.17
N THR E 185 21.19 -6.72 -20.90
CA THR E 185 22.36 -6.02 -20.33
C THR E 185 23.69 -6.76 -20.65
N LYS E 186 24.05 -7.77 -19.81
CA LYS E 186 25.35 -8.41 -19.91
C LYS E 186 25.49 -9.16 -21.27
N GLY E 187 24.44 -9.88 -21.71
CA GLY E 187 24.61 -11.03 -22.44
C GLY E 187 25.27 -12.03 -21.66
N LEU E 188 26.01 -12.94 -22.38
CA LEU E 188 25.98 -14.30 -22.09
C LEU E 188 27.34 -14.87 -22.46
N ARG E 189 28.39 -13.99 -22.46
CA ARG E 189 29.72 -14.33 -21.96
C ARG E 189 29.90 -13.88 -20.57
N SER E 190 28.75 -13.48 -19.96
CA SER E 190 28.75 -13.35 -18.54
C SER E 190 28.21 -14.62 -17.95
N PRO E 191 29.06 -15.38 -17.28
CA PRO E 191 28.80 -15.90 -15.99
C PRO E 191 27.96 -15.20 -14.90
N ILE E 192 26.85 -14.45 -15.20
CA ILE E 192 25.77 -14.39 -14.35
C ILE E 192 24.67 -15.03 -15.07
N THR E 193 24.53 -14.67 -16.34
CA THR E 193 23.62 -15.14 -17.28
C THR E 193 23.70 -16.65 -17.46
N MET E 194 24.97 -17.12 -17.66
CA MET E 194 25.47 -18.50 -17.64
C MET E 194 25.14 -19.20 -16.32
N ALA E 195 25.41 -18.58 -15.13
CA ALA E 195 25.17 -19.12 -13.80
C ALA E 195 23.72 -19.38 -13.62
N GLU E 196 22.90 -18.34 -13.93
CA GLU E 196 21.41 -18.36 -13.77
C GLU E 196 20.75 -19.36 -14.73
N VAL E 197 21.39 -19.56 -15.94
CA VAL E 197 20.88 -20.52 -16.92
C VAL E 197 21.19 -21.89 -16.47
N GLU E 198 22.45 -22.20 -16.13
CA GLU E 198 22.96 -23.43 -15.62
C GLU E 198 22.12 -23.98 -14.57
N ALA E 199 21.85 -23.21 -13.48
CA ALA E 199 20.99 -23.52 -12.37
C ALA E 199 19.64 -23.89 -12.86
N LEU E 200 19.01 -23.16 -13.80
CA LEU E 200 17.74 -23.43 -14.42
C LEU E 200 17.69 -24.63 -15.26
N MET E 201 18.82 -25.14 -15.71
CA MET E 201 18.85 -26.36 -16.51
C MET E 201 19.47 -27.47 -15.78
N SER E 202 19.17 -27.58 -14.49
CA SER E 202 19.42 -28.78 -13.67
C SER E 202 18.14 -29.59 -13.74
N SER E 203 17.08 -28.95 -14.25
CA SER E 203 15.69 -29.41 -14.50
C SER E 203 15.54 -30.50 -15.56
N PRO E 204 14.69 -31.47 -15.30
CA PRO E 204 14.16 -32.38 -16.39
C PRO E 204 13.05 -31.61 -16.98
N LEU E 205 13.23 -31.22 -18.27
CA LEU E 205 12.48 -30.26 -19.03
C LEU E 205 11.96 -30.96 -20.25
N LEU E 206 10.74 -30.62 -20.67
CA LEU E 206 10.22 -31.14 -21.91
C LEU E 206 10.81 -30.49 -23.18
N PRO E 207 10.84 -31.07 -24.31
CA PRO E 207 11.22 -30.53 -25.59
C PRO E 207 10.55 -29.16 -25.93
N HIS E 208 9.27 -29.11 -25.64
CA HIS E 208 8.49 -27.91 -25.85
C HIS E 208 9.11 -26.78 -24.98
N ASP E 209 9.51 -27.06 -23.75
CA ASP E 209 10.09 -26.15 -22.82
C ASP E 209 11.38 -25.70 -23.33
N VAL E 210 12.25 -26.64 -23.75
CA VAL E 210 13.60 -26.38 -24.23
C VAL E 210 13.44 -25.45 -25.44
N THR E 211 12.60 -25.82 -26.41
CA THR E 211 12.20 -25.06 -27.58
C THR E 211 11.83 -23.70 -27.21
N ASN E 212 10.87 -23.50 -26.33
CA ASN E 212 10.52 -22.18 -25.93
C ASN E 212 11.54 -21.40 -25.28
N LEU E 213 12.28 -21.94 -24.32
CA LEU E 213 13.38 -21.33 -23.58
C LEU E 213 14.49 -20.89 -24.41
N MET E 214 14.91 -21.77 -25.26
CA MET E 214 15.89 -21.41 -26.20
C MET E 214 15.49 -20.39 -27.21
N ARG E 215 14.33 -20.56 -27.90
CA ARG E 215 13.84 -19.61 -28.87
C ARG E 215 13.61 -18.25 -28.22
N VAL E 216 13.35 -18.18 -26.89
CA VAL E 216 13.01 -16.99 -26.23
C VAL E 216 14.28 -16.27 -25.89
N ILE E 217 15.29 -16.96 -25.35
CA ILE E 217 16.47 -16.30 -24.84
C ILE E 217 17.37 -15.97 -25.97
N LEU E 218 17.54 -16.94 -26.94
CA LEU E 218 18.37 -16.70 -28.09
C LEU E 218 17.72 -15.87 -29.15
N GLY E 219 16.41 -15.90 -29.38
CA GLY E 219 15.86 -15.14 -30.44
C GLY E 219 16.22 -15.65 -31.79
N PRO E 220 15.73 -15.16 -32.95
CA PRO E 220 16.05 -15.82 -34.27
C PRO E 220 17.44 -16.34 -34.68
N ALA E 221 18.42 -15.46 -34.76
CA ALA E 221 19.74 -15.79 -35.24
C ALA E 221 20.42 -16.84 -34.44
N PRO E 222 20.76 -16.70 -33.15
CA PRO E 222 21.41 -17.70 -32.40
C PRO E 222 20.68 -18.87 -32.12
N TYR E 223 19.32 -18.76 -31.99
CA TYR E 223 18.53 -19.99 -31.97
C TYR E 223 18.78 -21.00 -33.10
N ALA E 224 19.01 -20.56 -34.33
CA ALA E 224 19.32 -21.45 -35.37
C ALA E 224 20.57 -22.23 -35.07
N LEU E 225 21.68 -21.54 -34.68
CA LEU E 225 23.00 -22.05 -34.30
C LEU E 225 22.69 -23.10 -33.26
N TRP E 226 22.02 -22.72 -32.18
CA TRP E 226 21.74 -23.67 -31.11
C TRP E 226 20.98 -24.96 -31.51
N MET E 227 19.86 -24.73 -32.28
CA MET E 227 19.01 -25.78 -32.91
C MET E 227 19.84 -26.85 -33.63
N ASP E 228 20.79 -26.38 -34.53
CA ASP E 228 21.77 -27.19 -35.15
C ASP E 228 22.71 -27.96 -34.24
N ALA E 229 23.33 -27.26 -33.29
CA ALA E 229 24.23 -27.83 -32.33
C ALA E 229 23.61 -28.89 -31.50
N TRP E 230 22.42 -28.56 -31.08
CA TRP E 230 21.59 -29.40 -30.35
C TRP E 230 21.25 -30.65 -31.04
N GLY E 231 21.08 -30.58 -32.37
CA GLY E 231 20.86 -31.70 -33.29
C GLY E 231 21.99 -32.66 -33.36
N VAL E 232 23.21 -32.19 -33.35
CA VAL E 232 24.46 -32.99 -33.14
C VAL E 232 24.36 -33.67 -31.79
N GLN E 233 24.03 -32.92 -30.71
CA GLN E 233 23.89 -33.57 -29.39
C GLN E 233 22.88 -34.70 -29.41
N LEU E 234 21.74 -34.59 -30.05
CA LEU E 234 20.86 -35.69 -30.22
C LEU E 234 21.49 -36.84 -31.01
N GLN E 235 22.26 -36.47 -32.05
CA GLN E 235 22.94 -37.43 -32.88
C GLN E 235 23.88 -38.25 -32.11
N THR E 236 24.58 -37.60 -31.18
CA THR E 236 25.48 -38.31 -30.23
C THR E 236 24.80 -39.20 -29.20
N VAL E 237 23.46 -39.00 -28.96
CA VAL E 237 22.68 -39.82 -28.16
C VAL E 237 22.17 -41.03 -28.86
N ILE E 238 21.92 -40.93 -30.15
CA ILE E 238 21.60 -42.07 -30.95
C ILE E 238 22.84 -42.97 -31.11
N ALA E 239 23.99 -42.51 -30.73
CA ALA E 239 25.19 -43.32 -30.75
C ALA E 239 25.19 -44.11 -29.50
N ALA E 240 25.13 -43.44 -28.37
CA ALA E 240 24.88 -44.07 -27.03
C ALA E 240 23.55 -44.81 -26.90
N ALA E 241 22.59 -44.55 -27.70
CA ALA E 241 21.40 -45.39 -27.68
C ALA E 241 21.74 -46.71 -28.37
N THR E 242 22.56 -46.62 -29.38
CA THR E 242 22.97 -47.80 -30.09
C THR E 242 24.05 -48.52 -29.28
N ARG E 243 25.14 -47.85 -28.80
CA ARG E 243 26.08 -48.47 -27.89
C ARG E 243 25.46 -49.15 -26.68
N ASP E 244 24.46 -48.51 -26.06
CA ASP E 244 23.71 -48.98 -24.93
C ASP E 244 22.25 -48.80 -25.25
N PRO E 245 21.55 -49.87 -25.69
CA PRO E 245 20.10 -49.98 -26.01
C PRO E 245 19.32 -49.89 -24.69
N ARG E 246 19.96 -49.84 -23.53
CA ARG E 246 19.32 -49.99 -22.26
C ARG E 246 19.93 -49.01 -21.21
N HIS E 247 20.53 -47.89 -21.60
CA HIS E 247 21.03 -46.87 -20.68
C HIS E 247 19.90 -46.14 -20.04
N PRO E 248 19.96 -45.47 -18.91
CA PRO E 248 18.85 -44.74 -18.19
C PRO E 248 17.72 -44.20 -18.95
N ALA E 249 17.95 -43.29 -19.93
CA ALA E 249 16.94 -42.88 -20.82
C ALA E 249 16.18 -43.95 -21.64
N ASN E 250 16.93 -44.92 -22.22
CA ASN E 250 16.59 -46.12 -22.95
C ASN E 250 15.51 -47.12 -22.41
N GLY E 251 14.94 -47.94 -23.38
CA GLY E 251 13.96 -49.00 -22.81
C GLY E 251 14.64 -50.32 -22.84
N GLN E 252 13.89 -51.43 -22.44
CA GLN E 252 14.42 -52.73 -22.27
C GLN E 252 14.03 -53.69 -23.42
N GLY E 253 13.24 -53.19 -24.37
CA GLY E 253 12.87 -54.00 -25.50
C GLY E 253 12.83 -53.09 -26.71
N ARG E 254 12.73 -53.64 -27.90
CA ARG E 254 12.94 -52.98 -29.17
C ARG E 254 12.16 -51.76 -29.55
N GLY E 255 10.92 -51.60 -28.98
CA GLY E 255 10.08 -50.46 -29.25
C GLY E 255 10.28 -49.39 -28.19
N GLU E 256 10.36 -49.83 -26.94
CA GLU E 256 10.59 -49.11 -25.74
C GLU E 256 11.83 -48.23 -25.80
N ARG E 257 12.78 -48.53 -26.70
CA ARG E 257 14.01 -47.76 -26.89
C ARG E 257 13.78 -46.25 -27.12
N THR E 258 14.90 -45.46 -26.85
CA THR E 258 14.94 -44.02 -27.12
C THR E 258 15.42 -43.82 -28.56
N ASN E 259 14.56 -43.20 -29.37
CA ASN E 259 14.82 -43.19 -30.76
C ASN E 259 14.84 -41.81 -31.26
N LEU E 260 15.39 -41.66 -32.51
CA LEU E 260 15.50 -40.40 -33.25
C LEU E 260 14.17 -39.62 -33.13
N ASN E 261 13.04 -40.24 -33.45
CA ASN E 261 11.72 -39.67 -33.47
C ASN E 261 11.36 -39.20 -32.09
N ARG E 262 11.70 -39.95 -31.02
CA ARG E 262 11.43 -39.52 -29.71
C ARG E 262 12.16 -38.27 -29.46
N LEU E 263 13.48 -38.41 -29.63
CA LEU E 263 14.35 -37.30 -29.48
C LEU E 263 14.13 -36.06 -30.35
N LYS E 264 13.58 -36.18 -31.53
CA LYS E 264 13.33 -35.06 -32.39
C LYS E 264 11.87 -34.61 -32.20
N GLY E 265 11.05 -35.34 -31.41
CA GLY E 265 9.65 -34.94 -31.10
C GLY E 265 8.77 -35.39 -32.22
N LEU E 266 9.28 -36.07 -33.24
CA LEU E 266 8.52 -36.60 -34.38
C LEU E 266 7.73 -37.83 -34.16
N ALA E 267 7.88 -38.49 -33.00
CA ALA E 267 7.03 -39.59 -32.68
C ALA E 267 5.59 -39.12 -32.54
N ASP E 268 4.68 -40.03 -32.90
CA ASP E 268 3.31 -39.88 -32.67
C ASP E 268 2.96 -39.54 -31.18
N GLY E 269 2.09 -38.53 -30.96
CA GLY E 269 1.76 -37.99 -29.67
C GLY E 269 2.75 -37.07 -29.07
N MET E 270 3.89 -36.82 -29.75
CA MET E 270 4.82 -35.86 -29.27
C MET E 270 4.57 -34.58 -30.05
N VAL E 271 4.77 -34.72 -31.36
CA VAL E 271 4.65 -33.64 -32.28
C VAL E 271 3.24 -32.97 -32.11
N GLY E 272 3.21 -31.69 -31.94
CA GLY E 272 1.99 -30.84 -31.73
C GLY E 272 1.41 -31.07 -30.31
N ASN E 273 2.06 -31.93 -29.46
CA ASN E 273 1.49 -32.25 -28.12
C ASN E 273 2.45 -32.35 -27.09
N PRO E 274 2.81 -31.28 -26.35
CA PRO E 274 3.75 -31.31 -25.20
C PRO E 274 3.30 -32.19 -24.09
N GLN E 275 1.99 -32.34 -23.78
CA GLN E 275 1.48 -33.24 -22.76
C GLN E 275 1.79 -34.68 -23.22
N GLY E 276 1.56 -34.95 -24.51
CA GLY E 276 1.99 -36.24 -25.07
C GLY E 276 3.43 -36.48 -25.03
N GLN E 277 4.24 -35.45 -25.31
CA GLN E 277 5.69 -35.59 -25.11
C GLN E 277 6.01 -35.88 -23.69
N ALA E 278 5.37 -35.23 -22.70
CA ALA E 278 5.44 -35.50 -21.36
C ALA E 278 4.90 -36.86 -20.90
N ALA E 279 3.95 -37.42 -21.62
CA ALA E 279 3.27 -38.66 -21.29
C ALA E 279 4.13 -39.81 -21.92
N LEU E 280 4.98 -39.49 -22.90
CA LEU E 280 5.72 -40.46 -23.58
C LEU E 280 7.14 -40.53 -23.07
N LEU E 281 7.79 -39.44 -22.74
CA LEU E 281 9.16 -39.41 -22.35
C LEU E 281 9.37 -39.69 -20.87
N ARG E 282 10.47 -40.32 -20.50
CA ARG E 282 10.92 -40.67 -19.22
C ARG E 282 11.87 -39.67 -18.66
N PRO E 283 11.88 -39.39 -17.30
CA PRO E 283 12.78 -38.51 -16.70
C PRO E 283 14.19 -38.66 -17.11
N GLY E 284 14.78 -39.92 -17.22
CA GLY E 284 16.12 -40.08 -17.69
C GLY E 284 16.47 -39.46 -19.02
N GLU E 285 15.47 -39.54 -19.94
CA GLU E 285 15.53 -39.00 -21.29
C GLU E 285 15.45 -37.46 -21.14
N LEU E 286 14.58 -36.90 -20.22
CA LEU E 286 14.42 -35.48 -19.93
C LEU E 286 15.69 -34.86 -19.44
N VAL E 287 16.49 -35.55 -18.61
CA VAL E 287 17.74 -35.10 -18.16
C VAL E 287 18.79 -35.11 -19.20
N ALA E 288 18.80 -36.17 -19.97
CA ALA E 288 19.66 -36.34 -21.16
C ALA E 288 19.34 -35.22 -22.03
N ILE E 289 18.07 -35.01 -22.46
CA ILE E 289 17.56 -33.84 -23.17
C ILE E 289 18.08 -32.54 -22.62
N THR E 290 17.93 -32.28 -21.33
CA THR E 290 18.47 -31.02 -20.74
C THR E 290 19.97 -30.87 -20.73
N ALA E 291 20.78 -31.92 -20.57
CA ALA E 291 22.20 -31.84 -20.68
C ALA E 291 22.53 -31.47 -22.16
N SER E 292 21.96 -32.24 -23.11
CA SER E 292 22.17 -32.00 -24.53
C SER E 292 21.94 -30.56 -24.86
N ALA E 293 20.83 -30.04 -24.38
CA ALA E 293 20.52 -28.71 -24.48
C ALA E 293 21.55 -27.78 -23.85
N LEU E 294 22.07 -27.99 -22.66
CA LEU E 294 23.01 -27.20 -21.92
C LEU E 294 24.35 -27.14 -22.58
N GLN E 295 24.71 -28.28 -23.14
CA GLN E 295 25.84 -28.51 -23.96
C GLN E 295 25.84 -27.71 -25.16
N ALA E 296 24.86 -27.90 -26.06
CA ALA E 296 24.63 -27.11 -27.24
C ALA E 296 24.58 -25.60 -27.00
N PHE E 297 24.14 -25.19 -25.77
CA PHE E 297 24.14 -23.87 -25.23
C PHE E 297 25.49 -23.34 -24.89
N ARG E 298 26.31 -24.01 -24.13
CA ARG E 298 27.70 -23.73 -23.85
C ARG E 298 28.47 -23.66 -25.08
N GLU E 299 28.25 -24.56 -26.01
CA GLU E 299 28.87 -24.55 -27.35
C GLU E 299 28.61 -23.30 -28.22
N VAL E 300 27.51 -22.60 -27.95
CA VAL E 300 27.03 -21.49 -28.70
C VAL E 300 27.24 -20.19 -28.02
N ALA E 301 27.25 -20.18 -26.71
CA ALA E 301 27.30 -18.90 -26.03
C ALA E 301 28.73 -18.18 -25.91
N ARG E 302 29.67 -18.69 -26.69
CA ARG E 302 31.03 -18.11 -26.63
C ARG E 302 31.33 -17.01 -27.61
N LEU E 303 30.34 -16.48 -28.29
CA LEU E 303 30.46 -15.57 -29.39
C LEU E 303 30.03 -14.12 -29.20
N ALA E 304 30.93 -13.19 -29.60
CA ALA E 304 30.64 -11.78 -29.44
C ALA E 304 30.70 -11.24 -28.00
N GLU E 305 31.99 -11.25 -27.47
CA GLU E 305 32.35 -10.35 -26.34
C GLU E 305 32.25 -8.80 -26.47
N PRO E 306 32.71 -8.13 -27.56
CA PRO E 306 32.76 -6.66 -27.59
C PRO E 306 31.57 -5.89 -27.04
N ALA E 307 31.64 -5.29 -25.83
CA ALA E 307 30.60 -4.55 -25.10
C ALA E 307 30.06 -3.37 -25.94
N GLY E 308 28.79 -3.01 -25.91
CA GLY E 308 27.66 -3.63 -25.24
C GLY E 308 26.81 -2.46 -24.87
N PRO E 309 25.91 -2.53 -23.82
CA PRO E 309 25.06 -1.49 -23.24
C PRO E 309 25.58 -0.09 -23.39
N TRP E 310 26.69 0.32 -22.71
CA TRP E 310 27.45 1.53 -22.68
C TRP E 310 27.30 2.36 -23.95
N ALA E 311 27.26 1.68 -25.09
CA ALA E 311 27.23 2.22 -26.41
C ALA E 311 25.99 2.97 -26.80
N ASP E 312 24.91 2.78 -26.04
CA ASP E 312 23.66 3.43 -26.25
C ASP E 312 23.49 4.55 -25.20
N ILE E 313 24.47 4.78 -24.30
CA ILE E 313 24.46 5.80 -23.30
C ILE E 313 24.99 7.11 -23.86
N MET E 314 24.10 8.10 -24.16
CA MET E 314 24.46 9.41 -24.63
C MET E 314 23.76 10.36 -23.71
N GLN E 315 24.32 11.48 -23.35
CA GLN E 315 23.66 12.49 -22.42
C GLN E 315 22.54 13.08 -23.19
N GLY E 316 21.36 13.09 -22.59
CA GLY E 316 20.14 13.74 -23.08
C GLY E 316 20.23 15.25 -22.90
N PRO E 317 19.69 16.11 -23.81
CA PRO E 317 19.67 17.52 -23.46
C PRO E 317 18.59 17.78 -22.49
N SER E 318 17.81 16.73 -22.27
CA SER E 318 16.76 16.53 -21.35
C SER E 318 17.23 16.22 -19.89
N GLU E 319 18.48 15.76 -19.91
CA GLU E 319 19.10 15.07 -18.79
C GLU E 319 20.17 15.96 -18.22
N SER E 320 20.41 15.88 -16.87
CA SER E 320 21.65 16.52 -16.32
C SER E 320 22.91 15.75 -16.43
N PHE E 321 24.07 16.37 -16.39
CA PHE E 321 25.31 15.69 -16.60
C PHE E 321 25.46 14.62 -15.56
N VAL E 322 25.14 14.91 -14.28
CA VAL E 322 25.10 14.08 -13.12
C VAL E 322 24.09 12.92 -13.29
N ASP E 323 22.89 13.12 -13.90
CA ASP E 323 21.99 12.03 -14.06
C ASP E 323 22.58 11.03 -15.02
N PHE E 324 23.13 11.51 -16.14
CA PHE E 324 23.96 10.79 -17.09
C PHE E 324 25.13 10.14 -16.48
N ALA E 325 25.96 10.84 -15.69
CA ALA E 325 27.08 10.33 -15.05
C ALA E 325 26.66 9.23 -14.18
N ASN E 326 25.59 9.42 -13.39
CA ASN E 326 25.10 8.33 -12.67
C ASN E 326 24.57 7.18 -13.52
N ARG E 327 23.77 7.32 -14.56
CA ARG E 327 23.32 6.24 -15.42
C ARG E 327 24.56 5.47 -15.94
N LEU E 328 25.62 6.16 -16.38
CA LEU E 328 26.82 5.60 -16.93
C LEU E 328 27.68 4.90 -15.90
N ILE E 329 27.84 5.54 -14.73
CA ILE E 329 28.56 5.02 -13.64
C ILE E 329 27.91 3.74 -13.20
N LYS E 330 26.59 3.66 -13.21
CA LYS E 330 25.81 2.47 -12.94
C LYS E 330 26.21 1.39 -13.96
N ALA E 331 26.28 1.70 -15.24
CA ALA E 331 26.66 0.72 -16.24
C ALA E 331 28.09 0.20 -16.12
N VAL E 332 29.03 1.04 -15.72
CA VAL E 332 30.47 0.87 -15.46
C VAL E 332 30.66 0.05 -14.22
N GLU E 333 29.85 0.36 -13.20
CA GLU E 333 29.75 -0.46 -11.96
C GLU E 333 29.38 -1.86 -12.34
N GLY E 334 28.51 -1.89 -13.37
CA GLY E 334 28.06 -3.13 -14.05
C GLY E 334 28.90 -3.73 -15.13
N SER E 335 30.06 -3.10 -15.42
CA SER E 335 31.05 -3.65 -16.37
C SER E 335 31.93 -4.68 -15.67
N ASP E 336 32.61 -5.48 -16.50
CA ASP E 336 33.49 -6.54 -16.06
C ASP E 336 34.96 -6.17 -16.20
N LEU E 337 35.31 -4.91 -16.32
CA LEU E 337 36.69 -4.56 -16.55
C LEU E 337 37.39 -4.50 -15.20
N PRO E 338 38.69 -4.66 -15.17
CA PRO E 338 39.57 -4.19 -14.12
C PRO E 338 39.32 -2.83 -13.79
N PRO E 339 39.20 -2.48 -12.50
CA PRO E 339 38.89 -1.09 -12.13
C PRO E 339 39.76 -0.08 -12.89
N SER E 340 41.03 -0.42 -13.07
CA SER E 340 42.00 0.40 -13.76
C SER E 340 41.75 0.68 -15.20
N ALA E 341 40.80 -0.10 -15.79
CA ALA E 341 40.50 0.18 -17.16
C ALA E 341 39.20 0.84 -17.28
N ARG E 342 38.48 0.89 -16.12
CA ARG E 342 37.16 1.56 -16.04
C ARG E 342 37.13 2.97 -16.25
N ALA E 343 37.96 3.67 -15.50
CA ALA E 343 38.14 5.13 -15.57
C ALA E 343 38.58 5.67 -16.97
N PRO E 344 39.55 5.11 -17.71
CA PRO E 344 39.78 5.54 -19.08
C PRO E 344 38.49 5.45 -19.97
N VAL E 345 37.70 4.37 -19.75
CA VAL E 345 36.44 4.19 -20.47
C VAL E 345 35.41 5.28 -20.09
N ILE E 346 35.32 5.54 -18.78
CA ILE E 346 34.37 6.55 -18.23
C ILE E 346 34.70 7.89 -18.78
N ILE E 347 35.95 8.37 -18.70
CA ILE E 347 36.45 9.58 -19.23
C ILE E 347 36.23 9.65 -20.70
N ASP E 348 36.45 8.60 -21.47
CA ASP E 348 36.07 8.60 -22.83
C ASP E 348 34.60 8.86 -23.04
N CYS E 349 33.69 8.29 -22.27
CA CYS E 349 32.29 8.60 -22.47
C CYS E 349 31.91 10.05 -22.13
N PHE E 350 32.53 10.54 -21.03
CA PHE E 350 32.38 11.91 -20.63
C PHE E 350 32.78 12.86 -21.79
N ARG E 351 33.97 12.58 -22.32
CA ARG E 351 34.55 13.33 -23.43
C ARG E 351 33.68 13.17 -24.66
N GLN E 352 32.97 12.12 -24.90
CA GLN E 352 32.50 11.83 -26.24
C GLN E 352 30.97 11.92 -26.36
N LYS E 353 30.25 11.66 -25.30
CA LYS E 353 28.84 11.34 -25.27
C LYS E 353 28.17 12.30 -24.27
N SER E 354 28.87 13.31 -23.64
CA SER E 354 28.11 14.32 -22.85
C SER E 354 27.48 15.34 -23.73
N GLN E 355 27.69 16.69 -23.56
CA GLN E 355 27.09 17.71 -24.48
C GLN E 355 28.22 18.46 -25.07
N PRO E 356 28.20 18.86 -26.30
CA PRO E 356 29.40 19.40 -27.02
C PRO E 356 30.09 20.48 -26.33
N ASP E 357 29.45 21.49 -25.76
CA ASP E 357 30.05 22.56 -25.09
C ASP E 357 30.68 22.17 -23.74
N ILE E 358 30.04 21.18 -23.17
CA ILE E 358 30.53 20.49 -21.99
C ILE E 358 31.71 19.64 -22.30
N GLN E 359 31.77 18.98 -23.49
CA GLN E 359 32.90 18.28 -23.93
C GLN E 359 34.07 19.18 -24.05
N GLN E 360 33.84 20.42 -24.55
CA GLN E 360 34.79 21.49 -24.78
C GLN E 360 35.24 22.06 -23.47
N LEU E 361 34.29 22.13 -22.50
CA LEU E 361 34.52 22.55 -21.13
C LEU E 361 35.54 21.53 -20.57
N ILE E 362 35.32 20.26 -20.83
CA ILE E 362 36.29 19.20 -20.46
C ILE E 362 37.65 19.36 -21.16
N ARG E 363 37.70 19.81 -22.39
CA ARG E 363 38.91 20.12 -23.12
C ARG E 363 39.77 21.19 -22.51
N THR E 364 39.09 22.14 -21.75
CA THR E 364 39.82 23.15 -21.04
C THR E 364 40.29 22.60 -19.67
N ALA E 365 39.79 21.46 -19.17
CA ALA E 365 40.21 20.91 -17.88
C ALA E 365 41.61 20.44 -17.96
N PRO E 366 42.40 20.60 -16.95
CA PRO E 366 43.73 20.06 -16.95
C PRO E 366 43.86 18.57 -17.04
N SER E 367 45.08 18.10 -17.26
CA SER E 367 45.46 16.69 -17.28
C SER E 367 45.84 16.20 -15.90
N THR E 368 45.88 17.12 -15.02
CA THR E 368 45.98 17.12 -13.58
C THR E 368 44.62 16.70 -13.03
N LEU E 369 43.57 16.75 -13.87
CA LEU E 369 42.32 16.00 -13.57
C LEU E 369 42.54 14.63 -14.19
N THR E 370 42.47 13.66 -13.27
CA THR E 370 42.82 12.33 -13.49
C THR E 370 41.79 11.31 -13.08
N THR E 371 40.64 11.71 -12.45
CA THR E 371 39.61 10.75 -12.22
C THR E 371 38.30 11.46 -12.47
N PRO E 372 37.18 10.79 -12.86
CA PRO E 372 35.89 11.37 -13.03
C PRO E 372 35.45 12.18 -11.88
N GLY E 373 35.73 11.85 -10.64
CA GLY E 373 35.36 12.65 -9.51
C GLY E 373 35.90 14.09 -9.58
N GLU E 374 37.16 14.29 -9.92
CA GLU E 374 37.79 15.59 -10.11
C GLU E 374 37.16 16.35 -11.14
N ILE E 375 36.74 15.64 -12.20
CA ILE E 375 36.01 16.24 -13.34
C ILE E 375 34.65 16.67 -12.92
N ILE E 376 33.96 15.89 -12.15
CA ILE E 376 32.63 16.18 -11.64
C ILE E 376 32.63 17.47 -10.79
N LYS E 377 33.66 17.59 -9.94
CA LYS E 377 33.94 18.76 -9.19
C LYS E 377 34.11 20.01 -10.11
N TYR E 378 34.89 19.87 -11.14
CA TYR E 378 35.14 20.95 -12.09
C TYR E 378 33.85 21.46 -12.71
N VAL E 379 33.01 20.54 -13.11
CA VAL E 379 31.63 20.95 -13.54
C VAL E 379 30.82 21.58 -12.41
N LEU E 380 30.79 21.01 -11.19
CA LEU E 380 30.00 21.45 -10.04
C LEU E 380 30.45 22.95 -9.72
N ASP E 381 31.66 23.32 -9.97
CA ASP E 381 32.24 24.62 -9.67
C ASP E 381 31.57 25.78 -10.36
N ARG E 382 30.87 25.54 -11.45
CA ARG E 382 30.49 26.53 -12.44
C ARG E 382 28.97 26.72 -12.38
N GLN E 383 28.24 25.82 -11.72
CA GLN E 383 26.77 25.81 -11.65
C GLN E 383 26.37 26.60 -10.32
N ALA F 129 -7.46 -41.15 -6.26
CA ALA F 129 -6.51 -40.33 -7.14
C ALA F 129 -7.08 -40.10 -8.55
N GLY F 130 -6.43 -39.36 -9.46
CA GLY F 130 -7.11 -39.17 -10.78
C GLY F 130 -8.10 -38.05 -10.89
N GLN F 131 -8.22 -37.43 -12.11
CA GLN F 131 -7.56 -37.81 -13.32
C GLN F 131 -6.61 -36.69 -13.60
N ALA F 132 -5.85 -36.80 -14.71
CA ALA F 132 -4.91 -35.80 -15.25
C ALA F 132 -4.01 -34.95 -14.36
N PRO F 133 -2.96 -35.49 -13.83
CA PRO F 133 -2.11 -34.74 -12.86
C PRO F 133 -1.36 -33.65 -13.61
N GLY F 134 -1.09 -32.46 -12.90
CA GLY F 134 -1.40 -32.19 -11.54
C GLY F 134 -2.79 -31.90 -11.08
N PRO F 135 -3.72 -31.24 -11.84
CA PRO F 135 -3.57 -30.57 -13.17
C PRO F 135 -2.53 -29.60 -13.26
N ALA F 136 -1.68 -29.62 -14.36
CA ALA F 136 -1.71 -30.42 -15.62
C ALA F 136 -0.30 -30.44 -16.20
N LEU F 137 0.27 -29.18 -16.45
CA LEU F 137 1.56 -28.86 -17.16
C LEU F 137 1.88 -27.41 -16.96
N THR F 138 2.68 -26.93 -17.88
CA THR F 138 3.64 -25.93 -17.39
C THR F 138 4.26 -25.21 -18.51
N ASP F 139 4.61 -23.92 -18.33
CA ASP F 139 3.96 -22.69 -17.84
C ASP F 139 4.13 -21.60 -18.85
N TRP F 140 4.60 -22.02 -20.04
CA TRP F 140 4.51 -21.30 -21.28
C TRP F 140 3.40 -20.38 -21.59
N ALA F 141 2.11 -20.85 -21.55
CA ALA F 141 0.99 -19.95 -21.50
C ALA F 141 1.11 -18.73 -20.60
N ARG F 142 1.38 -18.96 -19.32
CA ARG F 142 1.60 -17.97 -18.30
C ARG F 142 2.75 -17.11 -18.58
N VAL F 143 3.90 -17.74 -18.87
CA VAL F 143 5.14 -17.08 -19.27
C VAL F 143 4.92 -16.24 -20.45
N ARG F 144 4.26 -16.65 -21.59
CA ARG F 144 3.90 -15.83 -22.73
C ARG F 144 3.25 -14.57 -22.36
N GLU F 145 2.02 -14.66 -21.75
CA GLU F 145 1.23 -13.56 -21.22
C GLU F 145 2.03 -12.60 -20.34
N GLU F 146 2.81 -13.20 -19.44
CA GLU F 146 3.78 -12.45 -18.53
C GLU F 146 4.77 -11.56 -19.32
N LEU F 147 5.73 -12.22 -19.96
CA LEU F 147 6.61 -11.67 -20.89
C LEU F 147 6.03 -10.66 -21.83
N ALA F 148 4.84 -10.76 -22.43
CA ALA F 148 4.19 -9.82 -23.31
C ALA F 148 3.93 -8.54 -22.58
N SER F 149 3.22 -8.64 -21.48
CA SER F 149 2.89 -7.67 -20.50
C SER F 149 4.10 -7.16 -19.67
N THR F 150 5.33 -7.27 -20.18
CA THR F 150 6.62 -6.88 -19.65
C THR F 150 7.53 -6.23 -20.59
N GLY F 151 7.83 -4.91 -20.53
CA GLY F 151 8.72 -4.28 -21.54
C GLY F 151 8.33 -4.66 -22.97
N PRO F 152 7.15 -4.47 -23.53
CA PRO F 152 6.70 -4.91 -24.84
C PRO F 152 7.47 -4.62 -26.11
N PRO F 153 8.45 -3.78 -26.38
CA PRO F 153 8.99 -3.56 -27.72
C PRO F 153 9.44 -4.75 -28.54
N VAL F 154 10.09 -5.71 -27.87
CA VAL F 154 10.39 -6.94 -28.45
C VAL F 154 10.02 -8.01 -27.35
N VAL F 155 8.93 -8.74 -27.44
CA VAL F 155 8.53 -9.73 -26.33
C VAL F 155 7.90 -11.01 -26.80
N ALA F 156 8.00 -12.02 -25.89
CA ALA F 156 7.21 -13.26 -25.91
C ALA F 156 7.31 -14.30 -27.02
N MET F 157 8.47 -14.96 -27.16
CA MET F 157 8.59 -15.97 -28.17
C MET F 157 8.20 -17.46 -27.71
N PRO F 158 7.53 -17.84 -26.60
CA PRO F 158 7.25 -19.19 -26.39
C PRO F 158 5.96 -19.75 -26.96
N VAL F 159 5.99 -20.86 -27.61
CA VAL F 159 4.84 -21.42 -28.20
C VAL F 159 3.78 -21.87 -27.16
N VAL F 160 2.51 -21.64 -27.39
CA VAL F 160 1.45 -21.83 -26.40
C VAL F 160 0.27 -22.42 -27.11
N ILE F 161 -0.29 -23.45 -26.57
CA ILE F 161 -1.18 -24.34 -27.36
C ILE F 161 -2.57 -24.55 -26.83
N LYS F 162 -2.71 -24.59 -25.49
CA LYS F 162 -3.97 -24.71 -24.78
C LYS F 162 -5.13 -25.48 -25.45
N THR F 163 -5.00 -26.79 -25.53
CA THR F 163 -6.08 -27.68 -25.30
C THR F 163 -7.00 -27.40 -24.13
N GLU F 164 -8.35 -27.40 -24.38
CA GLU F 164 -9.30 -28.51 -24.22
C GLU F 164 -10.73 -27.99 -24.05
N GLY F 165 -11.12 -26.81 -23.37
CA GLY F 165 -11.15 -26.68 -21.94
C GLY F 165 -12.54 -26.90 -21.52
N PRO F 166 -13.46 -26.00 -21.12
CA PRO F 166 -14.86 -26.03 -21.55
C PRO F 166 -15.00 -26.01 -23.05
N ALA F 167 -16.14 -26.32 -23.68
CA ALA F 167 -16.33 -26.25 -25.13
C ALA F 167 -16.00 -24.90 -25.73
N TRP F 168 -15.91 -23.79 -24.94
CA TRP F 168 -15.79 -22.47 -25.34
C TRP F 168 -15.02 -21.86 -24.16
N THR F 169 -14.51 -20.64 -24.33
CA THR F 169 -13.41 -20.10 -23.49
C THR F 169 -13.65 -18.70 -22.93
N PRO F 170 -14.34 -18.49 -21.77
CA PRO F 170 -14.64 -17.21 -21.14
C PRO F 170 -13.52 -16.20 -21.11
N LEU F 171 -13.83 -14.95 -21.49
CA LEU F 171 -12.89 -13.90 -21.70
C LEU F 171 -12.13 -13.30 -20.56
N GLU F 172 -11.05 -12.53 -20.96
CA GLU F 172 -10.07 -11.81 -20.09
C GLU F 172 -10.30 -10.40 -20.32
N PRO F 173 -10.91 -9.69 -19.34
CA PRO F 173 -11.36 -8.34 -19.67
C PRO F 173 -10.23 -7.34 -19.71
N LYS F 174 -9.21 -7.45 -18.87
CA LYS F 174 -8.11 -6.53 -18.82
C LYS F 174 -7.37 -6.52 -20.10
N LEU F 175 -7.14 -7.72 -20.70
CA LEU F 175 -6.48 -7.88 -21.94
C LEU F 175 -7.25 -7.26 -23.05
N ILE F 176 -8.57 -7.33 -22.86
CA ILE F 176 -9.50 -6.67 -23.72
C ILE F 176 -9.56 -5.15 -23.51
N THR F 177 -9.48 -4.65 -22.25
CA THR F 177 -9.43 -3.20 -22.08
C THR F 177 -8.29 -2.50 -22.67
N ARG F 178 -7.09 -3.01 -22.39
CA ARG F 178 -5.88 -2.52 -22.93
C ARG F 178 -5.87 -2.65 -24.43
N LEU F 179 -6.64 -3.64 -24.99
CA LEU F 179 -6.76 -3.82 -26.45
C LEU F 179 -7.51 -2.66 -26.96
N ALA F 180 -8.56 -2.28 -26.23
CA ALA F 180 -9.39 -1.12 -26.53
C ALA F 180 -8.46 0.10 -26.48
N ASP F 181 -7.62 0.29 -25.49
CA ASP F 181 -6.55 1.33 -25.50
C ASP F 181 -5.68 1.37 -26.74
N THR F 182 -5.17 0.21 -27.09
CA THR F 182 -4.41 0.11 -28.35
C THR F 182 -5.16 0.48 -29.61
N VAL F 183 -6.48 -0.02 -29.67
CA VAL F 183 -7.47 0.16 -30.71
C VAL F 183 -7.91 1.60 -30.82
N ARG F 184 -7.98 2.29 -29.72
CA ARG F 184 -8.16 3.71 -29.63
C ARG F 184 -7.04 4.52 -30.25
N THR F 185 -5.93 4.52 -29.49
CA THR F 185 -4.62 5.14 -29.71
C THR F 185 -4.10 4.87 -31.07
N LYS F 186 -3.47 3.69 -31.30
CA LYS F 186 -2.86 3.23 -32.56
C LYS F 186 -3.85 2.67 -33.53
N GLY F 187 -4.83 1.95 -33.02
CA GLY F 187 -5.44 0.87 -33.68
C GLY F 187 -4.61 -0.05 -34.49
N LEU F 188 -5.19 -0.39 -35.63
CA LEU F 188 -4.97 -1.70 -36.22
C LEU F 188 -3.86 -1.66 -37.32
N ARG F 189 -3.56 -0.35 -37.70
CA ARG F 189 -2.37 0.30 -38.06
C ARG F 189 -1.14 -0.12 -37.26
N SER F 190 -1.30 -0.71 -36.09
CA SER F 190 -0.23 -1.67 -35.65
C SER F 190 -0.91 -3.00 -35.67
N PRO F 191 -0.32 -3.86 -36.45
CA PRO F 191 0.13 -5.19 -36.10
C PRO F 191 0.79 -5.36 -34.78
N ILE F 192 0.41 -4.68 -33.77
CA ILE F 192 0.53 -5.11 -32.42
C ILE F 192 -0.88 -5.16 -31.94
N THR F 193 -1.65 -4.15 -32.28
CA THR F 193 -3.11 -4.18 -31.89
C THR F 193 -3.79 -5.37 -32.61
N MET F 194 -3.54 -5.45 -33.92
CA MET F 194 -3.97 -6.59 -34.80
C MET F 194 -3.46 -7.90 -34.27
N ALA F 195 -2.14 -7.91 -33.92
CA ALA F 195 -1.41 -9.12 -33.39
C ALA F 195 -2.09 -9.58 -32.11
N GLU F 196 -2.35 -8.64 -31.19
CA GLU F 196 -3.09 -8.86 -30.00
C GLU F 196 -4.49 -9.31 -30.26
N VAL F 197 -5.21 -8.91 -31.37
CA VAL F 197 -6.59 -9.49 -31.60
C VAL F 197 -6.51 -10.86 -32.07
N GLU F 198 -5.67 -11.13 -33.07
CA GLU F 198 -5.33 -12.44 -33.48
C GLU F 198 -5.18 -13.40 -32.40
N ALA F 199 -4.25 -13.08 -31.47
CA ALA F 199 -4.07 -13.91 -30.30
C ALA F 199 -5.37 -14.15 -29.49
N LEU F 200 -6.10 -13.06 -29.26
CA LEU F 200 -7.39 -13.09 -28.54
C LEU F 200 -8.43 -13.86 -29.28
N MET F 201 -8.23 -14.11 -30.56
CA MET F 201 -9.20 -14.77 -31.39
C MET F 201 -8.59 -16.00 -31.78
N SER F 202 -7.84 -16.65 -30.85
CA SER F 202 -7.52 -18.03 -31.03
C SER F 202 -8.58 -18.91 -30.29
N SER F 203 -9.25 -18.15 -29.39
CA SER F 203 -10.37 -18.58 -28.57
C SER F 203 -11.55 -19.09 -29.33
N PRO F 204 -12.16 -20.14 -28.94
CA PRO F 204 -13.47 -20.46 -29.46
C PRO F 204 -14.42 -19.85 -28.42
N LEU F 205 -15.32 -18.95 -28.93
CA LEU F 205 -16.37 -18.35 -28.13
C LEU F 205 -17.59 -18.12 -28.97
N LEU F 206 -18.74 -17.65 -28.39
CA LEU F 206 -20.02 -17.67 -29.06
C LEU F 206 -20.37 -16.43 -29.87
N PRO F 207 -21.27 -16.49 -30.89
CA PRO F 207 -21.72 -15.36 -31.72
C PRO F 207 -22.07 -14.12 -30.91
N HIS F 208 -22.65 -14.26 -29.68
CA HIS F 208 -22.89 -13.21 -28.77
C HIS F 208 -21.63 -12.49 -28.38
N ASP F 209 -20.56 -13.20 -28.10
CA ASP F 209 -19.28 -12.63 -27.77
C ASP F 209 -18.74 -11.94 -28.98
N VAL F 210 -18.87 -12.56 -30.18
CA VAL F 210 -18.34 -11.95 -31.39
C VAL F 210 -18.97 -10.56 -31.60
N THR F 211 -20.31 -10.58 -31.61
CA THR F 211 -21.16 -9.43 -31.58
C THR F 211 -20.71 -8.44 -30.57
N ASN F 212 -20.61 -8.79 -29.28
CA ASN F 212 -20.31 -7.82 -28.24
C ASN F 212 -18.94 -7.20 -28.29
N LEU F 213 -17.94 -8.01 -28.58
CA LEU F 213 -16.59 -7.49 -28.96
C LEU F 213 -16.57 -6.56 -30.20
N MET F 214 -17.19 -6.96 -31.34
CA MET F 214 -17.19 -6.19 -32.57
C MET F 214 -17.95 -4.96 -32.56
N ARG F 215 -19.18 -4.94 -32.04
CA ARG F 215 -19.89 -3.69 -31.82
C ARG F 215 -19.20 -2.66 -31.02
N VAL F 216 -18.39 -3.19 -30.06
CA VAL F 216 -17.72 -2.32 -29.17
C VAL F 216 -16.47 -1.73 -29.72
N ILE F 217 -15.64 -2.53 -30.41
CA ILE F 217 -14.41 -2.14 -30.98
C ILE F 217 -14.57 -1.40 -32.29
N LEU F 218 -15.40 -1.89 -33.15
CA LEU F 218 -15.64 -1.22 -34.42
C LEU F 218 -16.42 0.08 -34.37
N GLY F 219 -17.43 0.22 -33.50
CA GLY F 219 -18.28 1.39 -33.45
C GLY F 219 -19.20 1.22 -34.67
N PRO F 220 -20.31 1.90 -34.59
CA PRO F 220 -21.43 1.67 -35.53
C PRO F 220 -21.26 1.50 -37.01
N ALA F 221 -20.66 2.50 -37.71
CA ALA F 221 -20.31 2.51 -39.08
C ALA F 221 -19.32 1.35 -39.38
N PRO F 222 -18.15 1.23 -38.89
CA PRO F 222 -17.32 0.12 -39.24
C PRO F 222 -17.92 -1.21 -38.71
N TYR F 223 -18.61 -1.34 -37.57
CA TYR F 223 -19.29 -2.49 -37.25
C TYR F 223 -20.24 -2.92 -38.34
N ALA F 224 -20.95 -1.94 -38.97
CA ALA F 224 -21.84 -2.29 -40.05
C ALA F 224 -21.15 -2.86 -41.26
N LEU F 225 -20.06 -2.23 -41.70
CA LEU F 225 -19.21 -2.73 -42.79
C LEU F 225 -18.76 -4.10 -42.46
N TRP F 226 -18.18 -4.33 -41.23
CA TRP F 226 -17.83 -5.65 -40.82
C TRP F 226 -19.03 -6.57 -40.92
N MET F 227 -20.20 -6.25 -40.40
CA MET F 227 -21.36 -7.12 -40.33
C MET F 227 -21.61 -7.77 -41.66
N ASP F 228 -21.61 -6.94 -42.72
CA ASP F 228 -21.80 -7.28 -44.10
C ASP F 228 -20.75 -8.18 -44.55
N ALA F 229 -19.50 -7.83 -44.32
CA ALA F 229 -18.31 -8.70 -44.58
C ALA F 229 -18.41 -10.03 -43.85
N TRP F 230 -18.78 -10.06 -42.60
CA TRP F 230 -19.01 -11.24 -41.91
C TRP F 230 -20.09 -12.08 -42.46
N GLY F 231 -21.19 -11.56 -42.94
CA GLY F 231 -22.25 -12.38 -43.61
C GLY F 231 -21.77 -13.06 -44.82
N VAL F 232 -20.98 -12.35 -45.62
CA VAL F 232 -20.26 -12.87 -46.80
C VAL F 232 -19.38 -14.04 -46.52
N GLN F 233 -18.61 -13.88 -45.53
CA GLN F 233 -17.86 -14.87 -44.92
C GLN F 233 -18.62 -16.15 -44.44
N LEU F 234 -19.76 -15.90 -43.78
CA LEU F 234 -20.72 -16.91 -43.43
C LEU F 234 -21.35 -17.66 -44.68
N GLN F 235 -21.66 -17.01 -45.79
CA GLN F 235 -22.12 -17.42 -47.10
C GLN F 235 -21.17 -18.40 -47.66
N THR F 236 -19.84 -18.15 -47.45
CA THR F 236 -18.79 -19.14 -47.90
C THR F 236 -18.74 -20.39 -47.08
N VAL F 237 -19.35 -20.38 -45.83
CA VAL F 237 -19.50 -21.52 -44.94
C VAL F 237 -20.66 -22.37 -45.39
N ILE F 238 -21.68 -21.76 -45.94
CA ILE F 238 -22.88 -22.41 -46.49
C ILE F 238 -22.62 -23.20 -47.76
N ALA F 239 -21.42 -22.91 -48.35
CA ALA F 239 -20.98 -23.71 -49.47
C ALA F 239 -20.30 -25.00 -48.87
N ALA F 240 -19.28 -24.84 -48.04
CA ALA F 240 -18.54 -25.86 -47.24
C ALA F 240 -19.43 -26.62 -46.26
N ALA F 241 -20.60 -26.15 -45.87
CA ALA F 241 -21.66 -26.74 -45.08
C ALA F 241 -22.43 -27.67 -46.01
N THR F 242 -22.69 -27.35 -47.24
CA THR F 242 -23.39 -28.24 -48.17
C THR F 242 -22.46 -29.27 -48.74
N ARG F 243 -21.34 -28.80 -49.27
CA ARG F 243 -20.34 -29.64 -49.87
C ARG F 243 -19.89 -30.79 -49.06
N ASP F 244 -19.71 -30.58 -47.76
CA ASP F 244 -19.12 -31.50 -46.84
C ASP F 244 -19.98 -31.60 -45.53
N PRO F 245 -20.08 -32.82 -44.92
CA PRO F 245 -20.80 -32.89 -43.66
C PRO F 245 -19.71 -33.37 -42.68
N ARG F 246 -18.57 -33.95 -43.09
CA ARG F 246 -17.49 -34.46 -42.27
C ARG F 246 -16.81 -33.47 -41.38
N HIS F 247 -16.65 -32.22 -41.81
CA HIS F 247 -16.08 -31.11 -41.03
C HIS F 247 -16.55 -30.81 -39.59
N PRO F 248 -15.67 -30.43 -38.64
CA PRO F 248 -15.99 -30.15 -37.22
C PRO F 248 -17.20 -29.35 -36.99
N ALA F 249 -17.63 -28.43 -37.87
CA ALA F 249 -18.79 -27.65 -37.56
C ALA F 249 -20.05 -28.24 -38.16
N ASN F 250 -19.99 -29.44 -38.78
CA ASN F 250 -21.09 -30.09 -39.37
C ASN F 250 -21.29 -31.45 -38.86
N GLY F 251 -22.51 -31.98 -39.12
CA GLY F 251 -23.03 -33.26 -38.66
C GLY F 251 -23.33 -34.12 -39.86
N GLN F 252 -23.72 -35.43 -39.70
CA GLN F 252 -23.97 -36.31 -40.81
C GLN F 252 -25.40 -36.48 -41.20
N GLY F 253 -26.23 -36.98 -40.29
CA GLY F 253 -27.66 -37.01 -40.47
C GLY F 253 -28.28 -35.67 -40.66
N ARG F 254 -29.39 -35.59 -41.37
CA ARG F 254 -30.03 -34.34 -41.84
C ARG F 254 -30.24 -33.37 -40.64
N GLY F 255 -30.75 -33.88 -39.53
CA GLY F 255 -30.91 -33.06 -38.32
C GLY F 255 -29.63 -32.75 -37.65
N GLU F 256 -28.52 -33.39 -38.03
CA GLU F 256 -27.19 -33.06 -37.49
C GLU F 256 -26.44 -32.12 -38.37
N ARG F 257 -26.84 -32.05 -39.61
CA ARG F 257 -26.36 -31.09 -40.55
C ARG F 257 -26.77 -29.69 -40.09
N THR F 258 -25.73 -28.85 -40.01
CA THR F 258 -25.83 -27.51 -39.44
C THR F 258 -26.62 -26.60 -40.32
N ASN F 259 -27.52 -25.80 -39.70
CA ASN F 259 -28.35 -24.84 -40.31
C ASN F 259 -27.90 -23.47 -40.19
N LEU F 260 -28.40 -22.72 -41.26
CA LEU F 260 -28.12 -21.28 -41.37
C LEU F 260 -28.34 -20.52 -40.16
N ASN F 261 -29.52 -20.76 -39.55
CA ASN F 261 -30.01 -20.11 -38.33
C ASN F 261 -29.16 -20.28 -37.13
N ARG F 262 -28.60 -21.46 -36.94
CA ARG F 262 -27.65 -21.60 -35.90
C ARG F 262 -26.46 -20.74 -36.20
N LEU F 263 -25.86 -20.94 -37.37
CA LEU F 263 -24.74 -20.06 -37.81
C LEU F 263 -25.01 -18.57 -37.79
N LYS F 264 -26.21 -18.14 -37.97
CA LYS F 264 -26.58 -16.74 -37.85
C LYS F 264 -27.06 -16.37 -36.43
N GLY F 265 -27.18 -17.41 -35.49
CA GLY F 265 -27.67 -17.17 -34.14
C GLY F 265 -29.16 -16.90 -34.03
N LEU F 266 -29.82 -17.03 -35.18
CA LEU F 266 -31.25 -16.70 -35.40
C LEU F 266 -32.10 -17.95 -35.20
N ALA F 267 -31.40 -19.06 -34.79
CA ALA F 267 -31.93 -20.34 -34.35
C ALA F 267 -32.59 -20.27 -33.00
N ASP F 268 -33.52 -21.23 -32.75
CA ASP F 268 -34.34 -21.14 -31.61
C ASP F 268 -33.52 -21.71 -30.49
N GLY F 269 -33.51 -20.92 -29.34
CA GLY F 269 -32.46 -21.13 -28.42
C GLY F 269 -31.17 -20.40 -28.63
N MET F 270 -31.19 -19.42 -29.55
CA MET F 270 -30.00 -18.64 -29.86
C MET F 270 -30.20 -17.16 -29.74
N VAL F 271 -31.27 -16.69 -30.33
CA VAL F 271 -31.69 -15.30 -30.29
C VAL F 271 -32.19 -14.93 -28.93
N GLY F 272 -31.55 -13.88 -28.37
CA GLY F 272 -31.78 -13.52 -26.96
C GLY F 272 -31.39 -14.59 -25.92
N ASN F 273 -30.48 -15.50 -26.30
CA ASN F 273 -30.11 -16.69 -25.53
C ASN F 273 -28.72 -17.27 -25.84
N PRO F 274 -27.69 -16.57 -25.37
CA PRO F 274 -26.31 -17.05 -25.51
C PRO F 274 -26.12 -18.40 -24.83
N GLN F 275 -26.79 -18.65 -23.67
CA GLN F 275 -26.72 -19.87 -22.88
C GLN F 275 -27.26 -21.00 -23.71
N GLY F 276 -28.38 -20.69 -24.42
CA GLY F 276 -28.88 -21.57 -25.48
C GLY F 276 -27.88 -21.76 -26.65
N GLN F 277 -27.18 -20.73 -27.15
CA GLN F 277 -26.24 -20.93 -28.23
C GLN F 277 -25.07 -21.96 -27.66
N ALA F 278 -24.68 -21.67 -26.43
CA ALA F 278 -23.68 -22.44 -25.73
C ALA F 278 -24.05 -23.94 -25.53
N ALA F 279 -25.37 -24.15 -25.49
CA ALA F 279 -26.04 -25.34 -25.26
C ALA F 279 -26.31 -26.07 -26.56
N LEU F 280 -26.40 -25.42 -27.71
CA LEU F 280 -26.65 -25.91 -29.05
C LEU F 280 -25.38 -26.06 -29.81
N LEU F 281 -24.41 -25.13 -29.76
CA LEU F 281 -23.26 -25.15 -30.72
C LEU F 281 -22.16 -26.15 -30.40
N ARG F 282 -21.48 -26.79 -31.45
CA ARG F 282 -20.30 -27.56 -31.15
C ARG F 282 -19.05 -26.67 -31.21
N PRO F 283 -17.92 -27.19 -30.65
CA PRO F 283 -16.65 -26.50 -30.72
C PRO F 283 -16.23 -26.13 -32.14
N GLY F 284 -16.36 -27.09 -33.09
CA GLY F 284 -16.11 -26.92 -34.53
C GLY F 284 -16.88 -25.74 -35.11
N GLU F 285 -18.10 -25.45 -34.57
CA GLU F 285 -18.94 -24.32 -35.01
C GLU F 285 -18.28 -23.03 -34.46
N LEU F 286 -17.77 -23.00 -33.25
CA LEU F 286 -17.03 -21.86 -32.78
C LEU F 286 -15.81 -21.42 -33.54
N VAL F 287 -15.03 -22.46 -33.96
CA VAL F 287 -13.79 -22.17 -34.65
C VAL F 287 -14.18 -21.64 -35.99
N ALA F 288 -15.20 -22.21 -36.67
CA ALA F 288 -15.75 -21.76 -37.92
C ALA F 288 -16.24 -20.32 -37.87
N ILE F 289 -17.11 -19.97 -36.86
CA ILE F 289 -17.49 -18.68 -36.49
C ILE F 289 -16.30 -17.75 -36.35
N THR F 290 -15.31 -18.23 -35.55
CA THR F 290 -14.16 -17.45 -35.23
C THR F 290 -13.33 -17.12 -36.46
N ALA F 291 -13.22 -18.07 -37.37
CA ALA F 291 -12.55 -18.01 -38.60
C ALA F 291 -13.30 -17.03 -39.56
N SER F 292 -14.67 -17.24 -39.78
CA SER F 292 -15.42 -16.26 -40.58
C SER F 292 -15.27 -14.89 -40.07
N ALA F 293 -15.38 -14.69 -38.74
CA ALA F 293 -15.14 -13.39 -38.08
C ALA F 293 -13.74 -12.81 -38.21
N LEU F 294 -12.72 -13.57 -38.03
CA LEU F 294 -11.39 -13.08 -38.15
C LEU F 294 -11.08 -12.71 -39.52
N GLN F 295 -11.53 -13.54 -40.47
CA GLN F 295 -11.43 -13.23 -41.84
C GLN F 295 -12.14 -11.90 -42.13
N ALA F 296 -13.43 -11.82 -41.87
CA ALA F 296 -14.17 -10.62 -42.00
C ALA F 296 -13.55 -9.34 -41.28
N PHE F 297 -12.81 -9.51 -40.22
CA PHE F 297 -11.94 -8.53 -39.59
C PHE F 297 -10.72 -8.16 -40.34
N ARG F 298 -9.95 -9.18 -40.85
CA ARG F 298 -8.79 -8.99 -41.67
C ARG F 298 -9.10 -8.25 -42.92
N GLU F 299 -10.23 -8.68 -43.47
CA GLU F 299 -10.87 -7.99 -44.53
C GLU F 299 -11.27 -6.48 -44.26
N VAL F 300 -11.41 -6.05 -43.03
CA VAL F 300 -11.80 -4.67 -42.68
C VAL F 300 -10.66 -3.90 -42.07
N ALA F 301 -9.75 -4.61 -41.45
CA ALA F 301 -8.57 -3.97 -40.89
C ALA F 301 -7.48 -3.69 -41.86
N ARG F 302 -7.78 -3.71 -43.13
CA ARG F 302 -7.05 -3.14 -44.20
C ARG F 302 -7.32 -1.66 -44.30
N LEU F 303 -8.56 -1.24 -44.00
CA LEU F 303 -8.95 0.13 -44.20
C LEU F 303 -8.40 1.13 -43.24
N ALA F 304 -8.00 2.36 -43.69
CA ALA F 304 -7.41 3.42 -42.97
C ALA F 304 -5.94 3.41 -42.76
N GLU F 305 -5.23 4.52 -42.92
CA GLU F 305 -3.89 4.84 -42.52
C GLU F 305 -3.67 6.17 -41.92
N PRO F 306 -3.71 7.30 -42.64
CA PRO F 306 -3.27 8.55 -42.11
C PRO F 306 -3.08 8.78 -40.61
N ALA F 307 -1.90 8.77 -40.09
CA ALA F 307 -1.66 9.15 -38.65
C ALA F 307 -2.15 10.54 -38.16
N GLY F 308 -2.90 10.72 -37.05
CA GLY F 308 -3.38 9.74 -36.09
C GLY F 308 -3.29 10.60 -34.78
N PRO F 309 -2.90 10.10 -33.62
CA PRO F 309 -2.82 10.84 -32.35
C PRO F 309 -2.32 12.25 -32.36
N TRP F 310 -1.20 12.42 -32.98
CA TRP F 310 -0.54 13.64 -33.46
C TRP F 310 -1.36 14.83 -33.75
N ALA F 311 -2.55 14.56 -34.28
CA ALA F 311 -3.52 15.55 -34.69
C ALA F 311 -4.18 16.33 -33.58
N ASP F 312 -4.03 15.72 -32.38
CA ASP F 312 -4.55 16.36 -31.19
C ASP F 312 -3.44 17.02 -30.41
N ILE F 313 -2.16 16.97 -30.84
CA ILE F 313 -1.00 17.47 -30.12
C ILE F 313 -0.63 18.88 -30.45
N MET F 314 -0.91 19.77 -29.56
CA MET F 314 -0.73 21.17 -29.60
C MET F 314 -0.55 21.75 -28.28
N GLN F 315 0.37 22.73 -28.18
CA GLN F 315 0.84 23.25 -26.90
C GLN F 315 0.00 24.38 -26.35
N GLY F 316 -0.55 24.20 -25.13
CA GLY F 316 -1.18 25.37 -24.44
C GLY F 316 -0.28 26.02 -23.43
N PRO F 317 -0.83 27.09 -22.73
CA PRO F 317 -0.17 27.74 -21.63
C PRO F 317 -0.43 26.91 -20.44
N SER F 318 -1.16 25.87 -20.67
CA SER F 318 -1.52 24.82 -19.73
C SER F 318 -0.40 23.88 -19.48
N GLU F 319 0.68 23.92 -20.34
CA GLU F 319 1.75 22.97 -20.28
C GLU F 319 2.95 23.79 -20.80
N SER F 320 4.22 23.35 -20.48
CA SER F 320 5.41 24.02 -20.89
C SER F 320 5.92 23.37 -22.13
N PHE F 321 6.96 23.89 -22.67
CA PHE F 321 7.59 23.34 -23.77
C PHE F 321 8.08 21.96 -23.45
N VAL F 322 8.65 21.85 -22.23
CA VAL F 322 9.15 20.58 -21.80
C VAL F 322 7.98 19.53 -21.75
N ASP F 323 6.80 19.95 -21.24
CA ASP F 323 5.70 19.06 -21.05
C ASP F 323 5.09 18.53 -22.33
N PHE F 324 4.88 19.47 -23.25
CA PHE F 324 4.48 19.32 -24.63
C PHE F 324 5.46 18.51 -25.36
N ALA F 325 6.75 18.81 -25.29
CA ALA F 325 7.79 18.07 -25.90
C ALA F 325 7.73 16.64 -25.42
N ASN F 326 7.65 16.40 -24.09
CA ASN F 326 7.60 15.04 -23.68
C ASN F 326 6.43 14.28 -24.23
N ARG F 327 5.25 14.89 -24.14
CA ARG F 327 4.03 14.37 -24.68
C ARG F 327 4.13 14.01 -26.15
N LEU F 328 4.84 14.89 -26.84
CA LEU F 328 5.20 14.70 -28.22
C LEU F 328 6.21 13.62 -28.44
N ILE F 329 7.31 13.50 -27.70
CA ILE F 329 8.32 12.49 -27.81
C ILE F 329 7.71 11.16 -27.61
N LYS F 330 6.85 11.02 -26.62
CA LYS F 330 6.13 9.80 -26.30
C LYS F 330 5.31 9.44 -27.51
N ALA F 331 4.57 10.39 -28.07
CA ALA F 331 3.84 10.13 -29.32
C ALA F 331 4.68 9.75 -30.46
N VAL F 332 5.91 10.29 -30.55
CA VAL F 332 6.82 10.22 -31.61
C VAL F 332 7.28 8.84 -31.67
N GLU F 333 7.60 8.31 -30.45
CA GLU F 333 7.96 6.97 -30.23
C GLU F 333 6.95 6.04 -30.75
N GLY F 334 5.64 6.42 -30.58
CA GLY F 334 4.43 5.68 -30.96
C GLY F 334 4.15 5.91 -32.40
N SER F 335 4.94 6.69 -33.18
CA SER F 335 4.60 6.82 -34.59
C SER F 335 5.33 5.70 -35.37
N ASP F 336 4.82 5.32 -36.54
CA ASP F 336 5.48 4.28 -37.25
C ASP F 336 6.37 4.61 -38.39
N LEU F 337 6.69 5.83 -38.51
CA LEU F 337 7.57 6.32 -39.52
C LEU F 337 8.98 5.80 -39.23
N PRO F 338 9.87 5.50 -40.20
CA PRO F 338 11.27 5.34 -39.92
C PRO F 338 11.85 6.58 -39.41
N PRO F 339 12.93 6.43 -38.64
CA PRO F 339 13.56 7.56 -37.90
C PRO F 339 13.75 8.70 -38.82
N SER F 340 14.02 8.52 -40.08
CA SER F 340 14.28 9.48 -41.06
C SER F 340 13.15 10.46 -41.33
N ALA F 341 11.95 10.13 -40.91
CA ALA F 341 10.83 11.03 -41.14
C ALA F 341 10.48 11.75 -39.79
N ARG F 342 11.03 11.28 -38.71
CA ARG F 342 10.63 11.72 -37.42
C ARG F 342 11.07 13.17 -37.18
N ALA F 343 12.33 13.55 -37.36
CA ALA F 343 12.76 14.91 -37.09
C ALA F 343 11.91 15.91 -37.89
N PRO F 344 11.72 15.81 -39.22
CA PRO F 344 10.90 16.76 -39.90
C PRO F 344 9.51 16.83 -39.39
N VAL F 345 8.82 15.75 -39.00
CA VAL F 345 7.51 15.79 -38.47
C VAL F 345 7.57 16.53 -37.11
N ILE F 346 8.56 16.21 -36.26
CA ILE F 346 8.65 16.83 -34.87
C ILE F 346 8.76 18.30 -34.99
N ILE F 347 9.65 18.67 -35.87
CA ILE F 347 10.02 20.09 -36.17
C ILE F 347 8.78 20.83 -36.66
N ASP F 348 8.01 20.27 -37.58
CA ASP F 348 6.73 20.78 -38.02
C ASP F 348 5.67 21.01 -36.96
N CYS F 349 5.39 20.06 -36.03
CA CYS F 349 4.50 20.28 -34.88
C CYS F 349 5.06 21.34 -33.95
N PHE F 350 6.38 21.33 -33.70
CA PHE F 350 6.95 22.50 -33.08
C PHE F 350 6.74 23.87 -33.60
N ARG F 351 7.02 24.14 -34.88
CA ARG F 351 6.93 25.47 -35.48
C ARG F 351 5.51 25.96 -35.48
N GLN F 352 4.52 25.07 -35.56
CA GLN F 352 3.16 25.53 -35.86
C GLN F 352 2.28 25.26 -34.72
N LYS F 353 2.62 24.34 -33.86
CA LYS F 353 1.82 23.82 -32.82
C LYS F 353 2.39 24.04 -31.41
N SER F 354 3.52 24.76 -31.29
CA SER F 354 4.01 25.40 -30.06
C SER F 354 3.21 26.60 -29.79
N GLN F 355 3.40 27.20 -28.59
CA GLN F 355 2.81 28.43 -28.26
C GLN F 355 3.22 29.60 -29.24
N PRO F 356 2.42 30.60 -29.68
CA PRO F 356 2.66 31.56 -30.71
C PRO F 356 3.98 32.32 -30.60
N ASP F 357 4.44 32.81 -29.37
CA ASP F 357 5.73 33.49 -29.27
C ASP F 357 6.85 32.51 -29.48
N ILE F 358 6.57 31.25 -29.09
CA ILE F 358 7.52 30.16 -29.14
C ILE F 358 7.66 29.62 -30.50
N GLN F 359 6.65 29.59 -31.35
CA GLN F 359 6.74 29.33 -32.77
C GLN F 359 7.60 30.35 -33.39
N GLN F 360 7.43 31.65 -32.91
CA GLN F 360 8.27 32.70 -33.40
C GLN F 360 9.65 32.61 -32.99
N LEU F 361 9.92 32.21 -31.80
CA LEU F 361 11.17 31.96 -31.20
C LEU F 361 11.84 30.90 -32.06
N ILE F 362 11.10 29.85 -32.43
CA ILE F 362 11.59 28.81 -33.35
C ILE F 362 11.87 29.42 -34.72
N ARG F 363 11.14 30.38 -35.21
CA ARG F 363 11.46 31.15 -36.38
C ARG F 363 12.79 31.94 -36.30
N THR F 364 13.20 32.37 -35.11
CA THR F 364 14.48 33.00 -34.88
C THR F 364 15.55 31.91 -34.68
N ALA F 365 15.20 30.67 -34.45
CA ALA F 365 16.20 29.71 -34.24
C ALA F 365 17.13 29.43 -35.52
N PRO F 366 18.45 29.29 -35.50
CA PRO F 366 19.29 29.05 -36.63
C PRO F 366 18.91 27.78 -37.32
N SER F 367 18.98 27.67 -38.71
CA SER F 367 18.61 26.52 -39.55
C SER F 367 19.58 25.44 -39.27
N THR F 368 20.79 25.84 -38.88
CA THR F 368 21.92 25.01 -38.49
C THR F 368 21.57 24.10 -37.35
N LEU F 369 20.75 24.60 -36.41
CA LEU F 369 20.16 23.76 -35.38
C LEU F 369 19.27 22.75 -36.13
N THR F 370 19.71 21.46 -36.16
CA THR F 370 19.19 20.54 -37.17
C THR F 370 18.41 19.45 -36.55
N THR F 371 18.84 18.76 -35.47
CA THR F 371 18.04 17.67 -34.86
C THR F 371 16.99 18.38 -33.93
N PRO F 372 16.00 17.69 -33.48
CA PRO F 372 15.18 18.22 -32.36
C PRO F 372 16.01 18.61 -31.14
N GLY F 373 17.01 17.89 -30.81
CA GLY F 373 17.82 18.15 -29.58
C GLY F 373 18.43 19.50 -29.46
N GLU F 374 19.05 19.95 -30.59
CA GLU F 374 19.60 21.28 -30.77
C GLU F 374 18.57 22.33 -30.71
N ILE F 375 17.40 22.09 -31.31
CA ILE F 375 16.41 23.07 -31.27
C ILE F 375 15.87 23.29 -29.82
N ILE F 376 15.80 22.16 -29.08
CA ILE F 376 15.39 22.07 -27.65
C ILE F 376 16.34 22.83 -26.78
N LYS F 377 17.67 22.61 -27.02
CA LYS F 377 18.73 23.33 -26.44
C LYS F 377 18.59 24.83 -26.66
N TYR F 378 18.27 25.32 -27.89
CA TYR F 378 18.01 26.70 -28.13
C TYR F 378 16.89 27.22 -27.22
N VAL F 379 15.75 26.56 -27.01
CA VAL F 379 14.76 26.94 -26.03
C VAL F 379 15.33 26.91 -24.62
N LEU F 380 16.06 25.85 -24.23
CA LEU F 380 16.71 25.62 -22.90
C LEU F 380 17.60 26.81 -22.52
N ASP F 381 18.25 27.43 -23.46
CA ASP F 381 19.26 28.46 -23.29
C ASP F 381 18.65 29.74 -22.72
N ARG F 382 17.41 30.11 -22.84
CA ARG F 382 17.07 31.50 -22.64
C ARG F 382 16.16 31.85 -21.47
N GLN F 383 15.54 30.86 -20.76
CA GLN F 383 14.79 31.19 -19.59
C GLN F 383 15.62 30.86 -18.28
N ALA G 129 -83.68 4.72 -23.06
CA ALA G 129 -82.23 4.53 -23.07
C ALA G 129 -81.72 3.54 -24.14
N GLY G 130 -80.49 3.14 -24.14
CA GLY G 130 -79.98 2.15 -25.02
C GLY G 130 -79.55 2.78 -26.32
N GLN G 131 -78.78 2.06 -27.18
CA GLN G 131 -78.33 0.70 -27.06
C GLN G 131 -77.35 0.29 -25.93
N ALA G 132 -76.26 1.09 -25.77
CA ALA G 132 -75.32 0.84 -24.68
C ALA G 132 -74.69 2.17 -24.45
N PRO G 133 -74.50 2.70 -23.23
CA PRO G 133 -73.83 4.00 -23.00
C PRO G 133 -72.52 4.14 -23.74
N GLY G 134 -72.05 5.29 -24.18
CA GLY G 134 -72.48 6.69 -23.99
C GLY G 134 -73.54 7.20 -24.95
N PRO G 135 -73.46 8.45 -25.33
CA PRO G 135 -72.60 9.62 -24.94
C PRO G 135 -72.85 10.12 -23.52
N ALA G 136 -71.96 10.95 -22.90
CA ALA G 136 -70.77 11.50 -23.42
C ALA G 136 -69.82 11.57 -22.22
N LEU G 137 -68.47 11.48 -22.43
CA LEU G 137 -67.52 11.49 -21.32
C LEU G 137 -66.17 12.10 -21.83
N THR G 138 -65.33 12.74 -21.00
CA THR G 138 -64.35 13.76 -21.35
C THR G 138 -63.09 13.01 -21.90
N ASP G 139 -62.11 13.58 -22.46
CA ASP G 139 -61.93 14.35 -23.71
C ASP G 139 -60.65 15.13 -23.58
N TRP G 140 -59.90 14.81 -22.56
CA TRP G 140 -58.46 15.06 -22.34
C TRP G 140 -57.42 14.74 -23.39
N ALA G 141 -57.79 14.05 -24.44
CA ALA G 141 -56.95 14.14 -25.65
C ALA G 141 -57.20 15.48 -26.36
N ARG G 142 -58.43 15.89 -26.54
CA ARG G 142 -58.76 17.23 -27.03
C ARG G 142 -58.31 18.27 -26.08
N VAL G 143 -58.58 18.13 -24.76
CA VAL G 143 -58.09 19.11 -23.76
C VAL G 143 -56.62 19.25 -23.78
N ARG G 144 -55.84 18.13 -23.81
CA ARG G 144 -54.42 18.06 -24.11
C ARG G 144 -53.92 18.81 -25.37
N GLU G 145 -54.40 18.37 -26.51
CA GLU G 145 -54.15 19.08 -27.77
C GLU G 145 -54.40 20.53 -27.83
N GLU G 146 -55.57 21.00 -27.26
CA GLU G 146 -55.88 22.38 -26.93
C GLU G 146 -54.82 23.05 -25.99
N LEU G 147 -54.78 22.70 -24.66
CA LEU G 147 -53.73 23.16 -23.71
C LEU G 147 -52.30 23.41 -24.15
N ALA G 148 -51.77 22.38 -24.95
CA ALA G 148 -50.50 22.46 -25.51
C ALA G 148 -50.42 23.59 -26.51
N SER G 149 -51.28 23.55 -27.56
CA SER G 149 -51.48 24.54 -28.55
C SER G 149 -52.21 25.82 -27.99
N THR G 150 -52.13 26.07 -26.68
CA THR G 150 -52.76 27.17 -26.04
C THR G 150 -51.95 27.71 -24.95
N GLY G 151 -50.98 28.63 -25.22
CA GLY G 151 -50.06 29.03 -24.19
C GLY G 151 -48.90 28.12 -24.10
N PRO G 152 -48.03 27.83 -25.09
CA PRO G 152 -47.01 26.77 -25.00
C PRO G 152 -45.99 26.79 -23.86
N PRO G 153 -45.34 27.81 -23.30
CA PRO G 153 -44.37 27.56 -22.19
C PRO G 153 -45.23 27.72 -20.89
N VAL G 154 -46.48 28.20 -21.07
CA VAL G 154 -47.38 28.29 -19.92
C VAL G 154 -48.02 26.93 -19.66
N VAL G 155 -47.21 25.93 -19.31
CA VAL G 155 -47.61 24.54 -19.29
C VAL G 155 -48.83 24.14 -18.43
N ALA G 156 -49.44 23.09 -18.86
CA ALA G 156 -50.59 22.61 -18.16
C ALA G 156 -50.41 21.06 -17.99
N MET G 157 -51.29 20.32 -17.22
CA MET G 157 -51.15 18.89 -16.97
C MET G 157 -52.29 17.90 -17.28
N PRO G 158 -52.68 17.65 -18.57
CA PRO G 158 -53.74 16.76 -19.04
C PRO G 158 -53.31 15.30 -19.13
N VAL G 159 -54.06 14.31 -18.63
CA VAL G 159 -53.96 12.85 -18.62
C VAL G 159 -54.82 12.32 -19.76
N VAL G 160 -54.22 11.90 -20.89
CA VAL G 160 -54.90 11.37 -22.09
C VAL G 160 -55.73 10.05 -21.85
N ILE G 161 -56.83 9.76 -22.59
CA ILE G 161 -57.97 8.92 -22.19
C ILE G 161 -58.25 7.80 -23.28
N LYS G 162 -57.21 7.33 -24.04
CA LYS G 162 -57.54 6.36 -25.15
C LYS G 162 -57.11 4.93 -24.72
N THR G 163 -57.82 3.90 -25.26
CA THR G 163 -57.37 2.54 -25.65
C THR G 163 -58.22 1.50 -24.91
N GLU G 164 -58.95 0.64 -25.63
CA GLU G 164 -58.45 -0.71 -25.93
C GLU G 164 -58.52 -0.94 -27.42
N GLY G 165 -59.06 -0.05 -28.22
CA GLY G 165 -60.51 -0.01 -28.48
C GLY G 165 -60.78 -0.60 -29.84
N PRO G 166 -60.64 0.17 -30.96
CA PRO G 166 -60.15 -0.40 -32.23
C PRO G 166 -58.88 -1.18 -32.09
N ALA G 167 -58.62 -2.17 -32.95
CA ALA G 167 -57.41 -2.93 -33.04
C ALA G 167 -56.30 -1.91 -33.39
N TRP G 168 -56.65 -0.96 -34.29
CA TRP G 168 -55.73 -0.04 -34.86
C TRP G 168 -56.38 1.13 -35.47
N THR G 169 -55.56 2.16 -35.69
CA THR G 169 -55.95 3.50 -36.15
C THR G 169 -54.87 4.07 -37.00
N PRO G 170 -55.09 4.72 -38.07
CA PRO G 170 -53.94 5.24 -38.97
C PRO G 170 -53.61 6.74 -38.70
N LEU G 171 -52.35 7.07 -38.29
CA LEU G 171 -51.72 8.34 -38.24
C LEU G 171 -52.37 9.67 -37.96
N GLU G 172 -51.62 10.80 -37.99
CA GLU G 172 -52.17 12.14 -37.92
C GLU G 172 -51.17 13.11 -38.30
N PRO G 173 -51.12 13.69 -39.60
CA PRO G 173 -50.12 14.69 -40.01
C PRO G 173 -49.85 15.96 -39.18
N LYS G 174 -50.89 16.69 -38.72
CA LYS G 174 -50.62 17.99 -37.98
C LYS G 174 -49.84 17.74 -36.75
N LEU G 175 -50.21 16.69 -35.97
CA LEU G 175 -49.58 16.26 -34.76
C LEU G 175 -48.21 15.67 -35.05
N ILE G 176 -48.07 15.03 -36.23
CA ILE G 176 -46.79 14.43 -36.64
C ILE G 176 -45.87 15.45 -37.12
N THR G 177 -46.33 16.44 -37.87
CA THR G 177 -45.60 17.54 -38.37
C THR G 177 -45.09 18.38 -37.30
N ARG G 178 -45.98 18.70 -36.35
CA ARG G 178 -45.51 19.56 -35.25
C ARG G 178 -44.37 18.89 -34.46
N LEU G 179 -44.38 17.53 -34.39
CA LEU G 179 -43.34 16.80 -33.82
C LEU G 179 -42.07 16.93 -34.67
N ALA G 180 -42.29 16.83 -36.03
CA ALA G 180 -41.24 17.01 -37.01
C ALA G 180 -40.61 18.41 -36.91
N ASP G 181 -41.45 19.44 -36.80
CA ASP G 181 -41.10 20.81 -36.40
C ASP G 181 -40.29 20.81 -35.10
N THR G 182 -40.73 20.10 -34.09
CA THR G 182 -39.83 19.95 -32.86
C THR G 182 -38.48 19.35 -33.16
N VAL G 183 -38.47 18.29 -33.99
CA VAL G 183 -37.24 17.71 -34.45
C VAL G 183 -36.40 18.59 -35.39
N ARG G 184 -36.99 19.47 -36.24
CA ARG G 184 -36.39 20.51 -37.06
C ARG G 184 -35.73 21.41 -36.06
N THR G 185 -36.55 22.22 -35.32
CA THR G 185 -36.11 23.21 -34.39
C THR G 185 -35.02 22.84 -33.46
N LYS G 186 -35.34 22.14 -32.33
CA LYS G 186 -34.48 21.63 -31.31
C LYS G 186 -33.62 20.51 -31.84
N GLY G 187 -34.32 19.56 -32.56
CA GLY G 187 -34.11 18.17 -32.47
C GLY G 187 -34.65 17.42 -31.32
N LEU G 188 -34.07 16.29 -31.15
CA LEU G 188 -34.78 15.30 -30.44
C LEU G 188 -34.48 15.35 -29.03
N ARG G 189 -33.43 16.10 -28.73
CA ARG G 189 -33.22 17.17 -27.79
C ARG G 189 -34.35 17.57 -26.90
N SER G 190 -34.34 17.07 -25.70
CA SER G 190 -35.12 17.40 -24.50
C SER G 190 -36.11 16.33 -24.34
N PRO G 191 -36.32 15.63 -23.29
CA PRO G 191 -37.71 15.49 -22.73
C PRO G 191 -38.70 16.61 -22.74
N ILE G 192 -38.80 17.36 -23.83
CA ILE G 192 -40.10 17.86 -24.31
C ILE G 192 -40.32 17.24 -25.60
N THR G 193 -39.30 17.23 -26.55
CA THR G 193 -39.31 16.50 -27.77
C THR G 193 -39.40 14.99 -27.46
N MET G 194 -38.52 14.42 -26.58
CA MET G 194 -38.75 13.04 -26.11
C MET G 194 -40.11 12.66 -25.49
N ALA G 195 -40.59 13.63 -24.64
CA ALA G 195 -41.86 13.46 -23.95
C ALA G 195 -43.02 13.38 -24.92
N GLU G 196 -43.06 14.34 -25.87
CA GLU G 196 -44.00 14.44 -26.91
C GLU G 196 -43.93 13.22 -27.82
N VAL G 197 -42.74 12.64 -27.99
CA VAL G 197 -42.56 11.46 -28.79
C VAL G 197 -43.14 10.28 -28.03
N GLU G 198 -42.80 10.10 -26.76
CA GLU G 198 -43.33 9.07 -25.83
C GLU G 198 -44.79 8.97 -25.95
N ALA G 199 -45.46 10.12 -25.71
CA ALA G 199 -46.87 10.30 -25.65
C ALA G 199 -47.59 9.72 -26.93
N LEU G 200 -46.94 10.21 -27.98
CA LEU G 200 -47.27 9.81 -29.33
C LEU G 200 -46.91 8.40 -29.70
N MET G 201 -46.06 7.76 -28.97
CA MET G 201 -45.72 6.40 -29.36
C MET G 201 -46.12 5.49 -28.24
N SER G 202 -47.28 5.83 -27.65
CA SER G 202 -47.80 5.02 -26.60
C SER G 202 -48.57 3.83 -27.12
N SER G 203 -49.67 4.06 -27.93
CA SER G 203 -50.60 3.05 -28.38
C SER G 203 -50.10 1.92 -29.28
N PRO G 204 -50.70 0.71 -29.23
CA PRO G 204 -50.37 -0.28 -30.20
C PRO G 204 -51.28 -0.38 -31.40
N LEU G 205 -50.88 0.12 -32.59
CA LEU G 205 -51.80 0.12 -33.78
C LEU G 205 -51.28 -0.68 -35.00
N LEU G 206 -50.52 -0.11 -35.95
CA LEU G 206 -49.91 -0.84 -37.07
C LEU G 206 -48.43 -0.36 -37.25
N PRO G 207 -47.42 -1.26 -37.22
CA PRO G 207 -46.01 -0.90 -37.62
C PRO G 207 -45.80 -0.22 -38.94
N HIS G 208 -46.52 -0.49 -40.16
CA HIS G 208 -46.02 0.10 -41.42
C HIS G 208 -45.92 1.64 -41.40
N ASP G 209 -47.02 2.28 -40.84
CA ASP G 209 -47.05 3.69 -40.91
C ASP G 209 -45.97 4.33 -40.14
N VAL G 210 -45.74 3.94 -38.89
CA VAL G 210 -44.66 4.38 -38.13
C VAL G 210 -43.29 4.09 -38.75
N THR G 211 -42.99 2.86 -39.14
CA THR G 211 -41.74 2.41 -39.78
C THR G 211 -41.42 3.31 -40.93
N ASN G 212 -42.34 3.47 -41.85
CA ASN G 212 -42.24 4.34 -42.99
C ASN G 212 -42.13 5.80 -42.60
N LEU G 213 -42.87 6.29 -41.61
CA LEU G 213 -42.69 7.61 -41.07
C LEU G 213 -41.29 7.88 -40.52
N MET G 214 -40.78 6.94 -39.69
CA MET G 214 -39.49 6.99 -39.02
C MET G 214 -38.45 7.02 -40.08
N ARG G 215 -38.70 6.17 -41.07
CA ARG G 215 -37.80 6.11 -42.24
C ARG G 215 -37.67 7.50 -42.85
N VAL G 216 -38.72 8.38 -42.81
CA VAL G 216 -38.61 9.71 -43.33
C VAL G 216 -37.99 10.69 -42.31
N ILE G 217 -38.42 10.66 -41.05
CA ILE G 217 -38.10 11.57 -40.00
C ILE G 217 -36.81 11.33 -39.37
N LEU G 218 -36.43 10.06 -39.06
CA LEU G 218 -35.19 9.62 -38.37
C LEU G 218 -34.09 9.86 -39.31
N GLY G 219 -34.41 9.62 -40.56
CA GLY G 219 -33.51 9.97 -41.64
C GLY G 219 -32.39 8.89 -41.71
N PRO G 220 -31.76 8.77 -42.82
CA PRO G 220 -30.80 7.67 -43.09
C PRO G 220 -29.86 7.25 -41.99
N ALA G 221 -29.06 8.05 -41.43
CA ALA G 221 -28.22 7.60 -40.34
C ALA G 221 -28.92 7.13 -39.13
N PRO G 222 -29.73 7.92 -38.42
CA PRO G 222 -30.42 7.42 -37.26
C PRO G 222 -31.48 6.29 -37.51
N TYR G 223 -32.25 6.36 -38.66
CA TYR G 223 -33.18 5.33 -38.98
C TYR G 223 -32.52 3.98 -38.96
N ALA G 224 -31.31 3.86 -39.46
CA ALA G 224 -30.60 2.63 -39.35
C ALA G 224 -30.30 2.15 -37.98
N LEU G 225 -29.78 3.04 -37.11
CA LEU G 225 -29.44 2.74 -35.78
C LEU G 225 -30.63 2.12 -35.09
N TRP G 226 -31.75 2.95 -35.22
CA TRP G 226 -33.05 2.64 -34.74
C TRP G 226 -33.48 1.33 -35.23
N MET G 227 -33.39 1.05 -36.55
CA MET G 227 -33.77 -0.27 -37.13
C MET G 227 -33.11 -1.37 -36.35
N ASP G 228 -31.78 -1.30 -36.18
CA ASP G 228 -31.05 -2.30 -35.41
C ASP G 228 -31.52 -2.51 -34.02
N ALA G 229 -31.55 -1.36 -33.33
CA ALA G 229 -31.80 -1.19 -31.95
C ALA G 229 -33.22 -1.72 -31.61
N TRP G 230 -34.28 -1.42 -32.49
CA TRP G 230 -35.60 -1.99 -32.37
C TRP G 230 -35.52 -3.46 -32.47
N GLY G 231 -34.64 -3.95 -33.36
CA GLY G 231 -34.35 -5.35 -33.53
C GLY G 231 -33.77 -5.98 -32.30
N VAL G 232 -32.89 -5.30 -31.55
CA VAL G 232 -32.31 -5.72 -30.31
C VAL G 232 -33.33 -5.98 -29.28
N GLN G 233 -34.22 -5.00 -29.05
CA GLN G 233 -35.45 -5.20 -28.20
C GLN G 233 -36.26 -6.44 -28.58
N LEU G 234 -36.47 -6.61 -29.91
CA LEU G 234 -37.15 -7.79 -30.44
C LEU G 234 -36.37 -9.03 -30.18
N GLN G 235 -35.08 -9.09 -30.28
CA GLN G 235 -34.30 -10.34 -30.00
C GLN G 235 -34.63 -10.84 -28.54
N THR G 236 -34.73 -9.96 -27.51
CA THR G 236 -35.02 -10.34 -26.14
C THR G 236 -36.43 -10.85 -25.97
N VAL G 237 -37.28 -10.62 -26.94
CA VAL G 237 -38.66 -11.02 -26.85
C VAL G 237 -38.78 -12.49 -27.05
N ILE G 238 -37.86 -12.96 -27.97
CA ILE G 238 -37.62 -14.35 -28.30
C ILE G 238 -37.00 -14.99 -27.03
N ALA G 239 -36.51 -14.21 -26.03
CA ALA G 239 -36.11 -14.85 -24.81
C ALA G 239 -37.34 -15.15 -23.99
N ALA G 240 -38.15 -14.18 -23.58
CA ALA G 240 -39.28 -14.37 -22.78
C ALA G 240 -40.34 -15.29 -23.34
N ALA G 241 -40.28 -15.54 -24.66
CA ALA G 241 -41.02 -16.41 -25.47
C ALA G 241 -40.56 -17.84 -25.20
N THR G 242 -39.26 -18.03 -24.96
CA THR G 242 -38.65 -19.30 -24.69
C THR G 242 -38.94 -19.53 -23.25
N ARG G 243 -38.60 -18.56 -22.42
CA ARG G 243 -38.73 -18.50 -20.95
C ARG G 243 -40.14 -19.01 -20.51
N ASP G 244 -41.18 -18.57 -21.23
CA ASP G 244 -42.52 -18.91 -21.21
C ASP G 244 -43.12 -18.94 -22.59
N PRO G 245 -43.46 -20.04 -23.07
CA PRO G 245 -44.13 -20.21 -24.38
C PRO G 245 -45.53 -19.78 -24.34
N ARG G 246 -46.08 -19.55 -23.14
CA ARG G 246 -47.43 -19.24 -22.97
C ARG G 246 -47.53 -17.87 -22.30
N HIS G 247 -46.47 -16.99 -22.19
CA HIS G 247 -46.58 -15.63 -21.64
C HIS G 247 -47.38 -14.86 -22.73
N PRO G 248 -47.95 -13.73 -22.39
CA PRO G 248 -48.87 -12.98 -23.19
C PRO G 248 -48.61 -12.71 -24.66
N ALA G 249 -47.34 -12.41 -25.12
CA ALA G 249 -47.19 -12.17 -26.54
C ALA G 249 -47.43 -13.45 -27.42
N ASN G 250 -47.09 -14.57 -26.84
CA ASN G 250 -47.39 -15.91 -27.25
C ASN G 250 -48.84 -16.15 -26.93
N GLY G 251 -49.47 -17.06 -27.71
CA GLY G 251 -50.89 -17.29 -27.42
C GLY G 251 -51.13 -18.24 -26.32
N GLN G 252 -52.39 -18.65 -26.17
CA GLN G 252 -52.79 -19.57 -25.18
C GLN G 252 -52.28 -21.01 -25.55
N GLY G 253 -52.29 -21.32 -26.92
CA GLY G 253 -51.95 -22.62 -27.43
C GLY G 253 -50.49 -22.97 -27.53
N ARG G 254 -50.23 -24.27 -27.74
CA ARG G 254 -48.89 -24.78 -27.99
C ARG G 254 -48.18 -24.26 -29.30
N GLY G 255 -48.79 -24.23 -30.39
CA GLY G 255 -48.36 -23.69 -31.71
C GLY G 255 -48.31 -22.22 -31.68
N GLU G 256 -49.04 -21.53 -30.75
CA GLU G 256 -49.14 -20.09 -30.78
C GLU G 256 -47.90 -19.23 -30.36
N ARG G 257 -46.86 -19.31 -31.29
CA ARG G 257 -45.47 -18.79 -31.10
C ARG G 257 -45.39 -17.39 -31.62
N THR G 258 -44.47 -16.63 -30.99
CA THR G 258 -44.27 -15.19 -31.31
C THR G 258 -42.90 -15.12 -32.02
N ASN G 259 -42.89 -15.69 -33.20
CA ASN G 259 -41.72 -16.05 -34.02
C ASN G 259 -41.13 -14.92 -34.71
N LEU G 260 -39.82 -15.05 -35.17
CA LEU G 260 -39.17 -14.05 -35.95
C LEU G 260 -39.92 -13.49 -37.13
N ASN G 261 -40.43 -14.38 -37.98
CA ASN G 261 -41.09 -14.05 -39.27
C ASN G 261 -42.28 -13.15 -38.83
N ARG G 262 -43.03 -13.46 -37.70
CA ARG G 262 -44.02 -12.52 -37.23
C ARG G 262 -43.44 -11.17 -36.86
N LEU G 263 -42.44 -11.16 -35.97
CA LEU G 263 -41.63 -10.03 -35.60
C LEU G 263 -40.96 -9.24 -36.73
N LYS G 264 -40.61 -9.80 -37.84
CA LYS G 264 -40.10 -9.06 -38.95
C LYS G 264 -41.25 -8.64 -39.90
N GLY G 265 -42.42 -9.12 -39.72
CA GLY G 265 -43.56 -8.84 -40.61
C GLY G 265 -43.50 -9.64 -41.83
N LEU G 266 -42.64 -10.69 -41.83
CA LEU G 266 -42.37 -11.58 -42.87
C LEU G 266 -43.04 -12.93 -42.69
N ALA G 267 -43.93 -13.07 -41.74
CA ALA G 267 -44.68 -14.31 -41.61
C ALA G 267 -45.73 -14.35 -42.68
N ASP G 268 -46.39 -15.53 -42.95
CA ASP G 268 -47.45 -15.68 -44.00
C ASP G 268 -48.55 -14.73 -43.66
N GLY G 269 -49.06 -14.09 -44.69
CA GLY G 269 -50.06 -13.02 -44.59
C GLY G 269 -49.59 -11.69 -44.01
N MET G 270 -48.36 -11.59 -43.55
CA MET G 270 -47.86 -10.35 -43.12
C MET G 270 -47.17 -9.65 -44.18
N VAL G 271 -46.47 -10.43 -45.10
CA VAL G 271 -45.83 -10.00 -46.30
C VAL G 271 -46.74 -9.23 -47.26
N GLY G 272 -46.65 -7.91 -47.26
CA GLY G 272 -47.54 -7.09 -48.15
C GLY G 272 -48.87 -6.74 -47.58
N ASN G 273 -49.19 -7.25 -46.40
CA ASN G 273 -50.49 -7.00 -45.84
C ASN G 273 -50.39 -6.67 -44.37
N PRO G 274 -50.41 -5.34 -44.12
CA PRO G 274 -50.61 -4.82 -42.76
C PRO G 274 -51.87 -5.19 -42.08
N GLN G 275 -53.04 -5.32 -42.81
CA GLN G 275 -54.29 -5.84 -42.26
C GLN G 275 -54.11 -7.29 -41.78
N GLY G 276 -53.33 -8.01 -42.64
CA GLY G 276 -52.98 -9.40 -42.54
C GLY G 276 -52.13 -9.56 -41.35
N GLN G 277 -51.22 -8.65 -41.05
CA GLN G 277 -50.52 -8.55 -39.80
C GLN G 277 -51.46 -8.26 -38.64
N ALA G 278 -52.49 -7.36 -38.73
CA ALA G 278 -53.43 -7.13 -37.69
C ALA G 278 -54.22 -8.35 -37.30
N ALA G 279 -54.37 -9.21 -38.29
CA ALA G 279 -55.19 -10.39 -38.25
C ALA G 279 -54.45 -11.62 -37.66
N LEU G 280 -53.11 -11.60 -37.68
CA LEU G 280 -52.37 -12.72 -37.19
C LEU G 280 -51.94 -12.35 -35.78
N LEU G 281 -51.57 -11.06 -35.57
CA LEU G 281 -51.10 -10.51 -34.33
C LEU G 281 -52.06 -10.55 -33.18
N ARG G 282 -51.42 -10.67 -32.03
CA ARG G 282 -52.01 -10.66 -30.72
C ARG G 282 -51.50 -9.46 -30.02
N PRO G 283 -52.32 -8.78 -29.16
CA PRO G 283 -52.00 -7.52 -28.44
C PRO G 283 -50.67 -7.52 -27.71
N GLY G 284 -50.35 -8.60 -26.97
CA GLY G 284 -49.11 -8.77 -26.27
C GLY G 284 -47.93 -8.52 -27.14
N GLU G 285 -48.02 -9.02 -28.39
CA GLU G 285 -46.96 -8.79 -29.34
C GLU G 285 -46.82 -7.35 -29.86
N LEU G 286 -48.03 -6.80 -30.12
CA LEU G 286 -48.10 -5.44 -30.57
C LEU G 286 -47.52 -4.43 -29.61
N VAL G 287 -47.81 -4.69 -28.33
CA VAL G 287 -47.35 -3.92 -27.13
C VAL G 287 -45.86 -4.02 -27.06
N ALA G 288 -45.28 -5.22 -27.23
CA ALA G 288 -43.92 -5.58 -27.18
C ALA G 288 -43.20 -4.82 -28.25
N ILE G 289 -43.70 -4.94 -29.49
CA ILE G 289 -43.35 -4.19 -30.67
C ILE G 289 -43.22 -2.73 -30.53
N THR G 290 -44.26 -2.10 -30.03
CA THR G 290 -44.42 -0.65 -29.78
C THR G 290 -43.43 -0.19 -28.71
N ALA G 291 -43.27 -1.07 -27.69
CA ALA G 291 -42.25 -0.83 -26.65
C ALA G 291 -40.78 -0.89 -27.13
N SER G 292 -40.51 -1.97 -27.90
CA SER G 292 -39.27 -2.30 -28.56
C SER G 292 -38.71 -1.23 -29.43
N ALA G 293 -39.60 -0.62 -30.28
CA ALA G 293 -39.49 0.61 -31.06
C ALA G 293 -39.19 1.88 -30.28
N LEU G 294 -40.01 2.14 -29.31
CA LEU G 294 -39.87 3.31 -28.48
C LEU G 294 -38.59 3.38 -27.66
N GLN G 295 -38.24 2.26 -27.03
CA GLN G 295 -37.00 2.07 -26.30
C GLN G 295 -35.84 2.39 -27.23
N ALA G 296 -35.75 1.61 -28.35
CA ALA G 296 -34.74 1.85 -29.40
C ALA G 296 -34.60 3.33 -29.87
N PHE G 297 -35.67 4.04 -29.81
CA PHE G 297 -35.80 5.49 -30.10
C PHE G 297 -35.16 6.37 -29.03
N ARG G 298 -35.47 6.03 -27.79
CA ARG G 298 -34.92 6.61 -26.59
C ARG G 298 -33.45 6.38 -26.56
N GLU G 299 -33.03 5.20 -26.88
CA GLU G 299 -31.71 4.67 -27.09
C GLU G 299 -30.90 5.38 -28.09
N VAL G 300 -31.52 6.11 -28.97
CA VAL G 300 -30.94 6.90 -29.97
C VAL G 300 -31.12 8.33 -29.65
N ALA G 301 -32.12 8.76 -28.85
CA ALA G 301 -32.20 10.16 -28.36
C ALA G 301 -31.31 10.33 -27.13
N ARG G 302 -30.40 9.37 -26.90
CA ARG G 302 -29.40 9.47 -25.86
C ARG G 302 -28.12 9.76 -26.56
N LEU G 303 -28.11 9.73 -27.90
CA LEU G 303 -26.88 9.93 -28.65
C LEU G 303 -27.00 11.26 -29.32
N ALA G 304 -25.88 12.00 -29.41
CA ALA G 304 -25.98 13.34 -29.85
C ALA G 304 -26.39 14.30 -28.72
N GLU G 305 -25.46 15.18 -28.37
CA GLU G 305 -25.74 16.56 -27.92
C GLU G 305 -26.21 17.47 -29.10
N PRO G 306 -25.59 17.50 -30.35
CA PRO G 306 -25.87 18.52 -31.34
C PRO G 306 -27.16 19.29 -31.31
N ALA G 307 -26.95 20.52 -30.89
CA ALA G 307 -27.79 21.61 -31.14
C ALA G 307 -26.91 22.84 -31.38
N GLY G 308 -27.49 23.89 -31.99
CA GLY G 308 -28.89 24.11 -32.36
C GLY G 308 -28.94 25.43 -32.98
N PRO G 309 -30.16 26.04 -33.04
CA PRO G 309 -30.50 27.28 -33.76
C PRO G 309 -29.44 28.29 -34.01
N TRP G 310 -28.85 28.73 -32.96
CA TRP G 310 -27.63 29.48 -32.82
C TRP G 310 -26.56 29.33 -33.84
N ALA G 311 -26.39 28.12 -34.31
CA ALA G 311 -25.44 27.74 -35.26
C ALA G 311 -25.75 28.31 -36.65
N ASP G 312 -26.99 28.76 -36.92
CA ASP G 312 -27.29 29.22 -38.23
C ASP G 312 -27.35 30.71 -38.40
N ILE G 313 -27.25 31.36 -37.25
CA ILE G 313 -27.49 32.80 -37.24
C ILE G 313 -26.34 33.67 -37.64
N MET G 314 -26.40 34.16 -38.86
CA MET G 314 -25.55 35.16 -39.45
C MET G 314 -26.27 36.28 -40.28
N GLN G 315 -26.06 37.51 -39.83
CA GLN G 315 -26.71 38.70 -40.42
C GLN G 315 -26.55 38.92 -41.86
N GLY G 316 -27.53 38.77 -42.82
CA GLY G 316 -27.36 39.19 -44.23
C GLY G 316 -27.15 40.69 -44.48
N PRO G 317 -26.71 41.14 -45.68
CA PRO G 317 -26.59 42.58 -46.02
C PRO G 317 -27.95 43.18 -46.27
N SER G 318 -28.98 42.41 -46.61
CA SER G 318 -30.42 42.54 -46.75
C SER G 318 -30.99 42.86 -45.34
N GLU G 319 -30.45 42.15 -44.34
CA GLU G 319 -31.00 42.07 -42.98
C GLU G 319 -30.54 43.06 -41.98
N SER G 320 -31.41 43.71 -41.17
CA SER G 320 -30.96 44.66 -40.18
C SER G 320 -30.62 43.94 -38.88
N PHE G 321 -29.92 44.68 -38.02
CA PHE G 321 -29.48 44.27 -36.76
C PHE G 321 -30.72 43.90 -35.88
N VAL G 322 -31.77 44.68 -35.89
CA VAL G 322 -33.02 44.39 -35.31
C VAL G 322 -33.64 43.12 -35.81
N ASP G 323 -33.65 42.84 -37.14
CA ASP G 323 -34.17 41.53 -37.63
C ASP G 323 -33.30 40.32 -37.17
N PHE G 324 -32.02 40.55 -37.36
CA PHE G 324 -30.99 39.58 -36.90
C PHE G 324 -31.16 39.30 -35.42
N ALA G 325 -31.36 40.36 -34.55
CA ALA G 325 -31.57 40.36 -33.14
C ALA G 325 -32.85 39.58 -32.82
N ASN G 326 -33.93 39.86 -33.57
CA ASN G 326 -35.21 39.18 -33.45
C ASN G 326 -35.18 37.68 -33.74
N ARG G 327 -34.53 37.21 -34.81
CA ARG G 327 -34.07 35.88 -35.07
C ARG G 327 -33.24 35.25 -33.97
N LEU G 328 -32.28 36.04 -33.38
CA LEU G 328 -31.41 35.63 -32.29
C LEU G 328 -32.22 35.51 -31.00
N ILE G 329 -33.08 36.46 -30.64
CA ILE G 329 -33.93 36.42 -29.48
C ILE G 329 -34.80 35.22 -29.51
N LYS G 330 -35.33 34.89 -30.67
CA LYS G 330 -36.15 33.65 -30.83
C LYS G 330 -35.26 32.39 -30.46
N ALA G 331 -34.02 32.31 -30.99
CA ALA G 331 -33.12 31.26 -30.73
C ALA G 331 -32.66 31.14 -29.23
N VAL G 332 -32.51 32.30 -28.59
CA VAL G 332 -32.07 32.53 -27.21
C VAL G 332 -33.16 32.05 -26.38
N GLU G 333 -34.39 32.37 -26.75
CA GLU G 333 -35.56 31.82 -26.12
C GLU G 333 -35.60 30.32 -26.24
N GLY G 334 -35.11 29.73 -27.36
CA GLY G 334 -35.02 28.36 -27.78
C GLY G 334 -33.89 27.69 -27.19
N SER G 335 -33.14 28.37 -26.34
CA SER G 335 -31.99 27.76 -25.62
C SER G 335 -32.46 27.29 -24.27
N ASP G 336 -31.81 26.22 -23.73
CA ASP G 336 -32.03 25.64 -22.41
C ASP G 336 -30.73 26.00 -21.78
N LEU G 337 -30.72 27.04 -20.98
CA LEU G 337 -29.52 27.60 -20.50
C LEU G 337 -29.74 28.21 -19.17
N PRO G 338 -28.71 28.53 -18.29
CA PRO G 338 -28.92 29.54 -17.30
C PRO G 338 -29.00 30.89 -18.16
N PRO G 339 -29.86 31.86 -17.84
CA PRO G 339 -29.99 33.14 -18.50
C PRO G 339 -28.71 33.84 -18.68
N SER G 340 -27.86 33.70 -17.71
CA SER G 340 -26.49 34.24 -17.74
C SER G 340 -25.56 33.74 -18.82
N ALA G 341 -25.85 32.66 -19.48
CA ALA G 341 -24.89 32.19 -20.43
C ALA G 341 -25.32 32.62 -21.81
N ARG G 342 -26.59 33.18 -21.81
CA ARG G 342 -27.32 33.66 -22.98
C ARG G 342 -26.69 34.92 -23.44
N ALA G 343 -26.47 35.97 -22.57
CA ALA G 343 -25.87 37.26 -22.82
C ALA G 343 -24.46 37.12 -23.35
N PRO G 344 -23.48 36.38 -22.86
CA PRO G 344 -22.21 36.17 -23.55
C PRO G 344 -22.31 35.53 -24.93
N VAL G 345 -23.19 34.52 -25.07
CA VAL G 345 -23.40 33.87 -26.40
C VAL G 345 -23.93 34.84 -27.40
N ILE G 346 -24.93 35.66 -26.96
CA ILE G 346 -25.58 36.72 -27.72
C ILE G 346 -24.54 37.71 -28.09
N ILE G 347 -23.75 38.15 -27.13
CA ILE G 347 -22.84 39.27 -27.36
C ILE G 347 -21.77 38.91 -28.40
N ASP G 348 -21.20 37.67 -28.27
CA ASP G 348 -20.31 37.07 -29.16
C ASP G 348 -20.98 37.03 -30.60
N CYS G 349 -22.23 36.57 -30.68
CA CYS G 349 -22.96 36.51 -31.88
C CYS G 349 -23.18 37.94 -32.50
N PHE G 350 -23.51 38.94 -31.70
CA PHE G 350 -23.48 40.29 -32.13
C PHE G 350 -22.11 40.68 -32.71
N ARG G 351 -21.02 40.42 -31.97
CA ARG G 351 -19.67 40.83 -32.40
C ARG G 351 -19.19 40.17 -33.66
N GLN G 352 -19.62 38.95 -33.86
CA GLN G 352 -19.02 38.05 -34.72
C GLN G 352 -19.94 37.70 -35.85
N LYS G 353 -21.21 37.79 -35.69
CA LYS G 353 -22.20 37.27 -36.61
C LYS G 353 -23.12 38.30 -37.16
N SER G 354 -22.91 39.59 -36.82
CA SER G 354 -23.58 40.65 -37.49
C SER G 354 -22.97 40.92 -38.81
N GLN G 355 -23.48 41.93 -39.53
CA GLN G 355 -22.90 42.42 -40.73
C GLN G 355 -21.42 42.87 -40.50
N PRO G 356 -20.44 42.64 -41.37
CA PRO G 356 -19.02 42.90 -41.07
C PRO G 356 -18.66 44.23 -40.54
N ASP G 357 -19.21 45.33 -41.13
CA ASP G 357 -19.05 46.68 -40.75
C ASP G 357 -19.72 46.96 -39.42
N ILE G 358 -20.82 46.25 -39.19
CA ILE G 358 -21.65 46.32 -37.98
C ILE G 358 -20.95 45.60 -36.88
N GLN G 359 -20.22 44.48 -37.19
CA GLN G 359 -19.37 43.81 -36.21
C GLN G 359 -18.36 44.64 -35.61
N GLN G 360 -17.73 45.52 -36.45
CA GLN G 360 -16.78 46.49 -36.05
C GLN G 360 -17.40 47.62 -35.32
N LEU G 361 -18.62 48.03 -35.74
CA LEU G 361 -19.37 49.02 -35.03
C LEU G 361 -19.65 48.57 -33.56
N ILE G 362 -20.05 47.30 -33.40
CA ILE G 362 -20.16 46.65 -32.14
C ILE G 362 -18.79 46.44 -31.45
N ARG G 363 -17.70 46.11 -32.21
CA ARG G 363 -16.44 45.87 -31.73
C ARG G 363 -15.86 47.11 -31.05
N THR G 364 -16.31 48.18 -31.63
CA THR G 364 -16.00 49.54 -31.25
C THR G 364 -16.91 50.04 -30.14
N ALA G 365 -17.99 49.31 -29.81
CA ALA G 365 -18.70 49.57 -28.65
C ALA G 365 -17.88 49.36 -27.29
N PRO G 366 -18.06 50.24 -26.31
CA PRO G 366 -17.38 50.13 -25.05
C PRO G 366 -17.82 49.04 -24.14
N SER G 367 -16.93 48.56 -23.25
CA SER G 367 -17.08 47.42 -22.43
C SER G 367 -18.18 47.50 -21.39
N THR G 368 -18.67 48.74 -21.22
CA THR G 368 -19.70 49.20 -20.32
C THR G 368 -21.05 48.61 -20.71
N LEU G 369 -21.29 48.57 -22.05
CA LEU G 369 -22.38 47.89 -22.71
C LEU G 369 -22.35 46.43 -22.46
N THR G 370 -23.10 45.97 -21.44
CA THR G 370 -22.96 44.72 -20.74
C THR G 370 -24.13 43.78 -21.04
N THR G 371 -25.29 44.38 -21.28
CA THR G 371 -26.45 43.66 -21.75
C THR G 371 -26.78 44.00 -23.24
N PRO G 372 -27.46 43.14 -23.98
CA PRO G 372 -27.91 43.44 -25.33
C PRO G 372 -28.75 44.65 -25.43
N GLY G 373 -29.62 44.99 -24.48
CA GLY G 373 -30.49 46.15 -24.53
C GLY G 373 -29.62 47.35 -24.65
N GLU G 374 -28.54 47.42 -23.84
CA GLU G 374 -27.57 48.50 -23.84
C GLU G 374 -26.81 48.62 -25.15
N ILE G 375 -26.55 47.45 -25.68
CA ILE G 375 -25.95 47.31 -27.03
C ILE G 375 -26.83 47.77 -28.15
N ILE G 376 -28.07 47.48 -28.04
CA ILE G 376 -29.22 47.92 -28.87
C ILE G 376 -29.32 49.34 -28.89
N LYS G 377 -29.28 49.93 -27.73
CA LYS G 377 -29.25 51.33 -27.48
C LYS G 377 -28.05 52.04 -28.18
N TYR G 378 -26.89 51.54 -28.04
CA TYR G 378 -25.74 51.95 -28.76
C TYR G 378 -25.90 51.84 -30.28
N VAL G 379 -26.43 50.84 -30.80
CA VAL G 379 -26.69 50.65 -32.22
C VAL G 379 -27.65 51.67 -32.76
N LEU G 380 -28.71 51.89 -31.99
CA LEU G 380 -29.69 53.03 -32.18
C LEU G 380 -29.07 54.40 -32.14
N ASP G 381 -28.14 54.57 -31.26
CA ASP G 381 -27.32 55.70 -31.09
C ASP G 381 -26.36 55.87 -32.27
N ARG G 382 -25.99 54.82 -33.00
CA ARG G 382 -24.91 54.99 -33.93
C ARG G 382 -25.51 54.95 -35.25
N GLN G 383 -26.79 54.56 -35.46
CA GLN G 383 -27.52 54.83 -36.68
C GLN G 383 -28.01 56.31 -36.69
N ALA H 129 -63.66 -3.34 42.31
CA ALA H 129 -64.83 -2.83 41.62
C ALA H 129 -64.61 -1.88 40.49
N GLY H 130 -65.33 -0.69 40.43
CA GLY H 130 -65.03 0.32 39.39
C GLY H 130 -65.47 0.06 37.98
N GLN H 131 -65.39 0.98 37.02
CA GLN H 131 -64.83 2.37 36.86
C GLN H 131 -63.34 2.50 37.11
N ALA H 132 -62.66 3.65 36.69
CA ALA H 132 -61.24 3.80 37.00
C ALA H 132 -60.77 5.31 37.06
N PRO H 133 -60.70 5.89 38.35
CA PRO H 133 -60.12 7.17 38.54
C PRO H 133 -58.59 7.01 38.88
N GLY H 134 -57.80 8.07 38.88
CA GLY H 134 -58.14 9.48 38.44
C GLY H 134 -57.75 9.76 37.08
N PRO H 135 -56.59 10.43 36.96
CA PRO H 135 -55.61 10.68 38.07
C PRO H 135 -56.06 12.08 38.71
N ALA H 136 -55.80 12.43 39.96
CA ALA H 136 -55.08 11.95 41.11
C ALA H 136 -53.55 12.34 41.13
N LEU H 137 -53.19 13.32 41.98
CA LEU H 137 -51.80 13.74 42.10
C LEU H 137 -51.75 14.55 43.43
N THR H 138 -50.55 14.93 43.90
CA THR H 138 -50.24 15.23 45.27
C THR H 138 -49.93 16.70 45.48
N ASP H 139 -50.43 17.68 44.66
CA ASP H 139 -50.09 17.95 43.24
C ASP H 139 -48.59 18.12 42.93
N TRP H 140 -48.22 17.91 41.66
CA TRP H 140 -47.08 18.60 41.12
C TRP H 140 -47.32 19.09 39.72
N ALA H 141 -48.46 18.78 39.05
CA ALA H 141 -48.92 19.46 37.82
C ALA H 141 -49.12 20.94 37.83
N ARG H 142 -50.04 21.56 38.68
CA ARG H 142 -50.16 23.00 38.73
C ARG H 142 -48.89 23.48 39.21
N VAL H 143 -48.29 22.87 40.21
CA VAL H 143 -47.00 23.23 40.69
C VAL H 143 -45.83 23.37 39.65
N ARG H 144 -45.65 22.36 38.76
CA ARG H 144 -44.81 22.33 37.61
C ARG H 144 -45.16 23.61 36.71
N GLU H 145 -46.37 23.63 36.18
CA GLU H 145 -46.91 24.67 35.27
C GLU H 145 -46.62 26.09 35.74
N GLU H 146 -46.90 26.34 37.04
CA GLU H 146 -46.58 27.49 37.84
C GLU H 146 -45.10 27.77 37.76
N LEU H 147 -44.30 26.97 38.45
CA LEU H 147 -42.84 27.07 38.49
C LEU H 147 -42.11 27.40 37.13
N ALA H 148 -42.60 26.78 36.05
CA ALA H 148 -42.11 26.90 34.67
C ALA H 148 -42.34 28.32 34.15
N SER H 149 -43.68 28.72 34.14
CA SER H 149 -44.09 30.11 34.08
C SER H 149 -43.74 30.92 35.30
N THR H 150 -42.75 30.54 36.11
CA THR H 150 -42.28 31.37 37.19
C THR H 150 -40.79 31.43 37.15
N GLY H 151 -40.16 32.24 36.27
CA GLY H 151 -38.70 32.45 36.27
C GLY H 151 -38.03 31.47 35.31
N PRO H 152 -37.98 31.85 34.03
CA PRO H 152 -37.44 31.08 32.94
C PRO H 152 -36.08 30.36 33.09
N PRO H 153 -34.93 30.83 33.75
CA PRO H 153 -33.72 30.08 33.87
C PRO H 153 -33.81 29.19 35.04
N VAL H 154 -34.65 29.63 36.06
CA VAL H 154 -34.85 28.95 37.33
C VAL H 154 -35.96 27.92 37.23
N VAL H 155 -35.60 26.94 36.45
CA VAL H 155 -36.40 25.84 36.05
C VAL H 155 -37.18 24.92 37.05
N ALA H 156 -38.30 24.33 36.56
CA ALA H 156 -39.11 23.36 37.21
C ALA H 156 -38.54 21.88 36.93
N MET H 157 -38.25 21.14 38.05
CA MET H 157 -37.90 19.73 38.03
C MET H 157 -38.88 18.87 38.76
N PRO H 158 -40.22 19.06 38.88
CA PRO H 158 -41.03 18.07 39.56
C PRO H 158 -41.74 17.15 38.62
N VAL H 159 -41.76 15.86 39.00
CA VAL H 159 -42.40 14.85 38.22
C VAL H 159 -43.94 14.98 38.39
N VAL H 160 -44.66 14.70 37.29
CA VAL H 160 -46.12 14.81 37.10
C VAL H 160 -46.64 13.54 36.45
N ILE H 161 -47.62 12.83 36.97
CA ILE H 161 -47.78 11.41 36.78
C ILE H 161 -48.78 11.19 35.69
N LYS H 162 -50.05 11.45 35.87
CA LYS H 162 -51.15 11.20 34.80
C LYS H 162 -51.16 9.88 33.99
N THR H 163 -51.43 8.74 34.71
CA THR H 163 -52.33 7.72 34.14
C THR H 163 -53.59 7.45 35.00
N GLU H 164 -54.81 7.23 34.33
CA GLU H 164 -55.48 5.91 34.30
C GLU H 164 -56.87 6.01 34.95
N GLY H 165 -57.97 6.25 34.21
CA GLY H 165 -58.36 7.56 33.66
C GLY H 165 -58.95 7.42 32.30
N PRO H 166 -59.42 8.56 31.81
CA PRO H 166 -59.32 8.92 30.46
C PRO H 166 -58.14 8.33 29.59
N ALA H 167 -58.47 7.63 28.51
CA ALA H 167 -57.61 7.09 27.49
C ALA H 167 -57.30 8.10 26.47
N TRP H 168 -57.24 9.39 26.85
CA TRP H 168 -57.45 10.52 26.01
C TRP H 168 -57.39 11.71 26.94
N THR H 169 -57.32 12.87 26.32
CA THR H 169 -57.04 14.06 27.08
C THR H 169 -57.91 15.19 26.54
N PRO H 170 -58.21 16.27 27.27
CA PRO H 170 -58.89 17.44 26.64
C PRO H 170 -57.74 18.45 26.07
N LEU H 171 -57.99 19.16 24.90
CA LEU H 171 -57.08 20.14 24.42
C LEU H 171 -56.98 21.32 25.37
N GLU H 172 -55.86 21.99 25.42
CA GLU H 172 -55.68 23.10 26.33
C GLU H 172 -55.06 24.31 25.64
N PRO H 173 -55.81 25.19 25.13
CA PRO H 173 -55.42 26.40 24.39
C PRO H 173 -54.33 27.25 25.00
N LYS H 174 -54.24 27.48 26.36
CA LYS H 174 -52.99 28.10 26.87
C LYS H 174 -51.70 27.37 26.55
N LEU H 175 -51.63 26.05 26.74
CA LEU H 175 -50.52 25.13 26.52
C LEU H 175 -50.17 25.06 25.10
N ILE H 176 -51.17 25.24 24.21
CA ILE H 176 -50.96 25.40 22.82
C ILE H 176 -50.42 26.76 22.49
N THR H 177 -50.87 27.84 23.10
CA THR H 177 -50.49 29.18 22.74
C THR H 177 -49.06 29.34 23.01
N ARG H 178 -48.57 28.93 24.17
CA ARG H 178 -47.24 29.09 24.57
C ARG H 178 -46.15 28.39 23.78
N LEU H 179 -46.57 27.20 23.23
CA LEU H 179 -45.94 26.36 22.28
C LEU H 179 -45.90 27.12 21.03
N ALA H 180 -46.97 27.81 20.63
CA ALA H 180 -47.01 28.68 19.46
C ALA H 180 -45.98 29.77 19.56
N ASP H 181 -45.89 30.43 20.71
CA ASP H 181 -44.88 31.39 21.05
C ASP H 181 -43.49 30.80 20.79
N THR H 182 -43.22 29.62 21.39
CA THR H 182 -41.93 28.94 21.26
C THR H 182 -41.61 28.58 19.78
N VAL H 183 -42.60 28.07 19.06
CA VAL H 183 -42.57 27.74 17.66
C VAL H 183 -42.42 29.00 16.85
N ARG H 184 -42.99 30.11 17.30
CA ARG H 184 -42.69 31.44 16.70
C ARG H 184 -41.27 31.80 16.88
N THR H 185 -41.04 32.10 18.07
CA THR H 185 -39.72 32.55 18.54
C THR H 185 -38.61 31.66 18.09
N LYS H 186 -38.30 30.50 18.73
CA LYS H 186 -37.34 29.50 18.41
C LYS H 186 -37.68 28.93 17.04
N GLY H 187 -38.93 28.60 16.86
CA GLY H 187 -39.18 27.35 16.08
C GLY H 187 -38.78 26.13 16.78
N LEU H 188 -38.33 25.15 15.98
CA LEU H 188 -38.52 23.80 16.39
C LEU H 188 -37.23 23.38 17.03
N ARG H 189 -36.16 24.16 16.77
CA ARG H 189 -35.04 24.49 17.66
C ARG H 189 -35.34 24.51 19.12
N SER H 190 -34.54 23.80 19.81
CA SER H 190 -34.54 23.72 21.25
C SER H 190 -35.52 22.55 21.59
N PRO H 191 -35.13 21.51 22.24
CA PRO H 191 -35.55 21.23 23.63
C PRO H 191 -35.87 22.36 24.62
N ILE H 192 -36.65 23.29 24.24
CA ILE H 192 -37.63 23.91 24.94
C ILE H 192 -38.86 23.62 24.20
N THR H 193 -38.82 23.90 22.87
CA THR H 193 -39.90 23.47 21.98
C THR H 193 -40.09 21.96 21.91
N MET H 194 -39.02 21.29 21.68
CA MET H 194 -38.99 19.84 21.77
C MET H 194 -39.43 19.32 23.14
N ALA H 195 -38.95 19.95 24.24
CA ALA H 195 -39.24 19.59 25.58
C ALA H 195 -40.70 19.69 25.89
N GLU H 196 -41.34 20.84 25.59
CA GLU H 196 -42.76 21.04 25.92
C GLU H 196 -43.63 20.10 25.16
N VAL H 197 -43.22 19.70 23.96
CA VAL H 197 -43.92 18.71 23.14
C VAL H 197 -43.78 17.35 23.67
N GLU H 198 -42.57 16.90 24.02
CA GLU H 198 -42.37 15.61 24.75
C GLU H 198 -43.36 15.53 25.89
N ALA H 199 -43.40 16.54 26.74
CA ALA H 199 -44.26 16.59 27.88
C ALA H 199 -45.75 16.41 27.46
N LEU H 200 -46.15 17.12 26.43
CA LEU H 200 -47.52 17.13 25.91
C LEU H 200 -47.86 15.73 25.26
N MET H 201 -46.84 14.85 25.05
CA MET H 201 -46.91 13.63 24.38
C MET H 201 -46.63 12.44 25.23
N SER H 202 -47.17 12.50 26.38
CA SER H 202 -47.05 11.56 27.48
C SER H 202 -48.24 10.77 27.76
N SER H 203 -49.31 10.86 26.93
CA SER H 203 -50.59 10.16 27.15
C SER H 203 -51.09 9.35 26.03
N PRO H 204 -52.12 8.59 26.19
CA PRO H 204 -52.79 8.00 25.01
C PRO H 204 -53.65 9.07 24.43
N LEU H 205 -53.73 9.02 23.09
CA LEU H 205 -54.36 10.12 22.35
C LEU H 205 -55.15 9.70 21.15
N LEU H 206 -56.23 10.44 20.92
CA LEU H 206 -57.15 10.47 19.79
C LEU H 206 -56.55 11.32 18.60
N PRO H 207 -56.47 10.75 17.38
CA PRO H 207 -55.91 11.54 16.30
C PRO H 207 -56.36 12.87 15.86
N HIS H 208 -57.66 13.23 15.80
CA HIS H 208 -58.07 14.51 15.21
C HIS H 208 -57.64 15.75 15.86
N ASP H 209 -57.75 15.84 17.15
CA ASP H 209 -57.39 17.16 17.72
C ASP H 209 -55.84 17.34 17.54
N VAL H 210 -55.00 16.36 17.85
CA VAL H 210 -53.67 16.49 17.46
C VAL H 210 -53.52 16.71 16.02
N THR H 211 -54.01 15.93 15.10
CA THR H 211 -53.95 16.17 13.67
C THR H 211 -54.31 17.60 13.17
N ASN H 212 -55.49 18.10 13.50
CA ASN H 212 -55.87 19.41 13.04
C ASN H 212 -54.91 20.46 13.66
N LEU H 213 -54.56 20.26 14.91
CA LEU H 213 -53.54 21.04 15.54
C LEU H 213 -52.20 21.00 14.85
N MET H 214 -51.72 19.78 14.56
CA MET H 214 -50.41 19.58 13.90
C MET H 214 -50.37 20.13 12.55
N ARG H 215 -51.45 19.90 11.78
CA ARG H 215 -51.74 20.50 10.51
C ARG H 215 -51.77 21.99 10.50
N VAL H 216 -52.14 22.62 11.65
CA VAL H 216 -52.07 24.05 11.89
C VAL H 216 -50.74 24.58 12.28
N ILE H 217 -50.07 23.93 13.24
CA ILE H 217 -48.81 24.37 13.84
C ILE H 217 -47.61 24.12 12.97
N LEU H 218 -47.58 22.90 12.36
CA LEU H 218 -46.43 22.58 11.50
C LEU H 218 -46.38 23.41 10.16
N GLY H 219 -47.61 23.71 9.56
CA GLY H 219 -47.74 24.38 8.30
C GLY H 219 -47.56 23.47 7.12
N PRO H 220 -48.04 23.92 5.93
CA PRO H 220 -48.15 23.11 4.76
C PRO H 220 -47.01 22.17 4.40
N ALA H 221 -45.85 22.75 4.21
CA ALA H 221 -44.66 21.91 4.00
C ALA H 221 -44.35 20.98 5.13
N PRO H 222 -44.00 21.40 6.33
CA PRO H 222 -43.52 20.47 7.31
C PRO H 222 -44.60 19.49 7.75
N TYR H 223 -45.86 19.94 7.82
CA TYR H 223 -46.88 18.95 8.07
C TYR H 223 -46.93 17.74 7.13
N ALA H 224 -46.78 17.97 5.83
CA ALA H 224 -46.84 16.89 4.80
C ALA H 224 -45.72 15.94 5.05
N LEU H 225 -44.49 16.54 5.24
CA LEU H 225 -43.30 15.82 5.59
C LEU H 225 -43.54 14.96 6.82
N TRP H 226 -44.03 15.55 7.87
CA TRP H 226 -44.46 14.90 9.06
C TRP H 226 -45.50 13.82 8.89
N MET H 227 -46.61 14.02 8.19
CA MET H 227 -47.67 13.02 7.95
C MET H 227 -47.04 11.76 7.46
N ASP H 228 -46.19 11.96 6.42
CA ASP H 228 -45.46 10.89 5.75
C ASP H 228 -44.67 10.17 6.79
N ALA H 229 -43.83 10.90 7.60
CA ALA H 229 -42.97 10.31 8.63
C ALA H 229 -43.73 9.54 9.65
N TRP H 230 -44.90 10.09 10.07
CA TRP H 230 -45.79 9.54 11.03
C TRP H 230 -46.29 8.23 10.57
N GLY H 231 -46.46 8.21 9.30
CA GLY H 231 -46.94 7.05 8.53
C GLY H 231 -45.91 6.00 8.50
N VAL H 232 -44.57 6.35 8.32
CA VAL H 232 -43.54 5.30 8.49
C VAL H 232 -43.58 4.68 9.81
N GLN H 233 -43.64 5.47 10.83
CA GLN H 233 -43.69 4.93 12.19
C GLN H 233 -44.72 3.99 12.40
N LEU H 234 -45.95 4.34 11.92
CA LEU H 234 -47.10 3.39 11.94
C LEU H 234 -46.93 2.16 11.16
N GLN H 235 -46.39 2.20 9.92
CA GLN H 235 -46.15 1.14 8.97
C GLN H 235 -45.23 0.19 9.66
N THR H 236 -44.24 0.63 10.38
CA THR H 236 -43.40 -0.23 11.22
C THR H 236 -44.10 -0.86 12.45
N VAL H 237 -45.26 -0.39 12.94
CA VAL H 237 -46.00 -1.13 13.93
C VAL H 237 -46.71 -2.29 13.23
N ILE H 238 -47.09 -2.16 11.97
CA ILE H 238 -47.66 -3.29 11.22
C ILE H 238 -46.65 -4.38 10.95
N ALA H 239 -45.36 -4.13 11.23
CA ALA H 239 -44.35 -5.13 11.21
C ALA H 239 -44.51 -5.85 12.55
N ALA H 240 -44.33 -5.16 13.70
CA ALA H 240 -44.42 -5.86 14.99
C ALA H 240 -45.75 -6.60 15.26
N ALA H 241 -46.83 -6.20 14.51
CA ALA H 241 -48.15 -6.83 14.42
C ALA H 241 -48.11 -8.13 13.56
N THR H 242 -47.23 -8.12 12.54
CA THR H 242 -47.00 -9.29 11.71
C THR H 242 -46.09 -10.29 12.47
N ARG H 243 -44.97 -9.67 12.91
CA ARG H 243 -43.92 -10.32 13.72
C ARG H 243 -44.49 -11.17 14.90
N ASP H 244 -45.43 -10.46 15.55
CA ASP H 244 -46.20 -11.08 16.65
C ASP H 244 -47.59 -10.56 16.42
N PRO H 245 -48.49 -11.42 15.95
CA PRO H 245 -49.92 -11.17 16.01
C PRO H 245 -50.50 -11.05 17.35
N ARG H 246 -50.03 -11.90 18.33
CA ARG H 246 -50.54 -11.78 19.62
C ARG H 246 -50.44 -10.45 20.47
N HIS H 247 -49.22 -9.80 20.30
CA HIS H 247 -48.61 -8.73 21.03
C HIS H 247 -49.67 -7.59 21.52
N PRO H 248 -49.35 -6.93 22.73
CA PRO H 248 -50.25 -5.95 23.27
C PRO H 248 -51.10 -5.05 22.43
N ALA H 249 -50.75 -4.61 21.24
CA ALA H 249 -51.60 -3.72 20.50
C ALA H 249 -52.83 -4.44 20.00
N ASN H 250 -52.56 -5.73 19.71
CA ASN H 250 -53.52 -6.65 19.28
C ASN H 250 -54.20 -7.08 20.56
N GLY H 251 -55.18 -7.95 20.34
CA GLY H 251 -55.93 -8.64 21.41
C GLY H 251 -55.49 -10.04 21.40
N GLN H 252 -56.31 -10.95 21.81
CA GLN H 252 -55.86 -12.28 21.93
C GLN H 252 -56.21 -13.14 20.74
N GLY H 253 -57.44 -12.96 20.21
CA GLY H 253 -58.03 -13.55 18.96
C GLY H 253 -57.29 -13.36 17.69
N ARG H 254 -57.60 -14.20 16.73
CA ARG H 254 -57.11 -14.20 15.38
C ARG H 254 -57.71 -12.98 14.65
N GLY H 255 -58.88 -12.45 14.98
CA GLY H 255 -59.61 -11.31 14.42
C GLY H 255 -59.21 -10.13 15.20
N GLU H 256 -58.77 -10.17 16.55
CA GLU H 256 -58.39 -9.05 17.44
C GLU H 256 -56.99 -8.53 17.13
N ARG H 257 -56.83 -8.03 15.88
CA ARG H 257 -55.53 -7.69 15.33
C ARG H 257 -55.42 -6.21 14.89
N THR H 258 -54.16 -5.61 14.89
CA THR H 258 -53.83 -4.24 14.74
C THR H 258 -53.48 -4.03 13.34
N ASN H 259 -54.13 -3.09 12.60
CA ASN H 259 -54.07 -2.96 11.18
C ASN H 259 -54.01 -1.60 10.69
N LEU H 260 -53.62 -1.51 9.43
CA LEU H 260 -53.56 -0.30 8.58
C LEU H 260 -54.78 0.65 8.65
N ASN H 261 -55.97 0.09 8.48
CA ASN H 261 -57.24 0.80 8.70
C ASN H 261 -57.47 1.29 10.02
N ARG H 262 -57.17 0.47 11.03
CA ARG H 262 -57.27 0.82 12.38
C ARG H 262 -56.35 1.91 12.73
N LEU H 263 -55.07 1.72 12.41
CA LEU H 263 -54.03 2.75 12.47
C LEU H 263 -54.34 4.03 11.70
N LYS H 264 -55.07 3.91 10.62
CA LYS H 264 -55.44 5.06 9.79
C LYS H 264 -56.81 5.62 10.20
N GLY H 265 -57.54 4.96 11.10
CA GLY H 265 -58.80 5.56 11.53
C GLY H 265 -59.83 5.38 10.46
N LEU H 266 -59.52 4.56 9.47
CA LEU H 266 -60.41 4.29 8.39
C LEU H 266 -61.08 3.00 8.52
N ALA H 267 -60.90 2.36 9.67
CA ALA H 267 -61.64 1.20 10.04
C ALA H 267 -63.08 1.64 10.42
N ASP H 268 -64.02 0.67 10.37
CA ASP H 268 -65.43 0.85 10.58
C ASP H 268 -65.67 1.32 12.00
N GLY H 269 -66.39 2.41 12.22
CA GLY H 269 -66.61 2.90 13.55
C GLY H 269 -65.57 3.89 13.91
N MET H 270 -64.31 3.68 13.39
CA MET H 270 -63.35 4.68 13.53
C MET H 270 -63.60 5.86 12.66
N VAL H 271 -63.95 5.59 11.42
CA VAL H 271 -64.27 6.57 10.38
C VAL H 271 -65.19 7.73 10.77
N GLY H 272 -64.55 8.88 10.97
CA GLY H 272 -65.10 10.13 11.39
C GLY H 272 -65.77 10.10 12.73
N ASN H 273 -65.35 9.14 13.61
CA ASN H 273 -65.91 9.00 14.96
C ASN H 273 -64.85 8.81 16.02
N PRO H 274 -64.41 9.83 16.74
CA PRO H 274 -63.46 9.69 17.83
C PRO H 274 -63.89 8.76 18.91
N GLN H 275 -65.20 8.75 19.20
CA GLN H 275 -65.82 7.82 20.13
C GLN H 275 -65.70 6.39 19.69
N GLY H 276 -65.95 6.11 18.42
CA GLY H 276 -65.79 4.80 17.74
C GLY H 276 -64.32 4.48 17.82
N GLN H 277 -63.42 5.44 17.59
CA GLN H 277 -62.00 5.13 17.73
C GLN H 277 -61.59 4.72 19.09
N ALA H 278 -62.12 5.49 20.07
CA ALA H 278 -61.97 5.18 21.49
C ALA H 278 -62.54 3.83 21.88
N ALA H 279 -63.54 3.36 21.15
CA ALA H 279 -64.37 2.24 21.54
C ALA H 279 -63.73 0.97 21.04
N LEU H 280 -62.96 1.17 19.92
CA LEU H 280 -62.37 0.11 19.18
C LEU H 280 -60.89 -0.10 19.48
N LEU H 281 -60.09 0.93 19.68
CA LEU H 281 -58.66 0.80 19.91
C LEU H 281 -58.29 0.09 21.27
N ARG H 282 -57.15 -0.60 21.29
CA ARG H 282 -56.54 -1.22 22.50
C ARG H 282 -55.50 -0.27 22.98
N PRO H 283 -55.11 -0.38 24.26
CA PRO H 283 -54.03 0.39 24.84
C PRO H 283 -52.66 0.47 24.14
N GLY H 284 -52.12 -0.67 23.74
CA GLY H 284 -50.88 -0.76 22.94
C GLY H 284 -50.93 0.01 21.68
N GLU H 285 -52.11 0.07 21.06
CA GLU H 285 -52.28 0.83 19.91
C GLU H 285 -52.30 2.33 20.28
N LEU H 286 -53.01 2.82 21.34
CA LEU H 286 -53.07 4.24 21.67
C LEU H 286 -51.71 4.79 21.99
N VAL H 287 -50.89 4.02 22.75
CA VAL H 287 -49.53 4.39 23.12
C VAL H 287 -48.62 4.46 21.89
N ALA H 288 -48.77 3.48 20.93
CA ALA H 288 -48.07 3.42 19.66
C ALA H 288 -48.40 4.60 18.87
N ILE H 289 -49.76 4.93 18.60
CA ILE H 289 -50.14 6.20 17.99
C ILE H 289 -49.48 7.45 18.56
N THR H 290 -49.51 7.66 19.91
CA THR H 290 -48.84 8.84 20.53
C THR H 290 -47.28 8.87 20.36
N ALA H 291 -46.68 7.65 20.44
CA ALA H 291 -45.29 7.54 20.27
C ALA H 291 -44.87 7.83 18.84
N SER H 292 -45.58 7.28 17.83
CA SER H 292 -45.31 7.46 16.49
C SER H 292 -45.29 8.86 16.11
N ALA H 293 -46.38 9.56 16.58
CA ALA H 293 -46.45 11.00 16.45
C ALA H 293 -45.25 11.78 17.03
N LEU H 294 -44.87 11.52 18.32
CA LEU H 294 -43.77 12.25 18.95
C LEU H 294 -42.48 12.01 18.22
N GLN H 295 -42.21 10.76 17.79
CA GLN H 295 -41.08 10.31 17.14
C GLN H 295 -40.95 11.08 15.80
N ALA H 296 -41.91 10.84 14.85
CA ALA H 296 -41.91 11.69 13.65
C ALA H 296 -41.72 13.19 13.83
N PHE H 297 -42.11 13.84 14.96
CA PHE H 297 -41.82 15.25 15.27
C PHE H 297 -40.39 15.42 15.43
N ARG H 298 -39.67 14.53 16.14
CA ARG H 298 -38.20 14.51 16.35
C ARG H 298 -37.55 14.44 14.99
N GLU H 299 -38.10 13.62 14.10
CA GLU H 299 -37.74 13.41 12.74
C GLU H 299 -37.75 14.73 11.94
N VAL H 300 -38.50 15.81 12.38
CA VAL H 300 -38.39 17.09 11.70
C VAL H 300 -37.67 18.02 12.65
N ALA H 301 -37.75 17.88 14.02
CA ALA H 301 -37.11 18.95 14.79
C ALA H 301 -35.63 18.69 14.91
N ARG H 302 -35.03 17.84 14.09
CA ARG H 302 -33.61 17.74 13.91
C ARG H 302 -33.25 18.34 12.60
N LEU H 303 -34.25 18.82 11.91
CA LEU H 303 -33.98 19.51 10.67
C LEU H 303 -34.12 20.94 10.72
N ALA H 304 -33.32 21.54 9.91
CA ALA H 304 -33.14 22.98 9.75
C ALA H 304 -32.31 23.67 10.87
N GLU H 305 -31.38 24.49 10.33
CA GLU H 305 -30.83 25.66 11.02
C GLU H 305 -31.67 26.76 11.37
N PRO H 306 -32.65 27.31 10.61
CA PRO H 306 -33.47 28.42 10.99
C PRO H 306 -33.77 28.72 12.46
N ALA H 307 -32.94 29.55 13.02
CA ALA H 307 -33.09 30.25 14.23
C ALA H 307 -32.36 31.59 13.86
N GLY H 308 -32.54 32.72 14.58
CA GLY H 308 -33.31 32.94 15.76
C GLY H 308 -33.64 34.33 15.66
N PRO H 309 -34.12 34.88 16.76
CA PRO H 309 -34.72 36.21 16.92
C PRO H 309 -34.10 37.32 16.12
N TRP H 310 -32.76 37.57 16.15
CA TRP H 310 -32.01 38.43 15.25
C TRP H 310 -32.56 38.66 13.82
N ALA H 311 -33.19 37.67 13.16
CA ALA H 311 -33.57 37.76 11.76
C ALA H 311 -34.70 38.70 11.44
N ASP H 312 -35.48 39.12 12.51
CA ASP H 312 -36.61 40.01 12.32
C ASP H 312 -36.15 41.37 12.80
N ILE H 313 -34.94 41.51 13.35
CA ILE H 313 -34.48 42.82 13.83
C ILE H 313 -33.99 43.78 12.85
N MET H 314 -34.82 44.81 12.50
CA MET H 314 -34.40 45.89 11.56
C MET H 314 -34.89 47.26 12.18
N GLN H 315 -34.04 48.30 12.44
CA GLN H 315 -34.48 49.60 13.07
C GLN H 315 -35.51 50.36 12.20
N GLY H 316 -36.58 50.90 12.78
CA GLY H 316 -37.50 51.68 12.01
C GLY H 316 -37.13 53.10 12.02
N PRO H 317 -37.68 54.00 11.20
CA PRO H 317 -37.33 55.37 11.27
C PRO H 317 -37.96 56.03 12.43
N SER H 318 -39.05 55.39 12.92
CA SER H 318 -39.72 55.91 14.11
C SER H 318 -39.44 55.09 15.28
N GLU H 319 -38.43 54.19 15.25
CA GLU H 319 -37.99 53.39 16.35
C GLU H 319 -36.73 54.09 16.79
N SER H 320 -36.51 54.46 18.05
CA SER H 320 -35.20 54.97 18.48
C SER H 320 -34.26 53.85 18.69
N PHE H 321 -33.00 54.24 18.75
CA PHE H 321 -31.96 53.37 18.99
C PHE H 321 -32.11 52.59 20.38
N VAL H 322 -32.47 53.25 21.52
CA VAL H 322 -32.66 52.54 22.80
C VAL H 322 -33.77 51.49 22.70
N ASP H 323 -34.89 51.79 22.01
CA ASP H 323 -35.97 50.88 21.72
C ASP H 323 -35.39 49.74 20.90
N PHE H 324 -34.63 50.01 19.83
CA PHE H 324 -33.92 49.09 19.00
C PHE H 324 -32.94 48.17 19.80
N ALA H 325 -32.10 48.75 20.66
CA ALA H 325 -31.12 48.14 21.45
C ALA H 325 -31.76 47.18 22.45
N ASN H 326 -32.81 47.64 23.09
CA ASN H 326 -33.67 46.81 23.92
C ASN H 326 -34.31 45.66 23.09
N ARG H 327 -34.87 45.95 21.89
CA ARG H 327 -35.31 44.86 20.96
C ARG H 327 -34.25 43.82 20.58
N LEU H 328 -33.03 44.35 20.31
CA LEU H 328 -31.87 43.52 20.01
C LEU H 328 -31.38 42.78 21.24
N ILE H 329 -31.29 43.34 22.41
CA ILE H 329 -30.93 42.58 23.66
C ILE H 329 -31.93 41.52 23.91
N LYS H 330 -33.23 41.83 23.78
CA LYS H 330 -34.22 40.76 23.83
C LYS H 330 -34.02 39.63 22.87
N ALA H 331 -33.79 39.97 21.61
CA ALA H 331 -33.54 39.08 20.55
C ALA H 331 -32.23 38.30 20.79
N VAL H 332 -31.16 38.82 21.33
CA VAL H 332 -29.93 38.12 21.53
C VAL H 332 -29.98 37.13 22.61
N GLU H 333 -30.61 37.46 23.73
CA GLU H 333 -30.88 36.51 24.77
C GLU H 333 -31.68 35.40 24.21
N GLY H 334 -32.64 35.66 23.33
CA GLY H 334 -33.53 34.70 22.69
C GLY H 334 -32.91 34.06 21.49
N SER H 335 -31.71 34.43 21.08
CA SER H 335 -30.93 33.78 20.03
C SER H 335 -29.94 32.99 20.76
N ASP H 336 -30.13 31.66 20.77
CA ASP H 336 -29.37 30.61 21.50
C ASP H 336 -27.78 30.44 21.19
N LEU H 337 -27.23 31.64 20.95
CA LEU H 337 -25.77 31.87 20.74
C LEU H 337 -25.08 31.60 21.94
N PRO H 338 -23.84 31.15 21.92
CA PRO H 338 -22.97 31.13 23.12
C PRO H 338 -22.92 32.58 23.59
N PRO H 339 -22.80 32.99 24.78
CA PRO H 339 -22.66 34.29 25.30
C PRO H 339 -21.48 34.99 24.66
N SER H 340 -20.42 34.15 24.45
CA SER H 340 -19.22 34.63 23.76
C SER H 340 -19.46 35.06 22.33
N ALA H 341 -20.57 34.70 21.74
CA ALA H 341 -20.83 35.06 20.36
C ALA H 341 -21.82 36.13 20.11
N ARG H 342 -22.45 36.50 21.23
CA ARG H 342 -23.53 37.48 21.27
C ARG H 342 -23.03 38.83 20.95
N ALA H 343 -22.03 39.36 21.69
CA ALA H 343 -21.48 40.67 21.36
C ALA H 343 -20.96 40.84 19.93
N PRO H 344 -20.19 39.85 19.34
CA PRO H 344 -19.76 39.87 18.00
C PRO H 344 -20.82 39.97 16.94
N VAL H 345 -21.89 39.17 17.14
CA VAL H 345 -23.05 39.33 16.33
C VAL H 345 -23.67 40.69 16.55
N ILE H 346 -23.83 41.13 17.86
CA ILE H 346 -24.55 42.29 18.20
C ILE H 346 -23.97 43.50 17.54
N ILE H 347 -22.66 43.69 17.61
CA ILE H 347 -21.85 44.71 17.03
C ILE H 347 -22.00 44.70 15.54
N ASP H 348 -21.97 43.48 14.88
CA ASP H 348 -22.25 43.46 13.47
C ASP H 348 -23.63 44.01 13.16
N CYS H 349 -24.62 43.52 13.88
CA CYS H 349 -25.97 43.85 13.71
C CYS H 349 -26.16 45.31 13.95
N PHE H 350 -25.49 45.94 14.93
CA PHE H 350 -25.43 47.36 15.08
C PHE H 350 -24.97 48.02 13.77
N ARG H 351 -23.87 47.50 13.24
CA ARG H 351 -23.35 48.06 12.00
C ARG H 351 -24.30 47.89 10.78
N GLN H 352 -25.11 46.84 10.80
CA GLN H 352 -25.76 46.36 9.67
C GLN H 352 -27.32 46.55 9.69
N LYS H 353 -27.91 46.62 10.95
CA LYS H 353 -29.37 46.61 11.06
C LYS H 353 -29.83 47.92 11.75
N SER H 354 -28.98 48.90 12.13
CA SER H 354 -29.33 50.22 12.56
C SER H 354 -29.98 51.08 11.48
N GLN H 355 -30.59 52.20 11.81
CA GLN H 355 -31.13 53.17 10.90
C GLN H 355 -30.00 53.74 10.14
N PRO H 356 -30.16 54.02 8.81
CA PRO H 356 -29.03 54.37 7.93
C PRO H 356 -28.13 55.43 8.46
N ASP H 357 -28.72 56.45 9.07
CA ASP H 357 -28.00 57.56 9.52
C ASP H 357 -27.16 57.13 10.76
N ILE H 358 -27.70 56.15 11.43
CA ILE H 358 -27.10 55.50 12.58
C ILE H 358 -26.02 54.58 12.06
N GLN H 359 -26.21 53.93 10.93
CA GLN H 359 -25.14 53.10 10.30
C GLN H 359 -23.93 53.89 9.94
N GLN H 360 -24.11 55.08 9.43
CA GLN H 360 -23.04 56.02 9.23
C GLN H 360 -22.54 56.63 10.50
N LEU H 361 -23.39 56.89 11.50
CA LEU H 361 -22.91 57.38 12.71
C LEU H 361 -21.92 56.37 13.32
N ILE H 362 -22.33 55.12 13.30
CA ILE H 362 -21.63 53.95 13.69
C ILE H 362 -20.44 53.73 12.83
N ARG H 363 -20.48 54.07 11.50
CA ARG H 363 -19.32 54.13 10.57
C ARG H 363 -18.36 55.05 11.02
N THR H 364 -18.78 56.10 11.69
CA THR H 364 -17.97 57.06 12.33
C THR H 364 -17.57 56.68 13.69
N ALA H 365 -18.11 55.61 14.43
CA ALA H 365 -17.68 55.22 15.74
C ALA H 365 -16.18 54.59 15.80
N PRO H 366 -15.25 55.03 16.68
CA PRO H 366 -13.92 54.54 16.75
C PRO H 366 -13.84 53.17 17.21
N SER H 367 -12.79 52.49 16.67
CA SER H 367 -12.63 51.06 16.87
C SER H 367 -12.34 50.65 18.28
N THR H 368 -12.19 51.69 19.16
CA THR H 368 -12.01 51.72 20.57
C THR H 368 -13.09 51.09 21.31
N LEU H 369 -14.30 51.49 20.90
CA LEU H 369 -15.51 50.83 21.22
C LEU H 369 -15.55 49.39 20.68
N THR H 370 -15.83 48.40 21.60
CA THR H 370 -15.60 46.97 21.45
C THR H 370 -16.66 46.20 22.16
N THR H 371 -17.36 46.87 23.06
CA THR H 371 -18.50 46.38 23.77
C THR H 371 -19.81 47.10 23.45
N PRO H 372 -20.95 46.42 23.54
CA PRO H 372 -22.31 46.98 23.43
C PRO H 372 -22.44 48.07 24.43
N GLY H 373 -21.89 47.95 25.70
CA GLY H 373 -21.94 49.04 26.71
C GLY H 373 -21.23 50.29 26.19
N GLU H 374 -20.05 50.15 25.58
CA GLU H 374 -19.28 51.29 24.99
C GLU H 374 -20.00 51.94 23.89
N ILE H 375 -20.66 51.13 23.06
CA ILE H 375 -21.47 51.59 21.96
C ILE H 375 -22.72 52.28 22.46
N ILE H 376 -23.36 51.78 23.52
CA ILE H 376 -24.49 52.45 24.25
C ILE H 376 -24.11 53.85 24.76
N LYS H 377 -22.89 53.90 25.41
CA LYS H 377 -22.14 55.06 25.75
C LYS H 377 -21.86 55.97 24.54
N TYR H 378 -21.38 55.44 23.40
CA TYR H 378 -21.16 56.11 22.14
C TYR H 378 -22.39 56.80 21.58
N VAL H 379 -23.52 56.13 21.60
CA VAL H 379 -24.79 56.78 21.24
C VAL H 379 -25.16 57.89 22.25
N LEU H 380 -25.02 57.66 23.56
CA LEU H 380 -25.23 58.63 24.59
C LEU H 380 -24.28 59.86 24.41
N ASP H 381 -23.05 59.64 23.97
CA ASP H 381 -22.13 60.65 23.54
C ASP H 381 -22.60 61.42 22.24
N ARG H 382 -23.41 60.79 21.35
CA ARG H 382 -23.59 61.33 20.03
C ARG H 382 -25.00 61.79 19.74
N GLN H 383 -25.87 61.32 20.62
CA GLN H 383 -27.20 61.87 20.64
C GLN H 383 -27.22 63.21 21.34
N ALA I 129 6.04 -22.60 83.05
CA ALA I 129 4.66 -23.03 82.91
C ALA I 129 3.87 -22.26 81.82
N GLY I 130 2.63 -22.71 81.56
CA GLY I 130 1.65 -22.23 80.64
C GLY I 130 1.06 -20.87 80.99
N GLN I 131 0.12 -20.34 80.25
CA GLN I 131 -0.55 -20.91 79.05
C GLN I 131 0.25 -20.92 77.80
N ALA I 132 1.11 -19.88 77.61
CA ALA I 132 1.92 -19.75 76.42
C ALA I 132 3.00 -18.62 76.63
N PRO I 133 4.23 -19.00 77.02
CA PRO I 133 5.48 -18.12 77.10
C PRO I 133 5.85 -17.46 75.83
N GLY I 134 6.44 -16.16 75.73
CA GLY I 134 6.74 -15.25 76.75
C GLY I 134 5.66 -14.43 77.50
N PRO I 135 4.75 -13.60 76.99
CA PRO I 135 4.64 -13.24 75.57
C PRO I 135 5.78 -12.33 75.21
N ALA I 136 6.45 -12.50 74.07
CA ALA I 136 6.12 -13.37 72.87
C ALA I 136 7.12 -13.19 71.71
N LEU I 137 7.32 -11.96 71.22
CA LEU I 137 8.02 -11.76 70.01
C LEU I 137 8.28 -10.25 70.04
N THR I 138 8.19 -9.61 68.86
CA THR I 138 8.75 -8.40 68.50
C THR I 138 7.80 -7.99 67.47
N ASP I 139 7.72 -6.70 67.02
CA ASP I 139 7.37 -5.44 67.60
C ASP I 139 7.54 -4.49 66.45
N TRP I 140 7.98 -5.00 65.35
CA TRP I 140 8.14 -4.47 64.02
C TRP I 140 7.10 -3.56 63.45
N ALA I 141 5.82 -3.63 63.94
CA ALA I 141 4.90 -2.51 63.90
C ALA I 141 5.28 -1.19 64.57
N ARG I 142 5.61 -1.28 65.89
CA ARG I 142 6.19 -0.19 66.67
C ARG I 142 7.51 0.23 66.14
N VAL I 143 8.45 -0.71 65.80
CA VAL I 143 9.64 -0.32 65.08
C VAL I 143 9.35 0.37 63.72
N ARG I 144 8.44 -0.16 62.86
CA ARG I 144 8.03 0.47 61.63
C ARG I 144 7.63 1.96 61.74
N GLU I 145 6.54 2.17 62.50
CA GLU I 145 5.99 3.46 62.93
C GLU I 145 7.05 4.39 63.56
N GLU I 146 7.91 3.83 64.39
CA GLU I 146 9.04 4.43 65.00
C GLU I 146 9.97 5.01 64.01
N LEU I 147 10.69 4.22 63.27
CA LEU I 147 11.50 4.55 62.12
C LEU I 147 10.90 5.60 61.20
N ALA I 148 9.59 5.49 60.96
CA ALA I 148 8.83 6.33 60.06
C ALA I 148 8.88 7.73 60.58
N SER I 149 8.36 7.91 61.77
CA SER I 149 8.63 9.05 62.59
C SER I 149 10.09 9.22 63.10
N THR I 150 11.13 8.73 62.38
CA THR I 150 12.52 8.90 62.91
C THR I 150 13.50 8.91 61.76
N GLY I 151 13.36 10.02 60.96
CA GLY I 151 14.13 10.23 59.77
C GLY I 151 13.41 9.90 58.52
N PRO I 152 12.80 10.76 57.85
CA PRO I 152 12.14 10.67 56.54
C PRO I 152 12.90 10.06 55.38
N PRO I 153 14.20 10.23 55.12
CA PRO I 153 14.79 9.60 53.96
C PRO I 153 15.46 8.34 54.45
N VAL I 154 15.67 8.15 55.75
CA VAL I 154 16.25 6.96 56.37
C VAL I 154 15.14 6.12 56.93
N VAL I 155 14.26 5.80 56.00
CA VAL I 155 13.07 5.02 56.05
C VAL I 155 12.90 3.72 56.76
N ALA I 156 11.67 3.21 56.85
CA ALA I 156 11.22 2.02 57.57
C ALA I 156 11.14 0.74 56.65
N MET I 157 12.05 -0.29 56.90
CA MET I 157 12.06 -1.57 56.18
C MET I 157 11.58 -2.91 56.85
N PRO I 158 11.09 -3.10 58.10
CA PRO I 158 10.77 -4.41 58.67
C PRO I 158 9.46 -4.99 58.37
N VAL I 159 9.39 -6.31 58.51
CA VAL I 159 8.21 -7.05 58.21
C VAL I 159 7.32 -7.11 59.43
N VAL I 160 6.09 -6.55 59.26
CA VAL I 160 5.13 -6.35 60.31
C VAL I 160 4.10 -7.31 60.16
N ILE I 161 3.71 -7.91 61.28
CA ILE I 161 3.00 -9.20 61.31
C ILE I 161 1.63 -8.92 61.85
N LYS I 162 0.50 -9.13 61.15
CA LYS I 162 -0.83 -8.75 61.58
C LYS I 162 -1.76 -9.94 61.57
N THR I 163 -2.73 -10.13 62.50
CA THR I 163 -4.07 -10.62 62.26
C THR I 163 -4.10 -12.00 62.86
N GLU I 164 -4.47 -12.04 64.12
CA GLU I 164 -5.75 -12.56 64.45
C GLU I 164 -6.88 -11.50 64.35
N GLY I 165 -7.52 -11.17 65.52
CA GLY I 165 -8.62 -11.94 66.00
C GLY I 165 -9.88 -11.10 66.01
N PRO I 166 -9.95 -9.86 66.61
CA PRO I 166 -10.54 -8.62 66.00
C PRO I 166 -10.15 -8.32 64.58
N ALA I 167 -11.12 -8.00 63.70
CA ALA I 167 -11.02 -7.56 62.38
C ALA I 167 -11.37 -6.07 62.46
N TRP I 168 -11.19 -5.47 63.63
CA TRP I 168 -11.82 -4.23 64.10
C TRP I 168 -10.98 -3.69 65.18
N THR I 169 -10.77 -2.39 65.09
CA THR I 169 -9.52 -1.79 65.65
C THR I 169 -9.82 -0.35 66.03
N PRO I 170 -9.00 0.39 66.78
CA PRO I 170 -9.17 1.77 67.06
C PRO I 170 -9.28 2.74 65.86
N LEU I 171 -9.90 3.94 66.01
CA LEU I 171 -9.95 5.01 65.04
C LEU I 171 -8.58 5.58 64.72
N GLU I 172 -7.72 5.73 65.71
CA GLU I 172 -6.34 6.05 65.69
C GLU I 172 -6.05 7.47 64.99
N PRO I 173 -6.19 8.58 65.69
CA PRO I 173 -6.02 9.87 65.12
C PRO I 173 -4.69 10.12 64.57
N LYS I 174 -3.63 9.56 65.14
CA LYS I 174 -2.27 9.87 64.57
C LYS I 174 -2.18 9.49 63.11
N LEU I 175 -2.72 8.27 62.80
CA LEU I 175 -2.83 7.79 61.47
C LEU I 175 -3.69 8.55 60.58
N ILE I 176 -4.80 9.14 61.13
CA ILE I 176 -5.75 9.92 60.30
C ILE I 176 -5.07 11.26 60.05
N THR I 177 -4.33 11.90 61.03
CA THR I 177 -3.62 13.11 60.79
C THR I 177 -2.53 12.93 59.75
N ARG I 178 -1.67 11.91 59.87
CA ARG I 178 -0.67 11.75 58.87
C ARG I 178 -1.22 11.43 57.44
N LEU I 179 -2.38 10.81 57.38
CA LEU I 179 -3.12 10.57 56.11
C LEU I 179 -3.65 11.84 55.57
N ALA I 180 -4.17 12.68 56.51
CA ALA I 180 -4.53 14.02 56.17
C ALA I 180 -3.35 14.85 55.65
N ASP I 181 -2.18 14.83 56.30
CA ASP I 181 -0.93 15.40 55.89
C ASP I 181 -0.51 15.02 54.55
N THR I 182 -0.54 13.75 54.18
CA THR I 182 -0.34 13.43 52.80
C THR I 182 -1.33 13.98 51.82
N VAL I 183 -2.65 13.92 52.24
CA VAL I 183 -3.74 14.35 51.38
C VAL I 183 -3.67 15.84 51.21
N ARG I 184 -3.24 16.56 52.28
CA ARG I 184 -2.97 17.98 52.26
C ARG I 184 -1.82 18.26 51.27
N THR I 185 -0.57 18.00 51.63
CA THR I 185 0.71 18.14 51.00
C THR I 185 0.61 17.58 49.57
N LYS I 186 0.66 16.23 49.42
CA LYS I 186 0.55 15.62 48.11
C LYS I 186 -0.86 15.74 47.45
N GLY I 187 -1.91 15.45 48.20
CA GLY I 187 -3.16 14.96 47.65
C GLY I 187 -3.04 13.70 46.94
N LEU I 188 -3.32 13.73 45.60
CA LEU I 188 -4.26 12.85 44.99
C LEU I 188 -3.60 11.71 44.27
N ARG I 189 -2.29 11.73 44.43
CA ARG I 189 -1.54 10.55 44.70
C ARG I 189 -0.36 10.90 45.53
N SER I 190 0.18 9.85 46.24
CA SER I 190 1.54 9.78 46.65
C SER I 190 1.98 8.31 46.79
N PRO I 191 3.12 7.88 46.22
CA PRO I 191 4.25 7.22 46.94
C PRO I 191 4.44 7.24 48.40
N ILE I 192 3.62 7.93 49.21
CA ILE I 192 3.42 7.65 50.61
C ILE I 192 1.97 7.29 50.81
N THR I 193 1.04 7.98 50.19
CA THR I 193 -0.35 7.71 50.46
C THR I 193 -0.80 6.31 50.23
N MET I 194 -0.51 5.72 49.00
CA MET I 194 -0.79 4.32 48.75
C MET I 194 -0.10 3.47 49.81
N ALA I 195 1.14 3.78 50.17
CA ALA I 195 1.97 3.03 51.15
C ALA I 195 1.26 3.02 52.51
N GLU I 196 0.80 4.19 53.03
CA GLU I 196 -0.01 4.16 54.30
C GLU I 196 -1.37 3.45 54.12
N VAL I 197 -1.95 3.54 52.91
CA VAL I 197 -3.31 2.94 52.79
C VAL I 197 -3.28 1.49 52.72
N GLU I 198 -2.41 0.94 51.86
CA GLU I 198 -1.95 -0.44 51.81
C GLU I 198 -1.66 -0.97 53.20
N ALA I 199 -0.86 -0.31 53.99
CA ALA I 199 -0.54 -0.63 55.36
C ALA I 199 -1.79 -0.81 56.27
N LEU I 200 -2.74 0.11 56.12
CA LEU I 200 -4.11 0.16 56.68
C LEU I 200 -5.12 -0.87 56.15
N MET I 201 -4.76 -1.47 55.00
CA MET I 201 -5.60 -2.39 54.33
C MET I 201 -4.94 -3.70 54.36
N SER I 202 -4.45 -4.06 55.49
CA SER I 202 -3.72 -5.22 55.78
C SER I 202 -4.57 -6.26 56.54
N SER I 203 -5.79 -5.88 56.81
CA SER I 203 -6.59 -6.72 57.76
C SER I 203 -7.85 -7.14 56.97
N PRO I 204 -8.64 -8.11 57.34
CA PRO I 204 -9.96 -8.23 56.87
C PRO I 204 -10.79 -7.17 57.60
N LEU I 205 -11.83 -6.41 57.08
CA LEU I 205 -12.29 -5.20 57.67
C LEU I 205 -13.79 -5.10 57.54
N LEU I 206 -14.38 -4.49 58.59
CA LEU I 206 -15.79 -4.10 58.72
C LEU I 206 -16.08 -2.85 57.89
N PRO I 207 -17.03 -2.73 56.96
CA PRO I 207 -17.26 -1.55 56.21
C PRO I 207 -17.43 -0.21 56.80
N HIS I 208 -18.07 -0.01 57.96
CA HIS I 208 -18.43 1.32 58.49
C HIS I 208 -17.24 2.22 58.70
N ASP I 209 -16.10 1.78 59.19
CA ASP I 209 -15.02 2.69 59.53
C ASP I 209 -14.49 3.27 58.26
N VAL I 210 -14.24 2.44 57.30
CA VAL I 210 -13.74 2.87 56.06
C VAL I 210 -14.76 3.92 55.41
N THR I 211 -16.04 3.50 55.35
CA THR I 211 -17.09 4.35 54.94
C THR I 211 -17.10 5.73 55.60
N ASN I 212 -17.07 5.79 56.86
CA ASN I 212 -17.02 7.08 57.56
C ASN I 212 -15.66 7.85 57.24
N LEU I 213 -14.50 7.18 57.28
CA LEU I 213 -13.17 7.68 56.98
C LEU I 213 -13.02 8.28 55.64
N MET I 214 -13.37 7.47 54.63
CA MET I 214 -13.37 7.70 53.21
C MET I 214 -14.30 8.79 52.95
N ARG I 215 -15.50 8.80 53.61
CA ARG I 215 -16.43 9.92 53.48
C ARG I 215 -15.85 11.26 53.80
N VAL I 216 -14.86 11.31 54.77
CA VAL I 216 -14.18 12.50 55.16
C VAL I 216 -12.99 12.78 54.23
N ILE I 217 -12.19 11.77 53.98
CA ILE I 217 -10.95 12.05 53.29
C ILE I 217 -11.10 12.28 51.75
N LEU I 218 -11.91 11.42 51.08
CA LEU I 218 -12.15 11.56 49.69
C LEU I 218 -12.91 12.80 49.33
N GLY I 219 -13.88 13.21 50.20
CA GLY I 219 -14.70 14.34 50.01
C GLY I 219 -15.79 14.02 48.91
N PRO I 220 -16.81 14.79 48.91
CA PRO I 220 -18.00 14.48 48.17
C PRO I 220 -17.85 13.93 46.85
N ALA I 221 -17.19 14.59 45.84
CA ALA I 221 -17.02 14.06 44.50
C ALA I 221 -16.25 12.74 44.51
N PRO I 222 -15.00 12.57 44.91
CA PRO I 222 -14.26 11.30 44.88
C PRO I 222 -14.89 10.27 45.75
N TYR I 223 -15.57 10.58 46.92
CA TYR I 223 -16.21 9.62 47.62
C TYR I 223 -17.15 8.64 46.95
N ALA I 224 -17.97 9.34 46.07
CA ALA I 224 -18.90 8.79 45.20
C ALA I 224 -18.18 7.88 44.21
N LEU I 225 -17.10 8.34 43.60
CA LEU I 225 -16.30 7.58 42.65
C LEU I 225 -15.85 6.24 43.33
N TRP I 226 -15.28 6.43 44.52
CA TRP I 226 -14.94 5.31 45.37
C TRP I 226 -16.05 4.35 45.63
N MET I 227 -17.21 4.85 46.08
CA MET I 227 -18.44 4.05 46.33
C MET I 227 -18.76 3.20 45.12
N ASP I 228 -18.85 3.82 43.94
CA ASP I 228 -19.13 3.15 42.75
C ASP I 228 -18.12 2.06 42.50
N ALA I 229 -16.83 2.43 42.40
CA ALA I 229 -15.76 1.50 42.07
C ALA I 229 -15.66 0.35 43.01
N TRP I 230 -15.79 0.62 44.30
CA TRP I 230 -15.77 -0.45 45.32
C TRP I 230 -16.91 -1.42 45.15
N GLY I 231 -18.14 -0.96 44.85
CA GLY I 231 -19.23 -1.89 44.51
C GLY I 231 -19.08 -2.74 43.31
N VAL I 232 -18.57 -2.22 42.18
CA VAL I 232 -18.38 -2.94 40.97
C VAL I 232 -17.45 -4.14 41.20
N GLN I 233 -16.25 -3.90 41.79
CA GLN I 233 -15.33 -4.94 42.13
C GLN I 233 -15.99 -6.00 43.01
N LEU I 234 -16.73 -5.59 44.00
CA LEU I 234 -17.45 -6.53 44.75
C LEU I 234 -18.54 -7.32 43.99
N GLN I 235 -19.32 -6.73 43.06
CA GLN I 235 -20.33 -7.38 42.20
C GLN I 235 -19.69 -8.51 41.44
N THR I 236 -18.50 -8.34 40.97
CA THR I 236 -17.76 -9.28 40.18
C THR I 236 -17.29 -10.54 41.03
N VAL I 237 -17.35 -10.42 42.35
CA VAL I 237 -17.01 -11.53 43.23
C VAL I 237 -18.16 -12.46 43.17
N ILE I 238 -19.38 -11.98 43.02
CA ILE I 238 -20.62 -12.75 42.80
C ILE I 238 -20.78 -13.55 41.54
N ALA I 239 -19.90 -13.26 40.53
CA ALA I 239 -19.69 -14.03 39.34
C ALA I 239 -18.88 -15.19 39.75
N ALA I 240 -17.68 -14.93 40.31
CA ALA I 240 -16.85 -15.94 40.87
C ALA I 240 -17.46 -16.78 42.05
N ALA I 241 -18.54 -16.27 42.65
CA ALA I 241 -19.30 -16.87 43.76
C ALA I 241 -20.27 -17.89 43.16
N THR I 242 -20.81 -17.50 41.98
CA THR I 242 -21.78 -18.17 41.16
C THR I 242 -21.08 -19.24 40.44
N ARG I 243 -19.89 -18.93 39.75
CA ARG I 243 -18.93 -19.94 39.32
C ARG I 243 -18.50 -20.87 40.47
N ASP I 244 -18.28 -20.40 41.70
CA ASP I 244 -17.84 -21.12 42.91
C ASP I 244 -18.67 -20.92 44.15
N PRO I 245 -19.69 -21.70 44.29
CA PRO I 245 -20.41 -21.81 45.49
C PRO I 245 -19.63 -22.08 46.76
N ARG I 246 -18.48 -22.68 46.64
CA ARG I 246 -17.66 -23.07 47.81
C ARG I 246 -16.42 -22.23 48.09
N HIS I 247 -16.09 -21.20 47.32
CA HIS I 247 -14.92 -20.39 47.51
C HIS I 247 -14.94 -19.70 48.90
N PRO I 248 -13.86 -19.28 49.65
CA PRO I 248 -13.82 -18.70 51.00
C PRO I 248 -14.85 -17.64 51.41
N ALA I 249 -15.31 -16.76 50.47
CA ALA I 249 -16.37 -15.86 50.83
C ALA I 249 -17.62 -16.53 51.04
N ASN I 250 -17.98 -17.51 50.25
CA ASN I 250 -19.07 -18.48 50.54
C ASN I 250 -18.66 -19.52 51.53
N GLY I 251 -19.61 -20.25 52.05
CA GLY I 251 -19.38 -21.41 52.86
C GLY I 251 -19.84 -22.68 52.06
N GLN I 252 -20.20 -23.80 52.80
CA GLN I 252 -20.50 -25.05 52.15
C GLN I 252 -21.98 -25.13 51.93
N GLY I 253 -22.84 -24.85 52.95
CA GLY I 253 -24.32 -24.89 52.83
C GLY I 253 -24.90 -24.21 51.64
N ARG I 254 -26.07 -24.64 51.15
CA ARG I 254 -26.68 -23.91 50.07
C ARG I 254 -27.25 -22.61 50.44
N GLY I 255 -27.38 -22.27 51.70
CA GLY I 255 -27.67 -20.92 52.20
C GLY I 255 -26.40 -20.15 52.41
N GLU I 256 -25.21 -20.78 52.65
CA GLU I 256 -23.92 -20.19 52.86
C GLU I 256 -23.28 -19.57 51.63
N ARG I 257 -24.01 -18.67 50.99
CA ARG I 257 -23.50 -17.96 49.94
C ARG I 257 -23.25 -16.51 50.29
N THR I 258 -22.41 -15.76 49.53
CA THR I 258 -22.29 -14.30 49.78
C THR I 258 -23.36 -13.64 48.93
N ASN I 259 -24.04 -12.53 49.35
CA ASN I 259 -25.15 -11.97 48.55
C ASN I 259 -25.07 -10.48 48.52
N LEU I 260 -25.69 -9.79 47.54
CA LEU I 260 -25.70 -8.35 47.51
C LEU I 260 -25.98 -7.67 48.84
N ASN I 261 -27.00 -8.11 49.53
CA ASN I 261 -27.31 -7.51 50.77
C ASN I 261 -26.17 -7.57 51.79
N ARG I 262 -25.54 -8.70 51.88
CA ARG I 262 -24.36 -9.02 52.75
C ARG I 262 -23.26 -8.10 52.32
N LEU I 263 -22.97 -8.08 51.00
CA LEU I 263 -22.01 -7.17 50.35
C LEU I 263 -22.24 -5.69 50.62
N LYS I 264 -23.52 -5.32 50.93
CA LYS I 264 -23.91 -3.98 51.29
C LYS I 264 -23.99 -3.70 52.80
N GLY I 265 -23.88 -4.75 53.65
CA GLY I 265 -23.94 -4.50 55.07
C GLY I 265 -25.37 -4.25 55.44
N LEU I 266 -26.23 -4.69 54.49
CA LEU I 266 -27.68 -4.45 54.67
C LEU I 266 -28.34 -5.80 54.73
N ALA I 267 -27.63 -6.93 54.85
CA ALA I 267 -28.25 -8.24 55.15
C ALA I 267 -28.78 -8.39 56.60
N ASP I 268 -29.67 -9.37 56.90
CA ASP I 268 -30.29 -9.50 58.17
C ASP I 268 -29.34 -9.42 59.29
N GLY I 269 -29.52 -8.45 60.22
CA GLY I 269 -28.62 -8.21 61.40
C GLY I 269 -27.47 -7.40 61.02
N MET I 270 -27.35 -6.92 59.76
CA MET I 270 -26.26 -6.03 59.41
C MET I 270 -26.70 -4.62 59.30
N VAL I 271 -27.96 -4.38 58.90
CA VAL I 271 -28.68 -3.11 58.96
C VAL I 271 -28.51 -2.25 60.18
N GLY I 272 -27.59 -1.32 60.04
CA GLY I 272 -27.13 -0.55 61.17
C GLY I 272 -26.22 -1.19 62.17
N ASN I 273 -25.75 -2.44 62.00
CA ASN I 273 -25.08 -3.21 62.97
C ASN I 273 -23.77 -3.91 62.53
N PRO I 274 -22.60 -3.30 62.81
CA PRO I 274 -21.25 -3.85 62.54
C PRO I 274 -21.12 -5.18 63.28
N GLN I 275 -21.64 -5.42 64.48
CA GLN I 275 -21.39 -6.71 65.19
C GLN I 275 -22.07 -7.83 64.44
N GLY I 276 -23.28 -7.62 63.99
CA GLY I 276 -24.06 -8.56 63.22
C GLY I 276 -23.39 -8.84 61.99
N GLN I 277 -22.87 -7.84 61.36
CA GLN I 277 -21.98 -8.07 60.20
C GLN I 277 -20.77 -8.90 60.47
N ALA I 278 -20.12 -8.65 61.64
CA ALA I 278 -18.97 -9.40 62.16
C ALA I 278 -19.28 -10.85 62.49
N ALA I 279 -20.53 -11.12 62.78
CA ALA I 279 -21.13 -12.40 63.07
C ALA I 279 -21.60 -13.15 61.88
N LEU I 280 -21.82 -12.32 60.83
CA LEU I 280 -22.40 -12.90 59.65
C LEU I 280 -21.28 -13.17 58.60
N LEU I 281 -20.38 -12.21 58.42
CA LEU I 281 -19.37 -12.33 57.40
C LEU I 281 -18.34 -13.40 57.71
N ARG I 282 -17.90 -14.10 56.68
CA ARG I 282 -16.79 -15.03 56.56
C ARG I 282 -15.49 -14.31 56.25
N PRO I 283 -14.32 -14.82 56.59
CA PRO I 283 -13.07 -14.23 56.29
C PRO I 283 -12.75 -13.86 54.85
N GLY I 284 -13.09 -14.80 54.05
CA GLY I 284 -13.06 -14.60 52.57
C GLY I 284 -13.91 -13.41 52.10
N GLU I 285 -15.06 -13.20 52.77
CA GLU I 285 -15.88 -11.97 52.55
C GLU I 285 -15.22 -10.71 53.11
N LEU I 286 -14.65 -10.70 54.37
CA LEU I 286 -13.89 -9.58 54.92
C LEU I 286 -12.68 -9.13 54.14
N VAL I 287 -11.95 -10.09 53.70
CA VAL I 287 -10.71 -9.90 52.90
C VAL I 287 -11.05 -9.30 51.53
N ALA I 288 -12.17 -9.86 50.90
CA ALA I 288 -12.71 -9.43 49.63
C ALA I 288 -13.14 -7.97 49.85
N ILE I 289 -13.92 -7.68 50.87
CA ILE I 289 -14.27 -6.31 51.25
C ILE I 289 -12.99 -5.43 51.36
N THR I 290 -11.96 -5.79 52.09
CA THR I 290 -10.79 -4.85 52.28
C THR I 290 -10.03 -4.57 51.10
N ALA I 291 -9.81 -5.65 50.30
CA ALA I 291 -9.09 -5.67 49.04
C ALA I 291 -9.82 -4.88 48.05
N SER I 292 -11.12 -5.07 47.87
CA SER I 292 -12.01 -4.31 46.93
C SER I 292 -11.91 -2.83 47.20
N ALA I 293 -12.06 -2.45 48.54
CA ALA I 293 -11.96 -1.06 48.97
C ALA I 293 -10.63 -0.49 48.61
N LEU I 294 -9.53 -1.20 48.97
CA LEU I 294 -8.15 -0.74 48.74
C LEU I 294 -7.93 -0.59 47.26
N GLN I 295 -8.46 -1.52 46.53
CA GLN I 295 -8.40 -1.43 45.05
C GLN I 295 -9.01 -0.22 44.51
N ALA I 296 -10.32 -0.06 44.68
CA ALA I 296 -11.08 1.10 44.37
C ALA I 296 -10.49 2.43 44.76
N PHE I 297 -9.78 2.47 45.82
CA PHE I 297 -9.04 3.67 46.26
C PHE I 297 -7.88 3.99 45.37
N ARG I 298 -7.01 3.00 45.02
CA ARG I 298 -5.98 3.13 44.05
C ARG I 298 -6.59 3.51 42.66
N GLU I 299 -7.69 2.89 42.32
CA GLU I 299 -8.42 3.24 41.13
C GLU I 299 -8.90 4.65 41.06
N VAL I 300 -9.03 5.40 42.16
CA VAL I 300 -9.37 6.85 42.17
C VAL I 300 -8.19 7.62 42.55
N ALA I 301 -7.23 7.12 43.32
CA ALA I 301 -6.01 7.95 43.47
C ALA I 301 -5.07 7.80 42.34
N ARG I 302 -5.49 7.26 41.16
CA ARG I 302 -4.71 7.16 40.01
C ARG I 302 -5.23 8.06 38.93
N LEU I 303 -6.23 8.90 39.24
CA LEU I 303 -6.75 9.93 38.40
C LEU I 303 -6.00 11.28 38.44
N ALA I 304 -6.52 12.26 39.15
CA ALA I 304 -5.90 13.54 39.08
C ALA I 304 -4.49 13.72 39.63
N GLU I 305 -3.54 14.21 38.86
CA GLU I 305 -2.47 14.96 39.54
C GLU I 305 -3.04 16.23 40.20
N PRO I 306 -2.42 16.83 41.26
CA PRO I 306 -3.04 18.08 41.68
C PRO I 306 -1.95 18.98 42.14
N ALA I 307 -0.72 18.81 41.58
CA ALA I 307 0.42 19.43 42.14
C ALA I 307 0.35 20.98 42.25
N GLY I 308 0.81 21.61 43.29
CA GLY I 308 1.42 21.06 44.44
C GLY I 308 1.55 22.12 45.57
N PRO I 309 2.18 21.90 46.66
CA PRO I 309 2.35 22.82 47.80
C PRO I 309 2.65 24.24 47.42
N TRP I 310 3.80 24.51 46.90
CA TRP I 310 4.32 25.66 46.22
C TRP I 310 3.35 26.63 45.53
N ALA I 311 2.30 26.16 44.95
CA ALA I 311 1.45 26.80 44.09
C ALA I 311 0.56 27.83 44.83
N ASP I 312 0.44 27.83 46.21
CA ASP I 312 -0.35 28.75 46.97
C ASP I 312 0.48 29.76 47.72
N ILE I 313 1.78 29.63 47.65
CA ILE I 313 2.65 30.60 48.34
C ILE I 313 2.81 31.99 47.64
N MET I 314 2.40 33.10 48.35
CA MET I 314 2.80 34.45 47.96
C MET I 314 3.28 35.28 49.16
N GLN I 315 4.35 36.05 49.00
CA GLN I 315 4.91 36.76 50.10
C GLN I 315 3.98 37.80 50.69
N GLY I 316 3.48 37.66 51.91
CA GLY I 316 2.73 38.68 52.60
C GLY I 316 3.24 40.10 52.70
N PRO I 317 2.44 41.06 53.07
CA PRO I 317 2.85 42.44 53.32
C PRO I 317 3.57 42.53 54.60
N SER I 318 3.31 41.66 55.59
CA SER I 318 4.15 41.66 56.78
C SER I 318 5.21 40.57 56.77
N GLU I 319 5.16 39.65 55.80
CA GLU I 319 6.09 38.58 55.67
C GLU I 319 7.30 38.90 54.91
N SER I 320 8.45 38.36 55.33
CA SER I 320 9.79 38.71 54.90
C SER I 320 10.11 37.86 53.76
N PHE I 321 11.08 38.30 52.95
CA PHE I 321 11.56 37.55 51.82
C PHE I 321 12.09 36.20 52.32
N VAL I 322 12.87 36.15 53.45
CA VAL I 322 13.34 34.94 54.01
C VAL I 322 12.24 33.97 54.52
N ASP I 323 11.08 34.38 55.14
CA ASP I 323 9.99 33.59 55.52
C ASP I 323 9.28 33.01 54.34
N PHE I 324 8.97 33.87 53.32
CA PHE I 324 8.49 33.39 52.06
C PHE I 324 9.45 32.42 51.44
N ALA I 325 10.78 32.70 51.36
CA ALA I 325 11.69 31.73 50.76
C ALA I 325 11.67 30.41 51.61
N ASN I 326 11.77 30.46 52.98
CA ASN I 326 11.85 29.21 53.70
C ASN I 326 10.61 28.35 53.46
N ARG I 327 9.50 29.00 53.55
CA ARG I 327 8.22 28.46 53.23
C ARG I 327 8.23 27.86 51.80
N LEU I 328 8.86 28.59 50.83
CA LEU I 328 8.97 28.00 49.55
C LEU I 328 9.88 26.77 49.54
N ILE I 329 11.05 26.87 50.23
CA ILE I 329 12.06 25.92 50.19
C ILE I 329 11.49 24.58 50.69
N LYS I 330 10.58 24.62 51.75
CA LYS I 330 9.77 23.50 52.18
C LYS I 330 8.90 23.01 51.06
N ALA I 331 8.23 23.88 50.39
CA ALA I 331 7.37 23.56 49.28
C ALA I 331 8.02 22.91 48.09
N VAL I 332 9.22 23.30 47.83
CA VAL I 332 10.10 22.73 46.83
C VAL I 332 10.52 21.40 47.19
N GLU I 333 10.99 21.23 48.44
CA GLU I 333 11.44 19.98 49.05
C GLU I 333 10.36 18.92 48.95
N GLY I 334 9.13 19.42 49.19
CA GLY I 334 7.87 18.64 49.18
C GLY I 334 7.28 18.48 47.76
N SER I 335 7.89 18.99 46.75
CA SER I 335 7.45 18.86 45.33
C SER I 335 7.96 17.47 44.75
N ASP I 336 7.36 16.94 43.64
CA ASP I 336 7.86 15.75 43.04
C ASP I 336 8.66 15.91 41.79
N LEU I 337 9.24 17.13 41.71
CA LEU I 337 10.07 17.59 40.65
C LEU I 337 11.41 16.93 40.74
N PRO I 338 12.20 16.66 39.70
CA PRO I 338 13.62 16.23 39.85
C PRO I 338 14.33 17.45 40.39
N PRO I 339 15.39 17.36 41.07
CA PRO I 339 16.15 18.49 41.55
C PRO I 339 16.43 19.48 40.48
N SER I 340 16.74 19.13 39.25
CA SER I 340 17.03 20.04 38.11
C SER I 340 15.91 20.96 37.78
N ALA I 341 14.66 20.71 38.27
CA ALA I 341 13.62 21.64 37.93
C ALA I 341 13.34 22.55 39.14
N ARG I 342 13.94 22.32 40.25
CA ARG I 342 13.68 22.99 41.48
C ARG I 342 14.15 24.38 41.47
N ALA I 343 15.44 24.59 41.15
CA ALA I 343 15.95 25.96 41.00
C ALA I 343 15.20 26.76 39.94
N PRO I 344 14.79 26.29 38.72
CA PRO I 344 14.11 27.16 37.78
C PRO I 344 12.78 27.69 38.30
N VAL I 345 12.08 26.77 38.89
CA VAL I 345 10.76 27.08 39.44
C VAL I 345 10.94 28.12 40.53
N ILE I 346 12.01 27.91 41.41
CA ILE I 346 12.23 28.84 42.50
C ILE I 346 12.49 30.21 41.92
N ILE I 347 13.34 30.37 40.93
CA ILE I 347 13.57 31.66 40.30
C ILE I 347 12.32 32.31 39.63
N ASP I 348 11.54 31.61 38.88
CA ASP I 348 10.19 32.01 38.43
C ASP I 348 9.23 32.34 39.55
N CYS I 349 9.13 31.52 40.61
CA CYS I 349 8.27 31.84 41.73
C CYS I 349 8.60 33.04 42.45
N PHE I 350 9.88 33.29 42.66
CA PHE I 350 10.46 34.48 43.11
C PHE I 350 10.11 35.73 42.26
N ARG I 351 10.21 35.64 40.88
CA ARG I 351 9.91 36.70 39.97
C ARG I 351 8.48 37.08 40.11
N GLN I 352 7.59 36.12 40.41
CA GLN I 352 6.25 36.30 40.26
C GLN I 352 5.43 36.30 41.52
N LYS I 353 5.85 35.69 42.61
CA LYS I 353 5.03 35.39 43.79
C LYS I 353 5.62 36.00 45.02
N SER I 354 6.66 36.77 44.97
CA SER I 354 7.14 37.65 46.06
C SER I 354 6.18 38.88 46.23
N GLN I 355 6.54 39.82 47.16
CA GLN I 355 5.74 41.01 47.36
C GLN I 355 5.80 41.86 46.13
N PRO I 356 4.85 42.70 45.64
CA PRO I 356 4.91 43.42 44.31
C PRO I 356 6.20 44.22 44.20
N ASP I 357 6.56 44.88 45.24
CA ASP I 357 7.79 45.64 45.33
C ASP I 357 9.06 44.83 45.48
N ILE I 358 9.03 43.67 46.08
CA ILE I 358 10.10 42.73 46.14
C ILE I 358 10.19 42.04 44.80
N GLN I 359 9.06 41.75 44.11
CA GLN I 359 9.03 41.33 42.78
C GLN I 359 9.65 42.25 41.85
N GLN I 360 9.42 43.55 41.99
CA GLN I 360 9.94 44.57 41.15
C GLN I 360 11.45 44.74 41.33
N LEU I 361 11.89 44.63 42.54
CA LEU I 361 13.30 44.60 42.86
C LEU I 361 13.94 43.46 42.21
N ILE I 362 13.33 42.28 42.33
CA ILE I 362 13.77 41.10 41.57
C ILE I 362 13.64 41.21 39.98
N ARG I 363 12.65 41.88 39.49
CA ARG I 363 12.40 42.18 38.09
C ARG I 363 13.48 42.99 37.44
N THR I 364 14.12 43.80 38.27
CA THR I 364 15.26 44.56 37.96
C THR I 364 16.48 43.81 38.20
N ALA I 365 16.38 42.64 38.88
CA ALA I 365 17.59 41.80 39.11
C ALA I 365 18.22 41.42 37.80
N PRO I 366 19.57 41.39 37.67
CA PRO I 366 20.25 41.00 36.43
C PRO I 366 20.22 39.52 36.21
N SER I 367 20.34 39.12 34.97
CA SER I 367 20.49 37.74 34.54
C SER I 367 21.78 37.09 34.92
N THR I 368 22.64 37.95 35.45
CA THR I 368 23.97 37.63 35.83
C THR I 368 24.06 36.73 36.97
N LEU I 369 22.95 36.89 37.80
CA LEU I 369 22.51 35.99 38.78
C LEU I 369 21.83 34.74 38.13
N THR I 370 22.25 33.53 38.54
CA THR I 370 21.71 32.25 37.92
C THR I 370 21.23 31.29 38.91
N THR I 371 21.37 31.54 40.21
CA THR I 371 20.80 30.59 41.19
C THR I 371 19.97 31.27 42.25
N PRO I 372 19.13 30.54 42.92
CA PRO I 372 18.53 31.00 44.15
C PRO I 372 19.52 31.45 45.11
N GLY I 373 20.65 30.85 45.23
CA GLY I 373 21.70 31.35 46.07
C GLY I 373 22.22 32.69 45.77
N GLU I 374 22.45 32.95 44.53
CA GLU I 374 22.90 34.20 43.98
C GLU I 374 21.77 35.19 44.24
N ILE I 375 20.49 34.86 44.06
CA ILE I 375 19.37 35.76 44.27
C ILE I 375 19.31 36.06 45.79
N ILE I 376 19.60 35.11 46.64
CA ILE I 376 19.66 35.24 48.08
C ILE I 376 20.69 36.31 48.39
N LYS I 377 21.88 36.21 47.75
CA LYS I 377 22.93 37.25 47.75
C LYS I 377 22.43 38.56 47.29
N TYR I 378 21.68 38.67 46.14
CA TYR I 378 21.09 39.88 45.69
C TYR I 378 20.18 40.56 46.69
N VAL I 379 19.34 39.74 47.34
CA VAL I 379 18.37 40.09 48.44
C VAL I 379 19.14 40.66 49.65
N LEU I 380 20.26 39.99 50.03
CA LEU I 380 21.15 40.38 51.13
C LEU I 380 21.68 41.68 50.76
N ASP I 381 22.01 41.89 49.52
CA ASP I 381 22.67 43.13 49.13
C ASP I 381 21.73 44.44 49.22
N ARG I 382 20.39 44.20 49.21
CA ARG I 382 19.46 45.28 48.89
C ARG I 382 18.63 45.53 50.06
N GLN I 383 18.70 44.58 50.99
CA GLN I 383 18.19 44.72 52.34
C GLN I 383 19.30 45.50 53.15
N ALA J 129 58.53 -51.47 34.73
CA ALA J 129 57.23 -50.73 34.81
C ALA J 129 56.10 -51.43 34.04
N GLY J 130 55.23 -50.79 33.32
CA GLY J 130 54.20 -51.32 32.48
C GLY J 130 53.03 -51.75 33.37
N GLN J 131 51.95 -52.15 32.67
CA GLN J 131 51.82 -52.35 31.19
C GLN J 131 51.06 -51.31 30.40
N ALA J 132 50.41 -50.43 31.07
CA ALA J 132 49.73 -49.28 30.48
C ALA J 132 50.68 -48.11 30.07
N PRO J 133 50.30 -47.13 29.22
CA PRO J 133 51.12 -46.00 28.77
C PRO J 133 50.92 -44.94 29.86
N GLY J 134 51.70 -43.77 29.89
CA GLY J 134 52.76 -43.43 29.04
C GLY J 134 54.16 -43.77 29.32
N PRO J 135 55.22 -42.90 29.11
CA PRO J 135 55.22 -41.56 28.46
C PRO J 135 54.75 -41.60 27.03
N ALA J 136 54.24 -40.52 26.41
CA ALA J 136 54.14 -39.18 26.82
C ALA J 136 53.13 -38.29 26.09
N LEU J 137 52.93 -37.12 26.68
CA LEU J 137 52.05 -36.11 26.17
C LEU J 137 52.73 -35.20 25.14
N THR J 138 53.98 -35.62 24.79
CA THR J 138 54.93 -34.86 23.97
C THR J 138 55.04 -33.34 24.07
N ASP J 139 55.38 -32.69 25.25
CA ASP J 139 54.42 -32.51 26.34
C ASP J 139 53.67 -31.28 26.03
N TRP J 140 52.75 -31.39 25.09
CA TRP J 140 51.80 -30.41 24.71
C TRP J 140 51.21 -29.56 25.76
N ALA J 141 50.96 -29.98 27.00
CA ALA J 141 50.62 -29.02 28.10
C ALA J 141 51.70 -28.05 28.46
N ARG J 142 52.91 -28.52 28.82
CA ARG J 142 54.04 -27.67 29.09
C ARG J 142 54.42 -26.84 27.90
N VAL J 143 54.50 -27.47 26.70
CA VAL J 143 54.69 -26.77 25.39
C VAL J 143 53.68 -25.75 25.08
N ARG J 144 52.33 -26.04 25.20
CA ARG J 144 51.33 -25.04 25.04
C ARG J 144 51.61 -23.73 25.83
N GLU J 145 51.66 -23.95 27.14
CA GLU J 145 51.92 -22.95 28.21
C GLU J 145 53.16 -22.09 27.92
N GLU J 146 54.25 -22.79 27.51
CA GLU J 146 55.46 -22.24 26.96
C GLU J 146 55.20 -21.36 25.78
N LEU J 147 54.85 -21.88 24.59
CA LEU J 147 54.54 -21.12 23.38
C LEU J 147 53.80 -19.80 23.53
N ALA J 148 52.71 -19.83 24.44
CA ALA J 148 51.90 -18.78 24.93
C ALA J 148 52.77 -17.76 25.71
N SER J 149 53.37 -18.13 26.79
CA SER J 149 54.45 -17.38 27.47
C SER J 149 55.85 -17.22 26.82
N THR J 150 55.90 -17.30 25.44
CA THR J 150 57.11 -17.19 24.62
C THR J 150 56.90 -16.25 23.46
N GLY J 151 56.15 -15.12 23.71
CA GLY J 151 55.70 -14.20 22.63
C GLY J 151 54.25 -14.47 22.29
N PRO J 152 53.20 -13.89 22.97
CA PRO J 152 51.78 -14.07 22.64
C PRO J 152 51.25 -13.87 21.22
N PRO J 153 51.73 -12.91 20.44
CA PRO J 153 51.14 -12.69 19.11
C PRO J 153 51.76 -13.67 18.22
N VAL J 154 52.78 -14.41 18.54
CA VAL J 154 53.31 -15.54 17.76
C VAL J 154 52.69 -16.78 18.36
N VAL J 155 51.36 -17.01 18.15
CA VAL J 155 50.49 -18.08 18.53
C VAL J 155 50.99 -19.51 18.75
N ALA J 156 50.15 -20.17 19.60
CA ALA J 156 50.28 -21.55 20.13
C ALA J 156 49.15 -22.46 19.65
N MET J 157 49.59 -23.49 18.91
CA MET J 157 48.71 -24.51 18.25
C MET J 157 48.86 -26.00 18.74
N PRO J 158 49.42 -26.61 19.83
CA PRO J 158 49.29 -28.01 20.11
C PRO J 158 47.98 -28.32 20.81
N VAL J 159 47.59 -29.60 20.86
CA VAL J 159 46.39 -30.07 21.54
C VAL J 159 46.83 -30.96 22.76
N VAL J 160 46.13 -30.72 23.88
CA VAL J 160 46.29 -31.38 25.16
C VAL J 160 44.99 -32.15 25.44
N ILE J 161 45.15 -33.22 26.13
CA ILE J 161 44.16 -34.27 26.02
C ILE J 161 43.33 -34.48 27.31
N LYS J 162 43.91 -34.27 28.50
CA LYS J 162 43.20 -34.42 29.79
C LYS J 162 42.78 -35.79 30.31
N THR J 163 42.27 -35.89 31.55
CA THR J 163 41.13 -36.81 32.02
C THR J 163 41.48 -38.31 31.99
N GLU J 164 41.97 -38.84 33.14
CA GLU J 164 41.03 -39.47 34.05
C GLU J 164 40.59 -38.56 35.17
N GLY J 165 41.46 -38.27 36.18
CA GLY J 165 41.89 -39.11 37.34
C GLY J 165 40.97 -38.89 38.51
N PRO J 166 41.28 -38.24 39.53
CA PRO J 166 40.29 -37.30 40.09
C PRO J 166 39.80 -36.32 39.02
N ALA J 167 38.46 -36.31 38.83
CA ALA J 167 37.65 -35.60 37.80
C ALA J 167 37.54 -34.18 38.24
N TRP J 168 38.70 -33.62 38.61
CA TRP J 168 38.90 -32.41 39.41
C TRP J 168 40.34 -32.40 39.87
N THR J 169 40.79 -31.18 40.15
CA THR J 169 42.23 -30.84 40.24
C THR J 169 42.28 -29.77 41.32
N PRO J 170 43.35 -29.51 42.04
CA PRO J 170 43.49 -28.32 42.88
C PRO J 170 43.71 -27.02 42.16
N LEU J 171 43.60 -25.87 42.85
CA LEU J 171 43.84 -24.53 42.38
C LEU J 171 45.23 -24.30 41.82
N GLU J 172 45.48 -23.70 40.66
CA GLU J 172 46.82 -23.52 40.16
C GLU J 172 46.99 -22.08 40.04
N PRO J 173 47.83 -21.38 40.78
CA PRO J 173 47.91 -19.88 40.67
C PRO J 173 48.40 -19.29 39.40
N LYS J 174 49.37 -19.75 38.69
CA LYS J 174 49.92 -19.06 37.52
C LYS J 174 48.81 -18.91 36.46
N LEU J 175 48.02 -19.93 36.23
CA LEU J 175 46.87 -19.70 35.38
C LEU J 175 45.77 -18.86 35.89
N ILE J 176 45.51 -18.86 37.15
CA ILE J 176 44.52 -18.06 37.72
C ILE J 176 45.02 -16.63 37.71
N THR J 177 46.28 -16.36 38.00
CA THR J 177 46.81 -14.99 37.98
C THR J 177 46.79 -14.35 36.68
N ARG J 178 47.32 -15.01 35.64
CA ARG J 178 47.21 -14.52 34.36
C ARG J 178 45.80 -14.26 33.79
N LEU J 179 44.86 -15.06 34.27
CA LEU J 179 43.49 -14.97 33.89
C LEU J 179 43.02 -13.66 34.47
N ALA J 180 43.43 -13.44 35.74
CA ALA J 180 43.13 -12.31 36.52
C ALA J 180 43.65 -11.13 35.89
N ASP J 181 44.93 -11.20 35.45
CA ASP J 181 45.60 -10.15 34.66
C ASP J 181 44.85 -9.79 33.50
N THR J 182 44.41 -10.79 32.73
CA THR J 182 43.58 -10.57 31.61
C THR J 182 42.29 -9.89 31.98
N VAL J 183 41.65 -10.32 33.08
CA VAL J 183 40.47 -9.67 33.61
C VAL J 183 40.72 -8.20 34.14
N ARG J 184 41.93 -7.85 34.65
CA ARG J 184 42.45 -6.54 34.97
C ARG J 184 42.53 -5.77 33.71
N THR J 185 43.52 -6.04 32.85
CA THR J 185 43.87 -5.45 31.61
C THR J 185 42.71 -5.34 30.63
N LYS J 186 42.37 -6.36 29.84
CA LYS J 186 41.24 -6.43 29.01
C LYS J 186 39.96 -6.36 29.79
N GLY J 187 39.74 -7.12 30.86
CA GLY J 187 38.42 -7.71 31.22
C GLY J 187 38.12 -9.00 30.43
N LEU J 188 36.81 -9.28 30.22
CA LEU J 188 36.31 -10.62 29.91
C LEU J 188 36.26 -10.59 28.39
N ARG J 189 36.09 -9.37 27.80
CA ARG J 189 36.79 -8.79 26.67
C ARG J 189 37.76 -9.68 25.90
N SER J 190 37.28 -10.37 24.81
CA SER J 190 38.17 -11.01 23.78
C SER J 190 38.17 -12.48 24.04
N PRO J 191 37.73 -13.44 23.23
CA PRO J 191 38.61 -14.42 22.69
C PRO J 191 40.15 -14.49 22.95
N ILE J 192 40.82 -13.91 23.99
CA ILE J 192 41.97 -14.46 24.56
C ILE J 192 41.63 -14.79 26.00
N THR J 193 40.91 -13.92 26.62
CA THR J 193 40.34 -14.16 27.91
C THR J 193 39.35 -15.34 27.78
N MET J 194 38.43 -15.29 26.78
CA MET J 194 37.56 -16.34 26.57
C MET J 194 38.28 -17.66 26.31
N ALA J 195 39.33 -17.67 25.45
CA ALA J 195 40.04 -18.81 25.13
C ALA J 195 40.58 -19.45 26.32
N GLU J 196 41.28 -18.68 27.19
CA GLU J 196 41.92 -19.32 28.31
C GLU J 196 40.95 -19.85 29.32
N VAL J 197 39.81 -19.27 29.32
CA VAL J 197 38.71 -19.72 30.12
C VAL J 197 38.08 -20.97 29.56
N GLU J 198 37.74 -20.94 28.25
CA GLU J 198 37.26 -22.03 27.55
C GLU J 198 38.00 -23.31 27.77
N ALA J 199 39.28 -23.30 27.43
CA ALA J 199 40.24 -24.38 27.69
C ALA J 199 40.19 -24.72 29.17
N LEU J 200 40.20 -23.74 30.06
CA LEU J 200 40.15 -24.10 31.49
C LEU J 200 38.77 -24.73 32.00
N MET J 201 37.68 -24.49 31.22
CA MET J 201 36.32 -24.81 31.53
C MET J 201 35.85 -25.83 30.60
N SER J 202 36.72 -26.74 30.35
CA SER J 202 36.40 -27.90 29.44
C SER J 202 36.89 -29.13 30.14
N SER J 203 36.37 -29.37 31.33
CA SER J 203 36.70 -30.49 32.16
C SER J 203 35.54 -30.85 33.07
N PRO J 204 35.54 -32.00 33.78
CA PRO J 204 34.60 -32.26 34.83
C PRO J 204 35.15 -31.49 35.99
N LEU J 205 34.33 -30.74 36.81
CA LEU J 205 34.76 -29.75 37.81
C LEU J 205 33.76 -29.77 38.98
N LEU J 206 34.24 -29.44 40.22
CA LEU J 206 33.40 -29.54 41.35
C LEU J 206 33.10 -28.13 41.93
N PRO J 207 31.97 -27.85 42.47
CA PRO J 207 31.50 -26.54 42.88
C PRO J 207 32.42 -25.67 43.75
N HIS J 208 33.24 -26.04 44.74
CA HIS J 208 33.92 -25.03 45.56
C HIS J 208 34.90 -24.12 44.86
N ASP J 209 35.69 -24.74 43.94
CA ASP J 209 36.73 -24.30 43.10
C ASP J 209 36.06 -23.37 42.06
N VAL J 210 34.98 -23.85 41.47
CA VAL J 210 34.15 -23.06 40.65
C VAL J 210 33.63 -21.73 41.32
N THR J 211 32.99 -21.88 42.45
CA THR J 211 32.57 -20.80 43.30
C THR J 211 33.72 -19.83 43.58
N ASN J 212 34.87 -20.38 44.16
CA ASN J 212 36.02 -19.62 44.66
C ASN J 212 36.75 -18.84 43.57
N LEU J 213 36.91 -19.51 42.43
CA LEU J 213 37.33 -18.89 41.21
C LEU J 213 36.37 -17.78 40.77
N MET J 214 35.11 -18.12 40.64
CA MET J 214 34.16 -17.15 40.17
C MET J 214 33.88 -15.98 41.09
N ARG J 215 33.74 -16.25 42.39
CA ARG J 215 33.43 -15.21 43.29
C ARG J 215 34.39 -14.10 43.37
N VAL J 216 35.63 -14.40 43.16
CA VAL J 216 36.72 -13.44 43.14
C VAL J 216 36.87 -12.86 41.74
N ILE J 217 36.89 -13.62 40.65
CA ILE J 217 37.17 -13.09 39.33
C ILE J 217 36.00 -12.35 38.70
N LEU J 218 34.77 -12.90 38.85
CA LEU J 218 33.57 -12.23 38.41
C LEU J 218 33.24 -11.03 39.28
N GLY J 219 33.42 -11.05 40.55
CA GLY J 219 33.20 -9.88 41.32
C GLY J 219 31.82 -9.52 41.55
N PRO J 220 31.55 -8.69 42.52
CA PRO J 220 30.28 -8.72 43.22
C PRO J 220 29.06 -8.74 42.30
N ALA J 221 28.85 -7.72 41.43
CA ALA J 221 27.76 -7.64 40.54
C ALA J 221 27.84 -8.79 39.59
N PRO J 222 28.83 -8.97 38.74
CA PRO J 222 28.76 -9.96 37.69
C PRO J 222 28.67 -11.33 38.26
N TYR J 223 29.29 -11.62 39.36
CA TYR J 223 29.17 -12.95 39.89
C TYR J 223 27.79 -13.49 40.21
N ALA J 224 26.97 -12.63 40.82
CA ALA J 224 25.60 -12.87 41.21
C ALA J 224 24.71 -13.23 40.05
N LEU J 225 24.83 -12.32 39.10
CA LEU J 225 24.33 -12.56 37.82
C LEU J 225 24.82 -13.92 37.22
N TRP J 226 26.12 -14.20 37.16
CA TRP J 226 26.63 -15.51 36.80
C TRP J 226 26.12 -16.68 37.48
N MET J 227 26.04 -16.62 38.83
CA MET J 227 25.44 -17.57 39.66
C MET J 227 24.03 -17.87 39.20
N ASP J 228 23.23 -16.77 38.99
CA ASP J 228 21.89 -16.82 38.47
C ASP J 228 21.75 -17.45 37.09
N ALA J 229 22.44 -16.95 36.14
CA ALA J 229 22.55 -17.40 34.76
C ALA J 229 23.00 -18.83 34.64
N TRP J 230 24.03 -19.24 35.44
CA TRP J 230 24.44 -20.70 35.47
C TRP J 230 23.38 -21.66 35.89
N GLY J 231 22.61 -21.18 36.89
CA GLY J 231 21.45 -21.86 37.50
C GLY J 231 20.35 -21.99 36.45
N VAL J 232 20.15 -20.96 35.59
CA VAL J 232 19.24 -21.02 34.47
C VAL J 232 19.66 -22.18 33.57
N GLN J 233 20.92 -22.25 33.20
CA GLN J 233 21.41 -23.43 32.41
C GLN J 233 21.22 -24.76 33.02
N LEU J 234 21.51 -24.80 34.29
CA LEU J 234 21.24 -25.98 35.04
C LEU J 234 19.75 -26.34 35.11
N GLN J 235 18.84 -25.35 35.26
CA GLN J 235 17.38 -25.58 35.20
C GLN J 235 16.94 -26.18 33.84
N THR J 236 17.53 -25.69 32.78
CA THR J 236 17.25 -26.30 31.53
C THR J 236 17.81 -27.64 31.35
N VAL J 237 18.88 -28.06 32.12
CA VAL J 237 19.35 -29.43 32.05
C VAL J 237 18.40 -30.36 32.87
N ILE J 238 17.83 -29.91 33.98
CA ILE J 238 17.00 -30.73 34.89
C ILE J 238 15.67 -31.02 34.10
N ALA J 239 15.45 -30.31 32.99
CA ALA J 239 14.35 -30.43 32.11
C ALA J 239 14.68 -31.60 31.22
N ALA J 240 15.74 -31.58 30.49
CA ALA J 240 16.18 -32.68 29.64
C ALA J 240 16.40 -34.03 30.47
N ALA J 241 16.52 -33.90 31.79
CA ALA J 241 16.48 -35.01 32.78
C ALA J 241 15.07 -35.48 33.02
N THR J 242 14.11 -34.61 33.02
CA THR J 242 12.72 -34.93 33.22
C THR J 242 12.25 -35.57 32.00
N ARG J 243 12.48 -34.92 30.83
CA ARG J 243 12.21 -35.49 29.50
C ARG J 243 12.71 -36.93 29.29
N ASP J 244 13.97 -37.08 29.77
CA ASP J 244 14.71 -38.29 29.69
C ASP J 244 15.38 -38.59 31.03
N PRO J 245 14.87 -39.33 31.86
CA PRO J 245 15.52 -39.66 33.16
C PRO J 245 16.65 -40.67 33.00
N ARG J 246 16.79 -41.26 31.77
CA ARG J 246 17.63 -42.40 31.54
C ARG J 246 19.10 -42.09 31.27
N HIS J 247 19.44 -41.07 30.47
CA HIS J 247 20.77 -40.70 29.90
C HIS J 247 21.84 -40.52 31.03
N PRO J 248 23.14 -40.83 30.74
CA PRO J 248 24.31 -40.76 31.68
C PRO J 248 24.47 -39.69 32.82
N ALA J 249 24.00 -38.49 32.66
CA ALA J 249 24.01 -37.56 33.79
C ALA J 249 23.21 -38.16 34.91
N ASN J 250 22.09 -38.80 34.55
CA ASN J 250 21.24 -39.61 35.40
C ASN J 250 21.80 -41.01 35.47
N GLY J 251 21.22 -41.82 36.35
CA GLY J 251 21.46 -43.30 36.30
C GLY J 251 20.22 -43.84 35.63
N GLN J 252 20.33 -45.06 35.18
CA GLN J 252 19.23 -45.68 34.51
C GLN J 252 17.97 -45.96 35.46
N GLY J 253 18.26 -46.14 36.72
CA GLY J 253 17.38 -46.50 37.82
C GLY J 253 16.31 -45.40 38.04
N ARG J 254 15.20 -45.76 38.59
CA ARG J 254 14.17 -44.75 38.86
C ARG J 254 14.61 -43.70 39.89
N GLY J 255 15.31 -44.12 40.94
CA GLY J 255 15.76 -43.22 41.93
C GLY J 255 17.04 -42.55 41.66
N GLU J 256 17.77 -42.97 40.57
CA GLU J 256 19.10 -42.56 40.20
C GLU J 256 19.03 -41.20 39.58
N ARG J 257 18.28 -40.24 40.15
CA ARG J 257 18.14 -38.86 39.64
C ARG J 257 19.24 -37.84 39.89
N THR J 258 19.17 -36.74 39.14
CA THR J 258 20.16 -35.62 39.10
C THR J 258 19.54 -34.43 39.85
N ASN J 259 18.74 -34.62 40.89
CA ASN J 259 18.00 -33.60 41.62
C ASN J 259 18.46 -32.16 41.92
N LEU J 260 17.57 -31.17 42.05
CA LEU J 260 17.98 -29.82 42.43
C LEU J 260 18.98 -29.75 43.57
N ASN J 261 18.76 -30.45 44.71
CA ASN J 261 19.69 -30.41 45.81
C ASN J 261 21.02 -30.94 45.45
N ARG J 262 21.14 -31.99 44.66
CA ARG J 262 22.34 -32.59 44.14
C ARG J 262 23.03 -31.52 43.31
N LEU J 263 22.31 -30.96 42.33
CA LEU J 263 22.61 -29.86 41.47
C LEU J 263 22.99 -28.64 42.31
N LYS J 264 22.58 -28.41 43.57
CA LYS J 264 22.98 -27.31 44.37
C LYS J 264 24.17 -27.65 45.21
N GLY J 265 24.71 -28.90 45.33
CA GLY J 265 25.88 -29.31 46.02
C GLY J 265 25.53 -29.42 47.47
N LEU J 266 24.25 -29.36 47.80
CA LEU J 266 23.75 -29.41 49.11
C LEU J 266 22.93 -30.65 49.28
N ALA J 267 22.97 -31.65 48.34
CA ALA J 267 22.32 -32.96 48.63
C ALA J 267 22.91 -33.60 49.75
N ASP J 268 22.19 -34.57 50.38
CA ASP J 268 22.64 -35.28 51.50
C ASP J 268 23.90 -36.12 51.25
N GLY J 269 25.02 -35.72 51.96
CA GLY J 269 26.41 -36.24 51.87
C GLY J 269 27.34 -35.25 51.10
N MET J 270 26.71 -34.43 50.20
CA MET J 270 27.40 -33.35 49.42
C MET J 270 27.86 -32.26 50.31
N VAL J 271 26.92 -31.85 51.23
CA VAL J 271 26.93 -30.80 52.15
C VAL J 271 28.21 -30.43 52.90
N GLY J 272 28.89 -29.43 52.27
CA GLY J 272 30.18 -28.94 52.63
C GLY J 272 31.27 -30.06 52.63
N ASN J 273 31.11 -31.12 51.82
CA ASN J 273 32.09 -32.27 51.68
C ASN J 273 32.33 -32.50 50.25
N PRO J 274 33.33 -32.00 49.62
CA PRO J 274 33.65 -32.18 48.19
C PRO J 274 33.90 -33.63 47.89
N GLN J 275 34.46 -34.33 48.80
CA GLN J 275 34.61 -35.77 48.70
C GLN J 275 33.27 -36.51 48.61
N GLY J 276 32.30 -36.08 49.44
CA GLY J 276 30.91 -36.42 49.49
C GLY J 276 30.25 -36.04 48.18
N GLN J 277 30.50 -34.84 47.61
CA GLN J 277 30.01 -34.47 46.36
C GLN J 277 30.49 -35.27 45.18
N ALA J 278 31.83 -35.52 45.24
CA ALA J 278 32.67 -36.35 44.36
C ALA J 278 32.23 -37.77 44.30
N ALA J 279 31.56 -38.18 45.40
CA ALA J 279 31.12 -39.54 45.58
C ALA J 279 29.73 -39.73 45.02
N LEU J 280 28.91 -38.66 44.96
CA LEU J 280 27.56 -38.87 44.55
C LEU J 280 27.47 -38.50 43.04
N LEU J 281 28.14 -37.41 42.64
CA LEU J 281 28.02 -36.96 41.27
C LEU J 281 28.54 -38.01 40.23
N ARG J 282 27.89 -38.00 39.04
CA ARG J 282 28.19 -38.82 37.85
C ARG J 282 28.94 -37.91 36.85
N PRO J 283 29.72 -38.60 35.93
CA PRO J 283 30.47 -37.91 34.84
C PRO J 283 29.61 -37.00 34.06
N GLY J 284 28.39 -37.46 33.60
CA GLY J 284 27.53 -36.64 32.90
C GLY J 284 27.17 -35.38 33.58
N GLU J 285 26.95 -35.40 34.93
CA GLU J 285 26.65 -34.20 35.61
C GLU J 285 27.77 -33.26 35.75
N LEU J 286 29.00 -33.72 36.06
CA LEU J 286 30.16 -32.87 36.23
C LEU J 286 30.56 -32.08 35.01
N VAL J 287 30.43 -32.75 33.84
CA VAL J 287 30.61 -32.12 32.54
C VAL J 287 29.48 -31.09 32.23
N ALA J 288 28.20 -31.40 32.57
CA ALA J 288 26.96 -30.63 32.52
C ALA J 288 27.03 -29.46 33.35
N ILE J 289 27.33 -29.54 34.66
CA ILE J 289 27.72 -28.41 35.50
C ILE J 289 28.75 -27.55 34.82
N THR J 290 29.88 -28.05 34.39
CA THR J 290 30.85 -27.19 33.75
C THR J 290 30.43 -26.51 32.46
N ALA J 291 29.67 -27.20 31.61
CA ALA J 291 29.12 -26.64 30.38
C ALA J 291 28.14 -25.49 30.74
N SER J 292 27.27 -25.76 31.70
CA SER J 292 26.33 -24.75 32.11
C SER J 292 26.95 -23.50 32.56
N ALA J 293 27.97 -23.62 33.41
CA ALA J 293 28.82 -22.63 33.88
C ALA J 293 29.58 -21.80 32.85
N LEU J 294 30.23 -22.47 31.87
CA LEU J 294 30.98 -21.96 30.75
C LEU J 294 30.10 -21.19 29.83
N GLN J 295 28.88 -21.71 29.53
CA GLN J 295 27.89 -21.00 28.81
C GLN J 295 27.52 -19.68 29.53
N ALA J 296 27.04 -19.88 30.77
CA ALA J 296 26.78 -18.75 31.68
C ALA J 296 27.90 -17.72 31.80
N PHE J 297 29.14 -18.13 31.59
CA PHE J 297 30.26 -17.23 31.46
C PHE J 297 30.28 -16.36 30.17
N ARG J 298 30.04 -17.00 28.98
CA ARG J 298 29.88 -16.36 27.67
C ARG J 298 28.77 -15.36 27.78
N GLU J 299 27.72 -15.73 28.42
CA GLU J 299 26.63 -14.85 28.67
C GLU J 299 26.97 -13.61 29.50
N VAL J 300 28.02 -13.57 30.25
CA VAL J 300 28.37 -12.44 31.06
C VAL J 300 29.47 -11.70 30.39
N ALA J 301 30.25 -12.47 29.66
CA ALA J 301 31.32 -11.86 28.92
C ALA J 301 30.91 -11.27 27.61
N ARG J 302 29.61 -11.14 27.30
CA ARG J 302 29.15 -10.51 26.09
C ARG J 302 28.63 -9.08 26.50
N LEU J 303 28.52 -8.90 27.80
CA LEU J 303 28.03 -7.71 28.31
C LEU J 303 29.14 -6.76 28.64
N ALA J 304 28.95 -5.48 28.44
CA ALA J 304 29.90 -4.41 28.76
C ALA J 304 30.99 -4.21 27.77
N GLU J 305 31.09 -2.94 27.33
CA GLU J 305 32.20 -2.31 26.67
C GLU J 305 33.55 -2.44 27.30
N PRO J 306 33.80 -1.97 28.56
CA PRO J 306 35.09 -1.97 29.16
C PRO J 306 36.33 -1.83 28.22
N ALA J 307 36.48 -0.61 27.68
CA ALA J 307 37.58 -0.30 26.77
C ALA J 307 38.12 1.07 27.06
N GLY J 308 39.04 1.37 27.95
CA GLY J 308 39.73 0.42 28.78
C GLY J 308 40.95 1.08 29.35
N PRO J 309 42.11 0.39 29.57
CA PRO J 309 43.33 0.86 30.16
C PRO J 309 43.61 2.32 30.02
N TRP J 310 43.70 2.80 28.77
CA TRP J 310 43.71 4.17 28.26
C TRP J 310 43.05 5.26 29.09
N ALA J 311 41.86 4.90 29.71
CA ALA J 311 41.10 5.86 30.49
C ALA J 311 41.84 6.23 31.78
N ASP J 312 42.85 5.48 32.27
CA ASP J 312 43.47 5.81 33.53
C ASP J 312 44.75 6.47 33.35
N ILE J 313 45.21 6.60 32.04
CA ILE J 313 46.58 7.00 31.76
C ILE J 313 46.60 8.50 31.72
N MET J 314 47.15 9.11 32.80
CA MET J 314 47.49 10.50 32.88
C MET J 314 48.89 10.69 33.50
N GLN J 315 49.68 11.61 32.96
CA GLN J 315 51.05 11.92 33.25
C GLN J 315 51.29 12.41 34.66
N GLY J 316 52.14 11.71 35.43
CA GLY J 316 52.60 12.24 36.70
C GLY J 316 53.38 13.53 36.66
N PRO J 317 53.52 14.30 37.72
CA PRO J 317 54.40 15.44 37.66
C PRO J 317 55.84 15.09 37.83
N SER J 318 56.14 13.82 38.30
CA SER J 318 57.33 13.09 38.36
C SER J 318 57.63 12.37 37.06
N GLU J 319 56.70 11.65 36.50
CA GLU J 319 56.83 10.93 35.28
C GLU J 319 57.20 11.78 34.11
N SER J 320 58.36 11.53 33.48
CA SER J 320 58.73 12.30 32.29
C SER J 320 57.82 11.91 31.11
N PHE J 321 57.77 12.71 30.04
CA PHE J 321 57.01 12.46 28.89
C PHE J 321 57.43 11.13 28.17
N VAL J 322 58.72 10.87 28.05
CA VAL J 322 59.21 9.66 27.49
C VAL J 322 58.79 8.45 28.23
N ASP J 323 58.86 8.49 29.61
CA ASP J 323 58.36 7.40 30.43
C ASP J 323 56.86 7.22 30.29
N PHE J 324 56.14 8.32 30.34
CA PHE J 324 54.66 8.48 30.12
C PHE J 324 54.31 7.87 28.82
N ALA J 325 55.09 8.26 27.79
CA ALA J 325 54.90 7.91 26.39
C ALA J 325 55.08 6.39 26.41
N ASN J 326 56.12 5.87 27.02
CA ASN J 326 56.31 4.44 27.07
C ASN J 326 55.12 3.80 27.74
N ARG J 327 54.67 4.34 28.89
CA ARG J 327 53.52 3.78 29.58
C ARG J 327 52.28 3.56 28.71
N LEU J 328 52.03 4.58 27.89
CA LEU J 328 50.97 4.76 27.00
C LEU J 328 51.15 3.87 25.88
N ILE J 329 52.37 3.79 25.35
CA ILE J 329 52.78 2.97 24.21
C ILE J 329 52.53 1.56 24.47
N LYS J 330 52.79 1.11 25.69
CA LYS J 330 52.48 -0.22 26.10
C LYS J 330 50.95 -0.51 25.96
N ALA J 331 50.20 0.42 26.50
CA ALA J 331 48.77 0.46 26.45
C ALA J 331 48.14 0.50 25.06
N VAL J 332 48.77 1.20 24.16
CA VAL J 332 48.44 1.39 22.77
C VAL J 332 48.73 0.11 21.99
N GLU J 333 49.88 -0.56 22.27
CA GLU J 333 50.16 -1.93 21.81
C GLU J 333 49.07 -2.88 22.24
N GLY J 334 48.59 -2.58 23.45
CA GLY J 334 47.65 -3.42 24.09
C GLY J 334 46.22 -3.10 23.66
N SER J 335 46.02 -2.16 22.79
CA SER J 335 44.64 -1.98 22.36
C SER J 335 44.34 -2.94 21.24
N ASP J 336 43.08 -3.19 20.90
CA ASP J 336 42.67 -4.27 20.05
C ASP J 336 41.94 -3.95 18.73
N LEU J 337 42.08 -2.77 18.12
CA LEU J 337 41.34 -2.35 16.97
C LEU J 337 42.33 -1.78 15.94
N PRO J 338 41.96 -1.54 14.70
CA PRO J 338 42.73 -0.86 13.73
C PRO J 338 43.92 -0.02 14.16
N PRO J 339 45.07 -0.18 13.61
CA PRO J 339 46.20 0.70 13.82
C PRO J 339 45.87 2.11 13.58
N SER J 340 45.07 2.25 12.57
CA SER J 340 44.56 3.53 12.14
C SER J 340 43.72 4.32 13.01
N ALA J 341 43.21 3.73 14.14
CA ALA J 341 42.46 4.47 15.13
C ALA J 341 43.30 4.73 16.33
N ARG J 342 44.37 3.98 16.42
CA ARG J 342 45.25 4.15 17.54
C ARG J 342 45.92 5.48 17.58
N ALA J 343 46.59 5.91 16.51
CA ALA J 343 47.24 7.23 16.44
C ALA J 343 46.36 8.45 16.62
N PRO J 344 45.18 8.68 16.04
CA PRO J 344 44.32 9.77 16.45
C PRO J 344 43.97 9.73 17.89
N VAL J 345 43.63 8.51 18.45
CA VAL J 345 43.34 8.40 19.88
C VAL J 345 44.54 8.75 20.73
N ILE J 346 45.75 8.28 20.27
CA ILE J 346 46.99 8.67 20.91
C ILE J 346 47.28 10.21 20.86
N ILE J 347 47.16 10.89 19.68
CA ILE J 347 47.49 12.18 19.47
C ILE J 347 46.55 12.98 20.43
N ASP J 348 45.29 12.65 20.40
CA ASP J 348 44.25 13.26 21.19
C ASP J 348 44.62 13.23 22.67
N CYS J 349 45.04 12.04 23.15
CA CYS J 349 45.53 11.76 24.47
C CYS J 349 46.75 12.50 24.76
N PHE J 350 47.67 12.67 23.84
CA PHE J 350 48.88 13.50 24.07
C PHE J 350 48.49 14.84 24.44
N ARG J 351 47.56 15.39 23.61
CA ARG J 351 47.10 16.77 23.67
C ARG J 351 46.43 17.03 24.96
N GLN J 352 45.81 15.94 25.56
CA GLN J 352 44.87 16.00 26.64
C GLN J 352 45.33 15.38 27.90
N LYS J 353 46.27 14.44 27.87
CA LYS J 353 46.52 13.64 29.11
C LYS J 353 47.92 13.60 29.58
N SER J 354 48.71 14.45 28.90
CA SER J 354 50.04 14.76 29.34
C SER J 354 49.94 15.78 30.48
N GLN J 355 51.06 16.19 31.07
CA GLN J 355 51.07 17.32 32.05
C GLN J 355 50.63 18.58 31.44
N PRO J 356 49.87 19.47 32.16
CA PRO J 356 49.22 20.70 31.59
C PRO J 356 50.16 21.53 30.80
N ASP J 357 51.33 21.77 31.26
CA ASP J 357 52.37 22.60 30.63
C ASP J 357 52.94 21.84 29.35
N ILE J 358 52.87 20.49 29.47
CA ILE J 358 53.21 19.65 28.40
C ILE J 358 52.17 19.68 27.39
N GLN J 359 50.92 19.74 27.80
CA GLN J 359 49.82 19.98 26.91
C GLN J 359 49.99 21.25 26.16
N GLN J 360 50.49 22.36 26.78
CA GLN J 360 50.62 23.60 26.10
C GLN J 360 51.68 23.55 25.09
N LEU J 361 52.87 22.91 25.42
CA LEU J 361 53.95 22.75 24.55
C LEU J 361 53.38 21.96 23.38
N ILE J 362 52.63 20.93 23.68
CA ILE J 362 52.16 20.12 22.59
C ILE J 362 51.18 20.76 21.73
N ARG J 363 50.28 21.56 22.22
CA ARG J 363 49.28 22.32 21.56
C ARG J 363 49.85 23.34 20.65
N THR J 364 50.98 23.79 21.00
CA THR J 364 51.83 24.70 20.28
C THR J 364 52.70 23.91 19.24
N ALA J 365 52.71 22.54 19.24
CA ALA J 365 53.37 21.79 18.21
C ALA J 365 52.71 22.00 16.84
N PRO J 366 53.42 22.01 15.75
CA PRO J 366 52.90 22.24 14.40
C PRO J 366 51.74 21.29 14.10
N SER J 367 50.78 21.74 13.29
CA SER J 367 49.68 20.99 12.70
C SER J 367 50.25 19.99 11.69
N THR J 368 51.48 20.22 11.24
CA THR J 368 52.22 19.38 10.26
C THR J 368 52.83 18.16 10.92
N LEU J 369 53.03 18.11 12.29
CA LEU J 369 53.51 16.97 13.02
C LEU J 369 52.46 15.98 13.30
N THR J 370 52.23 15.02 12.41
CA THR J 370 50.81 14.34 12.46
C THR J 370 50.89 12.87 12.85
N THR J 371 52.10 12.30 12.78
CA THR J 371 52.24 10.97 13.38
C THR J 371 52.73 11.20 14.81
N PRO J 372 52.58 10.25 15.77
CA PRO J 372 53.15 10.31 17.01
C PRO J 372 54.64 10.47 16.97
N GLY J 373 55.31 9.77 16.03
CA GLY J 373 56.76 9.83 15.90
C GLY J 373 57.21 11.23 15.70
N GLU J 374 56.58 12.08 14.85
CA GLU J 374 56.89 13.49 14.64
C GLU J 374 56.71 14.37 15.82
N ILE J 375 55.64 14.07 16.55
CA ILE J 375 55.37 14.76 17.82
C ILE J 375 56.33 14.41 18.89
N ILE J 376 56.72 13.15 19.05
CA ILE J 376 57.70 12.71 19.99
C ILE J 376 59.03 13.33 19.72
N LYS J 377 59.46 13.28 18.45
CA LYS J 377 60.60 13.98 17.99
C LYS J 377 60.52 15.50 18.32
N TYR J 378 59.39 16.15 18.11
CA TYR J 378 59.12 17.52 18.45
C TYR J 378 59.36 17.85 19.95
N VAL J 379 58.86 16.97 20.83
CA VAL J 379 59.06 17.10 22.23
C VAL J 379 60.53 17.02 22.55
N LEU J 380 61.18 16.02 21.96
CA LEU J 380 62.56 15.56 22.02
C LEU J 380 63.38 16.69 21.57
N ASP J 381 62.99 17.46 20.55
CA ASP J 381 63.61 18.64 20.05
C ASP J 381 63.54 19.82 21.09
N ARG J 382 62.60 19.77 22.06
CA ARG J 382 62.26 20.97 22.80
C ARG J 382 62.67 20.84 24.21
N GLN J 383 62.98 19.62 24.60
CA GLN J 383 63.73 19.42 25.79
C GLN J 383 65.21 19.90 25.76
N ALA K 129 41.72 -57.66 -47.07
CA ALA K 129 40.61 -58.16 -46.33
C ALA K 129 40.85 -58.27 -44.83
N GLY K 130 41.15 -59.49 -44.30
CA GLY K 130 41.38 -59.89 -42.97
C GLY K 130 42.42 -59.01 -42.23
N GLN K 131 42.29 -58.85 -40.91
CA GLN K 131 41.22 -59.43 -40.10
C GLN K 131 40.01 -58.53 -40.11
N ALA K 132 40.18 -57.22 -40.38
CA ALA K 132 39.08 -56.31 -40.32
C ALA K 132 39.47 -55.00 -40.86
N PRO K 133 38.61 -54.05 -41.17
CA PRO K 133 38.96 -52.72 -41.60
C PRO K 133 39.81 -51.94 -40.64
N GLY K 134 40.50 -50.89 -40.91
CA GLY K 134 40.73 -50.07 -42.10
C GLY K 134 42.17 -49.80 -42.34
N PRO K 135 42.64 -48.65 -42.88
CA PRO K 135 41.82 -47.46 -43.32
C PRO K 135 40.85 -47.78 -44.44
N ALA K 136 39.61 -47.31 -44.61
CA ALA K 136 38.72 -46.38 -43.83
C ALA K 136 39.22 -45.16 -43.02
N LEU K 137 39.59 -44.03 -43.66
CA LEU K 137 40.12 -42.93 -42.91
C LEU K 137 39.63 -41.68 -43.70
N THR K 138 39.68 -40.51 -43.12
CA THR K 138 38.71 -39.49 -43.36
C THR K 138 39.24 -38.05 -43.66
N ASP K 139 40.36 -37.61 -43.09
CA ASP K 139 40.74 -37.43 -41.65
C ASP K 139 39.82 -36.41 -41.04
N TRP K 140 39.38 -36.55 -39.77
CA TRP K 140 39.06 -35.36 -38.99
C TRP K 140 39.63 -35.68 -37.62
N ALA K 141 40.90 -35.33 -37.36
CA ALA K 141 41.47 -35.30 -36.07
C ALA K 141 42.66 -34.33 -36.27
N ARG K 142 43.51 -34.68 -37.26
CA ARG K 142 44.62 -33.96 -37.72
C ARG K 142 44.13 -32.60 -38.26
N VAL K 143 43.02 -32.69 -39.12
CA VAL K 143 42.43 -31.51 -39.70
C VAL K 143 42.11 -30.48 -38.63
N ARG K 144 41.39 -30.87 -37.49
CA ARG K 144 41.17 -29.96 -36.31
C ARG K 144 42.47 -29.31 -35.85
N GLU K 145 43.43 -30.15 -35.45
CA GLU K 145 44.69 -29.75 -34.93
C GLU K 145 45.40 -28.74 -35.75
N GLU K 146 45.45 -29.06 -37.07
CA GLU K 146 45.96 -28.28 -38.19
C GLU K 146 45.24 -26.95 -38.23
N LEU K 147 43.94 -26.93 -38.72
CA LEU K 147 43.16 -25.74 -38.62
C LEU K 147 43.24 -24.80 -37.36
N ALA K 148 43.28 -25.44 -36.17
CA ALA K 148 43.52 -24.66 -34.85
C ALA K 148 44.82 -23.98 -34.85
N SER K 149 45.95 -24.75 -34.99
CA SER K 149 47.30 -24.16 -35.23
C SER K 149 47.52 -23.52 -36.64
N THR K 150 46.50 -23.11 -37.43
CA THR K 150 46.50 -22.34 -38.68
C THR K 150 45.50 -21.23 -38.65
N GLY K 151 46.09 -20.10 -38.39
CA GLY K 151 45.57 -18.72 -38.32
C GLY K 151 44.43 -18.60 -37.43
N PRO K 152 44.70 -18.59 -36.07
CA PRO K 152 43.61 -18.59 -35.04
C PRO K 152 42.68 -17.41 -35.27
N PRO K 153 43.08 -16.13 -35.49
CA PRO K 153 42.04 -15.08 -35.71
C PRO K 153 41.66 -14.97 -37.18
N VAL K 154 42.13 -15.86 -38.01
CA VAL K 154 41.67 -15.98 -39.44
C VAL K 154 40.68 -17.16 -39.54
N VAL K 155 40.42 -17.72 -38.37
CA VAL K 155 39.44 -18.75 -38.00
C VAL K 155 39.04 -20.00 -38.84
N ALA K 156 38.32 -21.00 -38.28
CA ALA K 156 37.77 -22.19 -38.83
C ALA K 156 36.76 -22.77 -37.79
N MET K 157 35.99 -23.78 -38.18
CA MET K 157 34.98 -24.43 -37.36
C MET K 157 35.25 -25.97 -37.33
N PRO K 158 36.21 -26.46 -36.63
CA PRO K 158 36.52 -27.87 -36.56
C PRO K 158 35.81 -28.81 -35.64
N VAL K 159 35.50 -30.04 -36.13
CA VAL K 159 34.78 -30.95 -35.35
C VAL K 159 35.50 -32.29 -35.42
N VAL K 160 35.68 -32.95 -34.29
CA VAL K 160 36.47 -34.22 -34.23
C VAL K 160 35.74 -35.19 -33.25
N ILE K 161 35.52 -36.45 -33.74
CA ILE K 161 34.43 -37.24 -33.28
C ILE K 161 34.78 -38.56 -32.66
N LYS K 162 36.01 -39.10 -32.84
CA LYS K 162 36.32 -40.45 -32.32
C LYS K 162 36.36 -40.63 -30.83
N THR K 163 36.01 -41.85 -30.45
CA THR K 163 36.70 -42.57 -29.34
C THR K 163 37.23 -43.89 -29.91
N GLU K 164 38.00 -44.65 -29.13
CA GLU K 164 37.48 -45.81 -28.35
C GLU K 164 38.13 -45.81 -26.97
N GLY K 165 39.32 -45.31 -26.71
CA GLY K 165 40.60 -45.94 -27.14
C GLY K 165 40.99 -47.12 -26.28
N PRO K 166 41.98 -47.04 -25.34
CA PRO K 166 41.96 -47.54 -23.97
C PRO K 166 40.79 -47.08 -23.23
N ALA K 167 40.72 -47.52 -22.01
CA ALA K 167 39.70 -46.98 -21.15
C ALA K 167 40.01 -45.47 -20.78
N TRP K 168 41.07 -44.87 -21.40
CA TRP K 168 41.87 -43.70 -21.05
C TRP K 168 42.57 -43.38 -22.36
N THR K 169 43.38 -42.32 -22.33
CA THR K 169 43.95 -41.73 -23.45
C THR K 169 45.49 -41.60 -23.22
N PRO K 170 46.29 -41.70 -24.21
CA PRO K 170 47.73 -41.74 -24.00
C PRO K 170 48.42 -40.54 -23.46
N LEU K 171 47.71 -39.39 -23.32
CA LEU K 171 48.27 -38.13 -22.83
C LEU K 171 49.18 -37.40 -23.76
N GLU K 172 48.96 -36.07 -23.97
CA GLU K 172 49.77 -35.35 -24.95
C GLU K 172 50.28 -34.06 -24.32
N PRO K 173 51.62 -34.18 -24.03
CA PRO K 173 52.37 -33.06 -23.47
C PRO K 173 52.26 -31.72 -24.15
N LYS K 174 52.38 -31.58 -25.46
CA LYS K 174 52.17 -30.31 -26.18
C LYS K 174 50.87 -29.63 -26.00
N LEU K 175 49.77 -30.36 -26.04
CA LEU K 175 48.42 -29.79 -25.81
C LEU K 175 48.33 -29.28 -24.38
N ILE K 176 49.04 -29.92 -23.45
CA ILE K 176 49.14 -29.57 -22.04
C ILE K 176 50.03 -28.38 -22.03
N THR K 177 51.12 -28.23 -22.83
CA THR K 177 51.84 -27.04 -22.87
C THR K 177 50.99 -25.87 -23.38
N ARG K 178 50.20 -26.02 -24.43
CA ARG K 178 49.31 -24.98 -24.93
C ARG K 178 48.24 -24.55 -23.95
N LEU K 179 47.77 -25.42 -23.09
CA LEU K 179 46.89 -25.04 -22.03
C LEU K 179 47.65 -24.18 -21.06
N ALA K 180 48.88 -24.54 -20.84
CA ALA K 180 49.78 -23.82 -20.02
C ALA K 180 49.97 -22.40 -20.60
N ASP K 181 50.21 -22.36 -21.93
CA ASP K 181 50.24 -21.10 -22.69
C ASP K 181 49.03 -20.25 -22.54
N THR K 182 47.81 -20.84 -22.68
CA THR K 182 46.60 -20.13 -22.43
C THR K 182 46.53 -19.67 -20.98
N VAL K 183 46.89 -20.51 -20.00
CA VAL K 183 46.83 -20.22 -18.54
C VAL K 183 47.84 -19.09 -18.29
N ARG K 184 48.96 -19.04 -18.94
CA ARG K 184 50.07 -18.07 -18.91
C ARG K 184 49.37 -16.81 -19.44
N THR K 185 49.12 -16.76 -20.75
CA THR K 185 48.43 -15.70 -21.51
C THR K 185 47.19 -15.21 -20.96
N LYS K 186 46.00 -15.87 -21.22
CA LYS K 186 44.76 -15.49 -20.67
C LYS K 186 44.75 -15.64 -19.17
N GLY K 187 45.26 -16.75 -18.64
CA GLY K 187 44.64 -17.42 -17.52
C GLY K 187 43.12 -17.74 -17.81
N LEU K 188 42.33 -17.69 -16.74
CA LEU K 188 41.23 -18.63 -16.68
C LEU K 188 39.98 -17.86 -16.94
N ARG K 189 40.15 -16.56 -17.26
CA ARG K 189 39.51 -15.86 -18.35
C ARG K 189 39.31 -16.62 -19.64
N SER K 190 38.29 -16.26 -20.45
CA SER K 190 38.17 -16.73 -21.81
C SER K 190 37.39 -18.01 -21.75
N PRO K 191 36.22 -17.95 -22.24
CA PRO K 191 35.73 -18.86 -23.31
C PRO K 191 36.50 -18.97 -24.57
N ILE K 192 37.86 -19.05 -24.45
CA ILE K 192 38.81 -19.82 -25.24
C ILE K 192 39.53 -20.72 -24.34
N THR K 193 40.05 -20.30 -23.20
CA THR K 193 40.73 -21.13 -22.18
C THR K 193 39.80 -22.27 -21.70
N MET K 194 38.53 -21.90 -21.21
CA MET K 194 37.52 -22.91 -20.99
C MET K 194 37.20 -23.76 -22.23
N ALA K 195 37.09 -23.13 -23.41
CA ALA K 195 36.85 -23.90 -24.64
C ALA K 195 37.93 -25.01 -24.97
N GLU K 196 39.19 -24.70 -24.88
CA GLU K 196 40.24 -25.72 -25.19
C GLU K 196 40.27 -26.82 -24.17
N VAL K 197 39.91 -26.44 -22.94
CA VAL K 197 39.81 -27.43 -21.93
C VAL K 197 38.55 -28.30 -22.21
N GLU K 198 37.41 -27.69 -22.47
CA GLU K 198 36.22 -28.49 -22.82
C GLU K 198 36.49 -29.59 -23.80
N ALA K 199 37.02 -29.26 -24.94
CA ALA K 199 37.34 -30.30 -25.90
C ALA K 199 38.23 -31.39 -25.42
N LEU K 200 39.29 -30.98 -24.71
CA LEU K 200 40.17 -31.98 -24.09
C LEU K 200 39.57 -32.84 -22.98
N MET K 201 38.46 -32.48 -22.40
CA MET K 201 37.89 -33.18 -21.29
C MET K 201 36.54 -33.83 -21.57
N SER K 202 36.48 -34.38 -22.73
CA SER K 202 35.31 -34.85 -23.44
C SER K 202 35.35 -36.37 -23.42
N SER K 203 36.58 -36.98 -23.19
CA SER K 203 36.73 -38.37 -23.04
C SER K 203 36.43 -38.95 -21.67
N PRO K 204 36.31 -40.24 -21.64
CA PRO K 204 36.35 -40.91 -20.34
C PRO K 204 37.87 -40.91 -19.78
N LEU K 205 38.13 -40.51 -18.49
CA LEU K 205 39.55 -40.36 -18.02
C LEU K 205 39.84 -41.09 -16.68
N LEU K 206 41.20 -41.21 -16.39
CA LEU K 206 41.78 -41.69 -15.10
C LEU K 206 42.27 -40.57 -14.28
N PRO K 207 41.82 -40.45 -13.04
CA PRO K 207 42.08 -39.30 -12.15
C PRO K 207 43.56 -38.79 -11.98
N HIS K 208 44.62 -39.61 -11.93
CA HIS K 208 45.97 -39.09 -11.58
C HIS K 208 46.46 -37.98 -12.50
N ASP K 209 46.25 -38.18 -13.76
CA ASP K 209 46.64 -37.28 -14.82
C ASP K 209 45.85 -35.98 -14.70
N VAL K 210 44.59 -36.03 -14.44
CA VAL K 210 43.79 -34.83 -14.09
C VAL K 210 44.29 -34.18 -12.85
N THR K 211 44.36 -34.96 -11.77
CA THR K 211 44.98 -34.54 -10.54
C THR K 211 46.33 -33.82 -10.69
N ASN K 212 47.31 -34.46 -11.28
CA ASN K 212 48.62 -34.02 -11.38
C ASN K 212 48.66 -32.85 -12.24
N LEU K 213 47.92 -32.93 -13.35
CA LEU K 213 47.85 -31.81 -14.27
C LEU K 213 47.34 -30.62 -13.59
N MET K 214 46.19 -30.68 -12.90
CA MET K 214 45.51 -29.63 -12.26
C MET K 214 46.46 -29.19 -11.10
N ARG K 215 47.08 -30.11 -10.38
CA ARG K 215 48.00 -29.76 -9.27
C ARG K 215 49.12 -28.87 -9.67
N VAL K 216 49.54 -29.05 -10.95
CA VAL K 216 50.58 -28.21 -11.58
C VAL K 216 49.97 -26.92 -12.21
N ILE K 217 48.85 -27.02 -12.93
CA ILE K 217 48.20 -25.89 -13.67
C ILE K 217 47.27 -24.97 -12.82
N LEU K 218 46.44 -25.46 -11.90
CA LEU K 218 45.56 -24.66 -11.10
C LEU K 218 46.32 -23.78 -10.10
N GLY K 219 47.45 -24.30 -9.59
CA GLY K 219 48.29 -23.51 -8.60
C GLY K 219 47.65 -23.64 -7.20
N PRO K 220 48.40 -23.58 -6.13
CA PRO K 220 47.89 -23.91 -4.80
C PRO K 220 46.53 -23.42 -4.38
N ALA K 221 46.24 -22.10 -4.44
CA ALA K 221 44.97 -21.65 -4.08
C ALA K 221 43.85 -22.19 -4.95
N PRO K 222 43.84 -21.97 -6.27
CA PRO K 222 42.71 -22.47 -7.04
C PRO K 222 42.69 -24.02 -7.01
N TYR K 223 43.84 -24.73 -7.03
CA TYR K 223 43.79 -26.19 -7.07
C TYR K 223 42.98 -26.74 -5.96
N ALA K 224 43.13 -26.15 -4.76
CA ALA K 224 42.50 -26.58 -3.53
C ALA K 224 41.03 -26.48 -3.67
N LEU K 225 40.60 -25.31 -4.12
CA LEU K 225 39.24 -24.92 -4.45
C LEU K 225 38.69 -25.89 -5.48
N TRP K 226 39.43 -26.07 -6.62
CA TRP K 226 39.13 -27.09 -7.60
C TRP K 226 38.95 -28.52 -7.11
N MET K 227 39.92 -29.07 -6.32
CA MET K 227 39.88 -30.38 -5.69
C MET K 227 38.60 -30.49 -5.01
N ASP K 228 38.29 -29.47 -4.16
CA ASP K 228 37.08 -29.42 -3.33
C ASP K 228 35.86 -29.48 -4.18
N ALA K 229 35.80 -28.56 -5.17
CA ALA K 229 34.76 -28.37 -6.13
C ALA K 229 34.47 -29.65 -6.95
N TRP K 230 35.52 -30.34 -7.39
CA TRP K 230 35.46 -31.63 -8.00
C TRP K 230 34.84 -32.71 -7.13
N GLY K 231 35.10 -32.64 -5.84
CA GLY K 231 34.60 -33.49 -4.78
C GLY K 231 33.10 -33.29 -4.58
N VAL K 232 32.56 -32.04 -4.66
CA VAL K 232 31.10 -31.81 -4.69
C VAL K 232 30.53 -32.52 -5.90
N GLN K 233 31.08 -32.30 -7.10
CA GLN K 233 30.63 -32.95 -8.32
C GLN K 233 30.58 -34.44 -8.34
N LEU K 234 31.63 -35.07 -7.80
CA LEU K 234 31.62 -36.46 -7.47
C LEU K 234 30.61 -36.90 -6.45
N GLN K 235 30.38 -36.09 -5.38
CA GLN K 235 29.40 -36.39 -4.38
C GLN K 235 28.01 -36.54 -5.01
N THR K 236 27.77 -35.70 -5.99
CA THR K 236 26.53 -35.72 -6.67
C THR K 236 26.34 -36.95 -7.50
N VAL K 237 27.39 -37.68 -7.85
CA VAL K 237 27.23 -38.97 -8.50
C VAL K 237 26.84 -39.97 -7.50
N ILE K 238 27.26 -39.85 -6.23
CA ILE K 238 26.85 -40.73 -5.15
C ILE K 238 25.33 -40.50 -4.82
N ALA K 239 24.79 -39.39 -5.24
CA ALA K 239 23.42 -39.06 -4.97
C ALA K 239 22.73 -39.86 -6.01
N ALA K 240 22.93 -39.64 -7.34
CA ALA K 240 22.20 -40.50 -8.26
C ALA K 240 22.41 -42.03 -8.24
N ALA K 241 23.54 -42.41 -7.63
CA ALA K 241 23.93 -43.72 -7.38
C ALA K 241 23.13 -44.23 -6.18
N THR K 242 22.83 -43.46 -5.19
CA THR K 242 22.06 -43.86 -4.06
C THR K 242 20.65 -43.80 -4.48
N ARG K 243 20.16 -42.64 -5.07
CA ARG K 243 18.88 -42.48 -5.64
C ARG K 243 18.35 -43.62 -6.60
N ASP K 244 19.24 -44.16 -7.50
CA ASP K 244 19.02 -45.33 -8.28
C ASP K 244 20.31 -46.20 -8.23
N PRO K 245 20.33 -47.48 -7.87
CA PRO K 245 21.56 -48.27 -7.98
C PRO K 245 21.60 -48.89 -9.31
N ARG K 246 20.51 -49.04 -10.04
CA ARG K 246 20.39 -49.81 -11.25
C ARG K 246 21.25 -49.41 -12.35
N HIS K 247 21.34 -48.08 -12.65
CA HIS K 247 22.18 -47.65 -13.77
C HIS K 247 23.68 -48.13 -14.16
N PRO K 248 24.11 -48.21 -15.40
CA PRO K 248 25.45 -48.65 -15.82
C PRO K 248 26.77 -48.15 -15.14
N ALA K 249 26.84 -46.97 -14.45
CA ALA K 249 28.01 -46.68 -13.69
C ALA K 249 28.14 -47.71 -12.63
N ASN K 250 27.00 -48.02 -12.00
CA ASN K 250 26.90 -49.11 -11.09
C ASN K 250 27.10 -50.44 -11.82
N GLY K 251 27.57 -51.38 -11.07
CA GLY K 251 27.53 -52.72 -11.64
C GLY K 251 26.06 -53.14 -11.66
N GLN K 252 25.68 -54.01 -12.61
CA GLN K 252 24.31 -54.36 -12.63
C GLN K 252 23.77 -55.40 -11.79
N GLY K 253 24.57 -56.13 -11.04
CA GLY K 253 24.26 -57.02 -10.00
C GLY K 253 23.95 -56.26 -8.65
N ARG K 254 23.29 -56.91 -7.69
CA ARG K 254 23.01 -56.23 -6.46
C ARG K 254 24.19 -55.89 -5.60
N GLY K 255 25.34 -56.53 -5.73
CA GLY K 255 26.59 -56.25 -4.94
C GLY K 255 27.63 -55.62 -5.68
N GLU K 256 27.40 -55.49 -7.00
CA GLU K 256 28.36 -54.93 -7.98
C GLU K 256 28.16 -53.39 -8.02
N ARG K 257 27.23 -52.80 -7.31
CA ARG K 257 26.97 -51.37 -7.30
C ARG K 257 28.16 -50.55 -6.89
N THR K 258 28.42 -49.34 -7.43
CA THR K 258 29.55 -48.47 -7.20
C THR K 258 29.68 -48.13 -5.73
N ASN K 259 30.98 -47.91 -5.18
CA ASN K 259 31.19 -47.51 -3.80
C ASN K 259 31.92 -46.24 -3.58
N LEU K 260 31.80 -45.61 -2.39
CA LEU K 260 32.49 -44.43 -1.96
C LEU K 260 34.00 -44.53 -2.23
N ASN K 261 34.63 -45.60 -1.86
CA ASN K 261 36.07 -45.82 -1.99
C ASN K 261 36.44 -45.78 -3.47
N ARG K 262 35.63 -46.38 -4.33
CA ARG K 262 35.77 -46.31 -5.77
C ARG K 262 35.64 -44.93 -6.19
N LEU K 263 34.54 -44.38 -5.77
CA LEU K 263 34.23 -42.94 -5.99
C LEU K 263 35.28 -41.98 -5.62
N LYS K 264 36.08 -42.34 -4.63
CA LYS K 264 37.16 -41.42 -4.28
C LYS K 264 38.43 -41.82 -4.95
N GLY K 265 38.50 -42.96 -5.62
CA GLY K 265 39.62 -43.52 -6.31
C GLY K 265 40.58 -44.25 -5.38
N LEU K 266 40.01 -44.71 -4.29
CA LEU K 266 40.80 -45.31 -3.29
C LEU K 266 40.43 -46.70 -3.02
N ALA K 267 39.64 -47.32 -3.89
CA ALA K 267 39.27 -48.71 -3.86
C ALA K 267 40.50 -49.50 -4.05
N ASP K 268 40.62 -50.71 -3.46
CA ASP K 268 41.90 -51.50 -3.54
C ASP K 268 42.27 -51.69 -5.02
N GLY K 269 43.52 -51.46 -5.40
CA GLY K 269 44.03 -51.47 -6.76
C GLY K 269 43.64 -50.19 -7.46
N MET K 270 42.86 -49.21 -6.92
CA MET K 270 42.70 -47.94 -7.54
C MET K 270 43.83 -47.09 -7.09
N VAL K 271 44.13 -47.09 -5.75
CA VAL K 271 45.29 -46.50 -5.21
C VAL K 271 46.45 -47.30 -5.67
N GLY K 272 47.47 -46.65 -6.19
CA GLY K 272 48.69 -47.33 -6.70
C GLY K 272 48.62 -48.00 -8.06
N ASN K 273 47.47 -47.87 -8.72
CA ASN K 273 47.42 -48.61 -9.97
C ASN K 273 46.37 -48.09 -10.99
N PRO K 274 46.73 -47.23 -11.96
CA PRO K 274 45.83 -46.86 -13.02
C PRO K 274 45.30 -48.05 -13.79
N GLN K 275 46.05 -49.20 -13.93
CA GLN K 275 45.55 -50.39 -14.57
C GLN K 275 44.40 -50.93 -13.76
N GLY K 276 44.56 -50.86 -12.49
CA GLY K 276 43.68 -51.33 -11.42
C GLY K 276 42.41 -50.53 -11.61
N GLN K 277 42.50 -49.22 -11.71
CA GLN K 277 41.25 -48.42 -11.88
C GLN K 277 40.51 -48.75 -13.13
N ALA K 278 41.33 -48.86 -14.21
CA ALA K 278 40.90 -49.22 -15.57
C ALA K 278 40.29 -50.52 -15.70
N ALA K 279 40.71 -51.37 -14.74
CA ALA K 279 40.23 -52.73 -14.63
C ALA K 279 38.99 -52.77 -13.79
N LEU K 280 38.77 -51.80 -12.88
CA LEU K 280 37.57 -51.88 -12.03
C LEU K 280 36.43 -50.99 -12.44
N LEU K 281 36.68 -49.77 -12.84
CA LEU K 281 35.71 -48.83 -13.18
C LEU K 281 34.96 -49.30 -14.46
N ARG K 282 33.76 -48.90 -14.63
CA ARG K 282 32.95 -49.21 -15.72
C ARG K 282 32.78 -47.86 -16.46
N PRO K 283 32.36 -47.88 -17.76
CA PRO K 283 32.22 -46.58 -18.50
C PRO K 283 31.46 -45.52 -17.86
N GLY K 284 30.25 -45.84 -17.36
CA GLY K 284 29.51 -44.87 -16.74
C GLY K 284 30.32 -44.21 -15.59
N GLU K 285 31.22 -44.89 -14.83
CA GLU K 285 32.02 -44.26 -13.76
C GLU K 285 33.06 -43.30 -14.35
N LEU K 286 33.77 -43.63 -15.44
CA LEU K 286 34.80 -42.79 -16.06
C LEU K 286 34.25 -41.49 -16.60
N VAL K 287 33.09 -41.55 -17.17
CA VAL K 287 32.38 -40.39 -17.72
C VAL K 287 31.95 -39.46 -16.73
N ALA K 288 31.38 -39.99 -15.59
CA ALA K 288 31.05 -39.27 -14.43
C ALA K 288 32.30 -38.58 -13.92
N ILE K 289 33.41 -39.32 -13.69
CA ILE K 289 34.70 -38.80 -13.33
C ILE K 289 35.11 -37.63 -14.17
N THR K 290 35.08 -37.75 -15.50
CA THR K 290 35.53 -36.66 -16.38
C THR K 290 34.65 -35.53 -16.29
N ALA K 291 33.30 -35.69 -16.14
CA ALA K 291 32.29 -34.72 -15.94
C ALA K 291 32.44 -33.99 -14.63
N SER K 292 32.64 -34.67 -13.58
CA SER K 292 32.80 -34.08 -12.28
C SER K 292 33.94 -33.08 -12.29
N ALA K 293 35.06 -33.53 -12.84
CA ALA K 293 36.24 -32.74 -13.12
C ALA K 293 36.07 -31.51 -13.97
N LEU K 294 35.41 -31.72 -15.21
CA LEU K 294 35.12 -30.66 -16.18
C LEU K 294 34.18 -29.60 -15.64
N GLN K 295 33.17 -30.11 -14.91
CA GLN K 295 32.23 -29.35 -14.23
C GLN K 295 32.86 -28.47 -13.21
N ALA K 296 33.55 -29.06 -12.22
CA ALA K 296 34.26 -28.37 -11.16
C ALA K 296 35.12 -27.31 -11.76
N PHE K 297 35.67 -27.50 -13.02
CA PHE K 297 36.48 -26.57 -13.79
C PHE K 297 35.72 -25.37 -14.26
N ARG K 298 34.52 -25.58 -14.85
CA ARG K 298 33.56 -24.51 -15.27
C ARG K 298 33.24 -23.67 -14.09
N GLU K 299 32.97 -24.41 -12.97
CA GLU K 299 32.62 -23.79 -11.71
C GLU K 299 33.69 -22.86 -11.16
N VAL K 300 34.97 -23.01 -11.58
CA VAL K 300 36.05 -22.16 -11.13
C VAL K 300 36.54 -21.25 -12.10
N ALA K 301 36.41 -21.57 -13.42
CA ALA K 301 36.77 -20.59 -14.40
C ALA K 301 35.59 -19.59 -14.61
N ARG K 302 34.59 -19.63 -13.67
CA ARG K 302 33.57 -18.66 -13.39
C ARG K 302 34.24 -17.47 -12.74
N LEU K 303 35.15 -17.70 -11.77
CA LEU K 303 35.83 -16.76 -11.00
C LEU K 303 36.83 -15.81 -11.70
N ALA K 304 37.02 -14.62 -11.10
CA ALA K 304 37.85 -13.49 -11.40
C ALA K 304 37.53 -12.67 -12.59
N GLU K 305 37.35 -11.33 -12.34
CA GLU K 305 37.58 -10.23 -13.31
C GLU K 305 39.10 -9.98 -13.68
N PRO K 306 40.13 -10.01 -12.81
CA PRO K 306 41.48 -9.88 -13.17
C PRO K 306 42.11 -10.27 -14.47
N ALA K 307 42.51 -9.21 -15.15
CA ALA K 307 42.90 -9.19 -16.44
C ALA K 307 43.72 -7.89 -16.38
N GLY K 308 44.53 -7.55 -17.37
CA GLY K 308 44.67 -8.38 -18.56
C GLY K 308 46.04 -8.09 -19.12
N PRO K 309 46.48 -8.67 -20.18
CA PRO K 309 47.83 -8.61 -20.78
C PRO K 309 48.72 -7.44 -20.44
N TRP K 310 48.29 -6.32 -21.14
CA TRP K 310 48.59 -4.87 -20.89
C TRP K 310 48.98 -4.48 -19.49
N ALA K 311 48.43 -5.13 -18.45
CA ALA K 311 48.66 -4.69 -17.04
C ALA K 311 50.08 -4.94 -16.64
N ASP K 312 50.84 -5.79 -17.35
CA ASP K 312 52.16 -6.10 -16.92
C ASP K 312 53.28 -5.44 -17.71
N ILE K 313 52.86 -4.64 -18.71
CA ILE K 313 53.65 -3.85 -19.53
C ILE K 313 54.07 -2.48 -18.94
N MET K 314 55.38 -2.14 -18.91
CA MET K 314 55.95 -0.85 -18.66
C MET K 314 57.23 -0.70 -19.42
N GLN K 315 57.53 0.45 -20.09
CA GLN K 315 58.72 0.78 -20.92
C GLN K 315 60.05 0.85 -20.13
N GLY K 316 61.02 0.01 -20.47
CA GLY K 316 62.34 0.09 -19.89
C GLY K 316 63.30 1.12 -20.47
N PRO K 317 64.34 1.44 -19.84
CA PRO K 317 65.27 2.42 -20.17
C PRO K 317 66.09 1.82 -21.26
N SER K 318 66.29 0.49 -21.30
CA SER K 318 67.04 -0.19 -22.31
C SER K 318 66.05 -0.73 -23.33
N GLU K 319 64.79 -0.21 -23.35
CA GLU K 319 63.65 -0.70 -24.21
C GLU K 319 63.19 0.59 -24.87
N SER K 320 63.01 0.68 -26.16
CA SER K 320 62.66 1.96 -26.81
C SER K 320 61.18 2.09 -26.67
N PHE K 321 60.59 3.33 -26.99
CA PHE K 321 59.12 3.59 -27.00
C PHE K 321 58.43 2.69 -28.01
N VAL K 322 59.00 2.57 -29.22
CA VAL K 322 58.45 1.67 -30.24
C VAL K 322 58.47 0.21 -29.81
N ASP K 323 59.53 -0.28 -29.16
CA ASP K 323 59.57 -1.70 -28.70
C ASP K 323 58.54 -1.93 -27.62
N PHE K 324 58.43 -0.99 -26.73
CA PHE K 324 57.31 -0.98 -25.87
C PHE K 324 55.88 -0.91 -26.48
N ALA K 325 55.69 0.01 -27.43
CA ALA K 325 54.46 0.28 -28.09
C ALA K 325 54.02 -0.94 -28.84
N ASN K 326 54.91 -1.58 -29.52
CA ASN K 326 54.65 -2.83 -30.19
C ASN K 326 54.31 -3.89 -29.20
N ARG K 327 55.03 -4.04 -28.07
CA ARG K 327 54.71 -4.98 -26.96
C ARG K 327 53.35 -4.81 -26.33
N LEU K 328 52.95 -3.54 -26.18
CA LEU K 328 51.63 -3.05 -25.76
C LEU K 328 50.67 -3.24 -26.82
N ILE K 329 50.91 -2.94 -28.11
CA ILE K 329 49.95 -3.09 -29.22
C ILE K 329 49.58 -4.53 -29.31
N LYS K 330 50.60 -5.39 -29.10
CA LYS K 330 50.42 -6.82 -29.04
C LYS K 330 49.48 -7.12 -27.90
N ALA K 331 49.70 -6.56 -26.67
CA ALA K 331 48.82 -6.84 -25.55
C ALA K 331 47.39 -6.36 -25.80
N VAL K 332 47.25 -5.25 -26.54
CA VAL K 332 45.98 -4.68 -26.95
C VAL K 332 45.33 -5.59 -27.89
N GLU K 333 46.00 -6.15 -28.86
CA GLU K 333 45.45 -7.17 -29.68
C GLU K 333 44.93 -8.34 -28.87
N GLY K 334 45.69 -8.64 -27.77
CA GLY K 334 45.31 -9.72 -26.82
C GLY K 334 44.35 -9.29 -25.71
N SER K 335 43.89 -8.03 -25.73
CA SER K 335 43.01 -7.49 -24.70
C SER K 335 41.69 -7.81 -25.20
N ASP K 336 40.97 -8.64 -24.45
CA ASP K 336 39.62 -9.02 -24.84
C ASP K 336 38.57 -7.93 -24.60
N LEU K 337 38.56 -6.82 -25.43
CA LEU K 337 37.70 -5.67 -25.25
C LEU K 337 36.86 -5.55 -26.53
N PRO K 338 35.86 -4.64 -26.48
CA PRO K 338 35.31 -3.99 -27.60
C PRO K 338 36.39 -3.11 -28.16
N PRO K 339 36.66 -3.03 -29.45
CA PRO K 339 37.60 -2.11 -30.04
C PRO K 339 37.34 -0.73 -29.64
N SER K 340 36.14 -0.35 -29.48
CA SER K 340 35.78 1.03 -29.11
C SER K 340 36.27 1.45 -27.75
N ALA K 341 36.75 0.53 -26.88
CA ALA K 341 37.22 0.95 -25.59
C ALA K 341 38.72 0.94 -25.58
N ARG K 342 39.35 0.39 -26.64
CA ARG K 342 40.75 0.04 -26.66
C ARG K 342 41.61 1.27 -26.71
N ALA K 343 41.31 2.12 -27.63
CA ALA K 343 42.13 3.37 -27.68
C ALA K 343 41.97 4.15 -26.40
N PRO K 344 40.91 4.49 -25.68
CA PRO K 344 40.96 5.26 -24.40
C PRO K 344 41.82 4.58 -23.36
N VAL K 345 41.71 3.30 -23.24
CA VAL K 345 42.53 2.56 -22.39
C VAL K 345 43.94 2.58 -22.88
N ILE K 346 44.22 2.40 -24.17
CA ILE K 346 45.53 2.30 -24.72
C ILE K 346 46.35 3.56 -24.39
N ILE K 347 45.71 4.67 -24.72
CA ILE K 347 46.28 6.00 -24.61
C ILE K 347 46.61 6.34 -23.12
N ASP K 348 45.69 6.08 -22.21
CA ASP K 348 45.97 6.07 -20.81
C ASP K 348 47.09 5.17 -20.39
N CYS K 349 47.14 3.92 -20.90
CA CYS K 349 48.28 3.11 -20.49
C CYS K 349 49.56 3.73 -20.94
N PHE K 350 49.56 4.30 -22.17
CA PHE K 350 50.65 4.97 -22.81
C PHE K 350 51.15 6.07 -21.92
N ARG K 351 50.27 6.89 -21.38
CA ARG K 351 50.55 7.89 -20.51
C ARG K 351 51.20 7.45 -19.19
N GLN K 352 50.91 6.20 -18.85
CA GLN K 352 50.97 5.60 -17.55
C GLN K 352 52.03 4.55 -17.40
N LYS K 353 52.52 3.88 -18.45
CA LYS K 353 53.45 2.80 -18.53
C LYS K 353 54.63 3.05 -19.39
N SER K 354 54.80 4.28 -19.94
CA SER K 354 56.04 4.63 -20.57
C SER K 354 57.19 4.85 -19.69
N GLN K 355 58.44 5.16 -20.18
CA GLN K 355 59.58 5.56 -19.41
C GLN K 355 59.21 6.80 -18.65
N PRO K 356 59.50 7.03 -17.39
CA PRO K 356 58.99 8.13 -16.56
C PRO K 356 59.13 9.50 -17.19
N ASP K 357 60.30 9.74 -17.80
CA ASP K 357 60.63 11.01 -18.46
C ASP K 357 59.85 11.19 -19.76
N ILE K 358 59.55 10.00 -20.31
CA ILE K 358 58.67 9.90 -21.40
C ILE K 358 57.27 10.07 -20.97
N GLN K 359 56.86 9.63 -19.79
CA GLN K 359 55.59 9.88 -19.30
C GLN K 359 55.28 11.34 -19.12
N GLN K 360 56.34 12.10 -18.74
CA GLN K 360 56.28 13.57 -18.69
C GLN K 360 56.25 14.14 -20.07
N LEU K 361 57.01 13.50 -21.02
CA LEU K 361 56.97 13.90 -22.37
C LEU K 361 55.67 13.77 -23.01
N ILE K 362 54.95 12.66 -22.90
CA ILE K 362 53.57 12.54 -23.36
C ILE K 362 52.58 13.44 -22.62
N ARG K 363 52.84 13.67 -21.27
CA ARG K 363 52.09 14.72 -20.50
C ARG K 363 52.31 16.08 -21.16
N THR K 364 53.45 16.16 -21.78
CA THR K 364 53.79 17.34 -22.47
C THR K 364 53.24 17.32 -23.83
N ALA K 365 52.67 16.20 -24.27
CA ALA K 365 52.03 16.12 -25.60
C ALA K 365 50.69 16.81 -25.71
N PRO K 366 50.40 17.47 -26.81
CA PRO K 366 49.19 18.28 -26.96
C PRO K 366 47.99 17.34 -26.86
N SER K 367 46.90 17.96 -26.45
CA SER K 367 45.49 17.42 -26.42
C SER K 367 44.97 17.08 -27.77
N THR K 368 45.47 17.73 -28.86
CA THR K 368 45.23 17.59 -30.25
C THR K 368 45.53 16.14 -30.78
N LEU K 369 46.67 15.59 -30.36
CA LEU K 369 47.10 14.25 -30.76
C LEU K 369 46.33 13.20 -29.84
N THR K 370 45.48 12.36 -30.51
CA THR K 370 44.38 11.79 -29.72
C THR K 370 44.18 10.36 -30.09
N THR K 371 45.08 9.77 -30.92
CA THR K 371 45.06 8.39 -31.29
C THR K 371 46.45 7.85 -31.27
N PRO K 372 46.60 6.50 -31.36
CA PRO K 372 47.97 5.90 -31.53
C PRO K 372 48.76 6.53 -32.74
N GLY K 373 48.07 6.79 -33.85
CA GLY K 373 48.76 7.40 -35.01
C GLY K 373 49.38 8.77 -34.79
N GLU K 374 48.61 9.50 -34.07
CA GLU K 374 48.94 10.76 -33.42
C GLU K 374 50.03 10.62 -32.38
N ILE K 375 50.08 9.51 -31.58
CA ILE K 375 51.16 9.23 -30.63
C ILE K 375 52.44 8.89 -31.42
N ILE K 376 52.31 8.11 -32.46
CA ILE K 376 53.48 7.80 -33.29
C ILE K 376 54.01 9.13 -33.85
N LYS K 377 53.10 9.99 -34.33
CA LYS K 377 53.35 11.29 -34.78
C LYS K 377 54.13 12.06 -33.72
N TYR K 378 53.70 12.00 -32.46
CA TYR K 378 54.36 12.54 -31.31
C TYR K 378 55.82 12.03 -31.13
N VAL K 379 56.09 10.74 -31.26
CA VAL K 379 57.44 10.19 -31.16
C VAL K 379 58.26 10.88 -32.29
N LEU K 380 57.69 10.93 -33.53
CA LEU K 380 58.22 11.47 -34.72
C LEU K 380 58.58 12.93 -34.49
N ASP K 381 57.77 13.66 -33.68
CA ASP K 381 57.85 15.02 -33.27
C ASP K 381 59.12 15.17 -32.37
N ARG K 382 59.60 14.14 -31.73
CA ARG K 382 60.60 14.24 -30.69
C ARG K 382 61.86 13.60 -31.14
N GLN K 383 61.84 12.78 -32.18
CA GLN K 383 63.00 12.04 -32.58
C GLN K 383 63.76 12.84 -33.74
N ALA L 129 -25.50 -31.58 -74.14
CA ALA L 129 -26.68 -31.65 -73.23
C ALA L 129 -27.17 -30.18 -73.02
N GLY L 130 -28.10 -30.02 -72.04
CA GLY L 130 -28.54 -28.72 -71.65
C GLY L 130 -29.52 -28.04 -72.50
N GLN L 131 -29.76 -26.72 -72.37
CA GLN L 131 -29.18 -25.82 -71.35
C GLN L 131 -30.15 -24.67 -71.04
N ALA L 132 -29.90 -23.99 -69.89
CA ALA L 132 -30.70 -22.93 -69.29
C ALA L 132 -29.71 -22.12 -68.39
N PRO L 133 -29.97 -20.92 -67.79
CA PRO L 133 -29.12 -20.02 -67.01
C PRO L 133 -28.04 -20.62 -66.14
N GLY L 134 -26.79 -20.19 -66.12
CA GLY L 134 -26.17 -19.09 -66.93
C GLY L 134 -25.83 -19.42 -68.37
N PRO L 135 -24.66 -19.19 -68.94
CA PRO L 135 -23.51 -18.49 -68.36
C PRO L 135 -23.60 -17.23 -67.49
N ALA L 136 -22.79 -17.00 -66.42
CA ALA L 136 -21.79 -17.84 -65.79
C ALA L 136 -21.20 -17.14 -64.54
N LEU L 137 -20.22 -16.23 -64.78
CA LEU L 137 -19.46 -15.45 -63.82
C LEU L 137 -19.30 -14.23 -64.60
N THR L 138 -19.60 -13.04 -63.98
CA THR L 138 -20.17 -11.97 -64.83
C THR L 138 -19.28 -10.76 -64.91
N ASP L 139 -18.09 -10.86 -65.62
CA ASP L 139 -16.97 -11.83 -65.33
C ASP L 139 -16.02 -11.25 -64.28
N TRP L 140 -16.46 -11.15 -63.02
CA TRP L 140 -15.76 -10.88 -61.82
C TRP L 140 -14.34 -11.16 -61.66
N ALA L 141 -13.76 -12.30 -62.02
CA ALA L 141 -12.30 -12.53 -62.15
C ALA L 141 -11.62 -11.46 -63.01
N ARG L 142 -11.96 -11.47 -64.25
CA ARG L 142 -11.45 -10.53 -65.16
C ARG L 142 -11.79 -9.09 -64.81
N VAL L 143 -13.07 -8.78 -64.44
CA VAL L 143 -13.50 -7.48 -64.05
C VAL L 143 -12.63 -6.94 -62.99
N ARG L 144 -12.39 -7.80 -61.87
CA ARG L 144 -11.57 -7.53 -60.73
C ARG L 144 -10.22 -7.02 -61.17
N GLU L 145 -9.43 -7.90 -61.84
CA GLU L 145 -8.13 -7.77 -62.54
C GLU L 145 -7.96 -6.53 -63.39
N GLU L 146 -8.98 -6.27 -64.27
CA GLU L 146 -9.24 -5.13 -65.10
C GLU L 146 -9.31 -3.84 -64.34
N LEU L 147 -10.44 -3.62 -63.64
CA LEU L 147 -10.65 -2.49 -62.71
C LEU L 147 -9.56 -2.00 -61.84
N ALA L 148 -8.79 -2.94 -61.25
CA ALA L 148 -7.61 -2.79 -60.45
C ALA L 148 -6.46 -2.13 -61.21
N SER L 149 -6.08 -2.83 -62.30
CA SER L 149 -5.22 -2.26 -63.36
C SER L 149 -5.79 -1.15 -64.19
N THR L 150 -6.78 -0.41 -63.68
CA THR L 150 -7.40 0.72 -64.35
C THR L 150 -7.63 1.71 -63.31
N GLY L 151 -6.56 2.49 -62.90
CA GLY L 151 -6.66 3.48 -61.81
C GLY L 151 -6.63 2.81 -60.47
N PRO L 152 -5.50 2.58 -59.81
CA PRO L 152 -5.43 1.98 -58.43
C PRO L 152 -6.24 2.69 -57.34
N PRO L 153 -6.49 4.00 -57.20
CA PRO L 153 -7.33 4.47 -56.10
C PRO L 153 -8.85 4.25 -56.37
N VAL L 154 -9.28 4.17 -57.61
CA VAL L 154 -10.68 4.04 -57.80
C VAL L 154 -11.03 2.56 -57.87
N VAL L 155 -10.87 1.96 -56.69
CA VAL L 155 -10.92 0.65 -56.31
C VAL L 155 -11.81 -0.44 -56.93
N ALA L 156 -11.38 -1.73 -56.82
CA ALA L 156 -12.07 -2.88 -57.33
C ALA L 156 -12.49 -3.80 -56.23
N MET L 157 -13.67 -4.44 -56.27
CA MET L 157 -14.11 -5.37 -55.31
C MET L 157 -15.21 -6.44 -55.70
N PRO L 158 -15.42 -7.17 -56.83
CA PRO L 158 -16.54 -8.14 -57.02
C PRO L 158 -16.05 -9.50 -56.63
N VAL L 159 -16.90 -10.33 -56.05
CA VAL L 159 -16.59 -11.69 -55.65
C VAL L 159 -16.26 -12.56 -56.86
N VAL L 160 -15.20 -13.41 -56.74
CA VAL L 160 -14.69 -14.27 -57.78
C VAL L 160 -14.59 -15.62 -57.05
N ILE L 161 -15.33 -16.65 -57.42
CA ILE L 161 -15.71 -17.74 -56.51
C ILE L 161 -14.63 -18.80 -56.67
N LYS L 162 -14.36 -19.22 -57.95
CA LYS L 162 -13.25 -20.03 -58.38
C LYS L 162 -12.82 -21.20 -57.53
N THR L 163 -13.76 -22.21 -57.28
CA THR L 163 -13.41 -23.65 -57.27
C THR L 163 -14.33 -24.43 -58.22
N GLU L 164 -13.80 -25.34 -59.06
CA GLU L 164 -13.68 -26.71 -58.55
C GLU L 164 -12.27 -27.34 -58.72
N GLY L 165 -11.46 -26.97 -59.76
CA GLY L 165 -11.61 -27.54 -61.11
C GLY L 165 -10.49 -28.44 -61.30
N PRO L 166 -9.33 -27.95 -61.62
CA PRO L 166 -8.12 -28.54 -61.07
C PRO L 166 -7.99 -28.39 -59.63
N ALA L 167 -7.48 -29.36 -58.93
CA ALA L 167 -7.36 -29.42 -57.47
C ALA L 167 -6.10 -28.72 -56.93
N TRP L 168 -5.68 -27.65 -57.59
CA TRP L 168 -4.39 -27.03 -57.66
C TRP L 168 -4.51 -25.99 -58.75
N THR L 169 -3.50 -25.08 -58.82
CA THR L 169 -3.79 -23.83 -59.60
C THR L 169 -2.66 -23.73 -60.66
N PRO L 170 -2.81 -23.25 -61.85
CA PRO L 170 -1.66 -23.29 -62.80
C PRO L 170 -0.86 -22.01 -62.92
N LEU L 171 -0.69 -21.18 -61.82
CA LEU L 171 0.05 -19.97 -61.68
C LEU L 171 -0.23 -18.90 -62.68
N GLU L 172 0.47 -17.76 -62.60
CA GLU L 172 0.12 -16.68 -63.53
C GLU L 172 1.24 -15.59 -63.48
N PRO L 173 2.25 -15.56 -64.24
CA PRO L 173 3.37 -14.62 -64.15
C PRO L 173 3.11 -13.18 -63.95
N LYS L 174 2.18 -12.61 -64.74
CA LYS L 174 1.79 -11.21 -64.67
C LYS L 174 1.31 -10.88 -63.30
N LEU L 175 0.47 -11.73 -62.74
CA LEU L 175 -0.01 -11.56 -61.43
C LEU L 175 1.09 -11.73 -60.34
N ILE L 176 2.05 -12.58 -60.61
CA ILE L 176 3.20 -12.78 -59.72
C ILE L 176 4.12 -11.62 -59.77
N THR L 177 4.41 -11.11 -61.02
CA THR L 177 5.34 -10.02 -61.28
C THR L 177 4.91 -8.78 -60.69
N ARG L 178 3.61 -8.35 -60.92
CA ARG L 178 3.12 -7.13 -60.30
C ARG L 178 3.19 -7.24 -58.75
N LEU L 179 3.04 -8.44 -58.20
CA LEU L 179 3.23 -8.67 -56.78
C LEU L 179 4.76 -8.54 -56.38
N ALA L 180 5.62 -9.07 -57.24
CA ALA L 180 7.10 -8.94 -57.17
C ALA L 180 7.42 -7.41 -57.20
N ASP L 181 6.86 -6.63 -58.16
CA ASP L 181 6.92 -5.20 -58.27
C ASP L 181 6.48 -4.59 -57.01
N THR L 182 5.36 -5.03 -56.39
CA THR L 182 4.92 -4.49 -55.11
C THR L 182 5.93 -4.71 -54.01
N VAL L 183 6.52 -5.96 -54.01
CA VAL L 183 7.55 -6.50 -53.10
C VAL L 183 8.88 -5.73 -53.25
N ARG L 184 9.16 -5.32 -54.51
CA ARG L 184 10.24 -4.42 -54.87
C ARG L 184 10.05 -3.12 -54.28
N THR L 185 9.12 -2.43 -54.90
CA THR L 185 8.67 -1.03 -54.57
C THR L 185 8.30 -0.85 -53.14
N LYS L 186 7.08 -1.14 -52.71
CA LYS L 186 6.68 -1.12 -51.35
C LYS L 186 7.39 -2.15 -50.43
N GLY L 187 7.71 -3.31 -50.98
CA GLY L 187 7.64 -4.47 -50.03
C GLY L 187 6.33 -4.74 -49.33
N LEU L 188 6.40 -5.41 -48.15
CA LEU L 188 5.41 -6.38 -47.70
C LEU L 188 4.39 -5.56 -47.01
N ARG L 189 4.79 -4.46 -46.43
CA ARG L 189 4.26 -3.17 -46.37
C ARG L 189 2.95 -2.98 -47.06
N SER L 190 1.85 -3.07 -46.20
CA SER L 190 0.56 -2.56 -46.48
C SER L 190 -0.27 -3.82 -46.89
N PRO L 191 -1.35 -4.08 -46.31
CA PRO L 191 -2.62 -4.32 -47.03
C PRO L 191 -2.75 -3.75 -48.45
N ILE L 192 -1.81 -3.73 -49.35
CA ILE L 192 -1.99 -3.99 -50.71
C ILE L 192 -1.22 -5.20 -51.10
N THR L 193 0.02 -5.32 -50.64
CA THR L 193 0.94 -6.48 -50.78
C THR L 193 0.34 -7.64 -50.06
N MET L 194 0.00 -7.41 -48.86
CA MET L 194 -0.72 -8.35 -48.05
C MET L 194 -2.02 -8.74 -48.72
N ALA L 195 -2.72 -7.76 -49.21
CA ALA L 195 -4.02 -7.90 -49.75
C ALA L 195 -4.07 -8.75 -50.95
N GLU L 196 -3.18 -8.48 -51.89
CA GLU L 196 -3.09 -9.23 -53.09
C GLU L 196 -2.60 -10.63 -52.88
N VAL L 197 -1.77 -10.85 -51.79
CA VAL L 197 -1.33 -12.17 -51.46
C VAL L 197 -2.41 -12.97 -50.86
N GLU L 198 -3.21 -12.38 -49.90
CA GLU L 198 -4.42 -12.94 -49.39
C GLU L 198 -5.25 -13.50 -50.52
N ALA L 199 -5.60 -12.69 -51.58
CA ALA L 199 -6.33 -12.95 -52.79
C ALA L 199 -5.68 -14.15 -53.48
N LEU L 200 -4.38 -14.21 -53.64
CA LEU L 200 -3.61 -15.24 -54.25
C LEU L 200 -3.69 -16.64 -53.47
N MET L 201 -4.13 -16.66 -52.19
CA MET L 201 -4.06 -17.88 -51.42
C MET L 201 -5.42 -18.28 -51.08
N SER L 202 -6.32 -18.16 -52.00
CA SER L 202 -7.67 -18.38 -51.89
C SER L 202 -8.12 -19.77 -52.38
N SER L 203 -7.21 -20.76 -52.56
CA SER L 203 -7.60 -22.04 -53.10
C SER L 203 -6.68 -23.13 -52.60
N PRO L 204 -7.00 -24.42 -52.81
CA PRO L 204 -6.11 -25.49 -52.48
C PRO L 204 -4.99 -25.38 -53.42
N LEU L 205 -3.74 -25.39 -52.78
CA LEU L 205 -2.59 -25.30 -53.68
C LEU L 205 -1.73 -26.55 -53.80
N LEU L 206 -0.89 -26.63 -54.81
CA LEU L 206 0.12 -27.61 -55.02
C LEU L 206 1.49 -27.09 -54.49
N PRO L 207 2.14 -27.79 -53.55
CA PRO L 207 3.40 -27.31 -52.92
C PRO L 207 4.63 -26.79 -53.62
N HIS L 208 5.06 -27.30 -54.76
CA HIS L 208 6.26 -26.80 -55.39
C HIS L 208 6.19 -25.39 -55.83
N ASP L 209 5.06 -25.00 -56.38
CA ASP L 209 4.89 -23.74 -56.96
C ASP L 209 4.98 -22.68 -55.82
N VAL L 210 4.34 -22.92 -54.74
CA VAL L 210 4.41 -22.14 -53.55
C VAL L 210 5.83 -22.10 -53.05
N THR L 211 6.42 -23.28 -52.85
CA THR L 211 7.86 -23.32 -52.44
C THR L 211 8.78 -22.41 -53.24
N ASN L 212 8.73 -22.61 -54.63
CA ASN L 212 9.50 -21.89 -55.61
C ASN L 212 9.16 -20.39 -55.63
N LEU L 213 7.84 -20.14 -55.57
CA LEU L 213 7.34 -18.85 -55.34
C LEU L 213 7.81 -18.19 -54.09
N MET L 214 7.75 -18.83 -52.94
CA MET L 214 8.17 -18.36 -51.69
C MET L 214 9.66 -18.14 -51.67
N ARG L 215 10.48 -19.11 -52.14
CA ARG L 215 11.92 -19.04 -52.30
C ARG L 215 12.33 -17.82 -53.20
N VAL L 216 11.50 -17.44 -54.18
CA VAL L 216 11.91 -16.35 -54.92
C VAL L 216 11.58 -15.01 -54.31
N ILE L 217 10.41 -14.81 -53.84
CA ILE L 217 9.95 -13.54 -53.36
C ILE L 217 10.48 -13.24 -51.95
N LEU L 218 10.54 -14.20 -50.97
CA LEU L 218 10.95 -13.93 -49.63
C LEU L 218 12.42 -13.64 -49.41
N GLY L 219 13.24 -14.36 -50.27
CA GLY L 219 14.69 -14.14 -50.28
C GLY L 219 15.38 -14.77 -49.09
N PRO L 220 16.72 -14.88 -49.16
CA PRO L 220 17.55 -15.71 -48.27
C PRO L 220 17.12 -15.56 -46.83
N ALA L 221 17.14 -14.37 -46.18
CA ALA L 221 16.79 -14.12 -44.83
C ALA L 221 15.39 -14.41 -44.51
N PRO L 222 14.39 -13.71 -45.04
CA PRO L 222 13.01 -14.03 -44.65
C PRO L 222 12.53 -15.35 -45.03
N TYR L 223 12.94 -15.87 -46.21
CA TYR L 223 12.56 -17.19 -46.66
C TYR L 223 12.81 -18.35 -45.65
N ALA L 224 13.98 -18.30 -45.04
CA ALA L 224 14.35 -19.25 -44.03
C ALA L 224 13.48 -19.27 -42.88
N LEU L 225 13.21 -18.06 -42.36
CA LEU L 225 12.24 -17.72 -41.32
C LEU L 225 10.89 -18.25 -41.70
N TRP L 226 10.44 -17.87 -42.90
CA TRP L 226 9.17 -18.26 -43.44
C TRP L 226 9.03 -19.70 -43.45
N MET L 227 9.96 -20.41 -44.01
CA MET L 227 10.01 -21.85 -44.05
C MET L 227 9.76 -22.44 -42.67
N ASP L 228 10.49 -21.92 -41.72
CA ASP L 228 10.49 -22.23 -40.37
C ASP L 228 9.04 -22.00 -39.78
N ALA L 229 8.59 -20.81 -39.98
CA ALA L 229 7.28 -20.40 -39.57
C ALA L 229 6.18 -21.26 -40.10
N TRP L 230 6.29 -21.54 -41.38
CA TRP L 230 5.36 -22.28 -42.17
C TRP L 230 5.20 -23.65 -41.61
N GLY L 231 6.35 -24.18 -41.12
CA GLY L 231 6.51 -25.42 -40.53
C GLY L 231 5.78 -25.47 -39.23
N VAL L 232 5.81 -24.38 -38.48
CA VAL L 232 5.09 -24.28 -37.20
C VAL L 232 3.65 -24.53 -37.42
N GLN L 233 3.13 -23.84 -38.38
CA GLN L 233 1.73 -24.03 -38.76
C GLN L 233 1.45 -25.43 -38.98
N LEU L 234 2.31 -26.14 -39.72
CA LEU L 234 2.17 -27.53 -39.99
C LEU L 234 2.29 -28.43 -38.77
N GLN L 235 3.18 -28.11 -37.81
CA GLN L 235 3.32 -28.65 -36.47
C GLN L 235 2.07 -28.50 -35.71
N THR L 236 1.30 -27.45 -35.76
CA THR L 236 -0.03 -27.28 -35.21
C THR L 236 -1.02 -28.14 -35.93
N VAL L 237 -0.78 -28.62 -37.13
CA VAL L 237 -1.77 -29.53 -37.70
C VAL L 237 -1.64 -30.89 -37.12
N ILE L 238 -0.38 -31.30 -36.75
CA ILE L 238 -0.24 -32.64 -36.24
C ILE L 238 -0.98 -32.89 -34.92
N ALA L 239 -1.35 -31.78 -34.28
CA ALA L 239 -2.21 -31.88 -33.19
C ALA L 239 -3.65 -32.08 -33.69
N ALA L 240 -4.25 -31.16 -34.42
CA ALA L 240 -5.65 -31.29 -34.84
C ALA L 240 -6.03 -32.51 -35.68
N ALA L 241 -5.06 -33.16 -36.33
CA ALA L 241 -5.17 -34.32 -37.07
C ALA L 241 -5.29 -35.40 -36.13
N THR L 242 -4.55 -35.41 -35.02
CA THR L 242 -4.50 -36.43 -34.02
C THR L 242 -5.71 -36.28 -33.09
N ARG L 243 -6.04 -35.08 -32.65
CA ARG L 243 -7.19 -34.74 -31.94
C ARG L 243 -8.42 -35.33 -32.61
N ASP L 244 -8.51 -35.32 -33.95
CA ASP L 244 -9.60 -36.03 -34.55
C ASP L 244 -8.96 -36.73 -35.70
N PRO L 245 -8.50 -37.94 -35.45
CA PRO L 245 -7.94 -38.82 -36.48
C PRO L 245 -8.70 -38.97 -37.78
N ARG L 246 -9.99 -38.96 -37.78
CA ARG L 246 -10.78 -39.23 -38.99
C ARG L 246 -11.23 -37.91 -39.62
N HIS L 247 -11.07 -36.72 -39.02
CA HIS L 247 -11.51 -35.44 -39.59
C HIS L 247 -10.99 -35.24 -41.09
N PRO L 248 -11.66 -34.52 -42.03
CA PRO L 248 -11.41 -34.35 -43.50
C PRO L 248 -9.98 -34.34 -43.99
N ALA L 249 -8.95 -33.88 -43.25
CA ALA L 249 -7.57 -33.85 -43.72
C ALA L 249 -7.16 -35.32 -43.83
N ASN L 250 -7.59 -36.12 -42.91
CA ASN L 250 -7.46 -37.55 -42.79
C ASN L 250 -8.67 -38.17 -43.50
N GLY L 251 -8.52 -39.48 -43.82
CA GLY L 251 -9.57 -40.17 -44.57
C GLY L 251 -10.35 -41.06 -43.66
N GLN L 252 -11.16 -41.89 -44.26
CA GLN L 252 -11.97 -42.71 -43.46
C GLN L 252 -11.21 -43.79 -42.69
N GLY L 253 -10.31 -44.57 -43.37
CA GLY L 253 -9.53 -45.67 -42.77
C GLY L 253 -8.55 -45.27 -41.78
N ARG L 254 -8.08 -46.32 -41.03
CA ARG L 254 -7.07 -46.07 -39.98
C ARG L 254 -5.69 -45.85 -40.41
N GLY L 255 -5.34 -46.10 -41.69
CA GLY L 255 -4.10 -45.73 -42.37
C GLY L 255 -4.33 -44.54 -43.15
N GLU L 256 -5.56 -43.96 -43.15
CA GLU L 256 -5.79 -42.72 -43.90
C GLU L 256 -5.64 -41.55 -42.92
N ARG L 257 -4.45 -41.41 -42.43
CA ARG L 257 -4.13 -40.38 -41.49
C ARG L 257 -3.09 -39.42 -42.06
N THR L 258 -3.20 -38.11 -41.73
CA THR L 258 -2.30 -37.05 -42.12
C THR L 258 -0.97 -37.12 -41.35
N ASN L 259 0.17 -36.74 -41.93
CA ASN L 259 1.31 -36.88 -41.09
C ASN L 259 2.42 -35.96 -41.52
N LEU L 260 3.47 -35.69 -40.72
CA LEU L 260 4.63 -34.93 -41.17
C LEU L 260 5.28 -35.32 -42.45
N ASN L 261 5.58 -36.59 -42.81
CA ASN L 261 6.16 -36.84 -44.09
C ASN L 261 5.25 -36.46 -45.28
N ARG L 262 3.93 -36.73 -45.10
CA ARG L 262 2.87 -36.31 -46.04
C ARG L 262 2.84 -34.79 -46.19
N LEU L 263 2.73 -34.03 -45.04
CA LEU L 263 2.89 -32.60 -45.01
C LEU L 263 4.19 -32.10 -45.62
N LYS L 264 5.26 -32.91 -45.59
CA LYS L 264 6.52 -32.41 -46.12
C LYS L 264 6.61 -32.80 -47.59
N GLY L 265 5.71 -33.62 -48.19
CA GLY L 265 5.59 -33.97 -49.57
C GLY L 265 6.67 -34.86 -49.89
N LEU L 266 7.00 -35.65 -48.89
CA LEU L 266 8.02 -36.64 -48.93
C LEU L 266 7.60 -37.99 -48.50
N ALA L 267 6.26 -38.26 -48.34
CA ALA L 267 5.77 -39.58 -48.19
C ALA L 267 5.82 -40.35 -49.49
N ASP L 268 5.61 -41.68 -49.42
CA ASP L 268 5.78 -42.54 -50.58
C ASP L 268 4.84 -42.19 -51.79
N GLY L 269 5.65 -41.74 -52.77
CA GLY L 269 5.13 -41.18 -53.97
C GLY L 269 4.92 -39.71 -54.01
N MET L 270 5.19 -38.93 -52.93
CA MET L 270 5.16 -37.55 -52.98
C MET L 270 6.54 -37.00 -53.25
N VAL L 271 7.58 -37.81 -52.98
CA VAL L 271 9.01 -37.64 -53.27
C VAL L 271 9.23 -37.25 -54.66
N GLY L 272 9.54 -35.93 -54.90
CA GLY L 272 9.86 -35.40 -56.21
C GLY L 272 8.69 -35.35 -57.10
N ASN L 273 7.52 -35.40 -56.52
CA ASN L 273 6.33 -35.75 -57.23
C ASN L 273 5.08 -34.98 -56.77
N PRO L 274 4.79 -33.83 -57.32
CA PRO L 274 3.57 -33.11 -57.14
C PRO L 274 2.38 -33.91 -57.62
N GLN L 275 2.50 -34.81 -58.70
CA GLN L 275 1.35 -35.59 -59.17
C GLN L 275 0.91 -36.55 -58.19
N GLY L 276 1.97 -37.22 -57.68
CA GLY L 276 1.76 -38.16 -56.63
C GLY L 276 1.18 -37.58 -55.36
N GLN L 277 1.73 -36.39 -54.96
CA GLN L 277 1.25 -35.58 -53.83
C GLN L 277 -0.23 -35.26 -54.04
N ALA L 278 -0.67 -34.83 -55.26
CA ALA L 278 -2.02 -34.57 -55.63
C ALA L 278 -2.90 -35.80 -55.54
N ALA L 279 -2.27 -37.00 -55.76
CA ALA L 279 -2.97 -38.27 -55.78
C ALA L 279 -3.07 -38.86 -54.40
N LEU L 280 -2.13 -38.51 -53.57
CA LEU L 280 -2.07 -39.09 -52.21
C LEU L 280 -2.76 -38.22 -51.23
N LEU L 281 -2.62 -36.86 -51.33
CA LEU L 281 -3.27 -36.03 -50.45
C LEU L 281 -4.75 -35.86 -50.60
N ARG L 282 -5.37 -35.51 -49.48
CA ARG L 282 -6.78 -35.20 -49.44
C ARG L 282 -6.96 -33.60 -49.29
N PRO L 283 -8.07 -33.03 -49.72
CA PRO L 283 -8.38 -31.61 -49.69
C PRO L 283 -8.17 -30.85 -48.51
N GLY L 284 -8.64 -31.34 -47.33
CA GLY L 284 -8.47 -30.64 -46.03
C GLY L 284 -6.96 -30.32 -45.77
N GLU L 285 -6.03 -31.15 -46.23
CA GLU L 285 -4.62 -30.93 -46.15
C GLU L 285 -4.09 -29.81 -47.13
N LEU L 286 -4.54 -29.70 -48.36
CA LEU L 286 -4.25 -28.71 -49.34
C LEU L 286 -4.61 -27.32 -48.79
N VAL L 287 -5.80 -27.27 -48.07
CA VAL L 287 -6.31 -26.10 -47.44
C VAL L 287 -5.42 -25.70 -46.29
N ALA L 288 -4.99 -26.66 -45.47
CA ALA L 288 -3.99 -26.54 -44.41
C ALA L 288 -2.75 -25.99 -44.99
N ILE L 289 -2.21 -26.62 -46.02
CA ILE L 289 -1.03 -26.13 -46.73
C ILE L 289 -1.07 -24.67 -47.11
N THR L 290 -2.12 -24.24 -47.86
CA THR L 290 -2.30 -22.81 -48.17
C THR L 290 -2.51 -21.96 -46.97
N ALA L 291 -3.30 -22.38 -45.93
CA ALA L 291 -3.58 -21.59 -44.77
C ALA L 291 -2.30 -21.33 -44.03
N SER L 292 -1.61 -22.37 -43.81
CA SER L 292 -0.30 -22.44 -43.10
C SER L 292 0.65 -21.51 -43.76
N ALA L 293 0.81 -21.50 -45.10
CA ALA L 293 1.55 -20.52 -45.87
C ALA L 293 1.10 -19.15 -45.66
N LEU L 294 -0.21 -18.85 -45.78
CA LEU L 294 -0.71 -17.48 -45.66
C LEU L 294 -0.47 -16.84 -44.26
N GLN L 295 -0.68 -17.75 -43.35
CA GLN L 295 -0.44 -17.50 -41.96
C GLN L 295 1.02 -17.08 -41.77
N ALA L 296 1.90 -18.01 -42.11
CA ALA L 296 3.32 -17.81 -42.14
C ALA L 296 3.74 -16.61 -42.85
N PHE L 297 3.02 -16.11 -43.87
CA PHE L 297 3.20 -14.89 -44.61
C PHE L 297 2.94 -13.71 -43.63
N ARG L 298 1.82 -13.73 -42.85
CA ARG L 298 1.52 -12.66 -41.90
C ARG L 298 2.65 -12.53 -40.94
N GLU L 299 3.20 -13.66 -40.50
CA GLU L 299 4.33 -13.80 -39.64
C GLU L 299 5.55 -13.08 -40.11
N VAL L 300 5.67 -12.77 -41.39
CA VAL L 300 6.75 -11.94 -41.93
C VAL L 300 6.33 -10.59 -42.37
N ALA L 301 5.13 -10.43 -42.85
CA ALA L 301 4.66 -9.10 -43.26
C ALA L 301 4.10 -8.22 -42.14
N ARG L 302 4.26 -8.49 -40.87
CA ARG L 302 3.93 -7.54 -39.84
C ARG L 302 5.26 -6.85 -39.56
N LEU L 303 6.43 -7.51 -39.74
CA LEU L 303 7.68 -6.98 -39.44
C LEU L 303 8.34 -5.98 -40.38
N ALA L 304 8.71 -4.85 -39.76
CA ALA L 304 9.61 -3.73 -40.31
C ALA L 304 8.83 -2.40 -40.68
N GLU L 305 8.95 -1.41 -39.72
CA GLU L 305 8.88 0.02 -39.94
C GLU L 305 9.81 0.44 -41.04
N PRO L 306 11.08 0.03 -41.16
CA PRO L 306 11.86 0.51 -42.28
C PRO L 306 11.35 0.40 -43.69
N ALA L 307 11.21 1.51 -44.27
CA ALA L 307 10.67 1.85 -45.54
C ALA L 307 11.40 3.14 -45.77
N GLY L 308 11.61 3.60 -47.04
CA GLY L 308 11.11 3.01 -48.22
C GLY L 308 11.52 4.01 -49.28
N PRO L 309 11.02 3.93 -50.56
CA PRO L 309 11.37 4.67 -51.70
C PRO L 309 12.19 5.93 -51.50
N TRP L 310 11.60 6.86 -50.70
CA TRP L 310 12.19 8.00 -50.13
C TRP L 310 13.64 8.10 -49.83
N ALA L 311 14.18 7.04 -49.27
CA ALA L 311 15.52 6.93 -48.76
C ALA L 311 16.61 6.85 -49.90
N ASP L 312 16.12 6.55 -51.12
CA ASP L 312 17.07 6.36 -52.26
C ASP L 312 17.09 7.49 -53.26
N ILE L 313 16.25 8.56 -53.06
CA ILE L 313 16.01 9.60 -54.05
C ILE L 313 17.04 10.67 -53.82
N MET L 314 18.13 10.67 -54.60
CA MET L 314 19.10 11.75 -54.66
C MET L 314 19.17 12.32 -55.99
N GLN L 315 19.29 13.62 -56.17
CA GLN L 315 19.57 14.22 -57.43
C GLN L 315 21.04 13.89 -57.83
N GLY L 316 21.20 13.44 -59.11
CA GLY L 316 22.53 13.34 -59.67
C GLY L 316 23.08 14.49 -60.49
N PRO L 317 24.42 14.39 -60.88
CA PRO L 317 25.11 15.40 -61.59
C PRO L 317 24.54 15.61 -63.04
N SER L 318 24.00 14.63 -63.75
CA SER L 318 23.34 14.89 -65.00
C SER L 318 21.89 14.96 -64.87
N GLU L 319 21.37 15.01 -63.62
CA GLU L 319 19.94 14.94 -63.42
C GLU L 319 19.37 16.26 -63.01
N SER L 320 18.28 16.87 -63.59
CA SER L 320 17.87 18.26 -63.24
C SER L 320 17.01 18.15 -61.95
N PHE L 321 16.81 19.27 -61.25
CA PHE L 321 16.05 19.33 -60.09
C PHE L 321 14.64 18.93 -60.41
N VAL L 322 14.12 19.47 -61.56
CA VAL L 322 12.72 19.09 -61.91
C VAL L 322 12.60 17.53 -62.07
N ASP L 323 13.57 16.83 -62.67
CA ASP L 323 13.46 15.40 -62.91
C ASP L 323 13.40 14.63 -61.71
N PHE L 324 14.36 15.04 -60.85
CA PHE L 324 14.43 14.57 -59.45
C PHE L 324 13.14 14.82 -58.69
N ALA L 325 12.66 16.04 -58.77
CA ALA L 325 11.55 16.56 -58.01
C ALA L 325 10.31 15.78 -58.37
N ASN L 326 10.11 15.63 -59.69
CA ASN L 326 9.07 14.81 -60.25
C ASN L 326 9.15 13.40 -59.83
N ARG L 327 10.35 12.78 -59.86
CA ARG L 327 10.57 11.44 -59.36
C ARG L 327 10.17 11.26 -57.88
N LEU L 328 10.49 12.31 -57.07
CA LEU L 328 10.21 12.49 -55.64
C LEU L 328 8.74 12.64 -55.41
N ILE L 329 8.09 13.50 -56.20
CA ILE L 329 6.68 13.75 -56.09
C ILE L 329 5.85 12.47 -56.29
N LYS L 330 6.30 11.71 -57.29
CA LYS L 330 5.80 10.40 -57.44
C LYS L 330 6.00 9.48 -56.27
N ALA L 331 7.24 9.43 -55.70
CA ALA L 331 7.55 8.59 -54.55
C ALA L 331 6.79 8.97 -53.28
N VAL L 332 6.62 10.25 -53.00
CA VAL L 332 5.92 10.75 -51.86
C VAL L 332 4.42 10.50 -51.98
N GLU L 333 3.83 10.69 -53.18
CA GLU L 333 2.44 10.29 -53.49
C GLU L 333 2.29 8.78 -53.20
N GLY L 334 3.35 8.04 -53.48
CA GLY L 334 3.31 6.61 -53.19
C GLY L 334 3.66 6.27 -51.76
N SER L 335 4.03 7.23 -50.87
CA SER L 335 4.24 6.95 -49.50
C SER L 335 2.83 6.83 -48.76
N ASP L 336 2.68 5.90 -47.70
CA ASP L 336 1.38 5.76 -47.04
C ASP L 336 1.62 6.45 -45.73
N LEU L 337 1.21 7.69 -45.73
CA LEU L 337 1.41 8.59 -44.60
C LEU L 337 0.18 9.46 -44.50
N PRO L 338 -0.09 10.07 -43.36
CA PRO L 338 -1.00 11.21 -43.42
C PRO L 338 -0.45 12.25 -44.42
N PRO L 339 -1.18 12.77 -45.42
CA PRO L 339 -0.71 13.76 -46.44
C PRO L 339 -0.05 14.94 -45.81
N SER L 340 -0.53 15.36 -44.65
CA SER L 340 -0.04 16.41 -43.82
C SER L 340 1.35 16.24 -43.31
N ALA L 341 2.04 15.12 -43.35
CA ALA L 341 3.42 15.02 -42.86
C ALA L 341 4.36 14.95 -44.02
N ARG L 342 3.74 14.85 -45.21
CA ARG L 342 4.51 14.66 -46.38
C ARG L 342 5.35 15.91 -46.78
N ALA L 343 4.76 17.11 -46.84
CA ALA L 343 5.46 18.32 -47.19
C ALA L 343 6.62 18.63 -46.31
N PRO L 344 6.58 18.66 -45.00
CA PRO L 344 7.76 18.81 -44.18
C PRO L 344 8.76 17.73 -44.46
N VAL L 345 8.43 16.45 -44.68
CA VAL L 345 9.38 15.47 -45.09
C VAL L 345 10.05 15.70 -46.50
N ILE L 346 9.27 16.15 -47.44
CA ILE L 346 9.66 16.49 -48.77
C ILE L 346 10.65 17.61 -48.77
N ILE L 347 10.29 18.67 -47.99
CA ILE L 347 11.06 19.82 -47.93
C ILE L 347 12.39 19.48 -47.31
N ASP L 348 12.41 18.66 -46.24
CA ASP L 348 13.65 18.23 -45.56
C ASP L 348 14.47 17.49 -46.53
N CYS L 349 13.89 16.56 -47.29
CA CYS L 349 14.56 15.83 -48.26
C CYS L 349 15.12 16.63 -49.46
N PHE L 350 14.35 17.62 -49.97
CA PHE L 350 14.83 18.58 -50.93
C PHE L 350 16.06 19.35 -50.38
N ARG L 351 15.99 19.86 -49.14
CA ARG L 351 17.03 20.75 -48.56
C ARG L 351 18.37 20.05 -48.43
N GLN L 352 18.26 18.73 -48.14
CA GLN L 352 19.37 18.01 -47.70
C GLN L 352 19.80 16.97 -48.80
N LYS L 353 18.88 16.61 -49.71
CA LYS L 353 19.06 15.43 -50.56
C LYS L 353 19.10 15.64 -52.02
N SER L 354 19.09 16.91 -52.52
CA SER L 354 19.23 17.29 -53.92
C SER L 354 20.64 17.16 -54.41
N GLN L 355 21.19 18.05 -55.23
CA GLN L 355 22.57 17.91 -55.63
C GLN L 355 23.21 18.83 -54.64
N PRO L 356 24.45 18.70 -54.13
CA PRO L 356 25.05 19.40 -53.02
C PRO L 356 24.91 20.87 -53.14
N ASP L 357 25.15 21.44 -54.34
CA ASP L 357 25.07 22.82 -54.63
C ASP L 357 23.69 23.32 -54.68
N ILE L 358 22.76 22.42 -55.12
CA ILE L 358 21.37 22.71 -55.15
C ILE L 358 20.86 22.66 -53.75
N GLN L 359 21.39 21.79 -52.92
CA GLN L 359 21.12 21.68 -51.52
C GLN L 359 21.45 23.00 -50.77
N GLN L 360 22.53 23.63 -51.18
CA GLN L 360 22.98 24.85 -50.71
C GLN L 360 22.20 25.96 -51.17
N LEU L 361 21.69 25.92 -52.40
CA LEU L 361 20.84 26.87 -52.99
C LEU L 361 19.55 26.91 -52.15
N ILE L 362 19.01 25.73 -51.82
CA ILE L 362 17.89 25.64 -50.91
C ILE L 362 18.24 26.05 -49.52
N ARG L 363 19.48 25.77 -49.07
CA ARG L 363 19.89 26.20 -47.74
C ARG L 363 19.91 27.70 -47.65
N THR L 364 20.26 28.34 -48.79
CA THR L 364 20.28 29.77 -48.89
C THR L 364 18.91 30.20 -49.17
N ALA L 365 17.93 29.34 -49.52
CA ALA L 365 16.59 29.79 -49.77
C ALA L 365 15.88 30.28 -48.50
N PRO L 366 15.04 31.29 -48.52
CA PRO L 366 14.29 31.68 -47.33
C PRO L 366 13.43 30.66 -46.65
N SER L 367 13.27 30.94 -45.36
CA SER L 367 12.33 30.28 -44.48
C SER L 367 10.95 30.82 -44.79
N THR L 368 10.89 31.96 -45.49
CA THR L 368 9.73 32.63 -45.88
C THR L 368 8.93 31.87 -46.92
N LEU L 369 9.63 30.92 -47.60
CA LEU L 369 9.13 29.94 -48.50
C LEU L 369 8.85 28.68 -47.69
N THR L 370 7.66 28.11 -47.85
CA THR L 370 7.16 27.12 -46.94
C THR L 370 6.52 25.89 -47.54
N THR L 371 6.49 25.80 -48.86
CA THR L 371 5.93 24.62 -49.49
C THR L 371 6.77 24.15 -50.64
N PRO L 372 6.48 23.01 -51.15
CA PRO L 372 7.06 22.57 -52.42
C PRO L 372 6.89 23.58 -53.53
N GLY L 373 5.74 24.22 -53.61
CA GLY L 373 5.47 25.26 -54.63
C GLY L 373 6.39 26.44 -54.56
N GLU L 374 6.64 26.85 -53.37
CA GLU L 374 7.52 27.98 -53.05
C GLU L 374 8.90 27.68 -53.44
N ILE L 375 9.31 26.47 -53.19
CA ILE L 375 10.62 25.93 -53.53
C ILE L 375 10.79 25.76 -55.02
N ILE L 376 9.72 25.33 -55.65
CA ILE L 376 9.58 25.29 -57.06
C ILE L 376 9.76 26.68 -57.62
N LYS L 377 9.06 27.65 -56.96
CA LYS L 377 9.26 29.07 -57.33
C LYS L 377 10.74 29.48 -57.20
N TYR L 378 11.46 29.11 -56.18
CA TYR L 378 12.85 29.42 -55.98
C TYR L 378 13.71 28.98 -57.12
N VAL L 379 13.45 27.74 -57.53
CA VAL L 379 14.06 27.08 -58.69
C VAL L 379 13.68 27.90 -59.97
N LEU L 380 12.41 28.31 -60.14
CA LEU L 380 11.88 29.07 -61.25
C LEU L 380 12.65 30.42 -61.32
N ASP L 381 13.00 30.94 -60.14
CA ASP L 381 13.70 32.18 -60.08
C ASP L 381 15.13 32.10 -60.58
N ARG L 382 15.69 30.93 -60.53
CA ARG L 382 17.13 30.81 -60.51
C ARG L 382 17.57 30.18 -61.80
N GLN L 383 16.58 29.69 -62.50
CA GLN L 383 16.86 29.20 -63.84
C GLN L 383 16.59 30.27 -64.91
N TRP M 168 -30.54 -15.09 -69.22
CA TRP M 168 -29.22 -15.05 -68.55
C TRP M 168 -28.19 -14.19 -69.23
N THR M 169 -27.09 -13.78 -68.55
CA THR M 169 -26.18 -12.78 -69.11
C THR M 169 -24.84 -12.73 -68.32
N PRO M 170 -23.64 -13.01 -68.92
CA PRO M 170 -22.38 -12.81 -68.28
C PRO M 170 -21.67 -11.62 -68.85
N LEU M 171 -22.05 -10.40 -68.39
CA LEU M 171 -21.44 -9.08 -68.76
C LEU M 171 -19.98 -9.00 -69.12
N GLU M 172 -19.59 -8.13 -70.07
CA GLU M 172 -18.18 -8.08 -70.46
C GLU M 172 -17.39 -7.08 -69.55
N PRO M 173 -16.17 -7.35 -69.13
CA PRO M 173 -15.34 -6.51 -68.33
C PRO M 173 -15.12 -5.06 -68.80
N LYS M 174 -14.60 -4.79 -69.98
CA LYS M 174 -14.40 -3.46 -70.44
C LYS M 174 -15.62 -2.58 -70.49
N LEU M 175 -16.76 -3.11 -70.87
CA LEU M 175 -18.01 -2.45 -70.90
C LEU M 175 -18.49 -2.06 -69.57
N ILE M 176 -18.16 -2.81 -68.43
CA ILE M 176 -18.31 -2.40 -67.06
C ILE M 176 -17.30 -1.34 -66.72
N THR M 177 -16.10 -1.44 -67.21
CA THR M 177 -15.07 -0.47 -66.93
C THR M 177 -15.29 0.93 -67.46
N ARG M 178 -15.67 1.04 -68.76
CA ARG M 178 -16.02 2.33 -69.35
C ARG M 178 -17.22 2.96 -68.64
N LEU M 179 -18.14 2.13 -68.09
CA LEU M 179 -19.22 2.56 -67.24
C LEU M 179 -18.72 3.05 -65.86
N ALA M 180 -17.77 2.34 -65.25
CA ALA M 180 -17.10 2.71 -63.98
C ALA M 180 -16.42 4.06 -64.19
N ASP M 181 -15.67 4.17 -65.25
CA ASP M 181 -15.12 5.43 -65.69
C ASP M 181 -16.24 6.56 -65.86
N THR M 182 -17.36 6.27 -66.55
CA THR M 182 -18.46 7.29 -66.51
C THR M 182 -18.93 7.67 -65.14
N VAL M 183 -19.09 6.66 -64.30
CA VAL M 183 -19.56 6.76 -62.85
C VAL M 183 -18.58 7.53 -61.95
N ARG M 184 -17.34 7.33 -62.20
CA ARG M 184 -16.08 7.93 -61.69
C ARG M 184 -16.08 9.35 -62.16
N THR M 185 -15.92 9.67 -63.45
CA THR M 185 -15.95 10.92 -64.17
C THR M 185 -17.15 11.68 -63.71
N LYS M 186 -18.34 11.41 -64.23
CA LYS M 186 -19.55 12.17 -63.99
C LYS M 186 -20.12 12.27 -62.51
N GLY M 187 -19.34 11.81 -61.52
CA GLY M 187 -19.68 11.25 -60.19
C GLY M 187 -21.02 10.69 -59.93
N LEU M 188 -21.17 9.42 -60.33
CA LEU M 188 -22.45 8.95 -60.85
C LEU M 188 -23.03 9.82 -61.95
N ARG M 189 -24.31 10.22 -61.76
CA ARG M 189 -24.82 11.61 -61.99
C ARG M 189 -24.58 12.25 -63.40
N SER M 190 -25.07 11.47 -64.42
CA SER M 190 -25.50 12.01 -65.68
C SER M 190 -26.53 11.20 -66.36
N PRO M 191 -27.60 11.69 -66.91
CA PRO M 191 -28.02 11.30 -68.24
C PRO M 191 -27.03 10.81 -69.38
N ILE M 192 -25.75 10.48 -69.11
CA ILE M 192 -24.99 9.51 -69.91
C ILE M 192 -24.75 8.31 -68.96
N THR M 193 -24.42 8.52 -67.67
CA THR M 193 -24.18 7.52 -66.73
C THR M 193 -25.34 6.65 -66.46
N MET M 194 -26.45 7.27 -66.14
CA MET M 194 -27.75 6.73 -65.92
C MET M 194 -28.20 5.95 -67.15
N ALA M 195 -28.07 6.53 -68.36
CA ALA M 195 -28.34 5.99 -69.60
C ALA M 195 -27.55 4.71 -69.85
N GLU M 196 -26.26 4.75 -69.53
CA GLU M 196 -25.37 3.64 -69.67
C GLU M 196 -25.67 2.50 -68.70
N VAL M 197 -26.24 2.87 -67.54
CA VAL M 197 -26.70 1.86 -66.62
C VAL M 197 -27.94 1.26 -67.15
N GLU M 198 -28.90 2.12 -67.55
CA GLU M 198 -30.13 1.67 -68.16
C GLU M 198 -29.86 0.61 -69.24
N ALA M 199 -28.96 0.90 -70.23
CA ALA M 199 -28.52 0.04 -71.32
C ALA M 199 -27.97 -1.26 -70.87
N LEU M 200 -27.11 -1.28 -69.88
CA LEU M 200 -26.62 -2.50 -69.21
C LEU M 200 -27.65 -3.22 -68.38
N MET M 201 -28.76 -2.58 -68.04
CA MET M 201 -29.74 -3.15 -67.19
C MET M 201 -30.97 -3.25 -67.94
N SER M 202 -30.78 -3.68 -69.23
CA SER M 202 -31.80 -4.24 -70.04
C SER M 202 -31.71 -5.76 -70.02
N SER M 203 -30.62 -6.18 -69.42
CA SER M 203 -30.12 -7.48 -69.13
C SER M 203 -30.78 -8.16 -67.98
N PRO M 204 -31.30 -9.32 -68.06
CA PRO M 204 -31.73 -10.06 -66.83
C PRO M 204 -30.50 -10.73 -66.23
N LEU M 205 -30.34 -10.77 -64.86
CA LEU M 205 -29.07 -11.14 -64.15
C LEU M 205 -29.39 -12.02 -62.88
N LEU M 206 -28.28 -12.55 -62.25
CA LEU M 206 -28.22 -13.31 -61.06
C LEU M 206 -28.11 -12.43 -59.82
N PRO M 207 -28.78 -12.73 -58.72
CA PRO M 207 -28.59 -11.88 -57.53
C PRO M 207 -27.13 -11.65 -57.01
N HIS M 208 -26.29 -12.66 -57.15
CA HIS M 208 -24.88 -12.66 -56.82
C HIS M 208 -24.12 -11.67 -57.71
N ASP M 209 -24.47 -11.64 -58.94
CA ASP M 209 -23.89 -10.78 -59.96
C ASP M 209 -24.27 -9.37 -59.70
N VAL M 210 -25.60 -9.20 -59.47
CA VAL M 210 -26.13 -7.88 -59.15
C VAL M 210 -25.43 -7.19 -57.94
N THR M 211 -25.44 -8.01 -56.88
CA THR M 211 -24.68 -7.77 -55.64
C THR M 211 -23.25 -7.40 -55.97
N ASN M 212 -22.48 -8.22 -56.75
CA ASN M 212 -21.11 -7.93 -57.03
C ASN M 212 -20.98 -6.64 -57.82
N LEU M 213 -21.80 -6.40 -58.87
CA LEU M 213 -21.80 -5.06 -59.57
C LEU M 213 -22.04 -3.90 -58.64
N MET M 214 -23.12 -4.01 -57.92
CA MET M 214 -23.60 -2.90 -57.03
C MET M 214 -22.72 -2.50 -55.94
N ARG M 215 -22.18 -3.48 -55.24
CA ARG M 215 -21.15 -3.33 -54.26
C ARG M 215 -19.95 -2.65 -54.78
N VAL M 216 -19.62 -2.79 -56.06
CA VAL M 216 -18.51 -2.21 -56.76
C VAL M 216 -18.82 -0.73 -57.21
N ILE M 217 -19.96 -0.56 -57.82
CA ILE M 217 -20.23 0.72 -58.44
C ILE M 217 -20.72 1.85 -57.46
N LEU M 218 -21.57 1.50 -56.46
CA LEU M 218 -22.05 2.40 -55.51
C LEU M 218 -20.98 2.70 -54.47
N GLY M 219 -20.21 1.64 -54.21
CA GLY M 219 -19.22 1.76 -53.12
C GLY M 219 -19.88 1.49 -51.81
N PRO M 220 -19.19 1.11 -50.75
CA PRO M 220 -19.79 0.65 -49.45
C PRO M 220 -20.93 1.39 -48.82
N ALA M 221 -20.76 2.70 -48.51
CA ALA M 221 -21.87 3.47 -47.90
C ALA M 221 -23.17 3.47 -48.84
N PRO M 222 -23.13 3.98 -50.13
CA PRO M 222 -24.27 4.02 -50.98
C PRO M 222 -24.75 2.66 -51.35
N TYR M 223 -23.80 1.68 -51.44
CA TYR M 223 -24.12 0.28 -51.61
C TYR M 223 -25.17 -0.17 -50.63
N ALA M 224 -25.06 0.29 -49.41
CA ALA M 224 -26.04 0.08 -48.41
C ALA M 224 -27.42 0.63 -48.75
N LEU M 225 -27.43 1.91 -49.17
CA LEU M 225 -28.61 2.59 -49.65
C LEU M 225 -29.27 1.77 -50.71
N TRP M 226 -28.57 1.42 -51.72
CA TRP M 226 -29.10 0.47 -52.70
C TRP M 226 -29.57 -0.84 -52.17
N MET M 227 -28.70 -1.43 -51.37
CA MET M 227 -29.07 -2.68 -50.73
C MET M 227 -30.42 -2.70 -50.01
N ASP M 228 -30.63 -1.66 -49.17
CA ASP M 228 -31.80 -1.22 -48.44
C ASP M 228 -32.94 -0.99 -49.41
N ALA M 229 -32.67 -0.19 -50.47
CA ALA M 229 -33.63 0.06 -51.50
C ALA M 229 -34.13 -1.22 -52.19
N TRP M 230 -33.24 -2.12 -52.55
CA TRP M 230 -33.51 -3.41 -53.20
C TRP M 230 -34.34 -4.30 -52.45
N GLY M 231 -34.10 -4.35 -51.13
CA GLY M 231 -34.84 -5.19 -50.19
C GLY M 231 -36.29 -4.69 -50.08
N VAL M 232 -36.46 -3.41 -50.00
CA VAL M 232 -37.81 -2.80 -50.17
C VAL M 232 -38.43 -3.14 -51.53
N GLN M 233 -37.72 -2.98 -52.69
CA GLN M 233 -38.21 -3.35 -54.01
C GLN M 233 -38.65 -4.79 -54.11
N LEU M 234 -37.87 -5.71 -53.63
CA LEU M 234 -38.29 -7.08 -53.54
C LEU M 234 -39.49 -7.29 -52.60
N GLN M 235 -39.53 -6.61 -51.46
CA GLN M 235 -40.67 -6.55 -50.61
C GLN M 235 -41.93 -6.02 -51.33
N THR M 236 -41.87 -5.00 -52.17
CA THR M 236 -43.14 -4.57 -52.79
C THR M 236 -43.74 -5.61 -53.82
N VAL M 237 -42.85 -6.44 -54.32
CA VAL M 237 -43.14 -7.56 -55.22
C VAL M 237 -43.54 -8.69 -54.44
N ILE M 238 -43.07 -8.80 -53.18
CA ILE M 238 -43.56 -9.81 -52.27
C ILE M 238 -45.02 -9.50 -51.82
N ALA M 239 -45.39 -8.27 -52.06
CA ALA M 239 -46.76 -7.79 -51.88
C ALA M 239 -47.54 -8.28 -53.05
N ALA M 240 -47.14 -7.94 -54.30
CA ALA M 240 -47.80 -8.56 -55.41
C ALA M 240 -47.82 -10.12 -55.54
N ALA M 241 -46.87 -10.81 -54.87
CA ALA M 241 -46.87 -12.22 -54.74
C ALA M 241 -47.95 -12.72 -53.76
N THR M 242 -48.19 -11.99 -52.62
CA THR M 242 -49.27 -12.31 -51.70
C THR M 242 -50.53 -11.83 -52.37
N ARG M 243 -50.62 -10.58 -52.85
CA ARG M 243 -51.67 -10.07 -53.69
C ARG M 243 -52.13 -10.93 -54.90
N ASP M 244 -51.21 -11.60 -55.62
CA ASP M 244 -51.68 -12.44 -56.67
C ASP M 244 -50.94 -13.78 -56.76
N PRO M 245 -51.43 -14.87 -56.14
CA PRO M 245 -50.85 -16.17 -56.23
C PRO M 245 -50.91 -16.80 -57.64
N ARG M 246 -51.51 -16.08 -58.60
CA ARG M 246 -51.63 -16.49 -59.96
C ARG M 246 -50.92 -15.61 -60.91
N HIS M 247 -50.04 -14.69 -60.42
CA HIS M 247 -49.33 -13.87 -61.34
C HIS M 247 -48.40 -14.66 -62.11
N PRO M 248 -47.92 -14.24 -63.28
CA PRO M 248 -47.09 -15.03 -64.16
C PRO M 248 -45.95 -15.83 -63.46
N ALA M 249 -45.06 -15.23 -62.65
CA ALA M 249 -44.02 -16.00 -61.99
C ALA M 249 -44.45 -16.62 -60.63
N ASN M 250 -45.71 -16.63 -60.35
CA ASN M 250 -46.29 -17.25 -59.19
C ASN M 250 -46.81 -18.54 -59.79
N GLY M 251 -45.94 -19.41 -60.22
CA GLY M 251 -46.35 -20.71 -60.86
C GLY M 251 -47.22 -21.69 -60.06
N GLN M 252 -47.63 -22.73 -60.78
CA GLN M 252 -48.61 -23.75 -60.45
C GLN M 252 -48.25 -24.46 -59.08
N GLY M 253 -47.00 -24.66 -58.83
CA GLY M 253 -46.60 -25.23 -57.60
C GLY M 253 -46.45 -24.35 -56.40
N ARG M 254 -46.22 -24.91 -55.25
CA ARG M 254 -46.01 -24.07 -54.05
C ARG M 254 -44.62 -23.60 -54.02
N GLY M 255 -43.75 -24.43 -54.60
CA GLY M 255 -42.36 -24.16 -54.87
C GLY M 255 -42.08 -23.17 -55.96
N GLU M 256 -43.17 -22.92 -56.76
CA GLU M 256 -43.16 -22.00 -57.84
C GLU M 256 -43.76 -20.73 -57.46
N ARG M 257 -44.05 -20.58 -56.14
CA ARG M 257 -44.52 -19.34 -55.63
C ARG M 257 -43.37 -18.42 -55.59
N THR M 258 -43.67 -17.13 -55.69
CA THR M 258 -42.73 -16.02 -55.64
C THR M 258 -42.52 -15.81 -54.07
N ASN M 259 -41.38 -16.28 -53.51
CA ASN M 259 -41.08 -16.27 -52.15
C ASN M 259 -39.76 -15.56 -51.81
N LEU M 260 -39.68 -14.87 -50.66
CA LEU M 260 -38.53 -14.15 -50.17
C LEU M 260 -37.24 -15.00 -50.24
N ASN M 261 -37.14 -16.27 -49.81
CA ASN M 261 -35.92 -17.00 -49.95
C ASN M 261 -35.46 -17.22 -51.35
N ARG M 262 -36.40 -17.52 -52.31
CA ARG M 262 -36.07 -17.50 -53.71
C ARG M 262 -35.61 -16.11 -54.09
N LEU M 263 -36.45 -15.10 -53.91
CA LEU M 263 -36.21 -13.76 -54.19
C LEU M 263 -34.94 -13.20 -53.50
N LYS M 264 -34.47 -13.71 -52.35
CA LYS M 264 -33.21 -13.23 -51.71
C LYS M 264 -32.03 -14.04 -52.00
N GLY M 265 -32.22 -15.17 -52.67
CA GLY M 265 -31.02 -15.90 -53.01
C GLY M 265 -30.55 -16.71 -51.79
N LEU M 266 -31.49 -16.97 -50.86
CA LEU M 266 -31.32 -17.58 -49.52
C LEU M 266 -32.14 -18.87 -49.51
N ALA M 267 -32.84 -19.30 -50.58
CA ALA M 267 -33.52 -20.53 -50.66
C ALA M 267 -32.55 -21.65 -50.92
N ASP M 268 -32.92 -22.85 -50.78
CA ASP M 268 -32.14 -24.08 -50.85
C ASP M 268 -31.33 -24.23 -52.18
N GLY M 269 -29.96 -24.16 -52.01
CA GLY M 269 -29.02 -24.14 -53.17
C GLY M 269 -28.65 -22.79 -53.57
N MET M 270 -29.39 -21.82 -53.14
CA MET M 270 -29.09 -20.48 -53.62
C MET M 270 -27.90 -19.87 -52.83
N VAL M 271 -27.93 -20.08 -51.48
CA VAL M 271 -26.89 -19.79 -50.57
C VAL M 271 -25.95 -20.91 -50.69
N GLY M 272 -24.69 -20.60 -50.56
CA GLY M 272 -23.65 -21.58 -50.66
C GLY M 272 -23.41 -22.10 -52.08
N ASN M 273 -24.02 -21.34 -53.07
CA ASN M 273 -23.86 -21.61 -54.37
C ASN M 273 -24.60 -20.70 -55.32
N PRO M 274 -23.96 -19.69 -55.80
CA PRO M 274 -24.45 -18.76 -56.86
C PRO M 274 -24.84 -19.40 -58.16
N GLN M 275 -24.22 -20.48 -58.54
CA GLN M 275 -24.58 -21.30 -59.72
C GLN M 275 -25.94 -21.90 -59.47
N GLY M 276 -26.06 -22.25 -58.15
CA GLY M 276 -27.28 -22.88 -57.64
C GLY M 276 -28.45 -21.88 -57.82
N GLN M 277 -28.14 -20.58 -57.50
CA GLN M 277 -29.14 -19.49 -57.73
C GLN M 277 -29.46 -19.35 -59.17
N ALA M 278 -28.38 -19.39 -60.04
CA ALA M 278 -28.64 -19.46 -61.44
C ALA M 278 -29.49 -20.72 -61.90
N ALA M 279 -29.38 -21.81 -61.20
CA ALA M 279 -29.99 -23.08 -61.56
C ALA M 279 -31.43 -23.22 -61.08
N LEU M 280 -31.83 -22.44 -60.06
CA LEU M 280 -33.06 -22.53 -59.33
C LEU M 280 -34.03 -21.40 -59.81
N LEU M 281 -33.48 -20.16 -60.02
CA LEU M 281 -34.32 -19.08 -60.52
C LEU M 281 -34.74 -19.21 -62.00
N ARG M 282 -35.98 -18.85 -62.26
CA ARG M 282 -36.66 -18.92 -63.52
C ARG M 282 -36.46 -17.58 -64.26
N PRO M 283 -36.47 -17.58 -65.59
CA PRO M 283 -36.23 -16.40 -66.40
C PRO M 283 -37.09 -15.23 -66.01
N GLY M 284 -38.41 -15.48 -65.80
CA GLY M 284 -39.45 -14.54 -65.31
C GLY M 284 -38.99 -13.89 -63.96
N GLU M 285 -38.32 -14.68 -63.02
CA GLU M 285 -37.78 -14.13 -61.82
C GLU M 285 -36.54 -13.18 -62.11
N LEU M 286 -35.59 -13.56 -63.04
CA LEU M 286 -34.46 -12.78 -63.41
C LEU M 286 -34.71 -11.40 -63.96
N VAL M 287 -35.81 -11.44 -64.73
CA VAL M 287 -36.39 -10.28 -65.36
C VAL M 287 -36.85 -9.36 -64.24
N ALA M 288 -37.52 -9.96 -63.25
CA ALA M 288 -38.03 -9.30 -62.03
C ALA M 288 -36.88 -8.76 -61.26
N ILE M 289 -35.92 -9.63 -60.94
CA ILE M 289 -34.69 -9.40 -60.23
C ILE M 289 -34.08 -8.15 -60.87
N THR M 290 -33.87 -8.10 -62.23
CA THR M 290 -33.33 -6.90 -62.91
C THR M 290 -34.17 -5.69 -62.84
N ALA M 291 -35.47 -5.84 -62.95
CA ALA M 291 -36.34 -4.72 -62.92
C ALA M 291 -36.29 -4.04 -61.50
N SER M 292 -36.44 -4.84 -60.45
CA SER M 292 -36.28 -4.46 -59.11
C SER M 292 -34.98 -3.82 -58.74
N ALA M 293 -33.91 -4.41 -59.12
CA ALA M 293 -32.57 -3.87 -58.96
C ALA M 293 -32.42 -2.54 -59.58
N LEU M 294 -32.76 -2.43 -60.87
CA LEU M 294 -32.65 -1.24 -61.64
C LEU M 294 -33.53 -0.16 -61.01
N GLN M 295 -34.70 -0.49 -60.57
CA GLN M 295 -35.57 0.42 -59.85
C GLN M 295 -34.84 0.92 -58.63
N ALA M 296 -34.60 -0.05 -57.71
CA ALA M 296 -33.93 0.14 -56.41
C ALA M 296 -32.72 1.01 -56.62
N PHE M 297 -31.97 0.96 -57.77
CA PHE M 297 -30.93 1.84 -58.18
C PHE M 297 -31.40 3.23 -58.63
N ARG M 298 -32.38 3.40 -59.55
CA ARG M 298 -32.81 4.70 -59.98
C ARG M 298 -33.34 5.58 -58.86
N GLU M 299 -34.14 5.06 -57.97
CA GLU M 299 -34.54 5.82 -56.80
C GLU M 299 -33.42 6.24 -55.86
N VAL M 300 -32.26 5.53 -55.93
CA VAL M 300 -31.24 5.79 -54.98
C VAL M 300 -30.28 6.63 -55.84
N ALA M 301 -30.15 6.61 -57.15
CA ALA M 301 -29.33 7.57 -57.88
C ALA M 301 -30.13 8.88 -58.16
N ARG M 302 -31.25 9.04 -57.50
CA ARG M 302 -32.10 10.20 -57.47
C ARG M 302 -31.60 11.03 -56.41
N LEU M 303 -31.11 10.40 -55.30
CA LEU M 303 -30.44 11.11 -54.25
C LEU M 303 -29.14 11.77 -54.69
N ALA M 304 -28.36 11.07 -55.57
CA ALA M 304 -27.11 11.61 -56.13
C ALA M 304 -27.50 12.83 -56.99
N GLU M 305 -27.31 13.94 -56.36
CA GLU M 305 -27.00 15.20 -56.93
C GLU M 305 -25.56 15.52 -57.22
N PRO M 306 -24.39 14.91 -56.89
CA PRO M 306 -22.96 15.32 -57.16
C PRO M 306 -22.61 16.00 -58.44
N ALA M 307 -21.71 17.00 -58.28
CA ALA M 307 -21.21 17.83 -59.39
C ALA M 307 -19.87 18.21 -58.77
N GLY M 308 -18.84 18.57 -59.51
CA GLY M 308 -18.71 18.62 -60.96
C GLY M 308 -17.25 18.73 -61.20
N PRO M 309 -16.77 18.71 -62.40
CA PRO M 309 -15.35 18.56 -62.85
C PRO M 309 -14.37 19.31 -61.99
N TRP M 310 -14.63 20.65 -61.85
CA TRP M 310 -13.94 21.66 -61.16
C TRP M 310 -13.03 21.36 -59.97
N ALA M 311 -13.45 20.38 -59.21
CA ALA M 311 -12.99 20.10 -57.89
C ALA M 311 -11.56 19.62 -57.75
N ASP M 312 -10.88 19.14 -58.84
CA ASP M 312 -9.56 18.55 -58.80
C ASP M 312 -8.60 19.54 -59.25
N ILE M 313 -9.07 20.73 -59.67
CA ILE M 313 -8.26 21.69 -60.48
C ILE M 313 -8.12 23.04 -59.77
N MET M 314 -6.85 23.34 -59.32
CA MET M 314 -6.39 24.65 -58.95
C MET M 314 -5.06 24.58 -59.59
N GLN M 315 -4.66 25.68 -60.32
CA GLN M 315 -3.36 25.73 -60.93
C GLN M 315 -2.19 25.45 -59.99
N GLY M 316 -1.46 24.39 -60.34
CA GLY M 316 -0.27 24.01 -59.68
C GLY M 316 0.87 25.00 -59.86
N PRO M 317 1.77 25.10 -58.91
CA PRO M 317 2.94 25.94 -59.10
C PRO M 317 3.88 25.53 -60.19
N SER M 318 4.02 24.28 -60.35
CA SER M 318 4.85 23.68 -61.46
C SER M 318 3.98 23.38 -62.59
N GLU M 319 2.64 23.69 -62.55
CA GLU M 319 1.71 23.46 -63.63
C GLU M 319 1.61 24.64 -64.48
N SER M 320 1.93 24.60 -65.76
CA SER M 320 1.85 25.76 -66.55
C SER M 320 0.47 26.28 -66.70
N PHE M 321 0.43 27.52 -67.17
CA PHE M 321 -0.83 28.07 -67.58
C PHE M 321 -1.50 27.25 -68.65
N VAL M 322 -0.68 26.81 -69.56
CA VAL M 322 -1.13 26.00 -70.70
C VAL M 322 -1.75 24.66 -70.19
N ASP M 323 -1.06 24.16 -69.19
CA ASP M 323 -1.52 22.92 -68.56
C ASP M 323 -2.78 23.13 -67.85
N PHE M 324 -2.84 24.20 -67.10
CA PHE M 324 -3.97 24.80 -66.30
C PHE M 324 -5.18 25.11 -67.09
N ALA M 325 -4.88 25.69 -68.25
CA ALA M 325 -5.80 26.00 -69.35
C ALA M 325 -6.43 24.74 -69.91
N ASN M 326 -5.56 23.75 -70.14
CA ASN M 326 -6.02 22.46 -70.53
C ASN M 326 -6.76 21.70 -69.60
N ARG M 327 -6.37 21.70 -68.33
CA ARG M 327 -7.17 21.19 -67.25
C ARG M 327 -8.47 21.91 -67.18
N LEU M 328 -8.55 23.22 -67.41
CA LEU M 328 -9.75 24.03 -67.41
C LEU M 328 -10.69 23.82 -68.61
N ILE M 329 -10.09 23.76 -69.75
CA ILE M 329 -10.80 23.39 -71.00
C ILE M 329 -11.44 21.96 -70.96
N LYS M 330 -10.71 20.93 -70.40
CA LYS M 330 -11.26 19.64 -70.06
C LYS M 330 -12.43 19.80 -69.13
N ALA M 331 -12.32 20.60 -68.05
CA ALA M 331 -13.37 20.72 -67.09
C ALA M 331 -14.67 21.27 -67.62
N VAL M 332 -14.58 22.25 -68.54
CA VAL M 332 -15.69 22.91 -69.18
C VAL M 332 -16.25 21.94 -70.11
N GLU M 333 -15.45 21.23 -70.87
CA GLU M 333 -15.93 20.07 -71.72
C GLU M 333 -16.70 18.96 -70.87
N GLY M 334 -16.19 18.55 -69.64
CA GLY M 334 -16.90 17.58 -68.87
C GLY M 334 -17.95 18.16 -67.98
N SER M 335 -18.10 19.50 -68.05
CA SER M 335 -19.08 20.26 -67.36
C SER M 335 -20.46 19.99 -67.79
N ASP M 336 -21.39 19.98 -66.78
CA ASP M 336 -22.76 19.60 -66.99
C ASP M 336 -23.66 20.86 -67.14
N LEU M 337 -23.12 22.09 -67.05
CA LEU M 337 -23.67 23.37 -67.23
C LEU M 337 -24.67 23.51 -68.35
N PRO M 338 -25.88 24.07 -68.21
CA PRO M 338 -26.71 24.35 -69.39
C PRO M 338 -26.03 25.56 -70.08
N PRO M 339 -26.22 25.97 -71.31
CA PRO M 339 -25.54 27.12 -71.80
C PRO M 339 -25.61 28.38 -70.95
N SER M 340 -26.81 28.60 -70.29
CA SER M 340 -27.14 29.71 -69.33
C SER M 340 -26.32 29.70 -68.20
N ALA M 341 -25.57 28.59 -67.91
CA ALA M 341 -24.57 28.48 -66.86
C ALA M 341 -23.09 28.52 -67.22
N ARG M 342 -22.73 28.39 -68.50
CA ARG M 342 -21.33 28.10 -68.86
C ARG M 342 -20.39 29.26 -68.62
N ALA M 343 -20.68 30.42 -69.11
CA ALA M 343 -19.78 31.57 -68.77
C ALA M 343 -19.59 32.02 -67.28
N PRO M 344 -20.59 32.33 -66.39
CA PRO M 344 -20.45 32.83 -65.03
C PRO M 344 -19.55 31.79 -64.36
N VAL M 345 -19.80 30.47 -64.55
CA VAL M 345 -18.89 29.41 -64.01
C VAL M 345 -17.49 29.47 -64.62
N ILE M 346 -17.35 29.61 -65.94
CA ILE M 346 -16.02 29.68 -66.47
C ILE M 346 -15.16 30.84 -65.94
N ILE M 347 -15.79 32.00 -65.86
CA ILE M 347 -15.25 33.25 -65.29
C ILE M 347 -14.94 33.12 -63.83
N ASP M 348 -15.87 32.45 -62.99
CA ASP M 348 -15.58 32.12 -61.56
C ASP M 348 -14.30 31.35 -61.43
N CYS M 349 -14.03 30.38 -62.28
CA CYS M 349 -12.73 29.70 -62.38
C CYS M 349 -11.53 30.60 -62.75
N PHE M 350 -11.68 31.49 -63.72
CA PHE M 350 -10.68 32.51 -64.08
C PHE M 350 -10.40 33.26 -62.87
N ARG M 351 -11.48 33.72 -62.13
CA ARG M 351 -11.36 34.50 -60.91
C ARG M 351 -10.64 33.72 -59.73
N GLN M 352 -10.83 32.39 -59.72
CA GLN M 352 -10.54 31.63 -58.55
C GLN M 352 -9.48 30.62 -58.60
N LYS M 353 -9.11 30.00 -59.71
CA LYS M 353 -8.31 28.78 -59.81
C LYS M 353 -7.10 28.86 -60.60
N SER M 354 -6.82 30.02 -61.12
CA SER M 354 -5.56 30.43 -61.65
C SER M 354 -4.50 30.52 -60.59
N GLN M 355 -3.25 30.76 -60.89
CA GLN M 355 -2.31 30.94 -59.77
C GLN M 355 -2.67 32.27 -59.04
N PRO M 356 -2.59 32.42 -57.77
CA PRO M 356 -3.03 33.57 -56.99
C PRO M 356 -2.58 34.90 -57.38
N ASP M 357 -1.32 35.01 -57.79
CA ASP M 357 -0.65 36.17 -58.18
C ASP M 357 -1.12 36.73 -59.46
N ILE M 358 -1.51 35.81 -60.34
CA ILE M 358 -2.09 36.05 -61.58
C ILE M 358 -3.52 36.43 -61.29
N GLN M 359 -4.25 35.90 -60.33
CA GLN M 359 -5.57 36.43 -60.01
C GLN M 359 -5.56 37.92 -59.67
N GLN M 360 -4.54 38.35 -58.91
CA GLN M 360 -4.33 39.69 -58.51
C GLN M 360 -3.93 40.57 -59.67
N LEU M 361 -3.12 40.06 -60.62
CA LEU M 361 -2.93 40.69 -61.90
C LEU M 361 -4.21 40.89 -62.69
N ILE M 362 -5.01 39.86 -62.76
CA ILE M 362 -6.28 39.77 -63.48
C ILE M 362 -7.28 40.75 -62.93
N ARG M 363 -7.34 41.09 -61.63
CA ARG M 363 -8.24 42.06 -61.00
C ARG M 363 -8.10 43.46 -61.70
N THR M 364 -6.90 43.79 -62.27
CA THR M 364 -6.60 45.06 -62.98
C THR M 364 -7.03 44.98 -64.42
N ALA M 365 -7.39 43.77 -64.93
CA ALA M 365 -7.89 43.45 -66.30
C ALA M 365 -8.98 44.50 -66.76
N PRO M 366 -8.75 45.31 -67.81
CA PRO M 366 -9.77 46.02 -68.46
C PRO M 366 -10.90 45.22 -69.06
N SER M 367 -12.03 46.00 -69.21
CA SER M 367 -13.30 45.57 -69.75
C SER M 367 -13.83 44.12 -69.35
N THR M 368 -14.41 43.39 -70.30
CA THR M 368 -15.06 42.12 -70.05
C THR M 368 -14.13 41.01 -70.60
N LEU M 369 -12.93 40.95 -69.86
CA LEU M 369 -11.95 39.91 -70.00
C LEU M 369 -12.53 38.57 -69.78
N THR M 370 -12.78 37.75 -70.84
CA THR M 370 -13.60 36.54 -70.80
C THR M 370 -13.18 35.52 -71.82
N THR M 371 -12.23 35.81 -72.63
CA THR M 371 -11.85 34.89 -73.60
C THR M 371 -10.52 34.31 -73.34
N PRO M 372 -10.18 33.20 -73.91
CA PRO M 372 -8.82 32.66 -74.00
C PRO M 372 -7.93 33.72 -74.63
N GLY M 373 -8.41 34.44 -75.67
CA GLY M 373 -7.55 35.49 -76.26
C GLY M 373 -7.12 36.54 -75.35
N GLU M 374 -8.06 36.98 -74.61
CA GLU M 374 -7.91 37.99 -73.55
C GLU M 374 -6.98 37.51 -72.44
N ILE M 375 -7.04 36.20 -72.14
CA ILE M 375 -6.18 35.53 -71.18
C ILE M 375 -4.77 35.38 -71.70
N ILE M 376 -4.68 35.09 -72.98
CA ILE M 376 -3.49 34.99 -73.82
C ILE M 376 -2.86 36.41 -73.76
N LYS M 377 -3.65 37.45 -74.01
CA LYS M 377 -3.24 38.85 -73.93
C LYS M 377 -2.61 39.05 -72.50
N TYR M 378 -3.22 38.57 -71.45
CA TYR M 378 -2.64 38.63 -70.13
C TYR M 378 -1.22 37.99 -70.03
N VAL M 379 -1.08 36.81 -70.59
CA VAL M 379 0.20 36.17 -70.69
C VAL M 379 1.20 36.99 -71.52
N LEU M 380 0.72 37.50 -72.64
CA LEU M 380 1.40 38.34 -73.63
C LEU M 380 1.98 39.67 -73.03
N ASP M 381 1.25 40.23 -72.06
CA ASP M 381 1.58 41.48 -71.27
C ASP M 381 2.81 41.19 -70.40
N ARG M 382 2.99 39.90 -70.08
CA ARG M 382 3.75 39.48 -69.03
C ARG M 382 4.97 38.64 -69.47
N GLN M 383 5.04 38.17 -70.71
CA GLN M 383 6.17 37.41 -71.24
C GLN M 383 7.44 38.29 -71.47
N TRP N 168 -73.65 13.01 -16.40
CA TRP N 168 -72.32 12.73 -16.88
C TRP N 168 -72.03 13.88 -17.68
N THR N 169 -70.76 14.09 -18.07
CA THR N 169 -70.24 15.39 -18.44
C THR N 169 -69.07 15.07 -19.40
N PRO N 170 -69.00 15.71 -20.53
CA PRO N 170 -67.79 15.59 -21.43
C PRO N 170 -67.09 16.88 -21.54
N LEU N 171 -67.71 18.00 -21.15
CA LEU N 171 -67.33 19.34 -21.21
C LEU N 171 -66.79 19.89 -22.51
N GLU N 172 -66.54 21.26 -22.53
CA GLU N 172 -66.06 21.94 -23.70
C GLU N 172 -64.65 22.28 -23.51
N PRO N 173 -63.65 21.58 -24.11
CA PRO N 173 -62.19 21.92 -23.96
C PRO N 173 -61.76 23.35 -23.94
N LYS N 174 -62.13 24.08 -24.99
CA LYS N 174 -61.86 25.46 -25.24
C LYS N 174 -62.38 26.35 -24.13
N LEU N 175 -63.57 26.04 -23.62
CA LEU N 175 -64.06 26.75 -22.46
C LEU N 175 -63.19 26.60 -21.20
N ILE N 176 -62.56 25.45 -21.01
CA ILE N 176 -61.68 25.16 -19.93
C ILE N 176 -60.41 25.95 -20.14
N THR N 177 -59.95 26.09 -21.35
CA THR N 177 -58.69 26.80 -21.64
C THR N 177 -58.76 28.24 -21.27
N ARG N 178 -59.85 28.89 -21.63
CA ARG N 178 -60.05 30.30 -21.34
C ARG N 178 -60.08 30.56 -19.85
N LEU N 179 -60.55 29.57 -19.09
CA LEU N 179 -60.40 29.57 -17.69
C LEU N 179 -58.97 29.40 -17.24
N ALA N 180 -58.24 28.53 -17.94
CA ALA N 180 -56.81 28.34 -17.67
C ALA N 180 -56.15 29.67 -17.93
N ASP N 181 -56.38 30.34 -19.01
CA ASP N 181 -55.97 31.65 -19.20
C ASP N 181 -56.34 32.69 -18.10
N THR N 182 -57.62 32.75 -17.61
CA THR N 182 -57.87 33.64 -16.47
C THR N 182 -57.08 33.28 -15.27
N VAL N 183 -56.95 31.98 -14.96
CA VAL N 183 -56.22 31.50 -13.87
C VAL N 183 -54.72 31.73 -14.02
N ARG N 184 -54.17 31.69 -15.25
CA ARG N 184 -52.87 32.00 -15.81
C ARG N 184 -52.63 33.42 -15.55
N THR N 185 -53.28 34.30 -16.32
CA THR N 185 -53.19 35.74 -16.20
C THR N 185 -53.31 36.26 -14.79
N LYS N 186 -54.54 36.43 -14.32
CA LYS N 186 -54.96 37.02 -13.08
C LYS N 186 -54.53 36.19 -11.87
N GLY N 187 -54.68 34.89 -11.98
CA GLY N 187 -55.08 34.04 -10.91
C GLY N 187 -56.27 34.49 -10.13
N LEU N 188 -56.54 33.81 -9.00
CA LEU N 188 -57.90 33.56 -8.52
C LEU N 188 -58.66 34.80 -8.02
N ARG N 189 -57.88 35.51 -7.15
CA ARG N 189 -57.93 36.89 -6.79
C ARG N 189 -59.36 37.43 -6.73
N SER N 190 -59.73 38.45 -7.48
CA SER N 190 -61.11 38.65 -7.74
C SER N 190 -61.86 37.50 -8.33
N PRO N 191 -63.01 36.95 -7.85
CA PRO N 191 -64.16 36.80 -8.67
C PRO N 191 -64.39 37.59 -9.95
N ILE N 192 -63.42 37.49 -10.78
CA ILE N 192 -63.62 37.18 -12.18
C ILE N 192 -62.97 35.87 -12.42
N THR N 193 -61.78 35.58 -11.89
CA THR N 193 -61.17 34.23 -11.99
C THR N 193 -61.97 33.14 -11.33
N MET N 194 -62.24 33.54 -10.06
CA MET N 194 -63.11 32.78 -9.18
C MET N 194 -64.51 32.56 -9.73
N ALA N 195 -65.04 33.66 -10.28
CA ALA N 195 -66.32 33.68 -10.96
C ALA N 195 -66.44 32.70 -12.22
N GLU N 196 -65.38 32.73 -13.02
CA GLU N 196 -65.24 31.75 -14.08
C GLU N 196 -65.00 30.33 -13.67
N VAL N 197 -64.35 30.13 -12.55
CA VAL N 197 -64.21 28.78 -12.00
C VAL N 197 -65.49 28.25 -11.43
N GLU N 198 -66.19 29.04 -10.56
CA GLU N 198 -67.48 28.79 -10.04
C GLU N 198 -68.46 28.34 -11.08
N ALA N 199 -68.64 29.16 -12.09
CA ALA N 199 -69.56 28.88 -13.27
C ALA N 199 -69.27 27.56 -13.93
N LEU N 200 -67.96 27.22 -14.22
CA LEU N 200 -67.45 25.99 -14.77
C LEU N 200 -67.62 24.81 -13.84
N MET N 201 -67.78 25.06 -12.54
CA MET N 201 -68.01 24.04 -11.50
C MET N 201 -69.38 24.07 -10.89
N SER N 202 -70.29 24.32 -11.80
CA SER N 202 -71.68 24.21 -11.47
C SER N 202 -72.07 22.78 -11.91
N SER N 203 -71.18 22.21 -12.78
CA SER N 203 -71.43 20.90 -13.39
C SER N 203 -71.26 19.75 -12.47
N PRO N 204 -71.71 18.54 -12.70
CA PRO N 204 -71.40 17.39 -11.81
C PRO N 204 -70.24 16.71 -12.56
N LEU N 205 -69.01 16.86 -12.11
CA LEU N 205 -67.78 16.42 -12.78
C LEU N 205 -67.38 14.97 -12.25
N LEU N 206 -66.88 14.09 -13.17
CA LEU N 206 -66.42 12.76 -12.83
C LEU N 206 -65.00 12.63 -12.30
N PRO N 207 -64.59 11.58 -11.51
CA PRO N 207 -63.28 11.50 -10.76
C PRO N 207 -62.07 11.76 -11.61
N HIS N 208 -62.03 11.29 -12.92
CA HIS N 208 -60.95 11.63 -13.76
C HIS N 208 -60.83 13.06 -13.99
N ASP N 209 -61.99 13.67 -14.23
CA ASP N 209 -62.02 15.00 -14.65
C ASP N 209 -61.60 15.97 -13.59
N VAL N 210 -62.16 15.74 -12.36
CA VAL N 210 -61.80 16.54 -11.19
C VAL N 210 -60.26 16.45 -10.99
N THR N 211 -59.73 15.22 -10.90
CA THR N 211 -58.33 15.01 -10.84
C THR N 211 -57.48 15.79 -11.86
N ASN N 212 -57.81 15.62 -13.16
CA ASN N 212 -57.16 16.27 -14.31
C ASN N 212 -57.42 17.80 -14.32
N LEU N 213 -58.65 18.29 -14.11
CA LEU N 213 -58.92 19.67 -14.01
C LEU N 213 -58.09 20.34 -12.98
N MET N 214 -58.08 19.77 -11.78
CA MET N 214 -57.35 20.27 -10.72
C MET N 214 -55.89 20.24 -10.97
N ARG N 215 -55.36 19.06 -11.48
CA ARG N 215 -53.95 18.87 -11.81
C ARG N 215 -53.50 19.85 -12.85
N VAL N 216 -54.42 20.31 -13.75
CA VAL N 216 -54.04 21.24 -14.79
C VAL N 216 -54.04 22.67 -14.23
N ILE N 217 -55.01 23.03 -13.47
CA ILE N 217 -55.12 24.40 -13.00
C ILE N 217 -54.25 24.78 -11.82
N LEU N 218 -54.25 23.91 -10.78
CA LEU N 218 -53.48 24.28 -9.70
C LEU N 218 -51.96 24.24 -9.82
N GLY N 219 -51.41 23.19 -10.55
CA GLY N 219 -49.99 22.97 -10.70
C GLY N 219 -49.60 22.04 -9.62
N PRO N 220 -48.66 21.12 -9.87
CA PRO N 220 -48.33 20.00 -8.94
C PRO N 220 -48.32 20.35 -7.49
N ALA N 221 -47.49 21.32 -7.11
CA ALA N 221 -47.47 21.74 -5.76
C ALA N 221 -48.83 22.30 -5.23
N PRO N 222 -49.54 23.32 -5.67
CA PRO N 222 -50.84 23.66 -5.10
C PRO N 222 -51.89 22.57 -5.29
N TYR N 223 -51.86 21.82 -6.37
CA TYR N 223 -52.70 20.64 -6.57
C TYR N 223 -52.62 19.61 -5.45
N ALA N 224 -51.42 19.39 -4.98
CA ALA N 224 -51.14 18.46 -3.91
C ALA N 224 -51.82 18.97 -2.65
N LEU N 225 -51.59 20.26 -2.32
CA LEU N 225 -52.21 21.03 -1.23
C LEU N 225 -53.75 20.92 -1.33
N TRP N 226 -54.35 21.24 -2.47
CA TRP N 226 -55.74 20.93 -2.71
C TRP N 226 -56.13 19.51 -2.56
N MET N 227 -55.44 18.53 -3.19
CA MET N 227 -55.70 17.08 -3.09
C MET N 227 -55.92 16.65 -1.63
N ASP N 228 -54.93 17.07 -0.78
CA ASP N 228 -54.93 16.92 0.69
C ASP N 228 -56.16 17.61 1.33
N ALA N 229 -56.41 18.93 1.08
CA ALA N 229 -57.53 19.72 1.57
C ALA N 229 -58.92 19.12 1.16
N TRP N 230 -59.01 18.72 -0.12
CA TRP N 230 -60.12 17.98 -0.67
C TRP N 230 -60.46 16.69 0.01
N GLY N 231 -59.33 16.01 0.39
CA GLY N 231 -59.49 14.70 1.17
C GLY N 231 -60.15 14.90 2.52
N VAL N 232 -59.72 16.04 3.18
CA VAL N 232 -60.28 16.59 4.39
C VAL N 232 -61.75 16.86 4.15
N GLN N 233 -62.05 17.52 3.07
CA GLN N 233 -63.39 17.71 2.68
C GLN N 233 -64.29 16.51 2.51
N LEU N 234 -63.68 15.42 1.91
CA LEU N 234 -64.29 14.05 1.87
C LEU N 234 -64.51 13.41 3.33
N GLN N 235 -63.58 13.62 4.26
CA GLN N 235 -63.59 13.12 5.63
C GLN N 235 -64.82 13.61 6.27
N THR N 236 -65.22 14.86 6.02
CA THR N 236 -66.34 15.36 6.67
C THR N 236 -67.66 14.72 6.19
N VAL N 237 -67.66 14.09 5.03
CA VAL N 237 -68.67 13.24 4.53
C VAL N 237 -68.59 11.88 5.09
N ILE N 238 -67.40 11.35 5.30
CA ILE N 238 -67.20 10.08 6.02
C ILE N 238 -67.56 10.14 7.43
N ALA N 239 -67.70 11.36 7.97
CA ALA N 239 -68.27 11.50 9.31
C ALA N 239 -69.78 11.42 9.19
N ALA N 240 -70.34 12.32 8.43
CA ALA N 240 -71.73 12.40 8.16
C ALA N 240 -72.37 11.12 7.44
N ALA N 241 -71.54 10.26 6.82
CA ALA N 241 -71.99 9.01 6.26
C ALA N 241 -72.22 8.00 7.37
N THR N 242 -71.29 8.04 8.39
CA THR N 242 -71.32 7.24 9.62
C THR N 242 -72.33 7.79 10.62
N ARG N 243 -72.27 9.13 11.04
CA ARG N 243 -73.24 9.86 11.89
C ARG N 243 -74.72 9.54 11.45
N ASP N 244 -75.02 9.56 10.11
CA ASP N 244 -76.39 9.30 9.61
C ASP N 244 -76.31 8.25 8.54
N PRO N 245 -76.38 6.97 8.86
CA PRO N 245 -76.52 5.91 7.88
C PRO N 245 -77.80 6.01 7.09
N ARG N 246 -78.69 6.89 7.38
CA ARG N 246 -79.96 6.92 6.74
C ARG N 246 -80.06 8.21 5.92
N HIS N 247 -79.03 9.00 5.77
CA HIS N 247 -79.13 10.24 4.97
C HIS N 247 -79.38 9.89 3.55
N PRO N 248 -80.23 10.46 2.64
CA PRO N 248 -80.51 10.13 1.26
C PRO N 248 -79.46 9.45 0.39
N ALA N 249 -78.22 9.88 0.37
CA ALA N 249 -77.19 9.20 -0.38
C ALA N 249 -76.79 7.83 0.19
N ASN N 250 -77.13 7.57 1.45
CA ASN N 250 -76.90 6.31 2.16
C ASN N 250 -77.96 5.25 1.92
N GLY N 251 -77.78 4.60 0.76
CA GLY N 251 -78.70 3.68 0.26
C GLY N 251 -79.25 2.49 1.00
N GLN N 252 -80.14 1.74 0.36
CA GLN N 252 -80.80 0.57 0.91
C GLN N 252 -79.91 -0.62 0.96
N GLY N 253 -79.29 -0.92 -0.18
CA GLY N 253 -78.29 -1.94 -0.20
C GLY N 253 -76.98 -1.50 0.33
N ARG N 254 -76.18 -2.47 0.89
CA ARG N 254 -74.88 -2.16 1.52
C ARG N 254 -73.93 -1.33 0.56
N GLY N 255 -73.91 -1.62 -0.75
CA GLY N 255 -73.08 -0.75 -1.68
C GLY N 255 -73.69 0.46 -2.17
N GLU N 256 -74.90 0.71 -1.79
CA GLU N 256 -75.63 1.86 -2.19
C GLU N 256 -75.56 2.97 -1.18
N ARG N 257 -74.95 2.56 -0.09
CA ARG N 257 -74.55 3.33 1.00
C ARG N 257 -73.34 4.21 0.63
N THR N 258 -73.16 5.26 1.39
CA THR N 258 -72.11 6.29 1.35
C THR N 258 -70.73 5.85 1.82
N ASN N 259 -70.10 4.88 1.06
CA ASN N 259 -68.84 4.39 1.51
C ASN N 259 -67.67 4.99 0.90
N LEU N 260 -66.60 4.80 1.70
CA LEU N 260 -65.27 5.10 1.41
C LEU N 260 -64.78 4.71 0.03
N ASN N 261 -65.09 3.42 -0.30
CA ASN N 261 -64.55 2.69 -1.50
C ASN N 261 -65.01 3.45 -2.64
N ARG N 262 -66.28 3.80 -2.60
CA ARG N 262 -66.85 4.65 -3.66
C ARG N 262 -66.16 5.97 -3.76
N LEU N 263 -66.18 6.69 -2.62
CA LEU N 263 -65.56 8.02 -2.52
C LEU N 263 -64.12 8.13 -2.96
N LYS N 264 -63.37 7.02 -2.78
CA LYS N 264 -61.95 6.97 -3.15
C LYS N 264 -61.83 6.44 -4.54
N GLY N 265 -62.88 5.94 -5.26
CA GLY N 265 -62.67 5.53 -6.63
C GLY N 265 -61.91 4.24 -6.71
N LEU N 266 -61.77 3.61 -5.57
CA LEU N 266 -61.06 2.45 -5.21
C LEU N 266 -61.95 1.25 -5.25
N ALA N 267 -63.25 1.43 -5.18
CA ALA N 267 -64.13 0.29 -5.28
C ALA N 267 -64.06 -0.63 -6.48
N ASP N 268 -64.80 -1.82 -6.48
CA ASP N 268 -64.78 -2.79 -7.58
C ASP N 268 -65.23 -2.22 -8.86
N GLY N 269 -64.47 -2.30 -9.93
CA GLY N 269 -64.74 -1.64 -11.23
C GLY N 269 -64.43 -0.14 -11.19
N MET N 270 -63.90 0.37 -10.11
CA MET N 270 -63.46 1.79 -10.06
C MET N 270 -62.00 1.92 -10.32
N VAL N 271 -61.10 1.28 -9.55
CA VAL N 271 -59.73 1.24 -9.95
C VAL N 271 -59.62 0.17 -10.99
N GLY N 272 -58.70 0.47 -11.93
CA GLY N 272 -58.60 -0.35 -13.10
C GLY N 272 -59.55 0.08 -14.11
N ASN N 273 -60.42 1.08 -13.91
CA ASN N 273 -61.40 1.51 -14.83
C ASN N 273 -62.17 2.80 -14.30
N PRO N 274 -61.71 3.94 -14.75
CA PRO N 274 -62.58 5.13 -14.64
C PRO N 274 -63.94 5.09 -15.33
N GLN N 275 -64.11 4.42 -16.47
CA GLN N 275 -65.42 4.26 -17.10
C GLN N 275 -66.31 3.48 -16.17
N GLY N 276 -65.74 2.50 -15.43
CA GLY N 276 -66.31 1.74 -14.40
C GLY N 276 -66.76 2.56 -13.17
N GLN N 277 -65.88 3.58 -12.78
CA GLN N 277 -66.16 4.54 -11.76
C GLN N 277 -67.42 5.34 -12.18
N ALA N 278 -67.48 5.75 -13.42
CA ALA N 278 -68.58 6.48 -14.11
C ALA N 278 -69.90 5.72 -14.16
N ALA N 279 -69.80 4.40 -14.19
CA ALA N 279 -70.95 3.54 -14.34
C ALA N 279 -71.50 3.23 -12.92
N LEU N 280 -70.68 3.36 -11.90
CA LEU N 280 -70.96 3.00 -10.55
C LEU N 280 -71.48 4.23 -9.74
N LEU N 281 -70.86 5.46 -9.97
CA LEU N 281 -71.23 6.60 -9.18
C LEU N 281 -72.49 7.31 -9.60
N ARG N 282 -73.04 8.01 -8.58
CA ARG N 282 -74.27 8.84 -8.83
C ARG N 282 -73.92 10.25 -9.21
N PRO N 283 -74.69 10.95 -10.06
CA PRO N 283 -74.53 12.38 -10.33
C PRO N 283 -74.46 13.15 -8.97
N GLY N 284 -75.39 12.86 -8.07
CA GLY N 284 -75.49 13.42 -6.77
C GLY N 284 -74.20 13.35 -5.97
N GLU N 285 -73.39 12.30 -6.10
CA GLU N 285 -72.00 12.20 -5.49
C GLU N 285 -71.06 13.09 -6.29
N LEU N 286 -71.18 13.20 -7.64
CA LEU N 286 -70.34 14.13 -8.43
C LEU N 286 -70.49 15.61 -7.99
N VAL N 287 -71.71 16.02 -7.61
CA VAL N 287 -72.10 17.29 -7.10
C VAL N 287 -71.50 17.55 -5.75
N ALA N 288 -71.50 16.49 -4.93
CA ALA N 288 -70.94 16.43 -3.58
C ALA N 288 -69.41 16.64 -3.61
N ILE N 289 -68.72 15.77 -4.45
CA ILE N 289 -67.36 15.90 -4.82
C ILE N 289 -67.01 17.30 -5.27
N THR N 290 -67.82 17.87 -6.19
CA THR N 290 -67.62 19.16 -6.79
C THR N 290 -67.62 20.24 -5.78
N ALA N 291 -68.52 20.16 -4.79
CA ALA N 291 -68.53 20.95 -3.60
C ALA N 291 -67.32 20.76 -2.67
N SER N 292 -66.95 19.56 -2.37
CA SER N 292 -65.89 19.20 -1.55
C SER N 292 -64.56 19.82 -2.01
N ALA N 293 -64.30 19.65 -3.33
CA ALA N 293 -63.23 20.22 -4.05
C ALA N 293 -63.23 21.71 -3.98
N LEU N 294 -64.41 22.32 -4.27
CA LEU N 294 -64.67 23.77 -4.39
C LEU N 294 -64.45 24.40 -3.09
N GLN N 295 -64.81 23.79 -2.02
CA GLN N 295 -64.41 24.23 -0.64
C GLN N 295 -62.94 24.30 -0.47
N ALA N 296 -62.29 23.14 -0.62
CA ALA N 296 -60.83 23.01 -0.65
C ALA N 296 -60.12 23.99 -1.54
N PHE N 297 -60.66 24.45 -2.67
CA PHE N 297 -60.17 25.44 -3.60
C PHE N 297 -60.20 26.82 -2.92
N ARG N 298 -61.29 27.24 -2.27
CA ARG N 298 -61.47 28.52 -1.56
C ARG N 298 -60.53 28.63 -0.42
N GLU N 299 -60.32 27.50 0.28
CA GLU N 299 -59.25 27.43 1.34
C GLU N 299 -57.82 27.70 0.90
N VAL N 300 -57.52 27.54 -0.38
CA VAL N 300 -56.23 27.72 -0.99
C VAL N 300 -56.28 29.05 -1.82
N ALA N 301 -57.49 29.47 -2.22
CA ALA N 301 -57.38 30.64 -3.18
C ALA N 301 -57.12 32.11 -2.80
N ARG N 302 -56.52 32.31 -1.61
CA ARG N 302 -56.16 33.61 -1.15
C ARG N 302 -54.62 33.80 -1.31
N LEU N 303 -54.25 34.98 -1.88
CA LEU N 303 -52.91 35.46 -2.06
C LEU N 303 -52.96 36.93 -2.43
N ALA N 304 -51.81 37.67 -2.25
CA ALA N 304 -51.58 39.10 -2.70
C ALA N 304 -52.15 40.23 -1.73
N GLU N 305 -51.25 41.19 -1.24
CA GLU N 305 -51.72 42.52 -0.88
C GLU N 305 -50.96 43.65 -1.59
N PRO N 306 -49.73 43.95 -1.41
CA PRO N 306 -49.10 44.99 -2.20
C PRO N 306 -48.49 44.33 -3.43
N ALA N 307 -49.09 43.30 -4.00
CA ALA N 307 -48.72 42.54 -5.18
C ALA N 307 -50.02 42.49 -6.03
N GLY N 308 -49.85 42.08 -7.31
CA GLY N 308 -48.78 41.63 -8.17
C GLY N 308 -48.98 41.32 -9.68
N PRO N 309 -50.07 41.21 -10.45
CA PRO N 309 -50.02 40.87 -11.84
C PRO N 309 -49.14 41.73 -12.68
N TRP N 310 -49.40 43.01 -12.70
CA TRP N 310 -48.62 44.16 -13.12
C TRP N 310 -47.05 44.04 -13.14
N ALA N 311 -46.42 43.23 -12.23
CA ALA N 311 -45.07 43.19 -11.89
C ALA N 311 -44.16 42.72 -12.97
N ASP N 312 -44.72 42.10 -14.04
CA ASP N 312 -43.83 41.52 -15.03
C ASP N 312 -43.74 42.43 -16.25
N ILE N 313 -44.49 43.58 -16.14
CA ILE N 313 -44.35 44.58 -17.17
C ILE N 313 -43.19 45.58 -16.93
N MET N 314 -42.13 45.46 -17.65
CA MET N 314 -41.02 46.39 -17.66
C MET N 314 -40.77 46.77 -19.08
N GLN N 315 -40.55 47.98 -19.39
CA GLN N 315 -40.40 48.37 -20.76
C GLN N 315 -39.32 47.62 -21.53
N GLY N 316 -39.60 47.10 -22.70
CA GLY N 316 -38.52 46.52 -23.51
C GLY N 316 -37.63 47.63 -24.08
N PRO N 317 -36.36 47.42 -24.29
CA PRO N 317 -35.41 48.38 -24.88
C PRO N 317 -35.69 48.56 -26.33
N SER N 318 -36.44 47.62 -26.88
CA SER N 318 -37.00 47.71 -28.18
C SER N 318 -38.49 48.05 -28.21
N GLU N 319 -39.12 48.32 -27.05
CA GLU N 319 -40.55 48.61 -27.04
C GLU N 319 -40.64 50.06 -26.74
N SER N 320 -41.50 50.70 -27.52
CA SER N 320 -41.68 52.15 -27.36
C SER N 320 -42.29 52.49 -26.02
N PHE N 321 -42.18 53.74 -25.64
CA PHE N 321 -42.89 54.29 -24.48
C PHE N 321 -44.39 54.14 -24.76
N VAL N 322 -44.96 54.38 -25.93
CA VAL N 322 -46.37 54.32 -26.19
C VAL N 322 -46.82 52.89 -25.88
N ASP N 323 -46.02 51.96 -26.43
CA ASP N 323 -46.24 50.57 -26.40
C ASP N 323 -46.18 49.95 -25.03
N PHE N 324 -45.13 50.30 -24.29
CA PHE N 324 -45.06 50.03 -22.84
C PHE N 324 -46.29 50.66 -22.18
N ALA N 325 -46.65 51.91 -22.45
CA ALA N 325 -47.76 52.52 -21.74
C ALA N 325 -49.07 51.83 -21.96
N ASN N 326 -49.35 51.47 -23.22
CA ASN N 326 -50.55 50.84 -23.56
C ASN N 326 -50.69 49.46 -22.85
N ARG N 327 -49.52 48.73 -22.92
CA ARG N 327 -49.26 47.43 -22.32
C ARG N 327 -49.42 47.54 -20.81
N LEU N 328 -48.90 48.65 -20.18
CA LEU N 328 -48.97 48.91 -18.74
C LEU N 328 -50.41 49.35 -18.40
N ILE N 329 -51.07 50.23 -19.20
CA ILE N 329 -52.43 50.62 -18.90
C ILE N 329 -53.35 49.45 -18.94
N LYS N 330 -53.12 48.53 -19.94
CA LYS N 330 -53.84 47.30 -20.01
C LYS N 330 -53.55 46.46 -18.78
N ALA N 331 -52.30 46.29 -18.38
CA ALA N 331 -51.96 45.45 -17.23
C ALA N 331 -52.57 46.02 -15.94
N VAL N 332 -52.64 47.33 -15.69
CA VAL N 332 -53.20 47.96 -14.52
C VAL N 332 -54.73 47.86 -14.56
N GLU N 333 -55.51 48.08 -15.60
CA GLU N 333 -56.98 47.86 -15.70
C GLU N 333 -57.29 46.37 -15.49
N GLY N 334 -56.45 45.44 -16.04
CA GLY N 334 -56.59 44.03 -15.72
C GLY N 334 -55.95 43.62 -14.48
N SER N 335 -55.37 44.46 -13.70
CA SER N 335 -54.82 44.17 -12.33
C SER N 335 -55.81 44.75 -11.40
N ASP N 336 -56.50 43.88 -10.68
CA ASP N 336 -57.53 44.27 -9.72
C ASP N 336 -56.89 45.11 -8.66
N LEU N 337 -57.38 46.34 -8.70
CA LEU N 337 -56.92 47.36 -7.78
C LEU N 337 -58.24 48.09 -7.55
N PRO N 338 -58.43 48.80 -6.50
CA PRO N 338 -59.60 49.77 -6.54
C PRO N 338 -59.15 50.92 -7.41
N PRO N 339 -60.07 51.66 -8.04
CA PRO N 339 -59.79 52.69 -8.99
C PRO N 339 -58.76 53.64 -8.39
N SER N 340 -58.87 53.90 -7.08
CA SER N 340 -58.14 54.78 -6.27
C SER N 340 -56.68 54.39 -6.17
N ALA N 341 -56.37 53.16 -6.60
CA ALA N 341 -55.01 52.81 -6.49
C ALA N 341 -54.34 52.82 -7.82
N ARG N 342 -55.08 52.95 -8.92
CA ARG N 342 -54.54 52.87 -10.21
C ARG N 342 -53.60 53.97 -10.62
N ALA N 343 -53.97 55.24 -10.59
CA ALA N 343 -53.02 56.24 -10.97
C ALA N 343 -51.74 56.26 -10.13
N PRO N 344 -51.71 56.21 -8.79
CA PRO N 344 -50.40 56.29 -8.04
C PRO N 344 -49.57 55.11 -8.45
N VAL N 345 -50.20 53.91 -8.65
CA VAL N 345 -49.58 52.68 -9.03
C VAL N 345 -48.98 52.76 -10.41
N ILE N 346 -49.69 53.40 -11.41
CA ILE N 346 -49.24 53.61 -12.78
C ILE N 346 -47.99 54.48 -12.73
N ILE N 347 -48.10 55.55 -11.98
CA ILE N 347 -47.04 56.56 -11.94
C ILE N 347 -45.74 56.00 -11.29
N ASP N 348 -45.81 55.25 -10.23
CA ASP N 348 -44.83 54.41 -9.59
C ASP N 348 -44.21 53.47 -10.52
N CYS N 349 -45.00 52.73 -11.29
CA CYS N 349 -44.48 51.90 -12.32
C CYS N 349 -43.77 52.64 -13.42
N PHE N 350 -44.29 53.76 -13.84
CA PHE N 350 -43.69 54.64 -14.81
C PHE N 350 -42.30 55.11 -14.52
N ARG N 351 -42.13 55.49 -13.28
CA ARG N 351 -40.83 55.86 -12.68
C ARG N 351 -39.85 54.75 -12.60
N GLN N 352 -40.35 53.53 -12.44
CA GLN N 352 -39.48 52.35 -11.93
C GLN N 352 -39.36 51.31 -13.02
N LYS N 353 -40.31 51.21 -13.95
CA LYS N 353 -40.40 50.09 -14.82
C LYS N 353 -40.43 50.49 -16.30
N SER N 354 -40.28 51.79 -16.62
CA SER N 354 -39.92 52.29 -17.91
C SER N 354 -38.47 52.08 -18.25
N GLN N 355 -38.00 52.42 -19.45
CA GLN N 355 -36.54 52.33 -19.71
C GLN N 355 -35.76 53.28 -18.81
N PRO N 356 -34.55 52.97 -18.30
CA PRO N 356 -33.77 53.66 -17.31
C PRO N 356 -33.55 55.11 -17.57
N ASP N 357 -33.20 55.52 -18.86
CA ASP N 357 -32.97 56.88 -19.20
C ASP N 357 -34.21 57.67 -19.15
N ILE N 358 -35.35 57.04 -19.40
CA ILE N 358 -36.63 57.67 -19.27
C ILE N 358 -36.95 57.76 -17.82
N GLN N 359 -36.60 56.79 -16.99
CA GLN N 359 -36.73 56.91 -15.53
C GLN N 359 -35.92 58.14 -14.93
N GLN N 360 -34.66 58.38 -15.50
CA GLN N 360 -33.76 59.47 -15.22
C GLN N 360 -34.39 60.82 -15.70
N LEU N 361 -35.09 60.76 -16.86
CA LEU N 361 -35.93 61.79 -17.45
C LEU N 361 -37.09 62.14 -16.53
N ILE N 362 -37.84 61.12 -15.93
CA ILE N 362 -38.95 61.29 -15.09
C ILE N 362 -38.40 61.96 -13.85
N ARG N 363 -37.18 61.68 -13.34
CA ARG N 363 -36.56 62.36 -12.18
C ARG N 363 -36.37 63.80 -12.45
N THR N 364 -36.03 64.13 -13.74
CA THR N 364 -35.89 65.56 -14.17
C THR N 364 -37.18 66.24 -14.51
N ALA N 365 -38.27 65.40 -14.57
CA ALA N 365 -39.53 65.92 -14.92
C ALA N 365 -40.02 67.01 -13.97
N PRO N 366 -40.58 68.14 -14.50
CA PRO N 366 -41.10 69.25 -13.74
C PRO N 366 -41.89 68.79 -12.56
N SER N 367 -41.50 69.19 -11.36
CA SER N 367 -42.08 68.82 -10.06
C SER N 367 -43.64 69.00 -10.03
N THR N 368 -44.26 69.75 -11.01
CA THR N 368 -45.67 69.95 -11.05
C THR N 368 -46.50 68.91 -11.74
N LEU N 369 -45.86 68.01 -12.61
CA LEU N 369 -46.53 66.96 -13.41
C LEU N 369 -47.24 65.96 -12.47
N THR N 370 -48.36 65.34 -12.87
CA THR N 370 -49.11 64.51 -11.87
C THR N 370 -49.65 63.26 -12.38
N THR N 371 -49.78 62.98 -13.63
CA THR N 371 -50.43 61.81 -14.09
C THR N 371 -49.89 61.45 -15.46
N PRO N 372 -50.32 60.34 -15.98
CA PRO N 372 -49.90 59.87 -17.28
C PRO N 372 -50.10 60.90 -18.46
N GLY N 373 -51.17 61.70 -18.57
CA GLY N 373 -51.28 62.73 -19.65
C GLY N 373 -50.11 63.65 -19.66
N GLU N 374 -49.71 64.14 -18.49
CA GLU N 374 -48.53 65.00 -18.29
C GLU N 374 -47.23 64.25 -18.64
N ILE N 375 -47.16 62.98 -18.35
CA ILE N 375 -45.98 62.25 -18.64
C ILE N 375 -45.81 62.02 -20.16
N ILE N 376 -46.93 61.73 -20.87
CA ILE N 376 -47.09 61.63 -22.34
C ILE N 376 -46.61 62.98 -22.85
N LYS N 377 -47.10 64.13 -22.34
CA LYS N 377 -46.70 65.50 -22.68
C LYS N 377 -45.17 65.69 -22.48
N TYR N 378 -44.57 65.18 -21.36
CA TYR N 378 -43.19 65.24 -21.02
C TYR N 378 -42.31 64.56 -22.08
N VAL N 379 -42.73 63.38 -22.54
CA VAL N 379 -42.10 62.75 -23.71
C VAL N 379 -42.29 63.60 -24.98
N LEU N 380 -43.49 64.07 -25.23
CA LEU N 380 -43.94 64.89 -26.34
C LEU N 380 -43.18 66.16 -26.47
N ASP N 381 -42.67 66.71 -25.36
CA ASP N 381 -41.81 67.92 -25.26
C ASP N 381 -40.47 67.60 -26.02
N ARG N 382 -40.09 66.34 -26.19
CA ARG N 382 -38.79 65.99 -26.70
C ARG N 382 -39.01 65.29 -28.03
N GLN N 383 -40.23 64.94 -28.34
CA GLN N 383 -40.54 64.32 -29.54
C GLN N 383 -41.32 65.25 -30.54
N TRP O 168 -52.31 11.87 53.41
CA TRP O 168 -52.30 11.96 51.99
C TRP O 168 -52.17 13.43 51.62
N THR O 169 -51.46 13.81 50.56
CA THR O 169 -50.90 15.09 50.38
C THR O 169 -51.49 15.84 49.12
N PRO O 170 -51.98 17.11 49.20
CA PRO O 170 -52.54 17.87 48.08
C PRO O 170 -51.69 19.19 47.86
N LEU O 171 -50.82 19.61 48.81
CA LEU O 171 -49.91 20.82 48.83
C LEU O 171 -50.46 22.23 48.48
N GLU O 172 -49.67 23.30 48.26
CA GLU O 172 -50.23 24.53 47.59
C GLU O 172 -49.18 25.07 46.64
N PRO O 173 -49.42 25.13 45.33
CA PRO O 173 -48.55 25.57 44.30
C PRO O 173 -47.83 26.86 44.57
N LYS O 174 -48.55 28.00 44.87
CA LYS O 174 -48.06 29.31 45.13
C LYS O 174 -47.07 29.43 46.23
N LEU O 175 -47.34 28.77 47.34
CA LEU O 175 -46.44 28.68 48.47
C LEU O 175 -45.09 28.00 48.31
N ILE O 176 -45.08 27.07 47.35
CA ILE O 176 -43.89 26.40 46.89
C ILE O 176 -43.04 27.25 46.05
N THR O 177 -43.69 27.98 45.14
CA THR O 177 -42.98 28.93 44.31
C THR O 177 -42.27 30.03 45.06
N ARG O 178 -43.01 30.65 45.97
CA ARG O 178 -42.46 31.75 46.79
C ARG O 178 -41.26 31.28 47.60
N LEU O 179 -41.27 30.06 48.02
CA LEU O 179 -40.16 29.47 48.80
C LEU O 179 -38.95 29.28 47.83
N ALA O 180 -39.34 28.91 46.58
CA ALA O 180 -38.33 28.76 45.54
C ALA O 180 -37.67 30.09 45.33
N ASP O 181 -38.48 31.14 45.22
CA ASP O 181 -38.06 32.48 45.22
C ASP O 181 -37.17 32.83 46.38
N THR O 182 -37.50 32.51 47.62
CA THR O 182 -36.71 32.76 48.81
C THR O 182 -35.35 32.06 48.67
N VAL O 183 -35.31 30.76 48.19
CA VAL O 183 -34.05 30.02 47.86
C VAL O 183 -33.29 30.57 46.72
N ARG O 184 -33.96 31.10 45.71
CA ARG O 184 -33.31 31.87 44.62
C ARG O 184 -32.66 33.02 45.27
N THR O 185 -33.52 33.97 45.71
CA THR O 185 -33.04 35.22 46.32
C THR O 185 -31.95 35.02 47.30
N LYS O 186 -32.30 34.66 48.50
CA LYS O 186 -31.32 34.41 49.56
C LYS O 186 -30.14 33.48 49.12
N GLY O 187 -30.40 32.37 48.36
CA GLY O 187 -29.68 31.10 48.65
C GLY O 187 -30.21 30.73 50.05
N LEU O 188 -29.28 30.64 51.02
CA LEU O 188 -29.32 29.68 52.10
C LEU O 188 -28.42 29.92 53.26
N ARG O 189 -27.50 30.91 53.20
CA ARG O 189 -27.43 31.75 54.33
C ARG O 189 -28.84 32.32 54.70
N SER O 190 -29.19 32.16 56.05
CA SER O 190 -30.32 32.70 56.83
C SER O 190 -31.43 31.67 56.96
N PRO O 191 -31.68 31.21 58.16
CA PRO O 191 -32.99 31.39 58.76
C PRO O 191 -33.91 32.55 58.42
N ILE O 192 -34.08 32.86 57.13
CA ILE O 192 -35.32 33.23 56.51
C ILE O 192 -35.66 32.11 55.54
N THR O 193 -34.66 31.68 54.76
CA THR O 193 -34.87 30.54 53.81
C THR O 193 -35.19 29.25 54.58
N MET O 194 -34.31 29.02 55.62
CA MET O 194 -34.34 27.86 56.55
C MET O 194 -35.67 27.83 57.21
N ALA O 195 -36.12 29.00 57.66
CA ALA O 195 -37.40 29.31 58.35
C ALA O 195 -38.58 28.87 57.43
N GLU O 196 -38.49 29.36 56.11
CA GLU O 196 -39.51 29.11 55.16
C GLU O 196 -39.59 27.60 54.81
N VAL O 197 -38.42 26.92 54.81
CA VAL O 197 -38.26 25.54 54.45
C VAL O 197 -38.82 24.70 55.60
N GLU O 198 -38.35 24.99 56.80
CA GLU O 198 -38.75 24.53 58.07
C GLU O 198 -40.27 24.43 58.23
N ALA O 199 -40.93 25.53 58.03
CA ALA O 199 -42.33 25.70 58.00
C ALA O 199 -43.04 24.82 57.00
N LEU O 200 -42.54 24.78 55.83
CA LEU O 200 -43.05 23.99 54.73
C LEU O 200 -42.97 22.50 54.88
N MET O 201 -42.21 22.04 55.90
CA MET O 201 -42.02 20.70 56.21
C MET O 201 -42.65 20.33 57.53
N SER O 202 -43.77 20.91 57.77
CA SER O 202 -44.62 20.53 58.86
C SER O 202 -45.35 19.25 58.57
N SER O 203 -45.83 19.04 57.29
CA SER O 203 -46.59 17.88 56.83
C SER O 203 -45.88 16.56 56.88
N PRO O 204 -46.58 15.42 57.12
CA PRO O 204 -46.06 14.12 56.74
C PRO O 204 -46.12 14.08 55.21
N LEU O 205 -44.96 13.67 54.55
CA LEU O 205 -44.81 13.65 53.07
C LEU O 205 -44.65 12.29 52.46
N LEU O 206 -45.03 12.16 51.19
CA LEU O 206 -44.89 11.00 50.33
C LEU O 206 -43.52 10.97 49.65
N PRO O 207 -42.79 9.85 49.29
CA PRO O 207 -41.52 9.86 48.62
C PRO O 207 -41.47 10.75 47.31
N HIS O 208 -42.56 10.79 46.54
CA HIS O 208 -42.73 11.57 45.37
C HIS O 208 -42.57 13.06 45.58
N ASP O 209 -43.19 13.52 46.66
CA ASP O 209 -43.19 14.93 47.05
C ASP O 209 -41.85 15.40 47.46
N VAL O 210 -41.16 14.73 48.39
CA VAL O 210 -39.80 15.07 48.86
C VAL O 210 -38.89 14.98 47.65
N THR O 211 -38.93 13.86 46.89
CA THR O 211 -38.19 13.83 45.61
C THR O 211 -38.29 15.05 44.73
N ASN O 212 -39.54 15.50 44.38
CA ASN O 212 -39.76 16.64 43.50
C ASN O 212 -39.29 17.82 44.14
N LEU O 213 -39.58 18.06 45.41
CA LEU O 213 -39.15 19.17 46.18
C LEU O 213 -37.67 19.36 46.24
N MET O 214 -36.99 18.27 46.59
CA MET O 214 -35.56 18.36 46.57
C MET O 214 -34.88 18.55 45.35
N ARG O 215 -35.27 17.72 44.37
CA ARG O 215 -34.86 17.80 43.02
C ARG O 215 -35.06 19.11 42.42
N VAL O 216 -36.11 19.82 42.77
CA VAL O 216 -36.40 21.17 42.35
C VAL O 216 -35.66 22.21 43.05
N ILE O 217 -35.55 22.25 44.44
CA ILE O 217 -34.82 23.32 45.04
C ILE O 217 -33.29 23.21 45.02
N LEU O 218 -32.75 22.04 45.32
CA LEU O 218 -31.35 21.77 45.35
C LEU O 218 -30.76 21.73 43.91
N GLY O 219 -31.57 21.18 42.96
CA GLY O 219 -31.08 20.93 41.58
C GLY O 219 -30.11 19.67 41.66
N PRO O 220 -29.78 19.06 40.57
CA PRO O 220 -29.02 17.77 40.52
C PRO O 220 -27.88 17.48 41.40
N ALA O 221 -26.86 18.29 41.39
CA ALA O 221 -25.76 18.16 42.25
C ALA O 221 -26.00 18.21 43.78
N PRO O 222 -26.55 19.28 44.37
CA PRO O 222 -26.84 19.25 45.78
C PRO O 222 -27.94 18.28 46.17
N TYR O 223 -28.92 18.07 45.25
CA TYR O 223 -29.88 17.04 45.38
C TYR O 223 -29.30 15.69 45.63
N ALA O 224 -28.19 15.36 44.89
CA ALA O 224 -27.39 14.17 45.00
C ALA O 224 -26.89 14.19 46.47
N LEU O 225 -26.32 15.30 47.00
CA LEU O 225 -25.84 15.41 48.38
C LEU O 225 -26.93 15.07 49.41
N TRP O 226 -28.08 15.76 49.30
CA TRP O 226 -29.32 15.61 50.05
C TRP O 226 -29.76 14.16 49.97
N MET O 227 -29.84 13.67 48.76
CA MET O 227 -30.19 12.22 48.48
C MET O 227 -29.42 11.27 49.29
N ASP O 228 -28.10 11.44 49.23
CA ASP O 228 -27.06 10.68 49.93
C ASP O 228 -27.29 10.85 51.46
N ALA O 229 -27.40 12.05 51.92
CA ALA O 229 -27.61 12.31 53.26
C ALA O 229 -28.89 11.64 53.74
N TRP O 230 -29.96 11.74 52.93
CA TRP O 230 -31.26 11.10 53.17
C TRP O 230 -31.19 9.57 53.19
N GLY O 231 -30.39 8.91 52.35
CA GLY O 231 -30.34 7.49 52.34
C GLY O 231 -29.74 7.09 53.64
N VAL O 232 -28.63 7.85 54.13
CA VAL O 232 -28.04 7.60 55.39
C VAL O 232 -29.15 7.70 56.48
N GLN O 233 -29.95 8.81 56.49
CA GLN O 233 -31.01 9.08 57.44
C GLN O 233 -32.00 7.90 57.54
N LEU O 234 -32.41 7.29 56.38
CA LEU O 234 -33.22 6.11 56.45
C LEU O 234 -32.42 5.02 57.10
N GLN O 235 -31.08 4.81 56.83
CA GLN O 235 -30.27 3.85 57.44
C GLN O 235 -30.15 3.99 59.02
N THR O 236 -30.07 5.18 59.61
CA THR O 236 -30.01 5.37 61.01
C THR O 236 -31.33 5.07 61.66
N VAL O 237 -32.44 5.11 60.95
CA VAL O 237 -33.66 4.58 61.41
C VAL O 237 -33.75 3.08 61.33
N ILE O 238 -33.15 2.57 60.32
CA ILE O 238 -33.06 1.16 60.05
C ILE O 238 -32.08 0.48 61.07
N ALA O 239 -31.31 1.31 61.77
CA ALA O 239 -30.41 0.94 62.80
C ALA O 239 -31.34 0.79 63.95
N ALA O 240 -32.11 1.85 64.37
CA ALA O 240 -33.15 1.93 65.34
C ALA O 240 -34.34 0.99 65.12
N ALA O 241 -34.55 0.40 63.90
CA ALA O 241 -35.47 -0.65 63.56
C ALA O 241 -34.92 -1.94 63.99
N THR O 242 -33.56 -2.08 63.84
CA THR O 242 -32.93 -3.33 64.34
C THR O 242 -32.72 -3.23 65.84
N ARG O 243 -32.09 -2.16 66.37
CA ARG O 243 -31.93 -1.80 67.78
C ARG O 243 -33.23 -1.90 68.62
N ASP O 244 -34.33 -1.46 68.06
CA ASP O 244 -35.58 -1.60 68.78
C ASP O 244 -36.56 -2.06 67.73
N PRO O 245 -36.86 -3.32 67.56
CA PRO O 245 -37.79 -3.81 66.47
C PRO O 245 -39.19 -3.67 66.98
N ARG O 246 -39.42 -3.11 68.20
CA ARG O 246 -40.73 -3.03 68.79
C ARG O 246 -40.95 -1.48 69.06
N HIS O 247 -40.23 -0.60 68.44
CA HIS O 247 -40.59 0.84 68.57
C HIS O 247 -41.96 1.22 68.05
N PRO O 248 -42.66 2.33 68.31
CA PRO O 248 -44.03 2.68 67.74
C PRO O 248 -44.34 2.34 66.27
N ALA O 249 -43.52 2.78 65.25
CA ALA O 249 -43.64 2.41 63.86
C ALA O 249 -43.39 0.96 63.42
N ASN O 250 -42.48 0.27 64.14
CA ASN O 250 -42.23 -1.14 64.12
C ASN O 250 -43.38 -1.95 64.76
N GLY O 251 -44.51 -1.94 64.08
CA GLY O 251 -45.75 -2.52 64.62
C GLY O 251 -45.80 -3.96 64.88
N GLN O 252 -46.97 -4.45 65.31
CA GLN O 252 -47.17 -5.76 65.82
C GLN O 252 -46.85 -6.86 64.83
N GLY O 253 -47.37 -6.75 63.61
CA GLY O 253 -47.02 -7.78 62.60
C GLY O 253 -45.57 -7.59 62.15
N ARG O 254 -45.15 -8.61 61.34
CA ARG O 254 -43.88 -8.59 60.64
C ARG O 254 -43.84 -7.55 59.55
N GLY O 255 -44.93 -7.35 58.86
CA GLY O 255 -44.97 -6.34 57.82
C GLY O 255 -45.24 -5.02 58.36
N GLU O 256 -45.48 -4.94 59.67
CA GLU O 256 -45.60 -3.64 60.35
C GLU O 256 -44.11 -3.26 60.72
N ARG O 257 -43.08 -4.15 60.54
CA ARG O 257 -41.71 -3.86 60.82
C ARG O 257 -41.26 -2.62 60.12
N THR O 258 -40.36 -1.77 60.73
CA THR O 258 -39.92 -0.52 60.05
C THR O 258 -38.82 -0.84 59.04
N ASN O 259 -39.14 -1.36 57.87
CA ASN O 259 -38.20 -1.96 56.99
C ASN O 259 -37.87 -1.04 55.90
N LEU O 260 -36.60 -1.17 55.47
CA LEU O 260 -36.04 -0.50 54.32
C LEU O 260 -36.86 -0.50 53.01
N ASN O 261 -37.44 -1.60 52.50
CA ASN O 261 -38.20 -1.58 51.34
C ASN O 261 -39.43 -0.69 51.44
N ARG O 262 -40.13 -0.59 52.54
CA ARG O 262 -41.20 0.38 52.64
C ARG O 262 -40.63 1.81 52.63
N LEU O 263 -39.68 2.11 53.57
CA LEU O 263 -38.99 3.39 53.70
C LEU O 263 -38.36 3.94 52.39
N LYS O 264 -37.95 3.01 51.47
CA LYS O 264 -37.30 3.37 50.27
C LYS O 264 -38.33 3.48 49.13
N GLY O 265 -39.59 3.04 49.45
CA GLY O 265 -40.59 3.08 48.36
C GLY O 265 -40.48 1.92 47.40
N LEU O 266 -39.54 0.99 47.73
CA LEU O 266 -39.10 -0.22 46.99
C LEU O 266 -40.00 -1.36 47.31
N ALA O 267 -40.88 -1.18 48.36
CA ALA O 267 -41.83 -2.21 48.61
C ALA O 267 -42.81 -2.33 47.45
N ASP O 268 -43.34 -3.50 47.18
CA ASP O 268 -44.33 -3.67 46.11
C ASP O 268 -45.58 -2.82 46.27
N GLY O 269 -45.97 -2.19 45.17
CA GLY O 269 -47.03 -1.22 45.15
C GLY O 269 -46.53 0.16 45.41
N MET O 270 -45.30 0.34 45.99
CA MET O 270 -44.69 1.61 46.20
C MET O 270 -43.92 1.89 44.87
N VAL O 271 -43.14 0.88 44.40
CA VAL O 271 -42.52 0.96 43.12
C VAL O 271 -43.58 0.81 42.03
N GLY O 272 -43.59 1.74 41.05
CA GLY O 272 -44.51 1.74 39.99
C GLY O 272 -45.79 2.24 40.33
N ASN O 273 -45.86 2.94 41.53
CA ASN O 273 -47.11 3.54 41.89
C ASN O 273 -47.07 4.36 43.18
N PRO O 274 -47.00 5.62 43.05
CA PRO O 274 -47.22 6.68 44.04
C PRO O 274 -48.52 6.79 44.68
N GLN O 275 -49.57 6.38 44.00
CA GLN O 275 -50.86 6.25 44.66
C GLN O 275 -50.72 5.08 45.63
N GLY O 276 -50.06 4.01 45.26
CA GLY O 276 -49.76 2.80 45.99
C GLY O 276 -48.82 3.05 47.21
N GLN O 277 -47.75 3.83 47.04
CA GLN O 277 -46.92 4.29 48.14
C GLN O 277 -47.81 5.03 49.15
N ALA O 278 -48.70 5.89 48.69
CA ALA O 278 -49.61 6.65 49.54
C ALA O 278 -50.55 5.78 50.34
N ALA O 279 -50.92 4.65 49.74
CA ALA O 279 -51.94 3.77 50.22
C ALA O 279 -51.39 2.71 51.16
N LEU O 280 -50.09 2.38 51.02
CA LEU O 280 -49.45 1.38 51.66
C LEU O 280 -48.75 1.99 52.81
N LEU O 281 -48.10 3.22 52.68
CA LEU O 281 -47.47 3.87 53.79
C LEU O 281 -48.49 4.43 54.81
N ARG O 282 -48.23 4.25 56.14
CA ARG O 282 -49.02 4.66 57.24
C ARG O 282 -48.56 6.11 57.62
N PRO O 283 -49.45 6.97 58.14
CA PRO O 283 -49.07 8.31 58.62
C PRO O 283 -47.89 8.33 59.54
N GLY O 284 -47.80 7.41 60.56
CA GLY O 284 -46.57 7.47 61.33
C GLY O 284 -45.35 7.37 60.60
N GLU O 285 -45.24 6.54 59.54
CA GLU O 285 -44.11 6.52 58.65
C GLU O 285 -43.93 7.74 57.81
N LEU O 286 -44.99 8.37 57.30
CA LEU O 286 -44.84 9.62 56.50
C LEU O 286 -44.18 10.71 57.36
N VAL O 287 -44.58 10.72 58.59
CA VAL O 287 -44.17 11.67 59.60
C VAL O 287 -42.66 11.42 59.94
N ALA O 288 -42.27 10.11 59.98
CA ALA O 288 -40.87 9.62 59.99
C ALA O 288 -40.08 10.03 58.76
N ILE O 289 -40.61 9.80 57.57
CA ILE O 289 -40.13 10.35 56.37
C ILE O 289 -39.83 11.84 56.41
N THR O 290 -40.77 12.67 56.88
CA THR O 290 -40.62 14.14 57.01
C THR O 290 -39.57 14.47 57.96
N ALA O 291 -39.44 13.74 59.09
CA ALA O 291 -38.39 13.97 60.05
C ALA O 291 -36.98 13.71 59.50
N SER O 292 -36.77 12.50 58.84
CA SER O 292 -35.57 11.98 58.11
C SER O 292 -35.15 12.99 57.11
N ALA O 293 -36.16 13.44 56.34
CA ALA O 293 -36.04 14.46 55.33
C ALA O 293 -35.54 15.72 55.88
N LEU O 294 -36.15 16.16 57.02
CA LEU O 294 -35.73 17.35 57.67
C LEU O 294 -34.33 17.16 58.16
N GLN O 295 -33.94 15.94 58.65
CA GLN O 295 -32.60 15.60 59.07
C GLN O 295 -31.66 15.81 57.87
N ALA O 296 -31.83 15.03 56.82
CA ALA O 296 -31.07 15.08 55.58
C ALA O 296 -30.91 16.45 55.02
N PHE O 297 -31.96 17.36 55.18
CA PHE O 297 -31.86 18.79 54.82
C PHE O 297 -30.93 19.50 55.78
N ARG O 298 -31.11 19.30 57.07
CA ARG O 298 -30.38 19.93 58.15
C ARG O 298 -28.92 19.65 58.04
N GLU O 299 -28.61 18.40 57.77
CA GLU O 299 -27.33 17.85 57.42
C GLU O 299 -26.72 18.43 56.18
N VAL O 300 -27.53 19.01 55.29
CA VAL O 300 -27.13 19.64 54.09
C VAL O 300 -27.15 21.14 54.29
N ALA O 301 -28.00 21.69 55.18
CA ALA O 301 -27.93 23.04 55.60
C ALA O 301 -26.79 23.25 56.65
N ARG O 302 -25.95 22.23 56.74
CA ARG O 302 -24.62 22.28 57.36
C ARG O 302 -23.76 23.05 56.36
N LEU O 303 -24.01 22.85 55.01
CA LEU O 303 -23.44 23.58 53.92
C LEU O 303 -24.27 24.80 53.61
N ALA O 304 -24.66 25.66 54.56
CA ALA O 304 -25.52 26.84 54.37
C ALA O 304 -24.71 28.06 54.26
N GLU O 305 -23.65 27.92 53.56
CA GLU O 305 -22.99 28.99 52.92
C GLU O 305 -23.71 29.83 51.88
N PRO O 306 -24.56 29.37 50.99
CA PRO O 306 -25.08 30.19 49.89
C PRO O 306 -25.67 31.63 50.10
N ALA O 307 -25.14 32.71 49.46
CA ALA O 307 -25.48 34.12 49.43
C ALA O 307 -24.41 34.84 48.66
N GLY O 308 -24.71 36.10 48.25
CA GLY O 308 -25.91 36.88 48.55
C GLY O 308 -26.13 37.79 47.35
N PRO O 309 -27.08 38.76 47.30
CA PRO O 309 -27.30 39.58 46.09
C PRO O 309 -26.08 40.10 45.42
N TRP O 310 -25.21 40.85 46.15
CA TRP O 310 -23.99 41.49 45.88
C TRP O 310 -23.18 40.98 44.67
N ALA O 311 -23.17 39.66 44.47
CA ALA O 311 -22.50 39.06 43.27
C ALA O 311 -23.15 39.31 41.91
N ASP O 312 -24.43 39.68 41.84
CA ASP O 312 -25.00 39.87 40.53
C ASP O 312 -25.01 41.35 40.16
N ILE O 313 -24.56 42.19 41.05
CA ILE O 313 -24.65 43.64 40.82
C ILE O 313 -23.34 44.26 40.51
N MET O 314 -23.37 45.04 39.41
CA MET O 314 -22.46 46.05 39.04
C MET O 314 -23.27 47.05 38.16
N GLN O 315 -23.16 48.43 38.25
CA GLN O 315 -23.94 49.32 37.43
C GLN O 315 -23.87 49.00 35.98
N GLY O 316 -25.03 49.02 35.32
CA GLY O 316 -25.14 48.90 33.88
C GLY O 316 -24.74 50.19 33.16
N PRO O 317 -24.25 50.14 31.96
CA PRO O 317 -23.87 51.32 31.11
C PRO O 317 -25.18 51.87 30.56
N SER O 318 -26.25 51.09 30.66
CA SER O 318 -27.58 51.43 30.21
C SER O 318 -28.34 51.87 31.48
N GLU O 319 -27.82 51.70 32.68
CA GLU O 319 -28.55 51.96 33.89
C GLU O 319 -28.13 53.24 34.57
N SER O 320 -29.15 54.09 34.83
CA SER O 320 -29.08 55.34 35.60
C SER O 320 -28.57 55.12 36.92
N PHE O 321 -27.97 56.20 37.46
CA PHE O 321 -27.37 56.15 38.78
C PHE O 321 -28.43 55.81 39.80
N VAL O 322 -29.61 56.41 39.77
CA VAL O 322 -30.62 56.08 40.76
C VAL O 322 -31.08 54.67 40.60
N ASP O 323 -31.23 54.18 39.36
CA ASP O 323 -31.73 52.86 39.06
C ASP O 323 -30.75 51.83 39.61
N PHE O 324 -29.49 52.05 39.42
CA PHE O 324 -28.41 51.37 40.06
C PHE O 324 -28.36 51.47 41.62
N ALA O 325 -28.44 52.67 42.16
CA ALA O 325 -28.49 52.93 43.51
C ALA O 325 -29.63 52.25 44.19
N ASN O 326 -30.81 52.31 43.59
CA ASN O 326 -31.93 51.60 44.02
C ASN O 326 -31.76 50.12 44.00
N ARG O 327 -31.23 49.56 42.92
CA ARG O 327 -30.81 48.17 42.82
C ARG O 327 -29.87 47.71 43.90
N LEU O 328 -28.91 48.59 44.26
CA LEU O 328 -27.83 48.48 45.23
C LEU O 328 -28.45 48.41 46.66
N ILE O 329 -29.40 49.31 46.91
CA ILE O 329 -30.09 49.47 48.21
C ILE O 329 -30.86 48.20 48.44
N LYS O 330 -31.45 47.69 47.34
CA LYS O 330 -32.14 46.40 47.21
C LYS O 330 -31.15 45.28 47.56
N ALA O 331 -29.87 45.23 47.05
CA ALA O 331 -28.86 44.27 47.43
C ALA O 331 -28.55 44.41 48.92
N VAL O 332 -28.55 45.65 49.49
CA VAL O 332 -28.34 45.83 50.94
C VAL O 332 -29.48 45.30 51.79
N GLU O 333 -30.75 45.53 51.42
CA GLU O 333 -31.97 44.98 52.00
C GLU O 333 -31.94 43.46 51.96
N GLY O 334 -31.45 42.94 50.83
CA GLY O 334 -31.44 41.53 50.45
C GLY O 334 -30.26 40.80 50.92
N SER O 335 -29.30 41.45 51.63
CA SER O 335 -28.16 40.89 52.21
C SER O 335 -28.61 40.84 53.59
N ASP O 336 -28.26 39.73 54.29
CA ASP O 336 -28.79 39.62 55.68
C ASP O 336 -27.59 39.91 56.57
N LEU O 337 -27.18 41.22 56.55
CA LEU O 337 -26.08 41.71 57.39
C LEU O 337 -26.53 42.06 58.76
N PRO O 338 -25.75 41.85 59.84
CA PRO O 338 -26.07 42.44 61.08
C PRO O 338 -25.68 43.86 61.06
N PRO O 339 -26.05 44.70 62.04
CA PRO O 339 -25.59 46.11 62.00
C PRO O 339 -24.17 46.31 61.77
N SER O 340 -23.36 45.44 62.43
CA SER O 340 -21.92 45.47 62.33
C SER O 340 -21.38 45.18 60.93
N ALA O 341 -22.14 44.63 59.95
CA ALA O 341 -21.63 44.55 58.57
C ALA O 341 -22.27 45.59 57.59
N ARG O 342 -23.27 46.28 57.97
CA ARG O 342 -24.01 47.01 56.92
C ARG O 342 -23.41 48.16 56.18
N ALA O 343 -22.92 49.17 56.86
CA ALA O 343 -22.18 50.25 56.32
C ALA O 343 -20.97 49.75 55.60
N PRO O 344 -20.11 48.82 56.14
CA PRO O 344 -18.99 48.27 55.41
C PRO O 344 -19.28 47.64 54.14
N VAL O 345 -20.37 46.80 54.03
CA VAL O 345 -20.78 46.34 52.71
C VAL O 345 -21.18 47.43 51.72
N ILE O 346 -21.90 48.41 52.24
CA ILE O 346 -22.47 49.53 51.44
C ILE O 346 -21.30 50.33 50.83
N ILE O 347 -20.33 50.68 51.66
CA ILE O 347 -19.05 51.35 51.31
C ILE O 347 -18.26 50.52 50.32
N ASP O 348 -18.13 49.15 50.52
CA ASP O 348 -17.46 48.31 49.65
C ASP O 348 -18.06 48.45 48.22
N CYS O 349 -19.35 48.43 48.12
CA CYS O 349 -20.08 48.64 46.97
C CYS O 349 -19.88 50.00 46.40
N PHE O 350 -19.80 51.06 47.22
CA PHE O 350 -19.44 52.43 46.88
C PHE O 350 -18.01 52.53 46.19
N ARG O 351 -17.09 51.76 46.87
CA ARG O 351 -15.73 51.55 46.53
C ARG O 351 -15.67 50.86 45.16
N GLN O 352 -16.68 49.96 44.84
CA GLN O 352 -16.48 48.92 43.82
C GLN O 352 -17.48 48.86 42.65
N LYS O 353 -18.71 49.36 42.76
CA LYS O 353 -19.66 48.87 41.75
C LYS O 353 -20.41 49.78 40.86
N SER O 354 -20.08 51.06 41.04
CA SER O 354 -20.50 52.19 40.18
C SER O 354 -19.85 52.05 38.86
N GLN O 355 -20.34 52.74 37.80
CA GLN O 355 -19.65 52.79 36.46
C GLN O 355 -18.16 53.27 36.54
N PRO O 356 -17.28 52.79 35.65
CA PRO O 356 -15.87 53.08 35.72
C PRO O 356 -15.54 54.52 35.84
N ASP O 357 -16.18 55.35 35.01
CA ASP O 357 -15.99 56.80 34.94
C ASP O 357 -16.41 57.51 36.23
N ILE O 358 -17.45 56.91 36.87
CA ILE O 358 -17.97 57.41 38.14
C ILE O 358 -17.08 57.03 39.29
N GLN O 359 -16.47 55.77 39.26
CA GLN O 359 -15.41 55.40 40.20
C GLN O 359 -14.26 56.31 40.17
N GLN O 360 -13.89 56.80 38.95
CA GLN O 360 -12.88 57.76 38.79
C GLN O 360 -13.29 59.11 39.32
N LEU O 361 -14.53 59.48 39.17
CA LEU O 361 -15.07 60.66 39.81
C LEU O 361 -15.01 60.51 41.35
N ILE O 362 -15.34 59.34 41.94
CA ILE O 362 -15.36 59.04 43.38
C ILE O 362 -13.99 59.07 43.94
N ARG O 363 -12.93 58.70 43.16
CA ARG O 363 -11.52 58.78 43.49
C ARG O 363 -11.18 60.23 43.75
N THR O 364 -11.90 61.21 43.11
CA THR O 364 -11.61 62.62 43.34
C THR O 364 -12.34 63.20 44.53
N ALA O 365 -13.34 62.41 45.05
CA ALA O 365 -14.18 62.89 46.12
C ALA O 365 -13.39 63.40 47.34
N PRO O 366 -13.74 64.59 47.85
CA PRO O 366 -13.11 65.25 48.94
C PRO O 366 -13.80 64.63 50.16
N SER O 367 -13.20 64.58 51.41
CA SER O 367 -13.76 63.98 52.62
C SER O 367 -14.44 62.60 52.30
N THR O 368 -15.48 62.24 53.06
CA THR O 368 -16.10 60.98 53.12
C THR O 368 -17.41 60.95 52.33
N LEU O 369 -17.47 60.19 51.15
CA LEU O 369 -18.72 59.95 50.40
C LEU O 369 -19.43 58.83 51.14
N THR O 370 -19.83 59.06 52.43
CA THR O 370 -20.12 58.05 53.43
C THR O 370 -21.42 57.39 53.06
N THR O 371 -22.39 58.15 52.55
CA THR O 371 -23.80 57.77 52.23
C THR O 371 -24.25 58.20 50.80
N PRO O 372 -25.52 57.77 50.50
CA PRO O 372 -26.25 58.34 49.40
C PRO O 372 -26.37 59.79 49.36
N GLY O 373 -26.51 60.55 50.39
CA GLY O 373 -26.64 62.00 50.32
C GLY O 373 -25.46 62.67 49.62
N GLU O 374 -24.26 62.22 49.97
CA GLU O 374 -23.04 62.50 49.31
C GLU O 374 -22.92 62.12 47.90
N ILE O 375 -23.55 60.93 47.53
CA ILE O 375 -23.65 60.45 46.19
C ILE O 375 -24.67 61.39 45.47
N ILE O 376 -25.74 61.82 46.03
CA ILE O 376 -26.66 62.70 45.38
C ILE O 376 -25.96 63.99 45.04
N LYS O 377 -25.22 64.47 46.06
CA LYS O 377 -24.45 65.69 46.07
C LYS O 377 -23.46 65.61 44.86
N TYR O 378 -22.79 64.44 44.68
CA TYR O 378 -21.95 64.05 43.63
C TYR O 378 -22.57 64.13 42.28
N VAL O 379 -23.82 63.61 42.14
CA VAL O 379 -24.60 63.74 40.94
C VAL O 379 -24.78 65.28 40.70
N LEU O 380 -25.12 66.07 41.71
CA LEU O 380 -25.41 67.46 41.75
C LEU O 380 -24.24 68.26 41.26
N ASP O 381 -23.04 67.80 41.60
CA ASP O 381 -21.80 68.42 41.23
C ASP O 381 -21.65 68.36 39.68
N ARG O 382 -22.26 67.44 38.96
CA ARG O 382 -22.01 67.02 37.55
C ARG O 382 -23.21 67.29 36.65
N GLN O 383 -24.44 67.51 37.23
CA GLN O 383 -25.65 67.89 36.50
C GLN O 383 -25.83 69.39 36.45
N TRP P 168 14.08 -16.70 73.44
CA TRP P 168 13.30 -15.77 72.65
C TRP P 168 13.53 -14.36 73.09
N THR P 169 13.66 -13.41 72.17
CA THR P 169 14.27 -12.11 72.41
C THR P 169 13.37 -11.13 71.80
N PRO P 170 12.77 -10.13 72.51
CA PRO P 170 11.95 -9.04 71.97
C PRO P 170 12.85 -7.89 71.66
N LEU P 171 12.83 -7.29 70.46
CA LEU P 171 13.65 -6.12 70.13
C LEU P 171 12.99 -4.78 70.44
N GLU P 172 13.82 -3.75 70.77
CA GLU P 172 13.31 -2.51 71.24
C GLU P 172 13.50 -1.47 70.10
N PRO P 173 12.49 -0.92 69.46
CA PRO P 173 12.46 0.27 68.55
C PRO P 173 13.51 1.39 68.81
N LYS P 174 13.62 1.87 70.10
CA LYS P 174 14.55 2.91 70.62
C LYS P 174 15.98 2.60 70.38
N LEU P 175 16.41 1.33 70.64
CA LEU P 175 17.72 0.79 70.28
C LEU P 175 17.94 0.64 68.83
N ILE P 176 16.90 0.34 68.03
CA ILE P 176 17.06 0.21 66.58
C ILE P 176 17.15 1.59 65.93
N THR P 177 16.39 2.61 66.36
CA THR P 177 16.50 3.99 65.87
C THR P 177 17.80 4.65 66.14
N ARG P 178 18.26 4.59 67.38
CA ARG P 178 19.58 5.09 67.68
C ARG P 178 20.71 4.33 67.00
N LEU P 179 20.51 3.00 66.78
CA LEU P 179 21.49 2.28 66.00
C LEU P 179 21.51 2.70 64.57
N ALA P 180 20.33 2.93 64.09
CA ALA P 180 20.11 3.51 62.76
C ALA P 180 20.74 4.86 62.67
N ASP P 181 20.60 5.79 63.63
CA ASP P 181 21.36 7.02 63.74
C ASP P 181 22.89 6.77 63.63
N THR P 182 23.38 5.85 64.40
CA THR P 182 24.84 5.46 64.29
C THR P 182 25.23 4.96 63.00
N VAL P 183 24.47 4.07 62.31
CA VAL P 183 24.65 3.50 61.00
C VAL P 183 24.50 4.54 59.90
N ARG P 184 23.61 5.56 60.15
CA ARG P 184 23.36 6.71 59.31
C ARG P 184 24.63 7.54 59.27
N THR P 185 24.87 8.21 60.42
CA THR P 185 26.03 9.08 60.71
C THR P 185 27.34 8.40 60.38
N LYS P 186 27.93 7.63 61.25
CA LYS P 186 29.16 7.00 61.05
C LYS P 186 29.40 6.18 59.77
N GLY P 187 28.36 5.51 59.34
CA GLY P 187 28.32 4.31 58.51
C GLY P 187 29.49 3.39 58.40
N LEU P 188 30.00 3.25 57.18
CA LEU P 188 30.35 1.90 56.67
C LEU P 188 31.85 1.69 56.83
N ARG P 189 32.48 2.41 57.70
CA ARG P 189 33.53 1.92 58.56
C ARG P 189 33.30 2.71 59.90
N SER P 190 33.16 1.97 61.03
CA SER P 190 33.02 2.59 62.32
C SER P 190 33.06 1.51 63.41
N PRO P 191 34.14 1.18 64.05
CA PRO P 191 34.34 1.11 65.52
C PRO P 191 33.56 1.98 66.45
N ILE P 192 32.44 2.62 66.04
CA ILE P 192 31.32 2.91 66.96
C ILE P 192 30.09 2.17 66.51
N THR P 193 29.72 2.18 65.19
CA THR P 193 28.64 1.36 64.68
C THR P 193 28.79 -0.18 64.85
N MET P 194 29.95 -0.72 64.44
CA MET P 194 30.33 -2.06 64.80
C MET P 194 30.28 -2.38 66.24
N ALA P 195 30.76 -1.50 67.16
CA ALA P 195 30.58 -1.70 68.54
C ALA P 195 29.15 -1.76 68.96
N GLU P 196 28.42 -0.74 68.49
CA GLU P 196 27.06 -0.61 68.92
C GLU P 196 26.15 -1.79 68.36
N VAL P 197 26.51 -2.31 67.14
CA VAL P 197 25.87 -3.50 66.56
C VAL P 197 26.28 -4.74 67.26
N GLU P 198 27.54 -4.96 67.53
CA GLU P 198 27.99 -6.06 68.36
C GLU P 198 27.19 -6.29 69.65
N ALA P 199 27.15 -5.20 70.42
CA ALA P 199 26.41 -5.10 71.64
C ALA P 199 24.95 -5.46 71.51
N LEU P 200 24.32 -4.94 70.47
CA LEU P 200 22.97 -5.23 70.24
C LEU P 200 22.75 -6.68 69.77
N MET P 201 23.84 -7.35 69.36
CA MET P 201 23.82 -8.74 68.85
C MET P 201 24.61 -9.67 69.74
N SER P 202 24.49 -9.40 71.10
CA SER P 202 25.02 -10.26 72.13
C SER P 202 23.90 -11.21 72.54
N SER P 203 22.65 -11.06 71.96
CA SER P 203 21.49 -11.85 72.42
C SER P 203 21.12 -12.89 71.37
N PRO P 204 20.24 -13.88 71.69
CA PRO P 204 19.86 -14.93 70.75
C PRO P 204 18.76 -14.31 69.93
N LEU P 205 19.09 -13.79 68.76
CA LEU P 205 18.14 -13.14 67.88
C LEU P 205 17.53 -14.21 67.00
N LEU P 206 16.30 -13.89 66.54
CA LEU P 206 15.43 -14.73 65.68
C LEU P 206 15.71 -14.49 64.20
N PRO P 207 15.85 -15.49 63.25
CA PRO P 207 16.12 -15.30 61.82
C PRO P 207 15.26 -14.32 61.16
N HIS P 208 13.90 -14.26 61.44
CA HIS P 208 12.97 -13.25 60.95
C HIS P 208 13.29 -11.78 61.41
N ASP P 209 13.73 -11.68 62.66
CA ASP P 209 14.01 -10.48 63.33
C ASP P 209 15.28 -9.88 62.81
N VAL P 210 16.28 -10.78 62.62
CA VAL P 210 17.52 -10.53 61.95
C VAL P 210 17.21 -10.05 60.61
N THR P 211 16.50 -10.72 59.78
CA THR P 211 16.04 -10.31 58.44
C THR P 211 15.46 -8.91 58.44
N ASN P 212 14.53 -8.63 59.31
CA ASN P 212 13.99 -7.24 59.41
C ASN P 212 15.04 -6.28 59.79
N LEU P 213 15.81 -6.58 60.78
CA LEU P 213 16.87 -5.70 61.27
C LEU P 213 17.88 -5.29 60.19
N MET P 214 18.34 -6.36 59.52
CA MET P 214 19.21 -6.24 58.34
C MET P 214 18.61 -5.59 57.18
N ARG P 215 17.38 -5.92 56.80
CA ARG P 215 16.59 -5.23 55.79
C ARG P 215 16.45 -3.72 56.06
N VAL P 216 16.46 -3.35 57.33
CA VAL P 216 16.42 -1.97 57.67
C VAL P 216 17.72 -1.32 57.63
N ILE P 217 18.70 -1.95 58.21
CA ILE P 217 19.94 -1.17 58.30
C ILE P 217 20.78 -1.14 57.01
N LEU P 218 20.92 -2.29 56.38
CA LEU P 218 21.79 -2.31 55.25
C LEU P 218 21.19 -1.55 54.01
N GLY P 219 19.84 -1.55 53.92
CA GLY P 219 19.17 -1.06 52.71
C GLY P 219 19.26 -2.16 51.65
N PRO P 220 18.29 -2.22 50.83
CA PRO P 220 18.16 -3.39 49.91
C PRO P 220 19.36 -3.95 49.20
N ALA P 221 20.15 -3.11 48.46
CA ALA P 221 21.38 -3.45 47.73
C ALA P 221 22.52 -3.97 48.61
N PRO P 222 22.93 -3.22 49.59
CA PRO P 222 23.92 -3.78 50.51
C PRO P 222 23.35 -4.88 51.33
N TYR P 223 22.03 -4.83 51.72
CA TYR P 223 21.31 -5.85 52.44
C TYR P 223 21.51 -7.14 51.67
N ALA P 224 21.49 -7.12 50.39
CA ALA P 224 21.67 -8.30 49.57
C ALA P 224 23.06 -8.96 49.72
N LEU P 225 24.12 -8.15 49.64
CA LEU P 225 25.46 -8.56 49.87
C LEU P 225 25.49 -9.22 51.22
N TRP P 226 25.03 -8.51 52.30
CA TRP P 226 25.00 -9.11 53.62
C TRP P 226 24.20 -10.41 53.63
N MET P 227 22.99 -10.42 53.05
CA MET P 227 22.05 -11.50 53.02
C MET P 227 22.65 -12.77 52.47
N ASP P 228 23.33 -12.67 51.29
CA ASP P 228 24.19 -13.63 50.61
C ASP P 228 25.30 -13.95 51.62
N ALA P 229 26.05 -12.96 52.19
CA ALA P 229 27.10 -13.31 53.09
C ALA P 229 26.64 -14.13 54.34
N TRP P 230 25.53 -13.72 54.96
CA TRP P 230 24.91 -14.34 56.04
C TRP P 230 24.47 -15.76 55.66
N GLY P 231 23.99 -16.05 54.42
CA GLY P 231 23.65 -17.42 53.93
C GLY P 231 24.86 -18.28 53.83
N VAL P 232 26.03 -17.73 53.33
CA VAL P 232 27.37 -18.38 53.37
C VAL P 232 27.77 -18.80 54.75
N GLN P 233 27.68 -17.79 55.65
CA GLN P 233 27.98 -18.03 57.05
C GLN P 233 27.14 -19.15 57.60
N LEU P 234 25.84 -19.19 57.29
CA LEU P 234 24.98 -20.34 57.61
C LEU P 234 25.36 -21.64 56.89
N GLN P 235 25.76 -21.66 55.58
CA GLN P 235 26.26 -22.82 54.90
C GLN P 235 27.53 -23.42 55.48
N THR P 236 28.50 -22.57 56.02
CA THR P 236 29.66 -23.16 56.68
C THR P 236 29.41 -23.89 57.95
N VAL P 237 28.22 -23.57 58.53
CA VAL P 237 27.73 -24.25 59.72
C VAL P 237 27.14 -25.62 59.25
N ILE P 238 26.62 -25.68 58.07
CA ILE P 238 26.11 -26.88 57.52
C ILE P 238 27.21 -27.87 57.23
N ALA P 239 28.40 -27.43 57.23
CA ALA P 239 29.61 -28.24 56.99
C ALA P 239 29.98 -28.85 58.30
N ALA P 240 30.20 -28.03 59.35
CA ALA P 240 30.39 -28.51 60.67
C ALA P 240 29.21 -29.28 61.20
N ALA P 241 28.06 -29.10 60.58
CA ALA P 241 26.80 -29.77 60.91
C ALA P 241 26.87 -31.21 60.44
N THR P 242 27.55 -31.36 59.29
CA THR P 242 27.74 -32.63 58.74
C THR P 242 28.87 -33.40 59.39
N ARG P 243 29.98 -32.64 59.49
CA ARG P 243 31.22 -33.07 60.19
C ARG P 243 31.10 -33.62 61.63
N ASP P 244 30.14 -32.98 62.42
CA ASP P 244 29.72 -33.53 63.63
C ASP P 244 28.22 -33.44 63.48
N PRO P 245 27.46 -34.51 63.27
CA PRO P 245 26.01 -34.41 63.14
C PRO P 245 25.52 -34.82 64.48
N ARG P 246 26.29 -34.70 65.54
CA ARG P 246 25.73 -34.88 66.83
C ARG P 246 26.34 -33.92 67.84
N HIS P 247 27.04 -32.84 67.39
CA HIS P 247 27.36 -31.70 68.21
C HIS P 247 26.14 -30.97 68.66
N PRO P 248 26.09 -30.31 69.86
CA PRO P 248 24.99 -29.61 70.37
C PRO P 248 23.72 -29.10 69.66
N ALA P 249 23.91 -28.32 68.57
CA ALA P 249 22.77 -27.82 67.76
C ALA P 249 22.07 -29.02 67.10
N ASN P 250 22.83 -30.15 66.78
CA ASN P 250 22.34 -31.39 66.34
C ASN P 250 21.76 -32.18 67.47
N GLY P 251 20.40 -32.19 67.61
CA GLY P 251 19.72 -32.75 68.76
C GLY P 251 19.48 -34.24 68.73
N GLN P 252 18.47 -34.67 69.45
CA GLN P 252 18.10 -36.11 69.62
C GLN P 252 17.76 -36.78 68.33
N GLY P 253 16.88 -36.25 67.53
CA GLY P 253 16.44 -36.83 66.28
C GLY P 253 17.09 -36.48 64.98
N ARG P 254 16.66 -37.17 63.89
CA ARG P 254 17.09 -36.92 62.51
C ARG P 254 16.74 -35.45 62.08
N GLY P 255 15.55 -34.98 62.52
CA GLY P 255 15.10 -33.60 62.29
C GLY P 255 15.64 -32.54 63.18
N GLU P 256 16.28 -33.06 64.27
CA GLU P 256 16.82 -32.19 65.24
C GLU P 256 18.30 -32.10 65.03
N ARG P 257 18.80 -32.81 63.94
CA ARG P 257 20.17 -32.59 63.37
C ARG P 257 20.15 -31.21 62.89
N THR P 258 21.32 -30.60 62.85
CA THR P 258 21.43 -29.22 62.33
C THR P 258 21.23 -29.17 60.81
N ASN P 259 20.08 -28.82 60.34
CA ASN P 259 19.69 -29.06 58.93
C ASN P 259 19.20 -27.84 58.13
N LEU P 260 19.46 -27.83 56.87
CA LEU P 260 19.08 -26.76 55.90
C LEU P 260 17.67 -26.28 56.04
N ASN P 261 16.62 -27.11 56.06
CA ASN P 261 15.29 -26.64 56.06
C ASN P 261 14.99 -25.78 57.30
N ARG P 262 15.51 -26.25 58.49
CA ARG P 262 15.46 -25.50 59.76
C ARG P 262 16.14 -24.18 59.60
N LEU P 263 17.44 -24.19 59.21
CA LEU P 263 18.29 -23.07 59.01
C LEU P 263 17.85 -21.99 58.09
N LYS P 264 16.99 -22.46 57.10
CA LYS P 264 16.44 -21.51 56.15
C LYS P 264 15.14 -20.99 56.61
N GLY P 265 14.61 -21.51 57.72
CA GLY P 265 13.35 -21.08 58.22
C GLY P 265 12.17 -21.70 57.42
N LEU P 266 12.40 -22.60 56.48
CA LEU P 266 11.43 -23.19 55.64
C LEU P 266 10.92 -24.47 56.22
N ALA P 267 11.20 -24.83 57.43
CA ALA P 267 10.80 -26.02 58.08
C ALA P 267 9.38 -25.81 58.48
N ASP P 268 8.66 -26.89 58.74
CA ASP P 268 7.29 -26.84 59.11
C ASP P 268 6.94 -26.09 60.35
N GLY P 269 6.24 -25.03 60.32
CA GLY P 269 5.87 -24.10 61.37
C GLY P 269 6.83 -22.91 61.39
N MET P 270 7.82 -22.81 60.55
CA MET P 270 8.66 -21.63 60.51
C MET P 270 8.08 -20.74 59.49
N VAL P 271 8.05 -21.16 58.21
CA VAL P 271 7.29 -20.41 57.25
C VAL P 271 5.78 -20.34 57.68
N GLY P 272 5.19 -19.13 57.41
CA GLY P 272 3.77 -19.02 57.75
C GLY P 272 3.53 -18.74 59.18
N ASN P 273 4.56 -18.62 59.95
CA ASN P 273 4.44 -18.49 61.34
C ASN P 273 5.68 -18.05 62.02
N PRO P 274 5.95 -16.78 62.12
CA PRO P 274 7.10 -16.36 62.99
C PRO P 274 7.07 -16.84 64.38
N GLN P 275 5.90 -17.03 65.02
CA GLN P 275 5.78 -17.52 66.35
C GLN P 275 6.35 -18.92 66.41
N GLY P 276 6.00 -19.72 65.36
CA GLY P 276 6.43 -21.13 65.09
C GLY P 276 7.96 -21.21 64.86
N GLN P 277 8.59 -20.23 64.13
CA GLN P 277 10.06 -20.23 63.95
C GLN P 277 10.72 -20.13 65.32
N ALA P 278 10.15 -19.24 66.16
CA ALA P 278 10.44 -19.02 67.56
C ALA P 278 10.17 -20.17 68.48
N ALA P 279 9.24 -21.04 68.12
CA ALA P 279 8.78 -22.20 68.72
C ALA P 279 9.59 -23.44 68.39
N LEU P 280 10.34 -23.48 67.25
CA LEU P 280 11.10 -24.58 66.84
C LEU P 280 12.47 -24.41 67.17
N LEU P 281 13.02 -23.19 66.99
CA LEU P 281 14.45 -22.98 67.15
C LEU P 281 14.89 -22.94 68.62
N ARG P 282 16.13 -23.52 68.89
CA ARG P 282 16.68 -23.55 70.25
C ARG P 282 17.68 -22.37 70.45
N PRO P 283 17.94 -21.95 71.69
CA PRO P 283 18.81 -20.87 71.96
C PRO P 283 20.15 -21.01 71.30
N GLY P 284 20.80 -22.22 71.36
CA GLY P 284 22.09 -22.49 70.76
C GLY P 284 22.04 -22.15 69.22
N GLU P 285 20.90 -22.45 68.56
CA GLU P 285 20.77 -22.22 67.18
C GLU P 285 20.69 -20.72 66.94
N LEU P 286 19.89 -19.98 67.81
CA LEU P 286 19.70 -18.54 67.73
C LEU P 286 21.01 -17.77 67.88
N VAL P 287 21.98 -18.27 68.76
CA VAL P 287 23.25 -17.66 68.96
C VAL P 287 24.07 -17.83 67.70
N ALA P 288 24.00 -19.02 67.13
CA ALA P 288 24.69 -19.45 66.00
C ALA P 288 24.30 -18.58 64.85
N ILE P 289 23.00 -18.46 64.64
CA ILE P 289 22.38 -17.57 63.72
C ILE P 289 22.87 -16.15 63.84
N THR P 290 22.88 -15.63 65.10
CA THR P 290 23.27 -14.24 65.37
C THR P 290 24.78 -14.03 65.01
N ALA P 291 25.60 -15.03 65.35
CA ALA P 291 26.97 -14.99 64.98
C ALA P 291 27.07 -15.04 63.41
N SER P 292 26.42 -15.88 62.65
CA SER P 292 26.53 -15.90 61.19
C SER P 292 26.29 -14.61 60.54
N ALA P 293 25.21 -13.94 60.95
CA ALA P 293 24.80 -12.57 60.66
C ALA P 293 25.78 -11.46 61.00
N LEU P 294 26.26 -11.53 62.19
CA LEU P 294 27.28 -10.67 62.77
C LEU P 294 28.57 -10.79 62.03
N GLN P 295 28.97 -12.03 61.65
CA GLN P 295 30.08 -12.27 60.83
C GLN P 295 29.96 -11.63 59.51
N ALA P 296 28.98 -12.08 58.70
CA ALA P 296 28.69 -11.57 57.41
C ALA P 296 28.69 -9.98 57.34
N PHE P 297 28.32 -9.26 58.46
CA PHE P 297 28.34 -7.88 58.66
C PHE P 297 29.75 -7.37 58.82
N ARG P 298 30.65 -8.00 59.66
CA ARG P 298 32.03 -7.67 59.93
C ARG P 298 32.80 -7.75 58.56
N GLU P 299 32.44 -8.82 57.80
CA GLU P 299 32.87 -9.11 56.46
C GLU P 299 32.60 -8.06 55.45
N VAL P 300 31.58 -7.28 55.74
CA VAL P 300 31.22 -6.20 54.86
C VAL P 300 31.69 -4.85 55.44
N ALA P 301 31.79 -4.66 56.78
CA ALA P 301 32.00 -3.30 57.23
C ALA P 301 33.43 -2.75 57.21
N ARG P 302 34.34 -3.42 56.50
CA ARG P 302 35.62 -2.82 56.36
C ARG P 302 35.87 -2.16 55.07
N LEU P 303 35.89 -0.80 54.93
CA LEU P 303 36.11 -0.08 53.69
C LEU P 303 36.21 1.41 53.83
N ALA P 304 36.96 2.04 52.87
CA ALA P 304 37.35 3.48 52.68
C ALA P 304 38.53 4.07 53.50
N GLU P 305 39.60 4.55 52.81
CA GLU P 305 40.49 5.63 53.30
C GLU P 305 39.85 7.06 53.45
N PRO P 306 39.18 7.77 52.52
CA PRO P 306 38.55 9.06 52.85
C PRO P 306 37.25 8.59 53.43
N ALA P 307 36.68 9.17 54.44
CA ALA P 307 35.50 8.70 55.15
C ALA P 307 34.15 9.15 54.50
N GLY P 308 33.33 10.16 54.99
CA GLY P 308 33.49 11.06 56.13
C GLY P 308 32.31 11.95 56.22
N PRO P 309 32.06 12.70 57.28
CA PRO P 309 30.90 13.60 57.47
C PRO P 309 30.83 14.73 56.39
N TRP P 310 31.98 15.37 56.10
CA TRP P 310 32.09 16.51 55.20
C TRP P 310 31.04 16.77 54.03
N ALA P 311 30.50 15.71 53.45
CA ALA P 311 29.81 15.74 52.20
C ALA P 311 28.45 16.51 52.20
N ASP P 312 27.85 16.85 53.38
CA ASP P 312 26.59 17.58 53.45
C ASP P 312 26.92 18.98 53.86
N ILE P 313 28.20 19.43 54.08
CA ILE P 313 28.54 20.74 54.49
C ILE P 313 29.45 21.46 53.46
N MET P 314 28.95 22.47 52.84
CA MET P 314 29.63 23.49 52.01
C MET P 314 28.75 24.66 52.47
N GLN P 315 29.28 25.86 52.85
CA GLN P 315 28.43 26.94 53.28
C GLN P 315 27.35 27.52 52.36
N GLY P 316 26.06 27.54 52.86
CA GLY P 316 24.94 28.09 52.05
C GLY P 316 24.96 29.65 52.04
N PRO P 317 24.08 30.18 51.25
CA PRO P 317 24.06 31.66 51.12
C PRO P 317 23.34 32.33 52.29
N SER P 318 22.38 31.64 52.83
CA SER P 318 21.54 32.01 53.98
C SER P 318 22.11 31.33 55.25
N GLU P 319 23.26 30.75 55.13
CA GLU P 319 23.95 30.11 56.21
C GLU P 319 25.05 30.98 56.74
N SER P 320 25.01 31.35 58.07
CA SER P 320 26.00 32.20 58.59
C SER P 320 27.34 31.43 58.80
N PHE P 321 28.44 32.24 58.98
CA PHE P 321 29.77 31.68 59.28
C PHE P 321 29.73 30.88 60.57
N VAL P 322 29.14 31.37 61.66
CA VAL P 322 28.95 30.66 62.90
C VAL P 322 28.16 29.44 62.73
N ASP P 323 27.05 29.47 61.93
CA ASP P 323 26.18 28.33 61.67
C ASP P 323 26.91 27.18 60.89
N PHE P 324 27.62 27.56 59.82
CA PHE P 324 28.56 26.75 59.08
C PHE P 324 29.68 26.27 59.88
N ALA P 325 30.34 27.14 60.66
CA ALA P 325 31.49 26.83 61.54
C ALA P 325 31.13 25.79 62.56
N ASN P 326 30.00 26.01 63.26
CA ASN P 326 29.40 25.07 64.16
C ASN P 326 29.08 23.80 63.49
N ARG P 327 28.46 23.90 62.26
CA ARG P 327 28.18 22.72 61.49
C ARG P 327 29.31 21.82 61.18
N LEU P 328 30.49 22.49 60.88
CA LEU P 328 31.77 21.95 60.65
C LEU P 328 32.30 21.43 62.01
N ILE P 329 32.25 22.17 63.12
CA ILE P 329 32.80 21.72 64.32
C ILE P 329 32.20 20.49 64.75
N LYS P 330 30.91 20.35 64.59
CA LYS P 330 30.22 19.19 64.81
C LYS P 330 30.57 18.03 63.99
N ALA P 331 30.69 18.26 62.67
CA ALA P 331 31.09 17.27 61.75
C ALA P 331 32.45 16.75 62.11
N VAL P 332 33.30 17.66 62.60
CA VAL P 332 34.69 17.45 63.02
C VAL P 332 34.74 16.66 64.31
N GLU P 333 33.92 16.98 65.32
CA GLU P 333 33.67 16.20 66.52
C GLU P 333 33.12 14.83 66.31
N GLY P 334 32.28 14.63 65.27
CA GLY P 334 31.66 13.40 64.77
C GLY P 334 32.58 12.72 63.78
N SER P 335 33.79 13.23 63.48
CA SER P 335 34.59 12.60 62.46
C SER P 335 35.53 11.64 63.19
N ASP P 336 36.09 10.70 62.50
CA ASP P 336 37.05 9.72 63.02
C ASP P 336 38.48 10.02 62.49
N LEU P 337 38.78 11.32 62.39
CA LEU P 337 40.19 11.75 62.16
C LEU P 337 41.05 11.42 63.37
N PRO P 338 42.23 10.81 63.25
CA PRO P 338 43.14 10.82 64.41
C PRO P 338 43.64 12.26 64.59
N PRO P 339 44.16 12.69 65.73
CA PRO P 339 44.82 13.99 65.90
C PRO P 339 45.83 14.18 64.76
N SER P 340 46.60 13.18 64.26
CA SER P 340 47.51 13.32 63.14
C SER P 340 46.91 13.69 61.76
N ALA P 341 45.62 13.52 61.55
CA ALA P 341 44.88 13.98 60.40
C ALA P 341 43.99 15.22 60.59
N ARG P 342 43.79 15.68 61.90
CA ARG P 342 42.72 16.60 62.15
C ARG P 342 42.98 17.95 61.56
N ALA P 343 44.16 18.52 61.88
CA ALA P 343 44.49 19.82 61.27
C ALA P 343 44.55 19.83 59.74
N PRO P 344 45.13 18.91 58.92
CA PRO P 344 44.91 19.06 57.45
C PRO P 344 43.54 19.03 56.91
N VAL P 345 42.72 18.14 57.42
CA VAL P 345 41.29 18.10 57.11
C VAL P 345 40.50 19.27 57.56
N ILE P 346 40.66 19.74 58.76
CA ILE P 346 39.99 20.99 59.21
C ILE P 346 40.44 22.12 58.31
N ILE P 347 41.70 22.32 58.01
CA ILE P 347 42.20 23.32 57.08
C ILE P 347 41.75 23.10 55.63
N ASP P 348 41.72 21.88 55.07
CA ASP P 348 41.15 21.61 53.79
C ASP P 348 39.71 22.08 53.67
N CYS P 349 38.93 21.75 54.67
CA CYS P 349 37.56 22.36 54.79
C CYS P 349 37.52 23.90 54.92
N PHE P 350 38.41 24.52 55.69
CA PHE P 350 38.52 25.99 55.73
C PHE P 350 38.75 26.55 54.34
N ARG P 351 39.72 25.91 53.65
CA ARG P 351 40.06 26.31 52.34
C ARG P 351 38.99 26.10 51.28
N GLN P 352 38.13 25.04 51.45
CA GLN P 352 37.43 24.58 50.32
C GLN P 352 35.90 24.76 50.49
N LYS P 353 35.36 24.83 51.73
CA LYS P 353 33.94 24.58 51.85
C LYS P 353 33.27 25.72 52.46
N SER P 354 33.99 26.75 52.79
CA SER P 354 33.43 27.97 53.23
C SER P 354 32.78 28.76 52.07
N GLN P 355 32.09 29.86 52.37
CA GLN P 355 31.48 30.65 51.25
C GLN P 355 32.56 31.13 50.17
N PRO P 356 32.39 31.02 48.86
CA PRO P 356 33.41 31.20 47.85
C PRO P 356 34.26 32.48 47.91
N ASP P 357 33.66 33.62 48.21
CA ASP P 357 34.26 34.85 48.20
C ASP P 357 35.25 35.03 49.35
N ILE P 358 34.85 34.32 50.43
CA ILE P 358 35.54 34.27 51.66
C ILE P 358 36.78 33.42 51.42
N GLN P 359 36.68 32.33 50.61
CA GLN P 359 37.88 31.65 50.18
C GLN P 359 38.85 32.56 49.47
N GLN P 360 38.40 33.45 48.62
CA GLN P 360 39.32 34.35 47.91
C GLN P 360 39.88 35.35 48.91
N LEU P 361 39.09 35.80 49.89
CA LEU P 361 39.54 36.63 50.96
C LEU P 361 40.60 35.86 51.75
N ILE P 362 40.35 34.60 52.11
CA ILE P 362 41.18 33.70 52.96
C ILE P 362 42.51 33.50 52.25
N ARG P 363 42.58 33.52 50.95
CA ARG P 363 43.80 33.38 50.20
C ARG P 363 44.84 34.47 50.53
N THR P 364 44.43 35.68 51.02
CA THR P 364 45.43 36.67 51.48
C THR P 364 45.93 36.43 52.90
N ALA P 365 45.35 35.55 53.69
CA ALA P 365 45.78 35.25 55.14
C ALA P 365 47.17 34.71 55.19
N PRO P 366 47.97 35.23 56.15
CA PRO P 366 49.36 34.73 56.28
C PRO P 366 49.53 33.20 56.56
N SER P 367 50.67 32.63 56.22
CA SER P 367 50.89 31.12 56.18
C SER P 367 50.50 30.32 57.47
N THR P 368 50.83 30.86 58.64
CA THR P 368 50.63 30.26 59.94
C THR P 368 49.23 30.44 60.38
N LEU P 369 48.32 31.13 59.65
CA LEU P 369 46.95 31.25 60.14
C LEU P 369 46.17 29.96 59.82
N THR P 370 45.66 29.29 60.81
CA THR P 370 45.32 27.87 60.64
C THR P 370 44.33 27.29 61.59
N THR P 371 43.82 28.02 62.55
CA THR P 371 42.82 27.52 63.44
C THR P 371 41.64 28.47 63.42
N PRO P 372 40.52 28.27 64.19
CA PRO P 372 39.38 29.09 64.29
C PRO P 372 39.73 30.54 64.70
N GLY P 373 40.70 30.77 65.56
CA GLY P 373 40.93 32.16 65.95
C GLY P 373 41.21 33.05 64.80
N GLU P 374 42.06 32.55 63.87
CA GLU P 374 42.25 33.18 62.61
C GLU P 374 41.04 33.37 61.75
N ILE P 375 40.08 32.43 61.74
CA ILE P 375 38.83 32.54 61.08
C ILE P 375 37.93 33.58 61.71
N ILE P 376 37.85 33.64 63.07
CA ILE P 376 37.16 34.71 63.83
C ILE P 376 37.75 36.08 63.50
N LYS P 377 39.08 36.15 63.45
CA LYS P 377 39.85 37.31 63.08
C LYS P 377 39.44 37.85 61.68
N TYR P 378 39.31 36.88 60.83
CA TYR P 378 38.86 37.16 59.51
C TYR P 378 37.53 37.96 59.39
N VAL P 379 36.64 37.52 60.20
CA VAL P 379 35.29 37.98 60.44
C VAL P 379 35.23 39.32 61.00
N LEU P 380 36.05 39.49 62.01
CA LEU P 380 36.43 40.70 62.67
C LEU P 380 37.03 41.72 61.76
N ASP P 381 37.77 41.27 60.71
CA ASP P 381 38.41 42.11 59.74
C ASP P 381 37.40 42.87 58.90
N ARG P 382 36.23 42.26 58.77
CA ARG P 382 35.22 42.51 57.74
C ARG P 382 33.96 43.05 58.40
N GLN P 383 33.67 42.90 59.76
CA GLN P 383 32.48 43.51 60.33
C GLN P 383 32.67 45.05 60.52
N TRP Q 168 57.48 -44.38 20.69
CA TRP Q 168 56.73 -43.29 21.19
C TRP Q 168 57.76 -42.28 21.63
N THR Q 169 57.51 -41.01 21.38
CA THR Q 169 58.57 -39.99 21.50
C THR Q 169 58.05 -38.77 22.31
N PRO Q 170 58.71 -38.40 23.37
CA PRO Q 170 58.45 -37.22 24.14
C PRO Q 170 59.39 -36.23 23.54
N LEU Q 171 59.21 -34.91 23.97
CA LEU Q 171 60.23 -33.94 23.68
C LEU Q 171 60.31 -32.97 24.75
N GLU Q 172 61.39 -32.19 24.75
CA GLU Q 172 61.44 -31.12 25.76
C GLU Q 172 60.80 -29.78 25.43
N PRO Q 173 60.03 -29.21 26.30
CA PRO Q 173 59.27 -27.95 25.91
C PRO Q 173 60.21 -26.81 25.42
N LYS Q 174 61.22 -26.34 26.14
CA LYS Q 174 62.14 -25.32 25.68
C LYS Q 174 62.83 -25.71 24.44
N LEU Q 175 63.32 -26.97 24.24
CA LEU Q 175 63.99 -27.46 23.04
C LEU Q 175 63.06 -27.41 21.78
N ILE Q 176 61.72 -27.60 21.96
CA ILE Q 176 60.77 -27.44 20.83
C ILE Q 176 60.47 -26.09 20.52
N THR Q 177 60.26 -25.23 21.54
CA THR Q 177 60.03 -23.80 21.29
C THR Q 177 61.17 -23.12 20.66
N ARG Q 178 62.41 -23.33 21.13
CA ARG Q 178 63.57 -22.65 20.56
C ARG Q 178 63.86 -22.96 19.10
N LEU Q 179 63.44 -24.14 18.70
CA LEU Q 179 63.36 -24.50 17.30
C LEU Q 179 62.22 -23.73 16.61
N ALA Q 180 61.06 -23.53 17.23
CA ALA Q 180 59.89 -22.84 16.83
C ALA Q 180 60.31 -21.42 16.58
N ASP Q 181 61.09 -20.86 17.51
CA ASP Q 181 61.77 -19.61 17.30
C ASP Q 181 62.59 -19.53 16.08
N THR Q 182 63.44 -20.56 15.89
CA THR Q 182 64.33 -20.67 14.71
C THR Q 182 63.45 -20.64 13.43
N VAL Q 183 62.31 -21.43 13.47
CA VAL Q 183 61.31 -21.32 12.38
C VAL Q 183 60.66 -19.90 12.36
N ARG Q 184 60.41 -19.22 13.42
CA ARG Q 184 59.83 -17.80 13.47
C ARG Q 184 60.85 -16.93 12.84
N THR Q 185 61.98 -16.63 13.57
CA THR Q 185 63.13 -15.82 13.23
C THR Q 185 63.71 -16.24 11.90
N LYS Q 186 64.55 -17.24 11.80
CA LYS Q 186 65.25 -17.69 10.63
C LYS Q 186 64.40 -18.14 9.46
N GLY Q 187 63.23 -18.74 9.62
CA GLY Q 187 62.78 -19.90 8.89
C GLY Q 187 62.64 -19.81 7.40
N LEU Q 188 62.64 -18.60 6.84
CA LEU Q 188 62.00 -18.40 5.54
C LEU Q 188 62.90 -18.61 4.29
N ARG Q 189 64.26 -18.71 4.41
CA ARG Q 189 65.15 -19.68 3.78
C ARG Q 189 66.01 -19.94 5.02
N SER Q 190 66.23 -21.23 5.37
CA SER Q 190 67.27 -21.60 6.37
C SER Q 190 67.58 -23.09 6.38
N PRO Q 191 68.67 -23.57 5.82
CA PRO Q 191 69.53 -24.55 6.47
C PRO Q 191 70.27 -23.97 7.74
N ILE Q 192 69.56 -23.36 8.67
CA ILE Q 192 69.77 -23.60 10.08
C ILE Q 192 68.44 -24.08 10.66
N THR Q 193 67.35 -23.46 10.30
CA THR Q 193 66.07 -24.06 10.71
C THR Q 193 65.81 -25.39 10.18
N MET Q 194 65.95 -25.64 8.89
CA MET Q 194 65.81 -27.03 8.41
C MET Q 194 66.69 -28.07 9.11
N ALA Q 195 67.95 -27.66 9.34
CA ALA Q 195 68.94 -28.45 10.05
C ALA Q 195 68.42 -28.78 11.46
N GLU Q 196 67.98 -27.74 12.19
CA GLU Q 196 67.40 -27.97 13.49
C GLU Q 196 66.17 -28.74 13.51
N VAL Q 197 65.34 -28.66 12.42
CA VAL Q 197 64.08 -29.42 12.33
C VAL Q 197 64.46 -30.89 12.10
N GLU Q 198 65.32 -31.12 11.14
CA GLU Q 198 65.91 -32.38 10.76
C GLU Q 198 66.37 -33.17 11.97
N ALA Q 199 67.26 -32.56 12.83
CA ALA Q 199 67.73 -33.16 14.06
C ALA Q 199 66.56 -33.57 14.93
N LEU Q 200 65.58 -32.65 15.13
CA LEU Q 200 64.39 -32.98 15.97
C LEU Q 200 63.43 -33.98 15.31
N MET Q 201 63.56 -34.24 14.01
CA MET Q 201 62.74 -35.18 13.24
C MET Q 201 63.52 -36.32 12.66
N SER Q 202 64.38 -36.83 13.53
CA SER Q 202 65.22 -37.99 13.41
C SER Q 202 64.67 -39.00 14.38
N SER Q 203 63.67 -38.57 15.22
CA SER Q 203 62.93 -39.37 16.18
C SER Q 203 61.81 -40.17 15.55
N PRO Q 204 61.47 -41.38 16.04
CA PRO Q 204 60.31 -42.11 15.59
C PRO Q 204 59.11 -41.51 16.33
N LEU Q 205 58.23 -40.72 15.63
CA LEU Q 205 57.09 -39.96 16.30
C LEU Q 205 55.69 -40.47 15.95
N LEU Q 206 54.71 -40.14 16.86
CA LEU Q 206 53.26 -40.49 16.76
C LEU Q 206 52.40 -39.53 16.01
N PRO Q 207 51.43 -39.90 15.24
CA PRO Q 207 50.69 -38.90 14.45
C PRO Q 207 50.15 -37.66 15.13
N HIS Q 208 49.65 -37.77 16.36
CA HIS Q 208 49.07 -36.66 17.09
C HIS Q 208 50.08 -35.55 17.26
N ASP Q 209 51.23 -36.06 17.56
CA ASP Q 209 52.37 -35.22 17.79
C ASP Q 209 52.83 -34.57 16.52
N VAL Q 210 52.96 -35.39 15.49
CA VAL Q 210 53.36 -34.88 14.24
C VAL Q 210 52.43 -33.73 13.80
N THR Q 211 51.14 -33.95 13.72
CA THR Q 211 50.10 -32.97 13.39
C THR Q 211 50.28 -31.71 14.27
N ASN Q 212 50.42 -31.84 15.62
CA ASN Q 212 50.46 -30.71 16.50
C ASN Q 212 51.67 -29.91 16.25
N LEU Q 213 52.77 -30.61 16.09
CA LEU Q 213 54.05 -30.06 15.72
C LEU Q 213 53.98 -29.30 14.49
N MET Q 214 53.45 -29.88 13.38
CA MET Q 214 53.30 -29.23 12.11
C MET Q 214 52.45 -28.05 12.22
N ARG Q 215 51.30 -28.18 12.97
CA ARG Q 215 50.51 -27.05 13.22
C ARG Q 215 51.09 -25.93 13.87
N VAL Q 216 52.08 -26.23 14.71
CA VAL Q 216 52.81 -25.25 15.40
C VAL Q 216 53.90 -24.67 14.49
N ILE Q 217 54.65 -25.40 13.77
CA ILE Q 217 55.74 -24.73 13.05
C ILE Q 217 55.20 -24.07 11.78
N LEU Q 218 54.35 -24.72 10.96
CA LEU Q 218 53.82 -24.25 9.72
C LEU Q 218 52.83 -23.19 9.71
N GLY Q 219 51.96 -23.13 10.74
CA GLY Q 219 50.91 -22.15 10.73
C GLY Q 219 49.79 -22.52 9.84
N PRO Q 220 48.55 -22.13 10.00
CA PRO Q 220 47.33 -22.62 9.33
C PRO Q 220 47.47 -22.73 7.85
N ALA Q 221 47.78 -21.70 7.10
CA ALA Q 221 47.94 -21.76 5.61
C ALA Q 221 49.02 -22.72 5.16
N PRO Q 222 50.33 -22.61 5.46
CA PRO Q 222 51.33 -23.52 5.06
C PRO Q 222 51.15 -24.93 5.62
N TYR Q 223 50.61 -25.07 6.85
CA TYR Q 223 50.15 -26.29 7.40
C TYR Q 223 49.14 -27.03 6.54
N ALA Q 224 48.23 -26.30 5.85
CA ALA Q 224 47.25 -26.74 4.93
C ALA Q 224 47.89 -27.40 3.78
N LEU Q 225 48.85 -26.63 3.22
CA LEU Q 225 49.76 -27.04 2.18
C LEU Q 225 50.54 -28.34 2.58
N TRP Q 226 51.20 -28.35 3.75
CA TRP Q 226 51.75 -29.54 4.31
C TRP Q 226 50.74 -30.74 4.43
N MET Q 227 49.52 -30.57 5.04
CA MET Q 227 48.54 -31.70 5.24
C MET Q 227 48.37 -32.39 3.93
N ASP Q 228 48.16 -31.52 2.88
CA ASP Q 228 48.01 -32.02 1.53
C ASP Q 228 49.21 -32.79 1.06
N ALA Q 229 50.45 -32.16 1.06
CA ALA Q 229 51.68 -32.74 0.57
C ALA Q 229 51.92 -33.99 1.29
N TRP Q 230 51.76 -33.94 2.58
CA TRP Q 230 51.94 -35.10 3.42
C TRP Q 230 51.00 -36.27 3.14
N GLY Q 231 49.74 -35.97 2.76
CA GLY Q 231 48.80 -36.92 2.30
C GLY Q 231 49.22 -37.55 1.03
N VAL Q 232 49.75 -36.76 0.11
CA VAL Q 232 50.46 -37.29 -1.10
C VAL Q 232 51.57 -38.29 -0.62
N GLN Q 233 52.43 -37.94 0.35
CA GLN Q 233 53.39 -38.76 0.92
C GLN Q 233 52.89 -40.13 1.48
N LEU Q 234 51.81 -40.26 2.23
CA LEU Q 234 51.19 -41.47 2.67
C LEU Q 234 50.66 -42.26 1.53
N GLN Q 235 50.06 -41.58 0.53
CA GLN Q 235 49.60 -42.21 -0.75
C GLN Q 235 50.64 -42.91 -1.60
N THR Q 236 51.82 -42.23 -1.69
CA THR Q 236 52.92 -42.93 -2.42
C THR Q 236 53.44 -44.15 -1.69
N VAL Q 237 53.18 -44.24 -0.38
CA VAL Q 237 53.51 -45.44 0.37
C VAL Q 237 52.37 -46.39 0.17
N ILE Q 238 51.13 -45.94 0.01
CA ILE Q 238 50.03 -46.87 -0.29
C ILE Q 238 50.14 -47.48 -1.72
N ALA Q 239 51.01 -46.88 -2.58
CA ALA Q 239 51.32 -47.27 -3.93
C ALA Q 239 52.37 -48.38 -3.79
N ALA Q 240 53.52 -48.05 -3.22
CA ALA Q 240 54.53 -49.08 -2.90
C ALA Q 240 54.02 -50.21 -1.92
N ALA Q 241 52.97 -49.99 -1.18
CA ALA Q 241 52.35 -50.99 -0.28
C ALA Q 241 51.61 -51.93 -1.12
N THR Q 242 51.04 -51.36 -2.24
CA THR Q 242 50.32 -52.14 -3.23
C THR Q 242 51.26 -52.87 -4.12
N ARG Q 243 52.23 -52.18 -4.72
CA ARG Q 243 53.34 -52.81 -5.42
C ARG Q 243 54.04 -53.95 -4.70
N ASP Q 244 54.35 -53.86 -3.35
CA ASP Q 244 54.90 -54.99 -2.74
C ASP Q 244 53.94 -55.20 -1.59
N PRO Q 245 53.10 -56.17 -1.53
CA PRO Q 245 52.23 -56.31 -0.34
C PRO Q 245 52.80 -57.31 0.59
N ARG Q 246 54.03 -57.58 0.34
CA ARG Q 246 54.89 -58.34 1.22
C ARG Q 246 55.99 -57.41 1.87
N HIS Q 247 55.83 -56.06 1.69
CA HIS Q 247 56.75 -55.16 2.20
C HIS Q 247 56.78 -55.15 3.73
N PRO Q 248 57.90 -54.96 4.49
CA PRO Q 248 58.02 -55.03 5.94
C PRO Q 248 56.86 -54.60 6.86
N ALA Q 249 56.30 -53.45 6.59
CA ALA Q 249 55.16 -52.98 7.36
C ALA Q 249 53.83 -53.68 7.08
N ASN Q 250 53.73 -54.40 6.03
CA ASN Q 250 52.65 -55.33 5.68
C ASN Q 250 53.20 -56.61 6.47
N GLY Q 251 52.82 -56.62 7.79
CA GLY Q 251 53.29 -57.60 8.80
C GLY Q 251 53.22 -59.00 8.55
N GLN Q 252 53.71 -59.72 9.57
CA GLN Q 252 53.73 -61.19 9.49
C GLN Q 252 52.33 -61.68 9.52
N GLY Q 253 51.42 -61.13 10.38
CA GLY Q 253 50.02 -61.51 10.40
C GLY Q 253 49.33 -60.74 9.27
N ARG Q 254 48.32 -61.40 8.70
CA ARG Q 254 47.42 -61.09 7.67
C ARG Q 254 46.73 -59.76 7.94
N GLY Q 255 46.24 -59.52 9.18
CA GLY Q 255 45.62 -58.28 9.56
C GLY Q 255 46.56 -57.12 9.71
N GLU Q 256 47.89 -57.34 9.59
CA GLU Q 256 48.76 -56.30 9.83
C GLU Q 256 49.12 -55.63 8.53
N ARG Q 257 48.11 -55.16 7.83
CA ARG Q 257 48.30 -54.57 6.58
C ARG Q 257 48.51 -53.13 6.80
N THR Q 258 49.26 -52.57 5.87
CA THR Q 258 49.52 -51.14 5.82
C THR Q 258 48.30 -50.35 5.20
N ASN Q 259 47.18 -50.38 5.89
CA ASN Q 259 45.92 -49.88 5.39
C ASN Q 259 45.77 -48.38 5.64
N LEU Q 260 44.98 -47.78 4.78
CA LEU Q 260 44.50 -46.47 4.89
C LEU Q 260 43.96 -45.96 6.21
N ASN Q 261 43.10 -46.71 6.90
CA ASN Q 261 42.53 -46.29 8.19
C ASN Q 261 43.66 -46.15 9.25
N ARG Q 262 44.62 -47.10 9.24
CA ARG Q 262 45.88 -46.90 9.96
C ARG Q 262 46.58 -45.65 9.45
N LEU Q 263 46.85 -45.54 8.19
CA LEU Q 263 47.44 -44.36 7.63
C LEU Q 263 46.78 -43.05 7.82
N LYS Q 264 45.49 -43.06 8.06
CA LYS Q 264 44.65 -41.88 8.35
C LYS Q 264 44.44 -41.59 9.84
N GLY Q 265 44.91 -42.55 10.66
CA GLY Q 265 44.69 -42.56 12.11
C GLY Q 265 43.33 -42.78 12.50
N LEU Q 266 42.55 -43.40 11.54
CA LEU Q 266 41.18 -43.73 11.67
C LEU Q 266 40.92 -45.12 12.26
N ALA Q 267 41.99 -45.94 12.21
CA ALA Q 267 41.80 -47.36 12.66
C ALA Q 267 41.52 -47.62 14.14
N ASP Q 268 41.52 -48.94 14.62
CA ASP Q 268 41.26 -49.24 16.03
C ASP Q 268 41.92 -48.34 17.10
N GLY Q 269 41.14 -47.65 17.83
CA GLY Q 269 41.36 -46.71 18.94
C GLY Q 269 41.99 -45.40 18.48
N MET Q 270 42.62 -45.36 17.26
CA MET Q 270 43.46 -44.30 16.74
C MET Q 270 42.75 -43.00 16.80
N VAL Q 271 41.54 -42.95 16.27
CA VAL Q 271 40.62 -41.96 16.55
C VAL Q 271 40.00 -42.25 17.83
N GLY Q 272 39.85 -41.26 18.74
CA GLY Q 272 39.24 -41.38 20.00
C GLY Q 272 40.17 -41.79 21.12
N ASN Q 273 41.48 -41.89 20.74
CA ASN Q 273 42.49 -42.26 21.66
C ASN Q 273 43.85 -42.32 20.90
N PRO Q 274 44.79 -41.40 21.23
CA PRO Q 274 46.23 -41.52 20.88
C PRO Q 274 46.93 -42.74 21.36
N GLN Q 275 46.50 -43.21 22.51
CA GLN Q 275 46.97 -44.49 23.11
C GLN Q 275 46.61 -45.63 22.18
N GLY Q 276 45.38 -45.60 21.59
CA GLY Q 276 45.00 -46.53 20.51
C GLY Q 276 45.91 -46.35 19.27
N GLN Q 277 46.25 -45.10 18.86
CA GLN Q 277 47.19 -44.83 17.75
C GLN Q 277 48.52 -45.49 18.01
N ALA Q 278 49.05 -45.32 19.23
CA ALA Q 278 50.29 -45.80 19.85
C ALA Q 278 50.39 -47.32 19.94
N ALA Q 279 49.26 -47.97 19.99
CA ALA Q 279 49.04 -49.38 20.17
C ALA Q 279 49.01 -50.02 18.81
N LEU Q 280 48.77 -49.29 17.80
CA LEU Q 280 48.59 -49.87 16.51
C LEU Q 280 49.86 -49.68 15.84
N LEU Q 281 50.51 -48.56 15.98
CA LEU Q 281 51.81 -48.33 15.29
C LEU Q 281 52.97 -49.04 15.91
N ARG Q 282 54.01 -49.13 15.03
CA ARG Q 282 55.28 -49.71 15.31
C ARG Q 282 56.36 -48.74 14.86
N PRO Q 283 57.58 -48.76 15.48
CA PRO Q 283 58.61 -47.78 15.16
C PRO Q 283 58.91 -47.54 13.76
N GLY Q 284 59.04 -48.56 12.87
CA GLY Q 284 59.29 -48.30 11.43
C GLY Q 284 58.27 -47.40 10.70
N GLU Q 285 57.06 -47.52 11.09
CA GLU Q 285 55.97 -46.79 10.57
C GLU Q 285 56.12 -45.39 11.08
N LEU Q 286 56.52 -45.24 12.35
CA LEU Q 286 56.78 -43.88 12.97
C LEU Q 286 57.84 -43.20 12.19
N VAL Q 287 58.90 -43.91 11.71
CA VAL Q 287 59.93 -43.43 10.85
C VAL Q 287 59.46 -43.03 9.48
N ALA Q 288 58.51 -43.86 8.89
CA ALA Q 288 57.84 -43.63 7.66
C ALA Q 288 57.01 -42.35 7.77
N ILE Q 289 56.14 -42.23 8.75
CA ILE Q 289 55.41 -41.06 9.11
C ILE Q 289 56.35 -39.90 9.10
N THR Q 290 57.46 -39.95 9.84
CA THR Q 290 58.42 -38.86 9.99
C THR Q 290 59.12 -38.50 8.70
N ALA Q 291 59.56 -39.50 7.85
CA ALA Q 291 60.19 -39.21 6.62
C ALA Q 291 59.21 -38.57 5.66
N SER Q 292 57.98 -39.08 5.50
CA SER Q 292 56.87 -38.54 4.68
C SER Q 292 56.60 -37.10 5.03
N ALA Q 293 56.47 -36.87 6.38
CA ALA Q 293 56.29 -35.52 6.85
C ALA Q 293 57.35 -34.55 6.48
N LEU Q 294 58.54 -35.03 6.71
CA LEU Q 294 59.74 -34.32 6.55
C LEU Q 294 60.03 -33.90 5.12
N GLN Q 295 59.69 -34.89 4.25
CA GLN Q 295 59.70 -34.71 2.84
C GLN Q 295 58.69 -33.63 2.45
N ALA Q 296 57.43 -33.95 2.74
CA ALA Q 296 56.42 -32.96 2.51
C ALA Q 296 56.58 -31.53 3.02
N PHE Q 297 57.33 -31.40 4.10
CA PHE Q 297 57.82 -30.14 4.57
C PHE Q 297 58.84 -29.43 3.71
N ARG Q 298 59.92 -30.15 3.25
CA ARG Q 298 60.94 -29.70 2.38
C ARG Q 298 60.32 -29.25 1.06
N GLU Q 299 59.33 -30.04 0.54
CA GLU Q 299 58.61 -29.79 -0.66
C GLU Q 299 57.74 -28.47 -0.65
N VAL Q 300 57.41 -28.06 0.60
CA VAL Q 300 56.47 -27.05 0.88
C VAL Q 300 57.19 -25.75 1.31
N ALA Q 301 58.37 -25.93 1.92
CA ALA Q 301 59.07 -24.78 2.43
C ALA Q 301 59.86 -23.88 1.48
N ARG Q 302 59.62 -23.94 0.15
CA ARG Q 302 60.25 -23.04 -0.87
C ARG Q 302 59.70 -21.63 -0.65
N LEU Q 303 60.54 -20.64 -0.37
CA LEU Q 303 60.21 -19.21 -0.23
C LEU Q 303 61.43 -18.33 -0.44
N ALA Q 304 61.22 -17.00 -0.51
CA ALA Q 304 62.17 -15.85 -0.54
C ALA Q 304 63.32 -15.80 -1.58
N GLU Q 305 63.48 -14.57 -2.14
CA GLU Q 305 64.78 -14.02 -2.63
C GLU Q 305 65.25 -12.61 -2.11
N PRO Q 306 64.68 -11.47 -2.44
CA PRO Q 306 65.23 -10.22 -1.82
C PRO Q 306 64.78 -10.01 -0.45
N ALA Q 307 63.78 -10.78 0.10
CA ALA Q 307 63.35 -10.83 1.51
C ALA Q 307 64.38 -11.66 2.31
N GLY Q 308 64.41 -11.51 3.66
CA GLY Q 308 63.55 -10.69 4.50
C GLY Q 308 63.89 -10.44 5.99
N PRO Q 309 64.73 -11.15 6.80
CA PRO Q 309 64.88 -10.91 8.26
C PRO Q 309 65.02 -9.48 8.71
N TRP Q 310 66.11 -8.80 8.17
CA TRP Q 310 66.30 -7.33 8.16
C TRP Q 310 65.11 -6.37 8.17
N ALA Q 311 63.98 -6.71 7.56
CA ALA Q 311 62.86 -5.89 7.20
C ALA Q 311 62.08 -5.34 8.40
N ASP Q 312 62.23 -5.82 9.59
CA ASP Q 312 61.43 -5.39 10.68
C ASP Q 312 62.08 -4.35 11.49
N ILE Q 313 63.33 -4.06 11.09
CA ILE Q 313 64.27 -3.08 11.63
C ILE Q 313 64.19 -1.71 10.92
N MET Q 314 63.67 -0.63 11.58
CA MET Q 314 63.76 0.82 11.17
C MET Q 314 63.87 1.62 12.46
N GLN Q 315 64.67 2.66 12.49
CA GLN Q 315 64.87 3.44 13.75
C GLN Q 315 63.63 4.20 14.27
N GLY Q 316 63.27 3.85 15.53
CA GLY Q 316 62.11 4.57 16.20
C GLY Q 316 62.37 6.05 16.32
N PRO Q 317 61.43 6.89 16.63
CA PRO Q 317 61.66 8.30 16.97
C PRO Q 317 62.22 8.39 18.36
N SER Q 318 62.04 7.35 19.17
CA SER Q 318 62.64 7.08 20.50
C SER Q 318 64.04 6.51 20.36
N GLU Q 319 64.22 5.53 19.45
CA GLU Q 319 65.50 4.85 19.30
C GLU Q 319 66.70 5.73 18.86
N SER Q 320 67.89 5.49 19.47
CA SER Q 320 69.10 6.24 19.21
C SER Q 320 69.77 5.62 18.03
N PHE Q 321 70.76 6.31 17.43
CA PHE Q 321 71.39 5.86 16.17
C PHE Q 321 72.00 4.50 16.48
N VAL Q 322 72.73 4.37 17.56
CA VAL Q 322 73.47 3.21 18.04
C VAL Q 322 72.54 2.08 18.38
N ASP Q 323 71.39 2.36 19.00
CA ASP Q 323 70.47 1.26 19.33
C ASP Q 323 69.91 0.67 18.00
N PHE Q 324 69.55 1.61 17.08
CA PHE Q 324 69.23 1.15 15.79
C PHE Q 324 70.38 0.38 15.15
N ALA Q 325 71.58 0.93 15.15
CA ALA Q 325 72.74 0.42 14.52
C ALA Q 325 73.12 -0.97 15.01
N ASN Q 326 73.14 -1.09 16.35
CA ASN Q 326 73.32 -2.42 17.02
C ASN Q 326 72.24 -3.39 16.65
N ARG Q 327 71.02 -2.96 16.77
CA ARG Q 327 69.87 -3.80 16.29
C ARG Q 327 69.92 -4.23 14.82
N LEU Q 328 70.28 -3.33 13.86
CA LEU Q 328 70.37 -3.56 12.39
C LEU Q 328 71.59 -4.43 12.13
N ILE Q 329 72.81 -4.20 12.72
CA ILE Q 329 73.98 -5.03 12.45
C ILE Q 329 73.75 -6.47 12.85
N LYS Q 330 73.15 -6.67 14.07
CA LYS Q 330 72.76 -7.97 14.63
C LYS Q 330 71.82 -8.73 13.73
N ALA Q 331 70.79 -8.12 13.19
CA ALA Q 331 69.86 -8.52 12.22
C ALA Q 331 70.59 -8.85 10.90
N VAL Q 332 71.63 -8.14 10.47
CA VAL Q 332 72.39 -8.40 9.25
C VAL Q 332 73.23 -9.64 9.46
N GLU Q 333 73.93 -9.84 10.60
CA GLU Q 333 74.63 -11.14 10.89
C GLU Q 333 73.58 -12.26 10.86
N GLY Q 334 72.37 -12.00 11.40
CA GLY Q 334 71.28 -12.96 11.58
C GLY Q 334 70.50 -13.08 10.38
N SER Q 335 70.81 -12.36 9.29
CA SER Q 335 70.18 -12.43 8.00
C SER Q 335 71.26 -13.07 7.15
N ASP Q 336 70.97 -14.31 6.80
CA ASP Q 336 72.03 -15.09 6.12
C ASP Q 336 72.20 -14.63 4.68
N LEU Q 337 73.22 -13.84 4.49
CA LEU Q 337 73.64 -13.40 3.24
C LEU Q 337 75.03 -14.07 3.16
N PRO Q 338 75.41 -14.58 1.95
CA PRO Q 338 76.79 -14.80 1.80
C PRO Q 338 77.63 -13.60 1.96
N PRO Q 339 78.96 -13.63 2.13
CA PRO Q 339 79.76 -12.46 2.12
C PRO Q 339 79.50 -11.50 0.92
N SER Q 340 79.30 -12.12 -0.25
CA SER Q 340 79.11 -11.44 -1.53
C SER Q 340 77.91 -10.48 -1.70
N ALA Q 341 76.90 -10.53 -0.79
CA ALA Q 341 75.82 -9.59 -0.68
C ALA Q 341 75.90 -8.65 0.51
N ARG Q 342 76.81 -8.87 1.47
CA ARG Q 342 76.71 -8.09 2.70
C ARG Q 342 76.99 -6.58 2.59
N ALA Q 343 78.05 -6.16 1.99
CA ALA Q 343 78.18 -4.65 1.88
C ALA Q 343 77.06 -4.02 1.09
N PRO Q 344 76.62 -4.40 -0.12
CA PRO Q 344 75.64 -3.74 -0.92
C PRO Q 344 74.29 -3.66 -0.21
N VAL Q 345 73.84 -4.72 0.54
CA VAL Q 345 72.68 -4.73 1.41
C VAL Q 345 72.80 -3.80 2.56
N ILE Q 346 73.98 -3.77 3.24
CA ILE Q 346 74.35 -2.98 4.32
C ILE Q 346 74.21 -1.53 3.86
N ILE Q 347 74.78 -1.15 2.70
CA ILE Q 347 74.65 0.19 2.10
C ILE Q 347 73.17 0.57 1.72
N ASP Q 348 72.40 -0.42 1.18
CA ASP Q 348 70.99 -0.24 0.87
C ASP Q 348 70.23 0.24 2.12
N CYS Q 349 70.46 -0.48 3.26
CA CYS Q 349 69.93 -0.25 4.64
C CYS Q 349 70.34 1.06 5.24
N PHE Q 350 71.64 1.40 4.94
CA PHE Q 350 72.30 2.64 5.23
C PHE Q 350 71.54 3.83 4.70
N ARG Q 351 71.16 3.72 3.39
CA ARG Q 351 70.40 4.77 2.76
C ARG Q 351 69.03 4.98 3.29
N GLN Q 352 68.43 3.85 3.77
CA GLN Q 352 66.99 3.81 3.93
C GLN Q 352 66.41 3.67 5.34
N LYS Q 353 67.03 3.12 6.43
CA LYS Q 353 66.23 2.62 7.51
C LYS Q 353 66.58 3.31 8.81
N SER Q 354 67.53 4.25 8.70
CA SER Q 354 67.88 5.24 9.65
C SER Q 354 66.78 6.24 9.79
N GLN Q 355 66.81 7.17 10.70
CA GLN Q 355 65.82 8.24 10.75
C GLN Q 355 65.82 9.22 9.48
N PRO Q 356 64.70 9.76 9.12
CA PRO Q 356 64.46 10.53 7.86
C PRO Q 356 65.35 11.70 7.56
N ASP Q 357 65.64 12.51 8.54
CA ASP Q 357 66.43 13.69 8.44
C ASP Q 357 67.88 13.33 8.27
N ILE Q 358 68.25 12.19 8.84
CA ILE Q 358 69.54 11.57 8.79
C ILE Q 358 69.81 10.91 7.49
N GLN Q 359 68.76 10.27 6.90
CA GLN Q 359 68.84 9.91 5.52
C GLN Q 359 69.09 11.09 4.66
N GLN Q 360 68.48 12.32 4.95
CA GLN Q 360 68.64 13.38 4.00
C GLN Q 360 70.09 13.84 4.10
N LEU Q 361 70.64 13.88 5.31
CA LEU Q 361 71.97 14.24 5.69
C LEU Q 361 72.89 13.24 5.00
N ILE Q 362 72.61 11.90 5.02
CA ILE Q 362 73.31 10.88 4.43
C ILE Q 362 73.37 10.97 2.91
N ARG Q 363 72.32 11.48 2.24
CA ARG Q 363 72.27 11.80 0.76
C ARG Q 363 73.38 12.92 0.48
N THR Q 364 73.78 13.78 1.44
CA THR Q 364 74.92 14.75 1.20
C THR Q 364 76.32 14.14 1.49
N ALA Q 365 76.39 12.97 2.13
CA ALA Q 365 77.69 12.31 2.48
C ALA Q 365 78.82 12.46 1.53
N PRO Q 366 79.84 12.98 2.07
CA PRO Q 366 81.15 13.18 1.26
C PRO Q 366 81.83 11.87 1.10
N SER Q 367 82.20 11.62 -0.17
CA SER Q 367 82.89 10.38 -0.55
C SER Q 367 82.20 9.15 -0.16
N THR Q 368 82.84 7.99 -0.47
CA THR Q 368 82.36 6.68 -0.31
C THR Q 368 82.21 6.23 1.13
N LEU Q 369 81.27 6.81 1.98
CA LEU Q 369 80.95 6.32 3.36
C LEU Q 369 80.24 4.96 3.43
N THR Q 370 80.83 3.95 3.91
CA THR Q 370 80.32 2.54 3.68
C THR Q 370 80.73 1.71 4.94
N THR Q 371 81.26 2.37 5.94
CA THR Q 371 81.65 1.74 7.14
C THR Q 371 80.95 2.38 8.27
N PRO Q 372 80.71 1.62 9.34
CA PRO Q 372 80.20 2.09 10.64
C PRO Q 372 81.01 3.18 11.19
N GLY Q 373 82.34 3.15 11.08
CA GLY Q 373 83.20 4.24 11.52
C GLY Q 373 82.90 5.63 10.90
N GLU Q 374 82.70 5.66 9.59
CA GLU Q 374 82.28 6.71 8.82
C GLU Q 374 80.90 7.13 9.17
N ILE Q 375 80.04 6.16 9.43
CA ILE Q 375 78.66 6.48 9.82
C ILE Q 375 78.62 7.10 11.19
N ILE Q 376 79.43 6.58 12.16
CA ILE Q 376 79.65 7.04 13.48
C ILE Q 376 80.17 8.52 13.39
N LYS Q 377 81.18 8.75 12.50
CA LYS Q 377 81.70 10.01 12.13
C LYS Q 377 80.60 10.93 11.67
N TYR Q 378 79.68 10.38 10.81
CA TYR Q 378 78.57 11.09 10.33
C TYR Q 378 77.69 11.62 11.54
N VAL Q 379 77.40 10.78 12.56
CA VAL Q 379 76.76 11.24 13.85
C VAL Q 379 77.60 12.29 14.66
N LEU Q 380 78.96 12.05 14.82
CA LEU Q 380 79.95 12.84 15.56
C LEU Q 380 80.07 14.22 15.01
N ASP Q 381 79.83 14.33 13.66
CA ASP Q 381 79.89 15.53 12.94
C ASP Q 381 78.66 16.45 13.43
N ARG Q 382 77.56 15.86 13.95
CA ARG Q 382 76.28 16.51 14.08
C ARG Q 382 76.10 16.62 15.64
N GLN Q 383 76.99 15.85 16.38
CA GLN Q 383 76.95 15.81 17.76
C GLN Q 383 76.89 17.15 18.56
N TRP R 168 36.03 -43.48 -49.29
CA TRP R 168 36.55 -42.86 -48.09
C TRP R 168 37.79 -42.23 -48.66
N THR R 169 38.30 -41.15 -48.01
CA THR R 169 39.27 -40.26 -48.65
C THR R 169 40.03 -39.82 -47.46
N PRO R 170 41.30 -40.04 -47.27
CA PRO R 170 41.93 -39.69 -45.98
C PRO R 170 42.38 -38.28 -45.97
N LEU R 171 42.31 -37.70 -47.23
CA LEU R 171 42.85 -36.42 -47.54
C LEU R 171 44.21 -35.99 -46.90
N GLU R 172 44.55 -34.70 -46.87
CA GLU R 172 45.88 -34.28 -46.39
C GLU R 172 45.55 -33.07 -45.68
N PRO R 173 45.59 -32.99 -44.38
CA PRO R 173 45.21 -31.82 -43.55
C PRO R 173 45.68 -30.49 -44.04
N LYS R 174 46.93 -30.37 -44.40
CA LYS R 174 47.58 -29.27 -44.91
C LYS R 174 47.02 -28.79 -46.27
N LEU R 175 46.62 -29.72 -47.14
CA LEU R 175 45.97 -29.34 -48.34
C LEU R 175 44.65 -28.63 -48.11
N ILE R 176 43.96 -28.98 -47.01
CA ILE R 176 42.77 -28.38 -46.69
C ILE R 176 42.98 -26.99 -46.12
N THR R 177 44.08 -26.82 -45.30
CA THR R 177 44.47 -25.54 -44.78
C THR R 177 44.91 -24.45 -45.68
N ARG R 178 45.71 -24.74 -46.66
CA ARG R 178 46.09 -23.83 -47.72
C ARG R 178 45.00 -23.43 -48.67
N LEU R 179 44.04 -24.31 -48.89
CA LEU R 179 42.81 -23.96 -49.53
C LEU R 179 41.99 -23.07 -48.62
N ALA R 180 41.95 -23.33 -47.30
CA ALA R 180 41.20 -22.51 -46.38
C ALA R 180 41.91 -21.09 -46.54
N ASP R 181 43.23 -21.00 -46.55
CA ASP R 181 44.01 -19.79 -46.83
C ASP R 181 43.61 -19.03 -48.06
N THR R 182 43.51 -19.80 -49.18
CA THR R 182 42.94 -19.29 -50.43
C THR R 182 41.57 -18.76 -50.40
N VAL R 183 40.67 -19.44 -49.71
CA VAL R 183 39.28 -19.00 -49.43
C VAL R 183 39.16 -17.78 -48.50
N ARG R 184 40.08 -17.69 -47.53
CA ARG R 184 40.31 -16.50 -46.71
C ARG R 184 40.72 -15.30 -47.60
N THR R 185 41.93 -15.31 -48.06
CA THR R 185 42.58 -14.35 -48.99
C THR R 185 41.70 -14.05 -50.14
N LYS R 186 41.73 -14.83 -51.19
CA LYS R 186 40.98 -14.73 -52.41
C LYS R 186 39.45 -14.68 -52.12
N GLY R 187 38.91 -15.63 -51.40
CA GLY R 187 37.52 -16.08 -51.47
C GLY R 187 36.91 -16.07 -52.81
N LEU R 188 35.84 -15.32 -52.91
CA LEU R 188 34.57 -15.90 -53.44
C LEU R 188 34.24 -15.33 -54.75
N ARG R 189 35.24 -14.85 -55.60
CA ARG R 189 35.13 -15.16 -57.03
C ARG R 189 36.18 -16.27 -57.44
N SER R 190 37.31 -15.86 -58.04
CA SER R 190 38.53 -16.68 -58.06
C SER R 190 38.32 -18.06 -58.60
N PRO R 191 38.23 -18.23 -59.93
CA PRO R 191 39.12 -19.15 -60.71
C PRO R 191 40.52 -19.47 -60.17
N ILE R 192 40.89 -19.17 -58.95
CA ILE R 192 41.96 -19.97 -58.37
C ILE R 192 41.43 -20.68 -57.11
N THR R 193 40.64 -20.05 -56.30
CA THR R 193 40.02 -20.70 -55.19
C THR R 193 39.13 -21.80 -55.56
N MET R 194 38.25 -21.39 -56.46
CA MET R 194 37.27 -22.20 -57.11
C MET R 194 37.90 -23.40 -57.83
N ALA R 195 38.99 -23.13 -58.53
CA ALA R 195 39.92 -24.07 -59.20
C ALA R 195 40.46 -25.05 -58.12
N GLU R 196 40.94 -24.47 -56.99
CA GLU R 196 41.44 -25.22 -55.90
C GLU R 196 40.33 -26.08 -55.22
N VAL R 197 39.07 -25.63 -55.22
CA VAL R 197 37.89 -26.33 -54.68
C VAL R 197 37.51 -27.49 -55.52
N GLU R 198 37.40 -27.36 -56.89
CA GLU R 198 37.23 -28.43 -57.90
C GLU R 198 38.20 -29.52 -57.57
N ALA R 199 39.50 -29.19 -57.50
CA ALA R 199 40.51 -30.10 -57.11
C ALA R 199 40.26 -30.79 -55.72
N LEU R 200 39.81 -30.07 -54.70
CA LEU R 200 39.42 -30.71 -53.44
C LEU R 200 38.24 -31.63 -53.56
N MET R 201 37.43 -31.51 -54.66
CA MET R 201 36.29 -32.26 -54.93
C MET R 201 36.52 -33.13 -56.15
N SER R 202 37.77 -33.63 -56.21
CA SER R 202 38.23 -34.70 -57.10
C SER R 202 38.17 -35.96 -56.27
N SER R 203 38.01 -35.72 -54.95
CA SER R 203 38.00 -36.82 -53.95
C SER R 203 36.62 -36.88 -53.19
N PRO R 204 35.68 -37.79 -53.39
CA PRO R 204 34.49 -37.78 -52.60
C PRO R 204 34.74 -38.12 -51.15
N LEU R 205 33.95 -37.45 -50.26
CA LEU R 205 34.11 -37.49 -48.86
C LEU R 205 32.79 -37.99 -48.25
N LEU R 206 32.85 -38.16 -46.90
CA LEU R 206 31.79 -38.70 -46.07
C LEU R 206 31.11 -37.59 -45.18
N PRO R 207 29.78 -37.72 -44.99
CA PRO R 207 28.93 -36.59 -44.52
C PRO R 207 29.33 -35.75 -43.40
N HIS R 208 29.97 -36.31 -42.39
CA HIS R 208 30.53 -35.51 -41.30
C HIS R 208 31.62 -34.53 -41.79
N ASP R 209 32.49 -35.06 -42.63
CA ASP R 209 33.69 -34.35 -43.06
C ASP R 209 33.30 -33.21 -43.93
N VAL R 210 32.38 -33.46 -44.89
CA VAL R 210 31.68 -32.53 -45.83
C VAL R 210 30.97 -31.49 -44.99
N THR R 211 30.19 -31.89 -44.05
CA THR R 211 29.54 -30.99 -43.09
C THR R 211 30.53 -29.94 -42.50
N ASN R 212 31.63 -30.43 -41.90
CA ASN R 212 32.60 -29.63 -41.26
C ASN R 212 33.31 -28.80 -42.25
N LEU R 213 33.68 -29.43 -43.35
CA LEU R 213 34.37 -28.71 -44.42
C LEU R 213 33.56 -27.56 -44.87
N MET R 214 32.28 -27.69 -45.13
CA MET R 214 31.40 -26.60 -45.62
C MET R 214 31.28 -25.50 -44.53
N ARG R 215 31.05 -25.93 -43.29
CA ARG R 215 30.97 -25.09 -42.17
C ARG R 215 32.11 -24.21 -41.88
N VAL R 216 33.28 -24.70 -42.21
CA VAL R 216 34.51 -24.01 -42.14
C VAL R 216 34.75 -23.11 -43.39
N ILE R 217 34.62 -23.56 -44.62
CA ILE R 217 34.91 -22.72 -45.76
C ILE R 217 33.86 -21.71 -46.12
N LEU R 218 32.59 -22.09 -46.07
CA LEU R 218 31.57 -21.08 -46.28
C LEU R 218 31.42 -20.18 -45.12
N GLY R 219 31.60 -20.79 -43.95
CA GLY R 219 31.41 -20.13 -42.65
C GLY R 219 29.96 -20.24 -42.26
N PRO R 220 29.49 -20.22 -41.00
CA PRO R 220 28.16 -20.58 -40.57
C PRO R 220 27.04 -20.05 -41.34
N ALA R 221 26.99 -18.73 -41.54
CA ALA R 221 25.89 -18.13 -42.34
C ALA R 221 25.73 -18.58 -43.76
N PRO R 222 26.68 -18.43 -44.64
CA PRO R 222 26.53 -18.95 -45.97
C PRO R 222 26.46 -20.45 -45.94
N TYR R 223 27.16 -21.06 -44.94
CA TYR R 223 27.07 -22.44 -44.73
C TYR R 223 25.61 -22.95 -44.58
N ALA R 224 24.73 -22.21 -43.87
CA ALA R 224 23.33 -22.46 -43.75
C ALA R 224 22.67 -22.37 -45.10
N LEU R 225 22.89 -21.31 -45.93
CA LEU R 225 22.39 -21.29 -47.26
C LEU R 225 22.82 -22.53 -48.06
N TRP R 226 24.10 -22.83 -48.11
CA TRP R 226 24.72 -24.02 -48.72
C TRP R 226 24.10 -25.30 -48.20
N MET R 227 24.02 -25.46 -46.91
CA MET R 227 23.43 -26.65 -46.27
C MET R 227 22.05 -26.96 -46.79
N ASP R 228 21.28 -25.88 -46.79
CA ASP R 228 19.92 -25.76 -47.20
C ASP R 228 19.82 -26.12 -48.69
N ALA R 229 20.60 -25.45 -49.50
CA ALA R 229 20.77 -25.60 -50.93
C ALA R 229 21.25 -27.03 -51.23
N TRP R 230 22.18 -27.60 -50.46
CA TRP R 230 22.63 -28.96 -50.53
C TRP R 230 21.51 -30.00 -50.26
N GLY R 231 20.57 -29.70 -49.33
CA GLY R 231 19.48 -30.59 -48.96
C GLY R 231 18.61 -30.77 -50.11
N VAL R 232 18.39 -29.63 -50.71
CA VAL R 232 17.72 -29.52 -52.00
C VAL R 232 18.40 -30.25 -53.05
N GLN R 233 19.75 -30.09 -53.23
CA GLN R 233 20.49 -30.89 -54.21
C GLN R 233 20.32 -32.34 -54.06
N LEU R 234 20.37 -32.90 -52.82
CA LEU R 234 20.05 -34.31 -52.57
C LEU R 234 18.63 -34.57 -52.89
N GLN R 235 17.67 -33.65 -52.59
CA GLN R 235 16.29 -33.82 -52.99
C GLN R 235 16.13 -33.95 -54.47
N THR R 236 16.84 -33.12 -55.30
CA THR R 236 16.65 -33.29 -56.73
C THR R 236 17.26 -34.53 -57.30
N VAL R 237 18.20 -35.13 -56.52
CA VAL R 237 18.53 -36.49 -56.90
C VAL R 237 17.66 -37.56 -56.54
N ILE R 238 17.03 -37.40 -55.34
CA ILE R 238 16.07 -38.29 -54.76
C ILE R 238 14.72 -38.35 -55.39
N ALA R 239 14.52 -37.36 -56.22
CA ALA R 239 13.44 -37.35 -57.18
C ALA R 239 13.81 -38.12 -58.40
N ALA R 240 14.92 -37.80 -59.10
CA ALA R 240 15.40 -38.61 -60.11
C ALA R 240 15.85 -40.08 -59.78
N ALA R 241 16.11 -40.41 -58.48
CA ALA R 241 16.43 -41.67 -57.90
C ALA R 241 15.07 -42.36 -57.81
N THR R 242 13.96 -41.68 -57.48
CA THR R 242 12.59 -42.21 -57.38
C THR R 242 11.94 -42.36 -58.75
N ARG R 243 11.91 -41.29 -59.61
CA ARG R 243 11.46 -41.21 -61.01
C ARG R 243 11.91 -42.33 -61.94
N ASP R 244 13.17 -42.74 -61.75
CA ASP R 244 13.68 -43.86 -62.37
C ASP R 244 14.14 -44.77 -61.19
N PRO R 245 13.55 -45.91 -60.87
CA PRO R 245 14.02 -46.72 -59.76
C PRO R 245 14.82 -47.85 -60.31
N ARG R 246 14.94 -47.77 -61.64
CA ARG R 246 15.78 -48.71 -62.37
C ARG R 246 16.99 -47.99 -62.89
N HIS R 247 17.32 -46.83 -62.28
CA HIS R 247 18.57 -46.20 -62.56
C HIS R 247 19.86 -47.01 -62.11
N PRO R 248 21.00 -46.84 -62.75
CA PRO R 248 22.31 -47.45 -62.41
C PRO R 248 22.86 -47.49 -61.01
N ALA R 249 22.63 -46.50 -60.20
CA ALA R 249 22.97 -46.45 -58.83
C ALA R 249 21.88 -46.94 -57.90
N ASN R 250 20.75 -47.32 -58.48
CA ASN R 250 19.71 -47.89 -57.67
C ASN R 250 19.98 -49.32 -57.64
N GLY R 251 20.14 -49.85 -56.40
CA GLY R 251 20.44 -51.24 -56.21
C GLY R 251 19.37 -52.20 -56.60
N GLN R 252 19.70 -53.45 -56.38
CA GLN R 252 18.83 -54.47 -56.80
C GLN R 252 17.57 -54.65 -56.03
N GLY R 253 17.68 -54.95 -54.70
CA GLY R 253 16.45 -55.12 -53.91
C GLY R 253 15.90 -53.85 -53.36
N ARG R 254 14.77 -53.90 -52.62
CA ARG R 254 14.08 -52.77 -52.04
C ARG R 254 14.90 -52.09 -51.05
N GLY R 255 15.68 -52.86 -50.31
CA GLY R 255 16.68 -52.41 -49.35
C GLY R 255 17.86 -51.70 -49.94
N GLU R 256 18.06 -51.91 -51.22
CA GLU R 256 19.16 -51.33 -52.00
C GLU R 256 18.62 -50.15 -52.75
N ARG R 257 17.30 -49.80 -52.60
CA ARG R 257 16.76 -48.51 -53.07
C ARG R 257 17.53 -47.44 -52.47
N THR R 258 17.83 -46.48 -53.33
CA THR R 258 18.56 -45.24 -53.04
C THR R 258 17.73 -44.28 -52.20
N ASN R 259 17.51 -44.60 -50.94
CA ASN R 259 16.59 -43.82 -50.11
C ASN R 259 17.00 -42.58 -49.37
N LEU R 260 16.02 -41.71 -49.22
CA LEU R 260 16.18 -40.46 -48.55
C LEU R 260 16.82 -40.58 -47.18
N ASN R 261 16.39 -41.53 -46.31
CA ASN R 261 17.00 -41.57 -45.02
C ASN R 261 18.43 -41.81 -45.04
N ARG R 262 18.93 -42.68 -45.93
CA ARG R 262 20.38 -42.94 -46.13
C ARG R 262 21.03 -41.75 -46.54
N LEU R 263 20.55 -41.20 -47.65
CA LEU R 263 21.02 -39.98 -48.27
C LEU R 263 21.04 -38.75 -47.37
N LYS R 264 20.09 -38.70 -46.36
CA LYS R 264 20.08 -37.69 -45.34
C LYS R 264 20.84 -38.11 -44.13
N GLY R 265 21.33 -39.38 -44.08
CA GLY R 265 22.16 -39.95 -42.96
C GLY R 265 21.39 -40.14 -41.67
N LEU R 266 20.08 -40.16 -41.84
CA LEU R 266 19.14 -40.38 -40.82
C LEU R 266 18.90 -41.84 -40.67
N ALA R 267 19.45 -42.67 -41.61
CA ALA R 267 19.34 -44.11 -41.67
C ALA R 267 19.95 -44.69 -40.46
N ASP R 268 19.50 -45.97 -40.13
CA ASP R 268 20.11 -46.70 -39.04
C ASP R 268 21.59 -46.88 -39.29
N GLY R 269 22.41 -46.68 -38.27
CA GLY R 269 23.88 -46.73 -38.39
C GLY R 269 24.51 -45.54 -39.02
N MET R 270 23.61 -44.58 -39.40
CA MET R 270 24.09 -43.36 -40.01
C MET R 270 23.95 -42.22 -39.02
N VAL R 271 22.87 -42.31 -38.23
CA VAL R 271 22.75 -41.53 -37.06
C VAL R 271 23.26 -42.41 -35.92
N GLY R 272 24.05 -41.72 -35.10
CA GLY R 272 24.73 -42.36 -34.04
C GLY R 272 26.00 -43.01 -34.53
N ASN R 273 26.45 -42.80 -35.78
CA ASN R 273 27.57 -43.52 -36.30
C ASN R 273 27.98 -43.08 -37.71
N PRO R 274 28.81 -42.01 -37.79
CA PRO R 274 29.52 -41.65 -39.03
C PRO R 274 30.42 -42.79 -39.59
N GLN R 275 31.04 -43.59 -38.68
CA GLN R 275 31.84 -44.74 -39.03
C GLN R 275 30.97 -45.79 -39.71
N GLY R 276 29.78 -45.99 -39.21
CA GLY R 276 28.69 -46.78 -39.72
C GLY R 276 28.24 -46.24 -41.10
N GLN R 277 28.09 -44.91 -41.24
CA GLN R 277 27.76 -44.32 -42.51
C GLN R 277 28.74 -44.66 -43.58
N ALA R 278 30.10 -44.60 -43.25
CA ALA R 278 31.25 -45.04 -44.05
C ALA R 278 31.16 -46.56 -44.43
N ALA R 279 30.56 -47.33 -43.55
CA ALA R 279 30.41 -48.73 -43.72
C ALA R 279 29.18 -49.13 -44.54
N LEU R 280 28.20 -48.29 -44.61
CA LEU R 280 26.97 -48.47 -45.21
C LEU R 280 26.91 -47.84 -46.61
N LEU R 281 27.47 -46.63 -46.77
CA LEU R 281 27.41 -45.96 -48.01
C LEU R 281 28.38 -46.49 -49.03
N ARG R 282 28.03 -46.68 -50.35
CA ARG R 282 28.97 -47.08 -51.38
C ARG R 282 29.68 -45.89 -52.13
N PRO R 283 30.82 -45.99 -52.77
CA PRO R 283 31.51 -44.87 -53.52
C PRO R 283 30.66 -44.12 -54.50
N GLY R 284 29.91 -44.73 -55.36
CA GLY R 284 29.01 -44.03 -56.32
C GLY R 284 28.11 -43.01 -55.68
N GLU R 285 27.66 -43.33 -54.43
CA GLU R 285 26.81 -42.48 -53.59
C GLU R 285 27.62 -41.26 -53.09
N LEU R 286 28.87 -41.50 -52.65
CA LEU R 286 29.83 -40.46 -52.37
C LEU R 286 30.11 -39.55 -53.51
N VAL R 287 30.13 -40.04 -54.77
CA VAL R 287 30.26 -39.27 -56.01
C VAL R 287 28.99 -38.43 -56.18
N ALA R 288 27.83 -39.10 -55.99
CA ALA R 288 26.53 -38.39 -56.13
C ALA R 288 26.43 -37.21 -55.24
N ILE R 289 26.66 -37.51 -53.97
CA ILE R 289 26.86 -36.52 -52.95
C ILE R 289 27.75 -35.38 -53.40
N THR R 290 28.92 -35.73 -53.90
CA THR R 290 29.96 -34.66 -54.22
C THR R 290 29.56 -33.74 -55.35
N ALA R 291 28.87 -34.33 -56.40
CA ALA R 291 28.32 -33.41 -57.43
C ALA R 291 27.23 -32.52 -56.91
N SER R 292 26.23 -33.08 -56.14
CA SER R 292 25.26 -32.20 -55.38
C SER R 292 25.84 -31.17 -54.47
N ALA R 293 26.86 -31.49 -53.66
CA ALA R 293 27.57 -30.54 -52.89
C ALA R 293 28.15 -29.42 -53.70
N LEU R 294 28.89 -29.77 -54.75
CA LEU R 294 29.47 -28.84 -55.65
C LEU R 294 28.44 -28.02 -56.36
N GLN R 295 27.32 -28.59 -56.75
CA GLN R 295 26.18 -27.85 -57.26
C GLN R 295 25.74 -26.85 -56.28
N ALA R 296 25.21 -27.26 -55.10
CA ALA R 296 24.88 -26.43 -54.01
C ALA R 296 25.97 -25.41 -53.72
N PHE R 297 27.22 -25.78 -54.00
CA PHE R 297 28.29 -24.83 -53.82
C PHE R 297 28.33 -23.76 -54.87
N ARG R 298 28.32 -24.11 -56.12
CA ARG R 298 28.38 -23.23 -57.27
C ARG R 298 27.25 -22.23 -57.34
N GLU R 299 26.05 -22.64 -57.10
CA GLU R 299 24.88 -21.79 -57.17
C GLU R 299 25.04 -20.56 -56.21
N VAL R 300 25.86 -20.69 -55.15
CA VAL R 300 26.04 -19.66 -54.13
C VAL R 300 27.40 -19.06 -54.40
N ALA R 301 28.34 -19.86 -54.95
CA ALA R 301 29.61 -19.29 -55.25
C ALA R 301 29.70 -18.57 -56.51
N ARG R 302 28.61 -18.18 -57.18
CA ARG R 302 28.68 -17.27 -58.31
C ARG R 302 28.26 -15.91 -57.81
N LEU R 303 27.99 -15.74 -56.50
CA LEU R 303 27.51 -14.55 -55.89
C LEU R 303 28.57 -13.92 -55.13
N ALA R 304 28.59 -12.58 -55.11
CA ALA R 304 29.58 -11.70 -54.57
C ALA R 304 30.60 -11.10 -55.50
N GLU R 305 30.87 -9.78 -55.43
CA GLU R 305 32.16 -9.09 -55.67
C GLU R 305 32.93 -8.98 -54.39
N PRO R 306 33.88 -9.93 -54.03
CA PRO R 306 34.41 -9.80 -52.72
C PRO R 306 35.69 -9.05 -52.90
N ALA R 307 35.71 -7.83 -53.53
CA ALA R 307 36.85 -7.09 -53.72
C ALA R 307 37.10 -6.27 -52.43
N GLY R 308 38.28 -6.34 -51.82
CA GLY R 308 39.47 -7.07 -52.29
C GLY R 308 40.62 -6.89 -51.35
N PRO R 309 41.81 -7.38 -51.66
CA PRO R 309 43.06 -7.24 -50.88
C PRO R 309 43.20 -5.98 -50.12
N TRP R 310 43.23 -4.86 -50.79
CA TRP R 310 43.09 -3.52 -50.41
C TRP R 310 42.32 -3.20 -49.15
N ALA R 311 41.30 -3.99 -48.78
CA ALA R 311 40.30 -3.74 -47.71
C ALA R 311 40.94 -3.89 -46.32
N ASP R 312 42.13 -4.52 -46.23
CA ASP R 312 42.74 -4.67 -44.98
C ASP R 312 43.88 -3.61 -44.98
N ILE R 313 43.98 -2.89 -46.08
CA ILE R 313 45.14 -2.01 -46.29
C ILE R 313 44.73 -0.59 -46.34
N MET R 314 45.16 0.12 -45.29
CA MET R 314 45.26 1.60 -45.10
C MET R 314 46.58 1.75 -44.52
N GLN R 315 47.56 2.55 -45.09
CA GLN R 315 48.94 2.67 -44.61
C GLN R 315 48.97 2.79 -43.07
N GLY R 316 49.78 2.02 -42.36
CA GLY R 316 49.90 2.09 -40.90
C GLY R 316 50.55 3.31 -40.55
N PRO R 317 50.34 4.03 -39.48
CA PRO R 317 51.12 5.24 -39.11
C PRO R 317 52.48 4.79 -38.61
N SER R 318 52.70 3.43 -38.27
CA SER R 318 54.06 3.03 -38.04
C SER R 318 54.42 2.06 -39.03
N GLU R 319 53.67 2.08 -40.20
CA GLU R 319 54.10 1.31 -41.33
C GLU R 319 54.88 2.17 -42.26
N SER R 320 56.04 1.71 -42.87
CA SER R 320 56.78 2.63 -43.63
C SER R 320 56.15 2.82 -45.02
N PHE R 321 56.64 3.76 -45.84
CA PHE R 321 56.16 3.93 -47.21
C PHE R 321 56.46 2.70 -47.95
N VAL R 322 57.69 2.24 -47.81
CA VAL R 322 58.14 1.01 -48.48
C VAL R 322 57.40 -0.19 -48.00
N ASP R 323 57.01 -0.36 -46.74
CA ASP R 323 56.26 -1.49 -46.22
C ASP R 323 54.87 -1.49 -46.81
N PHE R 324 54.22 -0.29 -46.87
CA PHE R 324 53.05 0.08 -47.58
C PHE R 324 53.02 -0.12 -49.08
N ALA R 325 54.03 0.34 -49.72
CA ALA R 325 54.08 0.18 -51.15
C ALA R 325 54.22 -1.30 -51.48
N ASN R 326 55.06 -2.05 -50.82
CA ASN R 326 55.07 -3.51 -50.90
C ASN R 326 53.79 -4.25 -50.50
N ARG R 327 53.18 -3.85 -49.35
CA ARG R 327 51.81 -4.27 -48.99
C ARG R 327 50.82 -3.97 -50.13
N LEU R 328 50.91 -2.80 -50.78
CA LEU R 328 50.01 -2.41 -51.88
C LEU R 328 50.24 -3.18 -53.19
N ILE R 329 51.45 -3.32 -53.57
CA ILE R 329 51.92 -4.15 -54.70
C ILE R 329 51.60 -5.61 -54.50
N LYS R 330 51.78 -6.24 -53.31
CA LYS R 330 51.31 -7.59 -53.05
C LYS R 330 49.78 -7.64 -53.26
N ALA R 331 49.04 -6.65 -52.69
CA ALA R 331 47.61 -6.59 -52.80
C ALA R 331 47.19 -6.51 -54.26
N VAL R 332 47.96 -5.76 -55.13
CA VAL R 332 47.68 -5.48 -56.58
C VAL R 332 47.89 -6.78 -57.34
N GLU R 333 49.00 -7.45 -56.98
CA GLU R 333 49.29 -8.77 -57.41
C GLU R 333 48.27 -9.86 -57.10
N GLY R 334 47.73 -9.78 -55.89
CA GLY R 334 46.72 -10.69 -55.41
C GLY R 334 45.31 -10.31 -55.79
N SER R 335 45.16 -9.17 -56.53
CA SER R 335 43.86 -8.62 -56.93
C SER R 335 43.71 -9.01 -58.33
N ASP R 336 42.52 -9.44 -58.65
CA ASP R 336 42.08 -9.94 -59.89
C ASP R 336 42.32 -9.05 -61.10
N LEU R 337 41.96 -7.73 -61.02
CA LEU R 337 41.94 -6.66 -61.99
C LEU R 337 42.25 -7.10 -63.50
N PRO R 338 41.37 -7.12 -64.51
CA PRO R 338 41.70 -7.37 -65.91
C PRO R 338 42.69 -6.25 -66.25
N PRO R 339 43.72 -6.36 -67.07
CA PRO R 339 44.70 -5.34 -67.25
C PRO R 339 44.13 -3.94 -67.53
N SER R 340 42.98 -3.86 -68.25
CA SER R 340 42.24 -2.69 -68.52
C SER R 340 41.74 -1.98 -67.39
N ALA R 341 41.70 -2.62 -66.22
CA ALA R 341 41.24 -2.08 -64.97
C ALA R 341 42.39 -1.79 -63.94
N ARG R 342 43.66 -2.25 -64.13
CA ARG R 342 44.59 -2.20 -63.08
C ARG R 342 45.11 -0.92 -62.59
N ALA R 343 45.68 -0.03 -63.41
CA ALA R 343 46.09 1.33 -63.09
C ALA R 343 44.99 2.19 -62.67
N PRO R 344 43.82 2.41 -63.20
CA PRO R 344 42.84 3.31 -62.53
C PRO R 344 42.48 2.82 -61.06
N VAL R 345 42.26 1.54 -60.93
CA VAL R 345 42.01 1.06 -59.55
C VAL R 345 43.26 1.34 -58.67
N ILE R 346 44.49 1.14 -59.14
CA ILE R 346 45.74 1.38 -58.43
C ILE R 346 45.81 2.81 -58.04
N ILE R 347 45.55 3.79 -58.96
CA ILE R 347 45.63 5.21 -58.72
C ILE R 347 44.60 5.64 -57.65
N ASP R 348 43.40 5.16 -57.74
CA ASP R 348 42.44 5.33 -56.63
C ASP R 348 42.94 4.78 -55.27
N CYS R 349 43.60 3.60 -55.24
CA CYS R 349 44.24 3.14 -54.04
C CYS R 349 45.39 4.00 -53.51
N PHE R 350 46.23 4.49 -54.51
CA PHE R 350 47.26 5.40 -54.26
C PHE R 350 46.79 6.68 -53.60
N ARG R 351 45.72 7.25 -54.18
CA ARG R 351 45.09 8.41 -53.64
C ARG R 351 44.47 8.20 -52.21
N GLN R 352 44.11 6.98 -51.90
CA GLN R 352 43.12 6.69 -50.80
C GLN R 352 43.82 6.02 -49.62
N LYS R 353 44.94 5.33 -49.84
CA LYS R 353 45.41 4.50 -48.71
C LYS R 353 46.77 4.79 -48.24
N SER R 354 47.41 5.80 -48.83
CA SER R 354 48.63 6.38 -48.23
C SER R 354 48.39 7.11 -46.93
N GLN R 355 49.39 7.47 -46.09
CA GLN R 355 49.13 8.33 -44.91
C GLN R 355 48.60 9.69 -45.30
N PRO R 356 47.64 10.32 -44.40
CA PRO R 356 46.94 11.49 -44.82
C PRO R 356 47.80 12.59 -45.34
N ASP R 357 48.90 12.89 -44.67
CA ASP R 357 49.77 13.93 -45.06
C ASP R 357 50.48 13.64 -46.38
N ILE R 358 50.72 12.38 -46.66
CA ILE R 358 51.24 11.95 -47.93
C ILE R 358 50.11 12.01 -48.89
N GLN R 359 48.83 11.73 -48.58
CA GLN R 359 47.76 12.03 -49.48
C GLN R 359 47.66 13.50 -49.86
N GLN R 360 47.85 14.39 -48.95
CA GLN R 360 47.79 15.85 -49.12
C GLN R 360 48.93 16.41 -49.92
N LEU R 361 50.08 15.84 -49.71
CA LEU R 361 51.31 15.94 -50.42
C LEU R 361 51.10 15.49 -51.86
N ILE R 362 50.40 14.33 -52.12
CA ILE R 362 50.06 13.71 -53.36
C ILE R 362 49.07 14.59 -54.11
N ARG R 363 48.25 15.37 -53.39
CA ARG R 363 47.40 16.37 -53.95
C ARG R 363 48.21 17.42 -54.65
N THR R 364 49.45 17.69 -54.32
CA THR R 364 50.31 18.63 -55.05
C THR R 364 51.00 18.06 -56.25
N ALA R 365 50.92 16.70 -56.48
CA ALA R 365 51.69 15.98 -57.44
C ALA R 365 51.55 16.55 -58.94
N PRO R 366 52.60 16.56 -59.71
CA PRO R 366 52.54 16.95 -61.07
C PRO R 366 52.14 15.72 -61.87
N SER R 367 51.92 15.87 -63.17
CA SER R 367 51.69 14.89 -64.22
C SER R 367 50.90 13.61 -63.79
N THR R 368 51.24 12.43 -64.32
CA THR R 368 50.46 11.28 -63.98
C THR R 368 51.40 10.26 -63.22
N LEU R 369 51.98 10.77 -62.14
CA LEU R 369 52.75 9.97 -61.15
C LEU R 369 52.09 8.58 -60.70
N THR R 370 52.73 7.48 -61.11
CA THR R 370 52.00 6.23 -60.98
C THR R 370 52.89 5.05 -61.04
N THR R 371 54.12 5.19 -61.48
CA THR R 371 55.10 4.13 -61.37
C THR R 371 55.60 4.28 -59.91
N PRO R 372 56.21 3.15 -59.47
CA PRO R 372 56.99 3.14 -58.26
C PRO R 372 58.06 4.20 -58.27
N GLY R 373 58.64 4.37 -59.46
CA GLY R 373 59.69 5.34 -59.64
C GLY R 373 59.29 6.72 -59.25
N GLU R 374 58.05 7.14 -59.65
CA GLU R 374 57.37 8.39 -59.28
C GLU R 374 57.06 8.50 -57.83
N ILE R 375 56.69 7.36 -57.31
CA ILE R 375 56.47 7.29 -55.87
C ILE R 375 57.75 7.46 -55.03
N ILE R 376 58.78 6.83 -55.50
CA ILE R 376 60.14 6.91 -55.01
C ILE R 376 60.52 8.37 -55.12
N LYS R 377 60.27 9.05 -56.22
CA LYS R 377 60.52 10.44 -56.44
C LYS R 377 59.86 11.30 -55.40
N TYR R 378 58.58 11.04 -55.08
CA TYR R 378 57.91 11.68 -53.96
C TYR R 378 58.57 11.55 -52.64
N VAL R 379 59.03 10.37 -52.28
CA VAL R 379 59.81 10.15 -51.05
C VAL R 379 61.09 10.85 -51.05
N LEU R 380 61.89 10.76 -52.13
CA LEU R 380 63.17 11.43 -52.36
C LEU R 380 62.95 12.95 -52.31
N ASP R 381 61.84 13.48 -52.76
CA ASP R 381 61.50 14.87 -52.75
C ASP R 381 61.43 15.36 -51.30
N ARG R 382 61.12 14.47 -50.34
CA ARG R 382 60.79 14.73 -48.92
C ARG R 382 61.88 14.16 -47.99
N GLN R 383 62.76 13.35 -48.56
CA GLN R 383 63.87 12.75 -47.83
C GLN R 383 64.78 13.88 -47.18
#